data_2JWN
#
_entry.id   2JWN
#
_entity_poly.entity_id   1
_entity_poly.type   'polypeptide(L)'
_entity_poly.pdbx_seq_one_letter_code
;AIAPCMQTTHSKMTAGAYTEGPPQPLSAEEKKEIDKRSVYVGNVDYGSTAQDLEAHFSSCGSINRITILCDKFSGHPKGY
AYIEFAERNSVDAAVAMDETVFRGRTIKVLPKRTNMPGISSTDR
;
_entity_poly.pdbx_strand_id   A,B
#
# COMPACT_ATOMS: atom_id res chain seq x y z
N ALA A 1 -16.88 12.17 27.97
CA ALA A 1 -16.78 11.17 26.91
C ALA A 1 -17.28 11.74 25.60
N ILE A 2 -16.39 11.93 24.66
CA ILE A 2 -16.77 12.43 23.36
C ILE A 2 -16.84 11.28 22.36
N ALA A 3 -17.92 11.19 21.65
CA ALA A 3 -18.13 10.13 20.69
C ALA A 3 -18.58 10.71 19.36
N PRO A 4 -17.83 10.44 18.27
CA PRO A 4 -18.17 10.91 16.94
C PRO A 4 -19.46 10.26 16.43
N CYS A 5 -20.51 11.03 16.37
CA CYS A 5 -21.78 10.56 15.87
C CYS A 5 -22.05 11.19 14.50
N MET A 6 -21.68 10.46 13.44
CA MET A 6 -21.76 10.94 12.05
C MET A 6 -20.86 12.16 11.86
N GLN A 7 -20.97 12.81 10.70
CA GLN A 7 -20.20 14.04 10.41
C GLN A 7 -18.69 13.78 10.43
N THR A 8 -17.90 14.86 10.42
CA THR A 8 -16.43 14.82 10.47
C THR A 8 -15.83 14.24 9.14
N THR A 9 -16.69 14.00 8.18
CA THR A 9 -16.26 13.50 6.90
C THR A 9 -15.95 14.67 5.94
N HIS A 10 -14.68 14.87 5.68
CA HIS A 10 -14.25 15.95 4.81
C HIS A 10 -12.94 15.63 4.14
N SER A 11 -13.03 15.12 2.94
CA SER A 11 -11.90 14.72 2.16
C SER A 11 -11.86 15.50 0.84
N LYS A 12 -12.49 16.67 0.80
CA LYS A 12 -12.53 17.44 -0.45
C LYS A 12 -11.22 18.20 -0.73
N MET A 13 -10.21 17.42 -1.04
CA MET A 13 -8.89 17.91 -1.35
C MET A 13 -8.26 16.95 -2.37
N THR A 14 -8.24 17.36 -3.60
CA THR A 14 -7.79 16.52 -4.68
C THR A 14 -6.44 17.00 -5.24
N ALA A 15 -6.10 18.26 -4.97
CA ALA A 15 -4.92 18.94 -5.54
C ALA A 15 -5.18 19.34 -7.00
N GLY A 16 -5.73 18.40 -7.76
CA GLY A 16 -6.15 18.69 -9.12
C GLY A 16 -5.06 18.54 -10.13
N ALA A 17 -4.65 17.32 -10.37
CA ALA A 17 -3.63 17.04 -11.36
C ALA A 17 -4.19 16.15 -12.45
N TYR A 18 -5.16 15.29 -12.08
CA TYR A 18 -5.82 14.34 -13.00
C TYR A 18 -4.81 13.33 -13.51
N THR A 19 -3.72 13.25 -12.77
CA THR A 19 -2.58 12.39 -12.99
C THR A 19 -1.79 12.25 -11.70
N GLU A 20 -2.54 12.34 -10.58
CA GLU A 20 -2.00 12.23 -9.21
C GLU A 20 -1.00 11.09 -9.11
N GLY A 21 -1.46 9.88 -9.37
CA GLY A 21 -0.59 8.77 -9.38
C GLY A 21 -0.21 8.35 -8.01
N PRO A 22 0.64 7.36 -7.90
CA PRO A 22 1.13 6.85 -6.63
C PRO A 22 1.66 7.89 -5.57
N PRO A 23 2.30 9.04 -5.96
CA PRO A 23 2.92 9.90 -5.02
C PRO A 23 2.10 11.01 -4.43
N GLN A 24 2.71 11.54 -3.43
CA GLN A 24 2.24 12.60 -2.62
C GLN A 24 3.44 13.51 -2.47
N PRO A 25 3.28 14.80 -2.37
CA PRO A 25 4.41 15.69 -2.29
C PRO A 25 5.14 15.61 -0.95
N LEU A 26 6.23 14.87 -0.93
CA LEU A 26 7.09 14.74 0.21
C LEU A 26 8.52 14.76 -0.25
N SER A 27 9.33 15.47 0.46
CA SER A 27 10.74 15.43 0.17
C SER A 27 11.29 14.12 0.71
N ALA A 28 12.44 13.72 0.22
CA ALA A 28 13.12 12.50 0.64
C ALA A 28 13.19 12.38 2.16
N GLU A 29 13.46 13.47 2.85
CA GLU A 29 13.53 13.43 4.29
C GLU A 29 12.17 13.36 4.98
N GLU A 30 11.11 13.92 4.37
CA GLU A 30 9.74 13.70 4.86
C GLU A 30 9.46 12.23 4.86
N LYS A 31 10.02 11.58 3.86
CA LYS A 31 9.83 10.19 3.68
C LYS A 31 10.59 9.39 4.71
N LYS A 32 11.82 9.83 5.07
CA LYS A 32 12.60 9.08 6.03
C LYS A 32 11.98 9.17 7.41
N GLU A 33 11.56 10.38 7.78
CA GLU A 33 10.97 10.61 9.09
C GLU A 33 9.70 9.82 9.27
N ILE A 34 8.91 9.71 8.21
CA ILE A 34 7.64 8.99 8.29
C ILE A 34 7.85 7.50 8.43
N ASP A 35 8.89 6.93 7.76
CA ASP A 35 9.12 5.49 7.90
C ASP A 35 9.77 5.15 9.21
N LYS A 36 10.53 6.09 9.76
CA LYS A 36 11.14 5.96 11.09
C LYS A 36 10.08 5.91 12.18
N ARG A 37 8.92 6.37 11.87
CA ARG A 37 7.87 6.36 12.82
C ARG A 37 6.67 5.63 12.26
N SER A 38 6.96 4.74 11.34
CA SER A 38 5.98 3.90 10.72
C SER A 38 6.06 2.49 11.28
N VAL A 39 4.97 1.79 11.16
CA VAL A 39 4.84 0.47 11.68
C VAL A 39 4.27 -0.41 10.57
N TYR A 40 4.51 -1.66 10.70
CA TYR A 40 3.96 -2.66 9.86
C TYR A 40 2.94 -3.37 10.67
N VAL A 41 1.77 -3.44 10.17
CA VAL A 41 0.70 -4.10 10.79
C VAL A 41 0.30 -5.22 9.89
N GLY A 42 0.58 -6.40 10.25
CA GLY A 42 0.27 -7.46 9.36
C GLY A 42 -0.71 -8.41 9.88
N ASN A 43 -1.12 -9.31 9.01
CA ASN A 43 -2.15 -10.34 9.26
C ASN A 43 -3.52 -9.75 9.71
N VAL A 44 -3.67 -8.42 9.57
CA VAL A 44 -4.92 -7.72 9.90
C VAL A 44 -6.07 -8.32 9.12
N ASP A 45 -7.21 -8.40 9.77
CA ASP A 45 -8.35 -9.00 9.18
C ASP A 45 -8.93 -8.03 8.21
N TYR A 46 -9.55 -8.54 7.19
CA TYR A 46 -10.11 -7.72 6.14
C TYR A 46 -11.20 -6.79 6.71
N GLY A 47 -11.73 -7.18 7.85
CA GLY A 47 -12.71 -6.41 8.54
C GLY A 47 -12.18 -5.08 9.04
N SER A 48 -10.87 -4.97 9.25
CA SER A 48 -10.35 -3.73 9.74
C SER A 48 -9.72 -2.88 8.66
N THR A 49 -10.56 -2.25 7.84
CA THR A 49 -10.13 -1.26 6.91
C THR A 49 -9.73 0.05 7.60
N ALA A 50 -9.35 1.07 6.81
CA ALA A 50 -8.64 2.26 7.30
C ALA A 50 -9.29 2.93 8.54
N GLN A 51 -10.59 3.21 8.50
CA GLN A 51 -11.28 3.86 9.63
C GLN A 51 -11.12 3.07 10.94
N ASP A 52 -11.44 1.79 10.90
CA ASP A 52 -11.36 0.93 12.09
C ASP A 52 -9.91 0.71 12.50
N LEU A 53 -9.07 0.57 11.52
CA LEU A 53 -7.68 0.26 11.72
C LEU A 53 -6.99 1.47 12.38
N GLU A 54 -7.25 2.70 11.85
CA GLU A 54 -6.71 3.90 12.46
C GLU A 54 -7.12 4.07 13.88
N ALA A 55 -8.38 3.78 14.18
CA ALA A 55 -8.91 3.98 15.54
C ALA A 55 -8.06 3.26 16.58
N HIS A 56 -7.70 2.03 16.26
CA HIS A 56 -6.89 1.23 17.17
C HIS A 56 -5.50 1.87 17.35
N PHE A 57 -4.92 2.36 16.26
CA PHE A 57 -3.60 2.98 16.31
C PHE A 57 -3.60 4.43 16.77
N SER A 58 -4.72 5.06 16.61
CA SER A 58 -4.91 6.46 16.95
C SER A 58 -4.83 6.61 18.45
N SER A 59 -5.14 5.54 19.17
CA SER A 59 -4.97 5.55 20.61
C SER A 59 -3.48 5.65 20.99
N CYS A 60 -2.60 5.25 20.09
CA CYS A 60 -1.16 5.30 20.33
C CYS A 60 -0.51 6.57 19.73
N GLY A 61 -1.32 7.50 19.24
CA GLY A 61 -0.74 8.69 18.65
C GLY A 61 -1.48 9.24 17.46
N SER A 62 -0.83 10.08 16.70
CA SER A 62 -1.41 10.72 15.55
C SER A 62 -0.87 10.12 14.25
N ILE A 63 -1.77 9.72 13.40
CA ILE A 63 -1.42 9.09 12.13
C ILE A 63 -1.18 10.12 11.02
N ASN A 64 -0.10 9.94 10.29
CA ASN A 64 0.30 10.81 9.17
C ASN A 64 -0.19 10.20 7.84
N ARG A 65 0.08 8.91 7.66
CA ARG A 65 -0.26 8.18 6.43
C ARG A 65 -0.49 6.73 6.78
N ILE A 66 -1.19 6.02 5.94
CA ILE A 66 -1.38 4.59 6.12
C ILE A 66 -1.44 3.96 4.74
N THR A 67 -0.87 2.82 4.61
CA THR A 67 -0.90 2.08 3.38
C THR A 67 -1.40 0.69 3.71
N ILE A 68 -2.43 0.22 3.06
CA ILE A 68 -3.00 -1.07 3.38
C ILE A 68 -2.95 -1.90 2.13
N LEU A 69 -2.37 -3.05 2.17
CA LEU A 69 -2.38 -3.92 1.03
C LEU A 69 -3.05 -5.22 1.33
N CYS A 70 -3.96 -5.61 0.50
CA CYS A 70 -4.67 -6.83 0.67
C CYS A 70 -4.36 -7.75 -0.50
N ASP A 71 -3.95 -8.97 -0.21
CA ASP A 71 -3.68 -9.91 -1.29
C ASP A 71 -4.72 -11.02 -1.34
N LYS A 72 -5.29 -11.23 -2.50
CA LYS A 72 -6.19 -12.33 -2.77
C LYS A 72 -5.46 -13.44 -3.46
N PHE A 73 -4.14 -13.31 -3.53
CA PHE A 73 -3.29 -14.40 -3.99
C PHE A 73 -3.51 -15.62 -3.10
N SER A 74 -3.93 -15.35 -1.89
CA SER A 74 -4.19 -16.36 -0.91
C SER A 74 -5.66 -16.85 -0.99
N GLY A 75 -6.42 -16.40 -2.00
CA GLY A 75 -7.84 -16.76 -2.12
C GLY A 75 -8.70 -15.89 -1.22
N HIS A 76 -8.32 -15.87 0.01
CA HIS A 76 -8.92 -15.02 0.99
C HIS A 76 -8.06 -13.80 1.10
N PRO A 77 -8.65 -12.61 1.05
CA PRO A 77 -7.92 -11.37 1.08
C PRO A 77 -7.28 -11.15 2.43
N LYS A 78 -5.99 -11.05 2.43
CA LYS A 78 -5.27 -10.85 3.66
C LYS A 78 -4.88 -9.41 3.71
N GLY A 79 -4.71 -8.88 4.87
CA GLY A 79 -4.37 -7.51 4.95
C GLY A 79 -3.06 -7.27 5.65
N TYR A 80 -2.29 -6.38 5.10
CA TYR A 80 -1.08 -5.92 5.71
C TYR A 80 -1.23 -4.41 5.64
N ALA A 81 -0.82 -3.71 6.63
CA ALA A 81 -0.93 -2.28 6.59
C ALA A 81 0.28 -1.64 7.18
N TYR A 82 0.69 -0.58 6.61
CA TYR A 82 1.78 0.17 7.11
C TYR A 82 1.22 1.45 7.65
N ILE A 83 1.35 1.68 8.92
CA ILE A 83 0.83 2.87 9.53
C ILE A 83 1.98 3.81 9.75
N GLU A 84 1.94 4.98 9.19
CA GLU A 84 3.00 5.94 9.37
C GLU A 84 2.49 7.06 10.27
N PHE A 85 3.13 7.24 11.40
CA PHE A 85 2.69 8.21 12.38
C PHE A 85 3.36 9.54 12.22
N ALA A 86 2.79 10.52 12.87
CA ALA A 86 3.35 11.85 12.91
C ALA A 86 4.57 11.89 13.83
N GLU A 87 4.51 11.16 14.94
CA GLU A 87 5.60 11.19 15.92
C GLU A 87 6.28 9.83 16.15
N ARG A 88 7.51 9.90 16.66
CA ARG A 88 8.31 8.74 17.05
C ARG A 88 7.76 8.10 18.31
N ASN A 89 7.09 8.89 19.11
CA ASN A 89 6.42 8.41 20.31
C ASN A 89 5.38 7.38 19.93
N SER A 90 4.65 7.66 18.87
CA SER A 90 3.54 6.85 18.45
C SER A 90 3.99 5.51 17.92
N VAL A 91 5.09 5.49 17.16
CA VAL A 91 5.58 4.24 16.60
C VAL A 91 6.00 3.30 17.71
N ASP A 92 6.62 3.86 18.74
CA ASP A 92 7.17 3.08 19.83
C ASP A 92 6.04 2.49 20.66
N ALA A 93 4.96 3.26 20.77
CA ALA A 93 3.79 2.84 21.50
C ALA A 93 3.01 1.78 20.73
N ALA A 94 3.07 1.87 19.42
CA ALA A 94 2.35 0.93 18.58
C ALA A 94 3.06 -0.41 18.54
N VAL A 95 4.38 -0.38 18.36
CA VAL A 95 5.20 -1.60 18.32
C VAL A 95 5.10 -2.43 19.61
N ALA A 96 4.71 -1.79 20.71
CA ALA A 96 4.53 -2.48 22.00
C ALA A 96 3.36 -3.48 21.92
N MET A 97 2.54 -3.29 20.92
CA MET A 97 1.40 -4.17 20.70
C MET A 97 1.75 -5.27 19.70
N ASP A 98 3.06 -5.38 19.37
CA ASP A 98 3.58 -6.32 18.35
C ASP A 98 2.91 -7.67 18.26
N GLU A 99 2.71 -8.35 19.37
CA GLU A 99 2.13 -9.68 19.33
C GLU A 99 0.76 -9.68 20.03
N THR A 100 0.06 -8.57 19.98
CA THR A 100 -1.25 -8.48 20.56
C THR A 100 -2.26 -9.33 19.74
N VAL A 101 -3.39 -9.60 20.32
CA VAL A 101 -4.39 -10.36 19.66
C VAL A 101 -5.53 -9.43 19.28
N PHE A 102 -5.97 -9.52 18.06
CA PHE A 102 -6.96 -8.63 17.55
C PHE A 102 -7.97 -9.40 16.71
N ARG A 103 -9.24 -9.25 17.04
CA ARG A 103 -10.38 -9.87 16.34
C ARG A 103 -10.22 -11.42 16.29
N GLY A 104 -9.60 -11.93 17.32
CA GLY A 104 -9.42 -13.36 17.48
C GLY A 104 -8.15 -13.88 16.84
N ARG A 105 -7.51 -13.05 16.06
CA ARG A 105 -6.27 -13.44 15.42
C ARG A 105 -5.12 -12.65 15.98
N THR A 106 -3.98 -13.22 15.98
CA THR A 106 -2.82 -12.54 16.47
C THR A 106 -2.23 -11.72 15.33
N ILE A 107 -2.08 -10.43 15.52
CA ILE A 107 -1.49 -9.62 14.49
C ILE A 107 -0.06 -9.31 14.85
N LYS A 108 0.66 -8.73 13.94
CA LYS A 108 2.05 -8.45 14.17
C LYS A 108 2.35 -7.03 13.78
N VAL A 109 2.90 -6.27 14.71
CA VAL A 109 3.26 -4.90 14.45
C VAL A 109 4.72 -4.62 14.83
N LEU A 110 5.48 -4.15 13.89
CA LEU A 110 6.89 -3.82 14.11
C LEU A 110 7.21 -2.63 13.21
N PRO A 111 8.31 -1.89 13.41
CA PRO A 111 8.58 -0.67 12.61
C PRO A 111 8.82 -0.99 11.15
N LYS A 112 8.46 -0.07 10.27
CA LYS A 112 8.69 -0.29 8.87
C LYS A 112 10.17 -0.16 8.49
N ARG A 113 10.84 -1.29 8.70
CA ARG A 113 12.25 -1.55 8.49
C ARG A 113 13.26 -0.52 8.93
N THR A 114 13.52 -0.53 10.20
CA THR A 114 14.61 0.20 10.77
C THR A 114 15.55 -0.85 11.36
N ASN A 115 16.41 -1.38 10.53
CA ASN A 115 17.29 -2.47 10.92
C ASN A 115 18.64 -2.23 10.28
N MET A 116 19.61 -3.06 10.56
CA MET A 116 20.91 -2.91 9.94
C MET A 116 21.21 -4.09 9.02
N PRO A 117 21.09 -3.89 7.70
CA PRO A 117 21.40 -4.92 6.71
C PRO A 117 22.89 -4.88 6.33
N GLY A 118 23.64 -4.22 7.15
CA GLY A 118 25.04 -4.00 6.96
C GLY A 118 25.38 -2.71 7.63
N ILE A 119 26.26 -1.95 7.04
CA ILE A 119 26.58 -0.67 7.61
C ILE A 119 25.57 0.38 7.17
N SER A 120 25.14 1.18 8.10
CA SER A 120 24.17 2.23 7.83
C SER A 120 24.46 3.44 8.70
N SER A 121 24.84 4.51 8.07
CA SER A 121 25.13 5.75 8.74
C SER A 121 24.78 6.89 7.81
N THR A 122 24.13 7.90 8.35
CA THR A 122 23.71 9.04 7.58
C THR A 122 24.92 9.83 7.10
N ASP A 123 25.88 10.01 7.97
CA ASP A 123 27.12 10.68 7.62
C ASP A 123 28.26 9.74 7.90
N ARG A 124 29.18 9.59 6.98
CA ARG A 124 30.27 8.66 7.17
C ARG A 124 31.60 9.29 6.75
N ALA B 1 36.89 18.71 -7.66
CA ALA B 1 35.80 18.05 -6.98
C ALA B 1 36.32 16.78 -6.32
N ILE B 2 35.67 16.35 -5.27
CA ILE B 2 36.08 15.18 -4.56
C ILE B 2 35.10 14.05 -4.84
N ALA B 3 35.55 13.06 -5.58
CA ALA B 3 34.72 11.92 -5.90
C ALA B 3 35.34 10.65 -5.35
N PRO B 4 34.82 10.16 -4.21
CA PRO B 4 35.35 8.95 -3.58
C PRO B 4 34.84 7.66 -4.22
N CYS B 5 33.79 7.79 -5.00
CA CYS B 5 33.18 6.64 -5.64
C CYS B 5 32.39 7.09 -6.86
N MET B 6 32.55 6.37 -7.95
CA MET B 6 31.81 6.66 -9.17
C MET B 6 30.54 5.85 -9.18
N GLN B 7 29.44 6.49 -8.90
CA GLN B 7 28.16 5.81 -8.83
C GLN B 7 27.29 6.17 -10.00
N THR B 8 26.98 5.20 -10.80
CA THR B 8 26.08 5.38 -11.91
C THR B 8 25.21 4.13 -12.06
N THR B 9 24.04 4.17 -11.49
CA THR B 9 23.13 3.07 -11.53
C THR B 9 21.72 3.60 -11.88
N HIS B 10 20.76 2.71 -11.99
CA HIS B 10 19.41 3.09 -12.36
C HIS B 10 18.54 3.17 -11.12
N SER B 11 17.60 4.08 -11.14
CA SER B 11 16.69 4.25 -10.03
C SER B 11 15.58 3.21 -10.09
N LYS B 12 15.62 2.26 -9.18
CA LYS B 12 14.62 1.22 -9.12
C LYS B 12 13.63 1.52 -8.01
N MET B 13 12.38 1.17 -8.22
CA MET B 13 11.31 1.41 -7.24
C MET B 13 11.53 0.55 -5.99
N THR B 14 11.20 1.10 -4.83
CA THR B 14 11.41 0.38 -3.60
C THR B 14 10.09 -0.27 -3.09
N ALA B 15 9.07 0.54 -2.88
CA ALA B 15 7.80 0.04 -2.36
C ALA B 15 7.06 -0.80 -3.41
N GLY B 16 6.59 -1.96 -2.99
CA GLY B 16 5.85 -2.82 -3.86
C GLY B 16 6.59 -4.10 -4.18
N ALA B 17 7.64 -3.99 -4.94
CA ALA B 17 8.37 -5.17 -5.34
C ALA B 17 9.46 -5.55 -4.36
N TYR B 18 10.04 -4.57 -3.68
CA TYR B 18 11.05 -4.85 -2.68
C TYR B 18 10.41 -5.05 -1.33
N THR B 19 10.08 -3.97 -0.66
CA THR B 19 9.45 -4.04 0.63
C THR B 19 8.01 -4.58 0.60
N GLU B 20 7.88 -5.85 0.91
CA GLU B 20 6.58 -6.47 1.11
C GLU B 20 6.36 -6.49 2.63
N GLY B 21 7.32 -5.89 3.30
CA GLY B 21 7.38 -5.84 4.72
C GLY B 21 8.20 -6.98 5.23
N PRO B 22 7.89 -7.47 6.42
CA PRO B 22 8.55 -8.67 6.98
C PRO B 22 8.41 -9.95 6.10
N PRO B 23 7.19 -10.28 5.50
CA PRO B 23 7.03 -11.42 4.58
C PRO B 23 8.03 -11.38 3.45
N GLN B 24 8.31 -12.52 2.93
CA GLN B 24 9.20 -12.60 1.83
C GLN B 24 8.39 -12.34 0.57
N PRO B 25 8.88 -11.48 -0.32
CA PRO B 25 8.15 -11.09 -1.51
C PRO B 25 7.87 -12.27 -2.42
N LEU B 26 6.68 -12.29 -2.96
CA LEU B 26 6.30 -13.31 -3.91
C LEU B 26 7.08 -13.11 -5.23
N SER B 27 6.89 -14.02 -6.19
CA SER B 27 7.73 -14.03 -7.40
C SER B 27 7.76 -12.67 -8.13
N ALA B 28 8.93 -12.37 -8.67
CA ALA B 28 9.18 -11.14 -9.42
C ALA B 28 8.21 -11.01 -10.60
N GLU B 29 7.98 -12.09 -11.30
CA GLU B 29 7.08 -12.03 -12.42
C GLU B 29 5.60 -12.03 -12.03
N GLU B 30 5.26 -12.65 -10.88
CA GLU B 30 3.91 -12.48 -10.31
C GLU B 30 3.66 -11.03 -10.07
N LYS B 31 4.71 -10.33 -9.70
CA LYS B 31 4.64 -8.93 -9.42
C LYS B 31 4.47 -8.13 -10.68
N LYS B 32 5.16 -8.53 -11.74
CA LYS B 32 5.06 -7.84 -13.02
C LYS B 32 3.69 -7.98 -13.62
N GLU B 33 3.15 -9.18 -13.61
CA GLU B 33 1.86 -9.42 -14.19
C GLU B 33 0.77 -8.69 -13.45
N ILE B 34 0.92 -8.58 -12.14
CA ILE B 34 -0.07 -7.87 -11.35
C ILE B 34 -0.04 -6.38 -11.59
N ASP B 35 1.15 -5.80 -11.85
CA ASP B 35 1.25 -4.37 -12.14
C ASP B 35 0.59 -4.09 -13.45
N LYS B 36 0.87 -4.95 -14.39
CA LYS B 36 0.33 -4.84 -15.74
C LYS B 36 -1.20 -4.92 -15.73
N ARG B 37 -1.75 -5.45 -14.66
CA ARG B 37 -3.19 -5.58 -14.49
C ARG B 37 -3.65 -4.64 -13.36
N SER B 38 -2.78 -3.76 -12.94
CA SER B 38 -3.05 -2.85 -11.85
C SER B 38 -3.47 -1.49 -12.35
N VAL B 39 -4.26 -0.84 -11.54
CA VAL B 39 -4.78 0.44 -11.82
C VAL B 39 -4.50 1.31 -10.60
N TYR B 40 -4.50 2.56 -10.80
CA TYR B 40 -4.38 3.54 -9.79
C TYR B 40 -5.70 4.19 -9.68
N VAL B 41 -6.23 4.21 -8.54
CA VAL B 41 -7.47 4.81 -8.25
C VAL B 41 -7.21 5.92 -7.28
N GLY B 42 -7.27 7.12 -7.71
CA GLY B 42 -6.98 8.17 -6.81
C GLY B 42 -8.16 9.02 -6.54
N ASN B 43 -7.97 9.93 -5.61
CA ASN B 43 -9.02 10.88 -5.11
C ASN B 43 -10.21 10.15 -4.44
N VAL B 44 -10.13 8.84 -4.28
CA VAL B 44 -11.16 8.11 -3.54
C VAL B 44 -11.17 8.65 -2.13
N ASP B 45 -12.32 8.97 -1.63
CA ASP B 45 -12.35 9.63 -0.37
C ASP B 45 -12.37 8.66 0.74
N TYR B 46 -12.14 9.18 1.92
CA TYR B 46 -12.01 8.42 3.13
C TYR B 46 -13.32 7.69 3.48
N GLY B 47 -14.39 8.05 2.80
CA GLY B 47 -15.65 7.43 3.00
C GLY B 47 -15.75 6.08 2.34
N SER B 48 -14.94 5.82 1.32
CA SER B 48 -14.97 4.53 0.68
C SER B 48 -13.96 3.62 1.39
N THR B 49 -14.22 2.35 1.39
CA THR B 49 -13.36 1.39 2.00
C THR B 49 -13.15 0.25 1.03
N ALA B 50 -12.34 -0.74 1.41
CA ALA B 50 -11.94 -1.81 0.51
C ALA B 50 -13.13 -2.58 -0.11
N GLN B 51 -14.10 -2.97 0.74
CA GLN B 51 -15.30 -3.71 0.28
C GLN B 51 -16.07 -2.91 -0.79
N ASP B 52 -16.36 -1.67 -0.47
CA ASP B 52 -17.11 -0.77 -1.36
C ASP B 52 -16.33 -0.48 -2.63
N LEU B 53 -15.04 -0.30 -2.45
CA LEU B 53 -14.13 0.04 -3.51
C LEU B 53 -14.02 -1.16 -4.48
N GLU B 54 -13.84 -2.39 -3.94
CA GLU B 54 -13.79 -3.58 -4.78
C GLU B 54 -15.04 -3.76 -5.57
N ALA B 55 -16.18 -3.54 -4.94
CA ALA B 55 -17.48 -3.75 -5.62
C ALA B 55 -17.55 -2.95 -6.92
N HIS B 56 -17.09 -1.71 -6.89
CA HIS B 56 -17.13 -0.88 -8.08
C HIS B 56 -16.21 -1.47 -9.17
N PHE B 57 -15.02 -1.93 -8.78
CA PHE B 57 -14.07 -2.48 -9.74
C PHE B 57 -14.32 -3.93 -10.10
N SER B 58 -15.00 -4.62 -9.24
CA SER B 58 -15.30 -6.03 -9.38
C SER B 58 -16.33 -6.20 -10.48
N SER B 59 -17.08 -5.15 -10.72
CA SER B 59 -18.04 -5.14 -11.77
C SER B 59 -17.31 -5.19 -13.13
N CYS B 60 -16.07 -4.71 -13.15
CA CYS B 60 -15.26 -4.67 -14.36
C CYS B 60 -14.14 -5.75 -14.37
N GLY B 61 -14.21 -6.73 -13.48
CA GLY B 61 -13.18 -7.76 -13.47
C GLY B 61 -12.92 -8.40 -12.13
N SER B 62 -11.91 -9.27 -12.07
CA SER B 62 -11.57 -10.01 -10.88
C SER B 62 -10.31 -9.44 -10.21
N ILE B 63 -10.47 -9.01 -8.98
CA ILE B 63 -9.40 -8.38 -8.23
C ILE B 63 -8.47 -9.40 -7.56
N ASN B 64 -7.17 -9.21 -7.74
CA ASN B 64 -6.16 -10.08 -7.15
C ASN B 64 -5.58 -9.44 -5.88
N ARG B 65 -5.33 -8.17 -5.92
CA ARG B 65 -4.76 -7.47 -4.76
C ARG B 65 -5.20 -6.03 -4.81
N ILE B 66 -5.15 -5.35 -3.69
CA ILE B 66 -5.49 -3.94 -3.65
C ILE B 66 -4.64 -3.29 -2.59
N THR B 67 -4.20 -2.13 -2.85
CA THR B 67 -3.44 -1.39 -1.91
C THR B 67 -4.08 -0.03 -1.76
N ILE B 68 -4.40 0.38 -0.57
CA ILE B 68 -5.08 1.65 -0.38
C ILE B 68 -4.20 2.48 0.52
N LEU B 69 -3.88 3.65 0.14
CA LEU B 69 -3.14 4.52 1.02
C LEU B 69 -3.91 5.78 1.29
N CYS B 70 -4.01 6.14 2.52
CA CYS B 70 -4.70 7.32 2.91
C CYS B 70 -3.73 8.30 3.54
N ASP B 71 -3.68 9.53 3.06
CA ASP B 71 -2.81 10.51 3.68
C ASP B 71 -3.61 11.46 4.45
N LYS B 72 -3.22 11.70 5.66
CA LYS B 72 -3.93 12.61 6.49
C LYS B 72 -2.95 13.68 7.00
N PHE B 73 -1.71 13.68 6.50
CA PHE B 73 -0.72 14.69 6.92
C PHE B 73 -1.10 16.05 6.40
N SER B 74 -1.94 16.03 5.41
CA SER B 74 -2.46 17.21 4.81
C SER B 74 -3.67 17.71 5.60
N GLY B 75 -3.98 17.03 6.69
CA GLY B 75 -5.08 17.38 7.55
C GLY B 75 -6.32 16.64 7.16
N HIS B 76 -6.54 16.58 5.88
CA HIS B 76 -7.70 15.93 5.33
C HIS B 76 -7.31 14.55 4.94
N PRO B 77 -8.05 13.56 5.39
CA PRO B 77 -7.73 12.19 5.07
C PRO B 77 -8.20 11.86 3.65
N LYS B 78 -7.24 11.50 2.84
CA LYS B 78 -7.45 11.26 1.42
C LYS B 78 -7.15 9.85 1.10
N GLY B 79 -7.60 9.43 -0.03
CA GLY B 79 -7.37 8.07 -0.40
C GLY B 79 -6.89 7.89 -1.82
N TYR B 80 -5.94 7.02 -1.97
CA TYR B 80 -5.45 6.59 -3.26
C TYR B 80 -5.47 5.07 -3.14
N ALA B 81 -5.81 4.37 -4.16
CA ALA B 81 -5.80 2.94 -4.10
C ALA B 81 -5.27 2.35 -5.36
N TYR B 82 -4.53 1.32 -5.26
CA TYR B 82 -4.03 0.63 -6.40
C TYR B 82 -4.76 -0.68 -6.46
N ILE B 83 -5.51 -0.90 -7.49
CA ILE B 83 -6.26 -2.11 -7.61
C ILE B 83 -5.53 -3.01 -8.59
N GLU B 84 -5.14 -4.18 -8.17
CA GLU B 84 -4.42 -5.09 -9.04
C GLU B 84 -5.35 -6.25 -9.42
N PHE B 85 -5.62 -6.40 -10.69
CA PHE B 85 -6.56 -7.41 -11.17
C PHE B 85 -5.85 -8.69 -11.59
N ALA B 86 -6.64 -9.72 -11.72
CA ALA B 86 -6.14 -11.00 -12.18
C ALA B 86 -6.04 -11.05 -13.72
N GLU B 87 -6.90 -10.32 -14.41
CA GLU B 87 -6.82 -10.27 -15.87
C GLU B 87 -6.52 -8.88 -16.44
N ARG B 88 -5.80 -8.88 -17.58
CA ARG B 88 -5.48 -7.67 -18.36
C ARG B 88 -6.75 -7.05 -18.90
N ASN B 89 -7.75 -7.87 -19.11
CA ASN B 89 -9.06 -7.41 -19.55
C ASN B 89 -9.61 -6.42 -18.56
N SER B 90 -9.45 -6.71 -17.28
CA SER B 90 -10.03 -5.95 -16.25
C SER B 90 -9.39 -4.60 -16.06
N VAL B 91 -8.06 -4.55 -16.23
CA VAL B 91 -7.36 -3.30 -16.07
C VAL B 91 -7.79 -2.34 -17.17
N ASP B 92 -7.99 -2.88 -18.37
CA ASP B 92 -8.36 -2.08 -19.51
C ASP B 92 -9.78 -1.55 -19.34
N ALA B 93 -10.63 -2.37 -18.74
CA ALA B 93 -12.00 -2.01 -18.50
C ALA B 93 -12.11 -0.98 -17.39
N ALA B 94 -11.20 -1.05 -16.43
CA ALA B 94 -11.21 -0.16 -15.30
C ALA B 94 -10.70 1.23 -15.69
N VAL B 95 -9.58 1.27 -16.43
CA VAL B 95 -8.99 2.53 -16.91
C VAL B 95 -9.95 3.35 -17.79
N ALA B 96 -10.95 2.68 -18.37
CA ALA B 96 -11.97 3.34 -19.20
C ALA B 96 -12.85 4.26 -18.34
N MET B 97 -12.75 4.09 -17.05
CA MET B 97 -13.52 4.87 -16.08
C MET B 97 -12.68 6.00 -15.50
N ASP B 98 -11.51 6.29 -16.12
CA ASP B 98 -10.62 7.35 -15.63
C ASP B 98 -11.34 8.66 -15.34
N GLU B 99 -12.27 9.02 -16.19
CA GLU B 99 -13.14 10.10 -15.92
C GLU B 99 -14.50 9.54 -15.53
N THR B 100 -14.83 9.66 -14.28
CA THR B 100 -16.07 9.18 -13.76
C THR B 100 -16.31 9.82 -12.41
N VAL B 101 -17.49 9.68 -11.90
CA VAL B 101 -17.84 10.24 -10.64
C VAL B 101 -18.26 9.13 -9.68
N PHE B 102 -17.62 9.08 -8.56
CA PHE B 102 -17.88 8.10 -7.56
C PHE B 102 -18.07 8.78 -6.23
N ARG B 103 -19.17 8.45 -5.56
CA ARG B 103 -19.55 9.03 -4.26
C ARG B 103 -19.63 10.58 -4.35
N GLY B 104 -20.01 11.04 -5.53
CA GLY B 104 -20.21 12.46 -5.78
C GLY B 104 -18.94 13.22 -6.13
N ARG B 105 -17.83 12.52 -6.28
CA ARG B 105 -16.57 13.17 -6.62
C ARG B 105 -15.93 12.48 -7.82
N THR B 106 -15.23 13.22 -8.61
CA THR B 106 -14.58 12.67 -9.77
C THR B 106 -13.28 12.01 -9.36
N ILE B 107 -13.15 10.75 -9.64
CA ILE B 107 -11.91 10.04 -9.33
C ILE B 107 -11.08 9.86 -10.60
N LYS B 108 -9.86 9.40 -10.43
CA LYS B 108 -8.95 9.21 -11.55
C LYS B 108 -8.39 7.82 -11.50
N VAL B 109 -8.54 7.08 -12.59
CA VAL B 109 -8.03 5.73 -12.66
C VAL B 109 -7.15 5.53 -13.92
N LEU B 110 -5.94 5.09 -13.72
CA LEU B 110 -5.01 4.83 -14.82
C LEU B 110 -4.11 3.68 -14.37
N PRO B 111 -3.37 3.00 -15.26
CA PRO B 111 -2.58 1.79 -14.86
C PRO B 111 -1.39 2.10 -13.89
N LYS B 112 -1.13 1.17 -12.95
CA LYS B 112 -0.05 1.33 -11.92
C LYS B 112 1.06 0.29 -12.14
N ARG B 113 2.32 0.65 -11.89
CA ARG B 113 3.42 -0.30 -12.04
C ARG B 113 4.59 -0.02 -11.07
N THR B 114 5.01 -1.06 -10.35
CA THR B 114 6.17 -1.00 -9.48
C THR B 114 7.32 -1.84 -10.12
N ASN B 115 8.48 -1.85 -9.49
CA ASN B 115 9.65 -2.55 -10.01
C ASN B 115 10.57 -2.85 -8.83
N MET B 116 11.52 -3.77 -8.97
CA MET B 116 12.38 -4.15 -7.84
C MET B 116 13.82 -3.65 -8.01
N PRO B 117 14.49 -3.27 -6.90
CA PRO B 117 15.90 -2.89 -6.91
C PRO B 117 16.81 -4.11 -6.73
N GLY B 118 16.23 -5.19 -6.26
CA GLY B 118 16.96 -6.41 -6.00
C GLY B 118 16.64 -6.96 -4.64
N ILE B 119 16.34 -8.22 -4.56
CA ILE B 119 15.97 -8.86 -3.29
C ILE B 119 16.89 -10.02 -2.97
N SER B 120 17.58 -9.94 -1.84
CA SER B 120 18.47 -11.00 -1.39
C SER B 120 18.60 -11.00 0.13
N SER B 121 18.69 -12.17 0.71
CA SER B 121 18.88 -12.32 2.12
C SER B 121 20.15 -13.11 2.38
N THR B 122 21.07 -12.53 3.09
CA THR B 122 22.32 -13.17 3.40
C THR B 122 22.17 -13.99 4.69
N ASP B 123 22.49 -15.27 4.63
CA ASP B 123 22.38 -16.14 5.80
C ASP B 123 23.52 -15.91 6.75
N ARG B 124 24.68 -16.45 6.44
CA ARG B 124 25.84 -16.26 7.27
C ARG B 124 27.06 -15.93 6.43
N ALA A 1 17.90 -37.96 22.45
CA ALA A 1 17.79 -37.94 20.99
C ALA A 1 16.86 -36.82 20.58
N ILE A 2 17.35 -35.89 19.84
CA ILE A 2 16.56 -34.76 19.40
C ILE A 2 15.71 -35.09 18.19
N ALA A 3 14.50 -34.64 18.19
CA ALA A 3 13.68 -34.79 17.04
C ALA A 3 14.01 -33.63 16.10
N PRO A 4 14.48 -33.94 14.86
CA PRO A 4 14.92 -32.94 13.88
C PRO A 4 13.90 -31.81 13.69
N CYS A 5 14.32 -30.61 14.01
CA CYS A 5 13.48 -29.46 13.92
C CYS A 5 14.35 -28.21 13.73
N MET A 6 13.82 -27.24 13.04
CA MET A 6 14.52 -25.99 12.81
C MET A 6 13.49 -24.89 12.78
N GLN A 7 13.81 -23.77 13.35
CA GLN A 7 12.89 -22.65 13.34
C GLN A 7 13.25 -21.69 12.25
N THR A 8 12.24 -21.21 11.59
CA THR A 8 12.42 -20.33 10.49
C THR A 8 12.46 -18.87 10.92
N THR A 9 13.66 -18.35 11.08
CA THR A 9 13.84 -16.99 11.44
C THR A 9 14.06 -16.18 10.15
N HIS A 10 13.04 -15.49 9.71
CA HIS A 10 13.14 -14.76 8.48
C HIS A 10 13.13 -13.26 8.65
N SER A 11 14.31 -12.70 8.77
CA SER A 11 14.48 -11.27 8.81
C SER A 11 14.95 -10.85 7.43
N LYS A 12 14.38 -9.81 6.87
CA LYS A 12 14.68 -9.52 5.49
C LYS A 12 14.74 -7.99 5.29
N MET A 13 15.78 -7.53 4.61
CA MET A 13 15.92 -6.12 4.25
C MET A 13 14.78 -5.73 3.34
N THR A 14 13.92 -4.88 3.85
CA THR A 14 12.68 -4.53 3.22
C THR A 14 12.83 -3.66 1.94
N ALA A 15 13.05 -2.34 2.14
CA ALA A 15 13.06 -1.33 1.05
C ALA A 15 11.83 -1.41 0.17
N GLY A 16 10.84 -0.64 0.52
CA GLY A 16 9.65 -0.70 -0.17
C GLY A 16 8.98 0.61 -0.18
N ALA A 17 8.04 0.70 -1.05
CA ALA A 17 7.18 1.87 -1.24
C ALA A 17 7.89 3.00 -2.00
N TYR A 18 7.81 2.91 -3.31
CA TYR A 18 8.42 3.88 -4.21
C TYR A 18 7.37 4.43 -5.15
N THR A 19 6.76 3.55 -5.90
CA THR A 19 5.70 3.90 -6.80
C THR A 19 4.48 4.41 -6.00
N GLU A 20 4.27 5.72 -6.04
CA GLU A 20 3.18 6.33 -5.31
C GLU A 20 2.15 6.93 -6.33
N GLY A 21 2.30 6.52 -7.61
CA GLY A 21 1.42 6.93 -8.75
C GLY A 21 1.70 8.33 -9.22
N PRO A 22 0.67 9.20 -9.27
CA PRO A 22 0.85 10.60 -9.67
C PRO A 22 1.97 11.32 -8.86
N PRO A 23 1.95 11.32 -7.48
CA PRO A 23 3.06 11.86 -6.70
C PRO A 23 4.27 10.97 -6.85
N GLN A 24 5.41 11.57 -6.94
CA GLN A 24 6.62 10.85 -7.07
C GLN A 24 7.07 10.45 -5.66
N PRO A 25 7.84 9.38 -5.52
CA PRO A 25 8.35 8.95 -4.23
C PRO A 25 9.15 10.06 -3.59
N LEU A 26 8.85 10.39 -2.35
CA LEU A 26 9.58 11.43 -1.66
C LEU A 26 10.99 10.95 -1.30
N SER A 27 11.77 11.81 -0.71
CA SER A 27 13.16 11.53 -0.49
C SER A 27 13.42 10.33 0.46
N ALA A 28 14.48 9.60 0.16
CA ALA A 28 14.91 8.43 0.92
C ALA A 28 15.10 8.73 2.40
N GLU A 29 15.78 9.83 2.72
CA GLU A 29 15.99 10.16 4.12
C GLU A 29 14.71 10.52 4.84
N GLU A 30 13.78 11.09 4.12
CA GLU A 30 12.47 11.38 4.68
C GLU A 30 11.75 10.11 4.99
N LYS A 31 11.91 9.11 4.14
CA LYS A 31 11.29 7.84 4.35
C LYS A 31 11.94 7.13 5.52
N LYS A 32 13.24 7.31 5.69
CA LYS A 32 13.96 6.70 6.78
C LYS A 32 13.57 7.25 8.16
N GLU A 33 13.35 8.57 8.27
CA GLU A 33 12.98 9.16 9.56
C GLU A 33 11.56 8.78 9.95
N ILE A 34 10.69 8.73 8.96
CA ILE A 34 9.30 8.34 9.18
C ILE A 34 9.21 6.83 9.49
N ASP A 35 10.11 6.05 8.86
CA ASP A 35 10.27 4.59 9.08
C ASP A 35 10.50 4.32 10.56
N LYS A 36 11.38 5.12 11.16
CA LYS A 36 11.78 5.00 12.57
C LYS A 36 10.61 5.04 13.52
N ARG A 37 9.58 5.73 13.14
CA ARG A 37 8.47 5.96 14.01
C ARG A 37 7.17 5.39 13.45
N SER A 38 7.31 4.49 12.52
CA SER A 38 6.19 3.83 11.91
C SER A 38 6.07 2.36 12.39
N VAL A 39 4.95 1.73 12.07
CA VAL A 39 4.65 0.36 12.41
C VAL A 39 3.92 -0.37 11.26
N TYR A 40 3.91 -1.67 11.33
CA TYR A 40 3.28 -2.58 10.37
C TYR A 40 2.16 -3.33 11.04
N VAL A 41 1.01 -3.32 10.43
CA VAL A 41 -0.16 -4.02 10.90
C VAL A 41 -0.41 -5.19 9.99
N GLY A 42 -0.35 -6.37 10.50
CA GLY A 42 -0.60 -7.51 9.67
C GLY A 42 -1.84 -8.25 10.05
N ASN A 43 -2.29 -9.09 9.12
CA ASN A 43 -3.45 -9.98 9.25
C ASN A 43 -4.79 -9.20 9.41
N VAL A 44 -4.76 -7.89 9.16
CA VAL A 44 -5.96 -7.06 9.24
C VAL A 44 -6.96 -7.50 8.18
N ASP A 45 -8.20 -7.55 8.58
CA ASP A 45 -9.25 -8.06 7.72
C ASP A 45 -9.87 -6.94 6.92
N TYR A 46 -10.51 -7.34 5.83
CA TYR A 46 -11.23 -6.45 4.94
C TYR A 46 -12.38 -5.73 5.64
N GLY A 47 -12.80 -6.28 6.77
CA GLY A 47 -13.80 -5.67 7.57
C GLY A 47 -13.29 -4.41 8.26
N SER A 48 -11.98 -4.33 8.46
CA SER A 48 -11.41 -3.17 9.08
C SER A 48 -11.15 -2.08 8.04
N THR A 49 -11.42 -0.85 8.39
CA THR A 49 -11.28 0.26 7.49
C THR A 49 -10.10 1.13 7.89
N ALA A 50 -9.77 2.13 7.07
CA ALA A 50 -8.66 3.02 7.34
C ALA A 50 -8.97 3.87 8.55
N GLN A 51 -10.19 4.41 8.60
CA GLN A 51 -10.63 5.18 9.75
C GLN A 51 -10.58 4.34 11.04
N ASP A 52 -11.00 3.10 10.94
CA ASP A 52 -11.03 2.19 12.08
C ASP A 52 -9.61 1.94 12.57
N LEU A 53 -8.70 1.85 11.60
CA LEU A 53 -7.29 1.66 11.85
C LEU A 53 -6.68 2.89 12.48
N GLU A 54 -6.98 4.05 11.89
CA GLU A 54 -6.44 5.29 12.37
C GLU A 54 -6.87 5.55 13.78
N ALA A 55 -8.14 5.44 14.05
CA ALA A 55 -8.69 5.70 15.38
C ALA A 55 -8.03 4.81 16.42
N HIS A 56 -7.81 3.57 16.04
CA HIS A 56 -7.27 2.59 16.95
C HIS A 56 -5.81 2.90 17.29
N PHE A 57 -5.04 3.32 16.31
CA PHE A 57 -3.64 3.68 16.52
C PHE A 57 -3.47 5.12 17.03
N SER A 58 -4.47 5.93 16.77
CA SER A 58 -4.49 7.35 17.15
C SER A 58 -4.67 7.51 18.62
N SER A 59 -5.21 6.46 19.27
CA SER A 59 -5.38 6.48 20.70
C SER A 59 -4.04 6.72 21.42
N CYS A 60 -2.94 6.49 20.73
CA CYS A 60 -1.67 6.77 21.28
C CYS A 60 -1.20 8.18 20.87
N GLY A 61 -0.76 8.31 19.63
CA GLY A 61 -0.22 9.59 19.16
C GLY A 61 -0.79 10.09 17.87
N SER A 62 0.06 10.72 17.06
CA SER A 62 -0.36 11.38 15.85
C SER A 62 0.05 10.55 14.62
N ILE A 63 -0.93 10.18 13.83
CA ILE A 63 -0.71 9.47 12.59
C ILE A 63 -0.40 10.43 11.41
N ASN A 64 0.68 10.14 10.70
CA ASN A 64 1.10 10.92 9.51
C ASN A 64 0.57 10.31 8.24
N ARG A 65 0.68 9.03 8.15
CA ARG A 65 0.22 8.27 6.99
C ARG A 65 -0.23 6.92 7.40
N ILE A 66 -1.02 6.32 6.56
CA ILE A 66 -1.38 4.95 6.68
C ILE A 66 -1.52 4.41 5.28
N THR A 67 -0.98 3.28 5.07
CA THR A 67 -1.03 2.62 3.80
C THR A 67 -1.61 1.28 4.06
N ILE A 68 -2.67 0.95 3.39
CA ILE A 68 -3.33 -0.28 3.65
C ILE A 68 -3.33 -1.05 2.38
N LEU A 69 -2.71 -2.16 2.35
CA LEU A 69 -2.72 -2.96 1.18
C LEU A 69 -3.28 -4.32 1.40
N CYS A 70 -4.19 -4.69 0.58
CA CYS A 70 -4.85 -5.93 0.69
C CYS A 70 -4.54 -6.78 -0.53
N ASP A 71 -3.97 -7.93 -0.30
CA ASP A 71 -3.49 -8.80 -1.33
C ASP A 71 -4.23 -10.12 -1.31
N LYS A 72 -4.79 -10.49 -2.42
CA LYS A 72 -5.54 -11.72 -2.51
C LYS A 72 -4.84 -12.69 -3.49
N PHE A 73 -3.56 -12.43 -3.80
CA PHE A 73 -2.86 -13.25 -4.78
C PHE A 73 -2.71 -14.70 -4.34
N SER A 74 -2.77 -14.94 -3.05
CA SER A 74 -2.65 -16.26 -2.48
C SER A 74 -4.01 -17.01 -2.54
N GLY A 75 -5.03 -16.36 -3.06
CA GLY A 75 -6.35 -16.95 -3.09
C GLY A 75 -7.19 -16.39 -1.98
N HIS A 76 -6.58 -16.23 -0.84
CA HIS A 76 -7.23 -15.64 0.31
C HIS A 76 -6.90 -14.18 0.33
N PRO A 77 -7.89 -13.32 0.47
CA PRO A 77 -7.66 -11.89 0.55
C PRO A 77 -7.01 -11.53 1.87
N LYS A 78 -5.82 -11.00 1.80
CA LYS A 78 -5.10 -10.64 2.97
C LYS A 78 -5.05 -9.17 3.10
N GLY A 79 -4.97 -8.70 4.29
CA GLY A 79 -4.83 -7.32 4.50
C GLY A 79 -3.67 -7.02 5.40
N TYR A 80 -2.96 -5.99 5.08
CA TYR A 80 -1.89 -5.50 5.89
C TYR A 80 -1.72 -4.02 5.70
N ALA A 81 -1.38 -3.33 6.74
CA ALA A 81 -1.34 -1.90 6.71
C ALA A 81 -0.12 -1.41 7.41
N TYR A 82 0.31 -0.26 7.07
CA TYR A 82 1.44 0.35 7.70
C TYR A 82 1.02 1.67 8.24
N ILE A 83 1.15 1.84 9.53
CA ILE A 83 0.75 3.06 10.17
C ILE A 83 2.01 3.88 10.42
N GLU A 84 2.11 5.04 9.85
CA GLU A 84 3.27 5.87 10.02
C GLU A 84 2.95 7.01 10.98
N PHE A 85 3.67 7.08 12.08
CA PHE A 85 3.41 8.07 13.11
C PHE A 85 4.35 9.24 13.02
N ALA A 86 3.98 10.29 13.70
CA ALA A 86 4.80 11.47 13.83
C ALA A 86 5.86 11.28 14.88
N GLU A 87 5.56 10.52 15.94
CA GLU A 87 6.51 10.34 17.02
C GLU A 87 6.86 8.88 17.30
N ARG A 88 7.98 8.70 17.97
CA ARG A 88 8.44 7.41 18.44
C ARG A 88 7.58 6.85 19.55
N ASN A 89 7.04 7.73 20.37
CA ASN A 89 6.22 7.29 21.49
C ASN A 89 5.02 6.51 21.01
N SER A 90 4.46 6.93 19.88
CA SER A 90 3.32 6.28 19.31
C SER A 90 3.63 4.83 18.91
N VAL A 91 4.78 4.63 18.26
CA VAL A 91 5.18 3.28 17.88
C VAL A 91 5.48 2.43 19.11
N ASP A 92 6.18 2.98 20.11
CA ASP A 92 6.48 2.20 21.33
C ASP A 92 5.24 1.74 22.05
N ALA A 93 4.21 2.56 22.03
CA ALA A 93 2.96 2.18 22.64
C ALA A 93 2.20 1.17 21.77
N ALA A 94 2.28 1.36 20.46
CA ALA A 94 1.55 0.52 19.50
C ALA A 94 2.11 -0.89 19.44
N VAL A 95 3.45 -1.01 19.48
CA VAL A 95 4.15 -2.33 19.48
C VAL A 95 3.68 -3.23 20.64
N ALA A 96 3.14 -2.62 21.68
CA ALA A 96 2.62 -3.37 22.82
C ALA A 96 1.32 -4.12 22.42
N MET A 97 0.69 -3.68 21.33
CA MET A 97 -0.48 -4.34 20.76
C MET A 97 -0.09 -5.42 19.75
N ASP A 98 1.22 -5.71 19.66
CA ASP A 98 1.81 -6.73 18.71
C ASP A 98 0.95 -7.97 18.40
N GLU A 99 0.49 -8.71 19.36
CA GLU A 99 -0.31 -9.89 19.01
C GLU A 99 -1.69 -9.82 19.73
N THR A 100 -2.28 -8.65 19.66
CA THR A 100 -3.57 -8.35 20.26
C THR A 100 -4.72 -8.77 19.27
N VAL A 101 -5.95 -8.91 19.77
CA VAL A 101 -7.04 -9.41 18.94
C VAL A 101 -7.91 -8.25 18.43
N PHE A 102 -8.29 -8.32 17.17
CA PHE A 102 -9.05 -7.27 16.53
C PHE A 102 -9.92 -7.90 15.42
N ARG A 103 -11.24 -7.80 15.55
CA ARG A 103 -12.20 -8.41 14.61
C ARG A 103 -12.13 -9.92 14.47
N GLY A 104 -12.24 -10.59 15.60
CA GLY A 104 -12.24 -12.06 15.68
C GLY A 104 -10.91 -12.71 15.37
N ARG A 105 -10.00 -11.96 14.85
CA ARG A 105 -8.72 -12.46 14.48
C ARG A 105 -7.64 -11.76 15.23
N THR A 106 -6.51 -12.36 15.28
CA THR A 106 -5.40 -11.79 15.96
C THR A 106 -4.56 -11.02 14.96
N ILE A 107 -4.26 -9.78 15.26
CA ILE A 107 -3.48 -9.00 14.35
C ILE A 107 -2.07 -8.93 14.83
N LYS A 108 -1.24 -8.40 14.00
CA LYS A 108 0.14 -8.33 14.26
C LYS A 108 0.59 -6.89 14.12
N VAL A 109 1.29 -6.38 15.11
CA VAL A 109 1.80 -5.03 15.06
C VAL A 109 3.31 -5.10 15.17
N LEU A 110 3.99 -4.75 14.12
CA LEU A 110 5.43 -4.75 14.10
C LEU A 110 5.93 -3.36 14.00
N PRO A 111 7.11 -3.08 14.49
CA PRO A 111 7.72 -1.79 14.28
C PRO A 111 8.23 -1.76 12.85
N LYS A 112 7.90 -0.73 12.11
CA LYS A 112 8.31 -0.64 10.74
C LYS A 112 9.75 -0.25 10.73
N ARG A 113 10.56 -1.15 10.30
CA ARG A 113 11.96 -0.92 10.28
C ARG A 113 12.60 -1.66 9.16
N THR A 114 13.76 -1.18 8.76
CA THR A 114 14.53 -1.75 7.68
C THR A 114 13.81 -1.48 6.32
N ASN A 115 12.87 -0.52 6.33
CA ASN A 115 12.13 -0.13 5.11
C ASN A 115 12.84 0.99 4.40
N MET A 116 14.11 1.18 4.78
CA MET A 116 14.96 2.20 4.20
C MET A 116 15.11 1.96 2.71
N PRO A 117 14.74 2.95 1.88
CA PRO A 117 14.83 2.85 0.42
C PRO A 117 16.24 2.52 -0.05
N GLY A 118 16.32 1.68 -1.06
CA GLY A 118 17.58 1.28 -1.60
C GLY A 118 18.00 2.15 -2.75
N ILE A 119 18.82 1.62 -3.61
CA ILE A 119 19.27 2.37 -4.76
C ILE A 119 18.24 2.49 -5.89
N SER A 120 17.51 3.57 -5.87
CA SER A 120 16.52 3.86 -6.86
C SER A 120 16.37 5.37 -6.94
N SER A 121 16.99 5.96 -7.94
CA SER A 121 16.93 7.40 -8.12
C SER A 121 17.18 7.76 -9.59
N THR A 122 16.12 7.96 -10.32
CA THR A 122 16.20 8.38 -11.71
C THR A 122 15.24 9.56 -11.91
N ASP A 123 14.84 10.15 -10.80
CA ASP A 123 13.92 11.26 -10.77
C ASP A 123 14.32 12.19 -9.66
N ARG A 124 14.40 13.45 -9.96
CA ARG A 124 14.83 14.43 -8.97
C ARG A 124 13.70 15.44 -8.74
N ALA B 1 -12.27 7.17 -29.63
CA ALA B 1 -12.63 7.17 -28.22
C ALA B 1 -11.46 7.70 -27.40
N ILE B 2 -11.69 7.93 -26.14
CA ILE B 2 -10.65 8.44 -25.27
C ILE B 2 -9.92 7.26 -24.63
N ALA B 3 -8.70 7.08 -25.02
CA ALA B 3 -7.89 6.00 -24.54
C ALA B 3 -6.49 6.52 -24.20
N PRO B 4 -6.17 6.66 -22.90
CA PRO B 4 -4.86 7.16 -22.48
C PRO B 4 -3.72 6.18 -22.80
N CYS B 5 -2.68 6.69 -23.41
CA CYS B 5 -1.52 5.87 -23.77
C CYS B 5 -0.41 6.01 -22.73
N MET B 6 -0.73 6.71 -21.66
CA MET B 6 0.22 6.97 -20.59
C MET B 6 0.34 5.78 -19.67
N GLN B 7 1.46 5.69 -18.99
CA GLN B 7 1.73 4.64 -18.03
C GLN B 7 2.49 5.21 -16.85
N THR B 8 2.66 4.43 -15.81
CA THR B 8 3.37 4.87 -14.65
C THR B 8 4.88 4.86 -14.89
N THR B 9 5.49 6.03 -14.84
CA THR B 9 6.91 6.20 -14.98
C THR B 9 7.66 5.38 -13.90
N HIS B 10 8.70 4.65 -14.32
CA HIS B 10 9.41 3.76 -13.41
C HIS B 10 10.32 4.50 -12.45
N SER B 11 10.24 4.14 -11.17
CA SER B 11 11.13 4.67 -10.14
C SER B 11 12.57 4.21 -10.42
N LYS B 12 12.66 3.03 -11.04
CA LYS B 12 13.89 2.41 -11.51
C LYS B 12 13.53 1.06 -12.10
N MET B 13 13.04 0.19 -11.23
CA MET B 13 12.59 -1.15 -11.58
C MET B 13 13.71 -2.05 -12.12
N THR B 14 14.39 -2.69 -11.18
CA THR B 14 15.41 -3.71 -11.43
C THR B 14 16.11 -4.01 -10.11
N ALA B 15 16.16 -3.00 -9.27
CA ALA B 15 16.73 -3.09 -7.95
C ALA B 15 16.10 -1.99 -7.13
N GLY B 16 16.46 -1.89 -5.87
CA GLY B 16 15.93 -0.83 -5.04
C GLY B 16 14.64 -1.23 -4.34
N ALA B 17 13.67 -1.63 -5.12
CA ALA B 17 12.38 -2.05 -4.58
C ALA B 17 12.35 -3.56 -4.43
N TYR B 18 12.16 -4.03 -3.21
CA TYR B 18 12.14 -5.47 -2.97
C TYR B 18 10.83 -5.90 -2.35
N THR B 19 10.57 -5.47 -1.13
CA THR B 19 9.33 -5.83 -0.49
C THR B 19 8.77 -4.67 0.29
N GLU B 20 7.49 -4.70 0.49
CA GLU B 20 6.79 -3.73 1.26
C GLU B 20 7.02 -3.96 2.77
N GLY B 21 7.37 -5.19 3.13
CA GLY B 21 7.59 -5.51 4.53
C GLY B 21 7.79 -6.99 4.76
N PRO B 22 7.22 -7.52 5.86
CA PRO B 22 7.31 -8.96 6.21
C PRO B 22 6.95 -9.97 5.07
N PRO B 23 5.82 -9.77 4.28
CA PRO B 23 5.49 -10.67 3.15
C PRO B 23 6.67 -10.80 2.18
N GLN B 24 6.86 -12.01 1.65
CA GLN B 24 7.98 -12.29 0.76
C GLN B 24 8.05 -11.33 -0.43
N PRO B 25 9.26 -10.75 -0.64
CA PRO B 25 9.50 -9.78 -1.69
C PRO B 25 9.26 -10.30 -3.07
N LEU B 26 8.61 -9.48 -3.85
CA LEU B 26 8.41 -9.74 -5.23
C LEU B 26 9.18 -8.69 -6.00
N SER B 27 10.03 -9.13 -6.90
CA SER B 27 11.01 -8.28 -7.53
C SER B 27 10.40 -7.29 -8.54
N ALA B 28 11.26 -6.42 -9.05
CA ALA B 28 10.92 -5.39 -10.03
C ALA B 28 10.14 -5.95 -11.20
N GLU B 29 10.59 -7.06 -11.73
CA GLU B 29 9.93 -7.69 -12.87
C GLU B 29 8.57 -8.26 -12.49
N GLU B 30 8.45 -8.72 -11.25
CA GLU B 30 7.16 -9.13 -10.73
C GLU B 30 6.25 -7.94 -10.63
N LYS B 31 6.82 -6.81 -10.21
CA LYS B 31 6.07 -5.59 -10.08
C LYS B 31 5.63 -5.09 -11.43
N LYS B 32 6.47 -5.28 -12.44
CA LYS B 32 6.16 -4.87 -13.80
C LYS B 32 5.02 -5.68 -14.41
N GLU B 33 5.00 -6.99 -14.17
CA GLU B 33 3.92 -7.83 -14.74
C GLU B 33 2.58 -7.54 -14.08
N ILE B 34 2.62 -7.34 -12.78
CA ILE B 34 1.41 -7.00 -12.04
C ILE B 34 0.94 -5.58 -12.37
N ASP B 35 1.92 -4.71 -12.66
CA ASP B 35 1.71 -3.30 -13.08
C ASP B 35 0.83 -3.27 -14.32
N LYS B 36 1.14 -4.17 -15.24
CA LYS B 36 0.41 -4.31 -16.52
C LYS B 36 -1.07 -4.56 -16.30
N ARG B 37 -1.39 -5.25 -15.24
CA ARG B 37 -2.72 -5.71 -14.95
C ARG B 37 -3.38 -4.85 -13.87
N SER B 38 -2.70 -3.83 -13.42
CA SER B 38 -3.23 -3.03 -12.34
C SER B 38 -3.78 -1.67 -12.77
N VAL B 39 -4.57 -1.09 -11.87
CA VAL B 39 -5.21 0.19 -12.06
C VAL B 39 -5.03 1.08 -10.83
N TYR B 40 -5.28 2.34 -11.03
CA TYR B 40 -5.22 3.37 -10.01
C TYR B 40 -6.61 3.96 -9.81
N VAL B 41 -7.04 4.06 -8.59
CA VAL B 41 -8.31 4.64 -8.20
C VAL B 41 -8.04 5.95 -7.48
N GLY B 42 -8.57 7.03 -7.98
CA GLY B 42 -8.39 8.28 -7.32
C GLY B 42 -9.71 8.90 -6.89
N ASN B 43 -9.60 9.95 -6.09
CA ASN B 43 -10.71 10.76 -5.54
C ASN B 43 -11.60 9.96 -4.55
N VAL B 44 -11.15 8.80 -4.14
CA VAL B 44 -11.87 8.02 -3.13
C VAL B 44 -11.71 8.71 -1.79
N ASP B 45 -12.81 9.16 -1.22
CA ASP B 45 -12.73 9.95 -0.02
C ASP B 45 -12.46 9.10 1.18
N TYR B 46 -12.02 9.76 2.23
CA TYR B 46 -11.68 9.09 3.46
C TYR B 46 -12.97 8.58 4.07
N GLY B 47 -13.24 7.33 3.85
CA GLY B 47 -14.45 6.77 4.33
C GLY B 47 -14.82 5.52 3.58
N SER B 48 -14.36 5.38 2.33
CA SER B 48 -14.69 4.19 1.59
C SER B 48 -13.78 3.07 2.10
N THR B 49 -14.25 1.85 2.06
CA THR B 49 -13.51 0.77 2.64
C THR B 49 -12.76 -0.01 1.58
N ALA B 50 -11.84 -0.88 2.01
CA ALA B 50 -11.08 -1.72 1.10
C ALA B 50 -12.01 -2.79 0.53
N GLN B 51 -12.86 -3.35 1.39
CA GLN B 51 -13.87 -4.33 0.97
C GLN B 51 -14.80 -3.73 -0.10
N ASP B 52 -15.23 -2.48 0.11
CA ASP B 52 -16.04 -1.75 -0.90
C ASP B 52 -15.31 -1.70 -2.22
N LEU B 53 -14.04 -1.37 -2.13
CA LEU B 53 -13.19 -1.26 -3.29
C LEU B 53 -13.02 -2.59 -3.96
N GLU B 54 -12.72 -3.64 -3.20
CA GLU B 54 -12.52 -4.94 -3.78
C GLU B 54 -13.76 -5.44 -4.45
N ALA B 55 -14.88 -5.42 -3.75
CA ALA B 55 -16.15 -5.90 -4.30
C ALA B 55 -16.50 -5.20 -5.59
N HIS B 56 -16.24 -3.92 -5.61
CA HIS B 56 -16.59 -3.10 -6.74
C HIS B 56 -15.72 -3.45 -7.96
N PHE B 57 -14.44 -3.66 -7.73
CA PHE B 57 -13.50 -4.01 -8.80
C PHE B 57 -13.52 -5.50 -9.13
N SER B 58 -13.94 -6.30 -8.17
CA SER B 58 -14.03 -7.75 -8.31
C SER B 58 -15.17 -8.09 -9.24
N SER B 59 -16.11 -7.17 -9.36
CA SER B 59 -17.19 -7.34 -10.27
C SER B 59 -16.66 -7.32 -11.73
N CYS B 60 -15.45 -6.80 -11.90
CA CYS B 60 -14.82 -6.72 -13.21
C CYS B 60 -13.56 -7.60 -13.30
N GLY B 61 -13.42 -8.57 -12.40
CA GLY B 61 -12.23 -9.42 -12.48
C GLY B 61 -11.72 -9.97 -11.16
N SER B 62 -10.47 -10.42 -11.17
CA SER B 62 -9.85 -11.08 -10.04
C SER B 62 -8.75 -10.19 -9.44
N ILE B 63 -8.97 -9.75 -8.22
CA ILE B 63 -8.02 -8.88 -7.52
C ILE B 63 -6.86 -9.64 -6.90
N ASN B 64 -5.67 -9.15 -7.16
CA ASN B 64 -4.42 -9.74 -6.73
C ASN B 64 -3.96 -8.94 -5.50
N ARG B 65 -4.07 -7.61 -5.60
CA ARG B 65 -3.74 -6.70 -4.51
C ARG B 65 -4.52 -5.41 -4.65
N ILE B 66 -4.60 -4.66 -3.58
CA ILE B 66 -5.12 -3.32 -3.56
C ILE B 66 -4.32 -2.56 -2.54
N THR B 67 -3.96 -1.37 -2.84
CA THR B 67 -3.21 -0.54 -1.93
C THR B 67 -3.98 0.74 -1.79
N ILE B 68 -4.37 1.07 -0.61
CA ILE B 68 -5.17 2.23 -0.39
C ILE B 68 -4.35 3.14 0.47
N LEU B 69 -4.01 4.26 -0.01
CA LEU B 69 -3.30 5.20 0.79
C LEU B 69 -4.03 6.51 0.90
N CYS B 70 -4.12 6.97 2.08
CA CYS B 70 -4.80 8.18 2.39
C CYS B 70 -3.81 9.18 2.94
N ASP B 71 -3.62 10.36 2.31
CA ASP B 71 -2.61 11.24 2.87
C ASP B 71 -3.24 12.38 3.58
N LYS B 72 -2.89 12.49 4.84
CA LYS B 72 -3.45 13.50 5.71
C LYS B 72 -2.37 14.42 6.23
N PHE B 73 -1.11 14.10 5.94
CA PHE B 73 0.00 14.91 6.44
C PHE B 73 0.02 16.26 5.73
N SER B 74 -0.68 16.32 4.62
CA SER B 74 -0.84 17.53 3.85
C SER B 74 -1.95 18.41 4.47
N GLY B 75 -2.55 17.89 5.53
CA GLY B 75 -3.59 18.58 6.25
C GLY B 75 -4.94 17.97 5.98
N HIS B 76 -5.31 17.96 4.73
CA HIS B 76 -6.58 17.41 4.33
C HIS B 76 -6.41 15.98 3.85
N PRO B 77 -7.25 15.05 4.35
CA PRO B 77 -7.17 13.64 3.97
C PRO B 77 -7.66 13.38 2.55
N LYS B 78 -6.80 12.87 1.71
CA LYS B 78 -7.16 12.45 0.37
C LYS B 78 -7.04 10.99 0.30
N GLY B 79 -7.77 10.38 -0.58
CA GLY B 79 -7.67 8.98 -0.73
C GLY B 79 -7.43 8.58 -2.15
N TYR B 80 -6.61 7.58 -2.30
CA TYR B 80 -6.34 6.98 -3.57
C TYR B 80 -5.90 5.56 -3.37
N ALA B 81 -6.25 4.71 -4.28
CA ALA B 81 -6.02 3.31 -4.14
C ALA B 81 -5.55 2.73 -5.43
N TYR B 82 -4.85 1.65 -5.36
CA TYR B 82 -4.36 0.96 -6.52
C TYR B 82 -4.85 -0.44 -6.49
N ILE B 83 -5.61 -0.82 -7.47
CA ILE B 83 -6.15 -2.14 -7.52
C ILE B 83 -5.32 -2.94 -8.50
N GLU B 84 -4.73 -3.98 -8.03
CA GLU B 84 -3.89 -4.78 -8.85
C GLU B 84 -4.62 -6.08 -9.15
N PHE B 85 -4.75 -6.39 -10.42
CA PHE B 85 -5.47 -7.58 -10.83
C PHE B 85 -4.50 -8.64 -11.31
N ALA B 86 -5.00 -9.84 -11.41
CA ALA B 86 -4.20 -10.95 -11.91
C ALA B 86 -4.36 -11.12 -13.41
N GLU B 87 -5.42 -10.53 -13.95
CA GLU B 87 -5.74 -10.69 -15.37
C GLU B 87 -5.93 -9.32 -16.04
N ARG B 88 -5.46 -9.18 -17.30
CA ARG B 88 -5.62 -7.94 -18.07
C ARG B 88 -7.06 -7.56 -18.32
N ASN B 89 -7.91 -8.56 -18.49
CA ASN B 89 -9.33 -8.32 -18.76
C ASN B 89 -9.95 -7.48 -17.68
N SER B 90 -9.54 -7.70 -16.44
CA SER B 90 -10.05 -6.98 -15.33
C SER B 90 -9.74 -5.48 -15.43
N VAL B 91 -8.52 -5.14 -15.81
CA VAL B 91 -8.17 -3.74 -15.98
C VAL B 91 -8.88 -3.12 -17.15
N ASP B 92 -8.98 -3.84 -18.27
CA ASP B 92 -9.71 -3.30 -19.44
C ASP B 92 -11.17 -3.02 -19.12
N ALA B 93 -11.77 -3.86 -18.30
CA ALA B 93 -13.15 -3.65 -17.87
C ALA B 93 -13.25 -2.50 -16.85
N ALA B 94 -12.25 -2.38 -16.00
CA ALA B 94 -12.25 -1.38 -14.93
C ALA B 94 -11.98 0.04 -15.47
N VAL B 95 -11.08 0.13 -16.45
CA VAL B 95 -10.76 1.44 -17.07
C VAL B 95 -11.99 2.09 -17.70
N ALA B 96 -12.99 1.29 -18.03
CA ALA B 96 -14.22 1.80 -18.63
C ALA B 96 -15.09 2.47 -17.58
N MET B 97 -14.71 2.31 -16.34
CA MET B 97 -15.46 2.82 -15.23
C MET B 97 -14.77 4.07 -14.71
N ASP B 98 -13.73 4.53 -15.46
CA ASP B 98 -12.94 5.72 -15.13
C ASP B 98 -13.77 6.88 -14.63
N GLU B 99 -14.75 7.33 -15.38
CA GLU B 99 -15.61 8.36 -14.93
C GLU B 99 -16.94 7.76 -14.49
N THR B 100 -17.05 7.56 -13.20
CA THR B 100 -18.26 7.03 -12.58
C THR B 100 -18.46 7.65 -11.22
N VAL B 101 -19.64 7.50 -10.68
CA VAL B 101 -19.95 8.01 -9.39
C VAL B 101 -20.06 6.87 -8.38
N PHE B 102 -19.23 6.91 -7.38
CA PHE B 102 -19.23 5.92 -6.35
C PHE B 102 -19.20 6.60 -4.99
N ARG B 103 -20.13 6.22 -4.13
CA ARG B 103 -20.27 6.73 -2.78
C ARG B 103 -20.58 8.25 -2.82
N GLY B 104 -21.29 8.63 -3.86
CA GLY B 104 -21.75 9.99 -4.02
C GLY B 104 -20.75 10.93 -4.66
N ARG B 105 -19.63 10.42 -5.10
CA ARG B 105 -18.63 11.28 -5.72
C ARG B 105 -18.06 10.63 -6.96
N THR B 106 -17.55 11.43 -7.85
CA THR B 106 -17.00 10.95 -9.07
C THR B 106 -15.61 10.41 -8.80
N ILE B 107 -15.38 9.18 -9.15
CA ILE B 107 -14.08 8.61 -8.94
C ILE B 107 -13.32 8.60 -10.23
N LYS B 108 -12.07 8.27 -10.15
CA LYS B 108 -11.21 8.22 -11.28
C LYS B 108 -10.61 6.83 -11.32
N VAL B 109 -10.52 6.24 -12.49
CA VAL B 109 -9.86 4.95 -12.63
C VAL B 109 -8.84 5.08 -13.75
N LEU B 110 -7.59 4.81 -13.44
CA LEU B 110 -6.52 4.87 -14.41
C LEU B 110 -5.87 3.54 -14.52
N PRO B 111 -5.34 3.19 -15.68
CA PRO B 111 -4.53 2.01 -15.81
C PRO B 111 -3.12 2.35 -15.33
N LYS B 112 -2.53 1.48 -14.55
CA LYS B 112 -1.20 1.76 -14.06
C LYS B 112 -0.17 1.58 -15.21
N ARG B 113 -0.51 0.70 -16.15
CA ARG B 113 0.35 0.44 -17.28
C ARG B 113 -0.31 0.76 -18.64
N THR B 114 -1.15 -0.13 -19.11
CA THR B 114 -1.69 -0.02 -20.43
C THR B 114 -3.19 0.02 -20.46
N ASN B 115 -3.71 0.87 -21.30
CA ASN B 115 -5.12 0.96 -21.53
C ASN B 115 -5.42 0.38 -22.90
N MET B 116 -4.37 0.28 -23.71
CA MET B 116 -4.47 -0.30 -25.03
C MET B 116 -4.33 -1.82 -24.90
N PRO B 117 -5.36 -2.58 -25.28
CA PRO B 117 -5.34 -4.02 -25.14
C PRO B 117 -4.59 -4.73 -26.27
N GLY B 118 -5.14 -4.70 -27.46
CA GLY B 118 -4.55 -5.39 -28.58
C GLY B 118 -4.89 -6.86 -28.56
N ILE B 119 -6.07 -7.19 -28.00
CA ILE B 119 -6.52 -8.58 -27.87
C ILE B 119 -6.57 -9.26 -29.23
N SER B 120 -7.11 -8.54 -30.21
CA SER B 120 -7.21 -8.97 -31.61
C SER B 120 -8.18 -10.16 -31.77
N SER B 121 -8.87 -10.47 -30.70
CA SER B 121 -9.78 -11.56 -30.66
C SER B 121 -11.08 -11.06 -30.01
N THR B 122 -12.02 -11.93 -29.84
CA THR B 122 -13.28 -11.58 -29.26
C THR B 122 -13.68 -12.66 -28.26
N ASP B 123 -14.42 -12.28 -27.24
CA ASP B 123 -14.91 -13.22 -26.27
C ASP B 123 -16.35 -13.50 -26.59
N ARG B 124 -16.76 -14.72 -26.46
CA ARG B 124 -18.10 -15.07 -26.84
C ARG B 124 -18.94 -15.25 -25.58
N ALA A 1 -23.38 -24.67 25.81
CA ALA A 1 -22.15 -24.98 25.13
C ALA A 1 -21.37 -23.73 24.84
N ILE A 2 -20.28 -23.53 25.53
CA ILE A 2 -19.44 -22.40 25.26
C ILE A 2 -18.41 -22.79 24.20
N ALA A 3 -18.56 -22.24 23.03
CA ALA A 3 -17.73 -22.59 21.91
C ALA A 3 -16.58 -21.61 21.77
N PRO A 4 -15.34 -22.09 21.96
CA PRO A 4 -14.16 -21.26 21.80
C PRO A 4 -13.91 -20.99 20.32
N CYS A 5 -13.38 -19.85 20.00
CA CYS A 5 -13.19 -19.51 18.62
C CYS A 5 -11.76 -19.71 18.14
N MET A 6 -11.46 -20.91 17.68
CA MET A 6 -10.14 -21.15 17.10
C MET A 6 -10.15 -20.56 15.71
N GLN A 7 -9.04 -20.03 15.28
CA GLN A 7 -8.97 -19.40 13.99
C GLN A 7 -7.54 -19.20 13.56
N THR A 8 -7.12 -19.93 12.56
CA THR A 8 -5.80 -19.74 12.06
C THR A 8 -5.81 -18.64 10.98
N THR A 9 -5.66 -17.43 11.44
CA THR A 9 -5.60 -16.32 10.56
C THR A 9 -4.17 -15.87 10.40
N HIS A 10 -3.57 -16.26 9.30
CA HIS A 10 -2.20 -15.93 8.99
C HIS A 10 -2.09 -15.66 7.52
N SER A 11 -1.31 -14.69 7.16
CA SER A 11 -1.15 -14.33 5.79
C SER A 11 -0.17 -15.29 5.10
N LYS A 12 -0.74 -16.23 4.38
CA LYS A 12 0.02 -17.27 3.69
C LYS A 12 0.75 -16.74 2.46
N MET A 13 2.08 -16.74 2.54
CA MET A 13 3.04 -16.40 1.44
C MET A 13 2.53 -15.37 0.45
N THR A 14 2.80 -14.13 0.73
CA THR A 14 2.31 -13.10 -0.11
C THR A 14 3.24 -11.88 -0.05
N ALA A 15 3.46 -11.24 -1.18
CA ALA A 15 4.32 -10.09 -1.24
C ALA A 15 3.97 -9.25 -2.44
N GLY A 16 4.36 -8.01 -2.39
CA GLY A 16 4.06 -7.09 -3.44
C GLY A 16 4.78 -5.81 -3.20
N ALA A 17 4.14 -4.71 -3.50
CA ALA A 17 4.72 -3.37 -3.30
C ALA A 17 3.69 -2.29 -3.60
N TYR A 18 3.79 -1.17 -2.91
CA TYR A 18 2.91 -0.05 -3.15
C TYR A 18 3.74 1.16 -3.59
N THR A 19 3.15 2.04 -4.37
CA THR A 19 3.83 3.22 -4.85
C THR A 19 2.84 4.38 -4.92
N GLU A 20 3.33 5.57 -4.58
CA GLU A 20 2.52 6.78 -4.51
C GLU A 20 1.88 7.23 -5.84
N GLY A 21 2.54 6.97 -6.97
CA GLY A 21 1.97 7.32 -8.29
C GLY A 21 2.06 8.80 -8.59
N PRO A 22 0.91 9.49 -8.77
CA PRO A 22 0.86 10.92 -9.10
C PRO A 22 1.61 11.89 -8.11
N PRO A 23 1.43 11.76 -6.73
CA PRO A 23 2.18 12.59 -5.78
C PRO A 23 3.68 12.48 -6.02
N GLN A 24 4.33 13.60 -6.03
CA GLN A 24 5.75 13.64 -6.31
C GLN A 24 6.56 13.11 -5.14
N PRO A 25 7.64 12.39 -5.42
CA PRO A 25 8.47 11.78 -4.40
C PRO A 25 9.25 12.81 -3.60
N LEU A 26 8.97 12.86 -2.31
CA LEU A 26 9.64 13.76 -1.40
C LEU A 26 11.07 13.28 -1.12
N SER A 27 11.83 14.05 -0.35
CA SER A 27 13.24 13.77 -0.12
C SER A 27 13.48 12.38 0.51
N ALA A 28 14.56 11.77 0.11
CA ALA A 28 15.04 10.52 0.68
C ALA A 28 15.19 10.62 2.20
N GLU A 29 15.57 11.78 2.71
CA GLU A 29 15.71 11.92 4.15
C GLU A 29 14.32 11.94 4.79
N GLU A 30 13.34 12.54 4.10
CA GLU A 30 11.94 12.54 4.54
C GLU A 30 11.43 11.11 4.56
N LYS A 31 11.88 10.31 3.59
CA LYS A 31 11.51 8.91 3.50
C LYS A 31 11.95 8.21 4.76
N LYS A 32 13.18 8.46 5.15
CA LYS A 32 13.76 7.88 6.33
C LYS A 32 13.02 8.24 7.60
N GLU A 33 12.69 9.50 7.78
CA GLU A 33 12.03 9.90 9.01
C GLU A 33 10.61 9.37 9.12
N ILE A 34 9.87 9.38 8.03
CA ILE A 34 8.50 8.85 8.05
C ILE A 34 8.49 7.32 8.21
N ASP A 35 9.47 6.68 7.59
CA ASP A 35 9.62 5.21 7.62
C ASP A 35 10.00 4.73 9.02
N LYS A 36 10.85 5.50 9.67
CA LYS A 36 11.32 5.19 11.03
C LYS A 36 10.20 5.28 12.07
N ARG A 37 9.11 5.90 11.69
CA ARG A 37 7.99 6.10 12.59
C ARG A 37 6.79 5.27 12.12
N SER A 38 7.02 4.33 11.20
CA SER A 38 5.95 3.52 10.68
C SER A 38 5.87 2.16 11.38
N VAL A 39 4.70 1.57 11.31
CA VAL A 39 4.41 0.30 11.92
C VAL A 39 3.80 -0.61 10.85
N TYR A 40 4.01 -1.88 11.03
CA TYR A 40 3.44 -2.93 10.21
C TYR A 40 2.32 -3.57 10.99
N VAL A 41 1.18 -3.66 10.41
CA VAL A 41 0.03 -4.29 10.98
C VAL A 41 -0.31 -5.50 10.14
N GLY A 42 -0.22 -6.66 10.70
CA GLY A 42 -0.54 -7.83 9.94
C GLY A 42 -1.78 -8.52 10.44
N ASN A 43 -2.29 -9.40 9.58
CA ASN A 43 -3.49 -10.23 9.81
C ASN A 43 -4.81 -9.40 9.84
N VAL A 44 -4.83 -8.25 9.20
CA VAL A 44 -6.09 -7.51 9.12
C VAL A 44 -6.96 -8.16 8.04
N ASP A 45 -8.10 -8.62 8.44
CA ASP A 45 -8.98 -9.38 7.57
C ASP A 45 -10.18 -8.54 7.30
N TYR A 46 -10.80 -8.71 6.11
CA TYR A 46 -12.01 -7.98 5.79
C TYR A 46 -13.05 -8.09 6.85
N GLY A 47 -13.33 -6.98 7.42
CA GLY A 47 -14.19 -6.86 8.53
C GLY A 47 -13.74 -5.68 9.30
N SER A 48 -12.43 -5.46 9.29
CA SER A 48 -11.87 -4.29 9.89
C SER A 48 -11.51 -3.31 8.77
N THR A 49 -11.73 -2.04 9.02
CA THR A 49 -11.51 -1.02 8.01
C THR A 49 -10.39 -0.08 8.44
N ALA A 50 -10.08 0.89 7.57
CA ALA A 50 -9.04 1.87 7.83
C ALA A 50 -9.42 2.74 9.02
N GLN A 51 -10.68 3.12 9.09
CA GLN A 51 -11.21 3.90 10.21
C GLN A 51 -10.97 3.13 11.53
N ASP A 52 -11.21 1.81 11.53
CA ASP A 52 -10.94 0.96 12.72
C ASP A 52 -9.47 1.02 13.07
N LEU A 53 -8.64 1.03 12.04
CA LEU A 53 -7.20 1.07 12.20
C LEU A 53 -6.76 2.36 12.82
N GLU A 54 -7.27 3.50 12.31
CA GLU A 54 -6.91 4.78 12.86
C GLU A 54 -7.25 4.88 14.32
N ALA A 55 -8.48 4.55 14.68
CA ALA A 55 -8.93 4.69 16.07
C ALA A 55 -8.05 3.92 17.03
N HIS A 56 -7.80 2.69 16.69
CA HIS A 56 -7.06 1.80 17.53
C HIS A 56 -5.61 2.26 17.64
N PHE A 57 -5.04 2.70 16.55
CA PHE A 57 -3.66 3.16 16.51
C PHE A 57 -3.46 4.59 16.99
N SER A 58 -4.51 5.37 16.94
CA SER A 58 -4.44 6.76 17.37
C SER A 58 -4.30 6.83 18.87
N SER A 59 -4.73 5.79 19.57
CA SER A 59 -4.48 5.72 20.99
C SER A 59 -2.95 5.76 21.26
N CYS A 60 -2.19 5.21 20.31
CA CYS A 60 -0.74 5.15 20.40
C CYS A 60 -0.05 6.41 19.86
N GLY A 61 -0.81 7.43 19.46
CA GLY A 61 -0.18 8.64 18.93
C GLY A 61 -0.91 9.25 17.75
N SER A 62 -0.20 10.05 16.96
CA SER A 62 -0.80 10.75 15.83
C SER A 62 -0.39 10.10 14.51
N ILE A 63 -1.38 9.75 13.73
CA ILE A 63 -1.19 9.08 12.46
C ILE A 63 -1.07 10.08 11.29
N ASN A 64 0.00 9.93 10.52
CA ASN A 64 0.20 10.73 9.30
C ASN A 64 -0.42 10.07 8.10
N ARG A 65 -0.25 8.79 8.01
CA ARG A 65 -0.72 8.02 6.88
C ARG A 65 -0.98 6.60 7.29
N ILE A 66 -1.75 5.90 6.50
CA ILE A 66 -1.97 4.49 6.67
C ILE A 66 -2.13 3.89 5.29
N THR A 67 -1.56 2.75 5.13
CA THR A 67 -1.62 2.03 3.90
C THR A 67 -2.16 0.68 4.22
N ILE A 68 -3.19 0.28 3.56
CA ILE A 68 -3.80 -0.97 3.86
C ILE A 68 -3.80 -1.75 2.58
N LEU A 69 -3.12 -2.85 2.56
CA LEU A 69 -3.09 -3.65 1.37
C LEU A 69 -3.62 -5.03 1.60
N CYS A 70 -4.54 -5.42 0.78
CA CYS A 70 -5.18 -6.68 0.91
C CYS A 70 -4.84 -7.56 -0.27
N ASP A 71 -4.40 -8.77 0.00
CA ASP A 71 -4.04 -9.70 -1.04
C ASP A 71 -4.93 -10.89 -1.07
N LYS A 72 -5.50 -11.14 -2.19
CA LYS A 72 -6.37 -12.24 -2.38
C LYS A 72 -5.81 -13.13 -3.51
N PHE A 73 -4.56 -12.87 -3.99
CA PHE A 73 -4.04 -13.65 -5.12
C PHE A 73 -3.85 -15.14 -4.82
N SER A 74 -3.83 -15.48 -3.55
CA SER A 74 -3.71 -16.85 -3.14
C SER A 74 -5.09 -17.42 -2.77
N GLY A 75 -6.15 -16.74 -3.19
CA GLY A 75 -7.49 -17.23 -2.95
C GLY A 75 -8.12 -16.58 -1.77
N HIS A 76 -7.45 -16.60 -0.67
CA HIS A 76 -7.97 -15.99 0.54
C HIS A 76 -7.55 -14.55 0.58
N PRO A 77 -8.49 -13.63 0.85
CA PRO A 77 -8.17 -12.24 0.95
C PRO A 77 -7.56 -11.93 2.30
N LYS A 78 -6.34 -11.49 2.27
CA LYS A 78 -5.57 -11.19 3.45
C LYS A 78 -5.29 -9.76 3.48
N GLY A 79 -4.92 -9.25 4.60
CA GLY A 79 -4.57 -7.89 4.65
C GLY A 79 -3.45 -7.60 5.58
N TYR A 80 -2.72 -6.59 5.23
CA TYR A 80 -1.69 -6.06 6.05
C TYR A 80 -1.62 -4.58 5.82
N ALA A 81 -1.33 -3.84 6.84
CA ALA A 81 -1.40 -2.43 6.76
C ALA A 81 -0.20 -1.82 7.43
N TYR A 82 0.17 -0.67 7.00
CA TYR A 82 1.25 0.06 7.60
C TYR A 82 0.76 1.38 8.09
N ILE A 83 0.95 1.63 9.36
CA ILE A 83 0.51 2.86 9.96
C ILE A 83 1.72 3.75 10.12
N GLU A 84 1.71 4.91 9.53
CA GLU A 84 2.81 5.82 9.65
C GLU A 84 2.46 6.91 10.62
N PHE A 85 3.21 7.02 11.69
CA PHE A 85 2.95 7.99 12.71
C PHE A 85 3.77 9.25 12.55
N ALA A 86 3.29 10.30 13.15
CA ALA A 86 3.95 11.58 13.17
C ALA A 86 5.24 11.54 13.94
N GLU A 87 5.22 10.97 15.13
CA GLU A 87 6.40 10.95 15.96
C GLU A 87 6.89 9.56 16.29
N ARG A 88 8.17 9.49 16.61
CA ARG A 88 8.85 8.26 17.00
C ARG A 88 8.27 7.66 18.27
N ASN A 89 7.72 8.48 19.12
CA ASN A 89 7.11 7.96 20.32
C ASN A 89 5.82 7.23 20.06
N SER A 90 5.14 7.54 18.97
CA SER A 90 3.93 6.85 18.62
C SER A 90 4.24 5.41 18.13
N VAL A 91 5.30 5.24 17.31
CA VAL A 91 5.65 3.91 16.81
C VAL A 91 6.04 3.01 17.98
N ASP A 92 6.76 3.58 18.93
CA ASP A 92 7.22 2.87 20.12
C ASP A 92 6.03 2.40 20.95
N ALA A 93 4.98 3.20 20.96
CA ALA A 93 3.79 2.87 21.70
C ALA A 93 2.97 1.77 21.02
N ALA A 94 2.91 1.81 19.69
CA ALA A 94 2.11 0.86 18.93
C ALA A 94 2.76 -0.52 18.92
N VAL A 95 4.08 -0.54 18.79
CA VAL A 95 4.84 -1.81 18.82
C VAL A 95 4.66 -2.58 20.13
N ALA A 96 4.26 -1.89 21.20
CA ALA A 96 4.04 -2.53 22.50
C ALA A 96 2.77 -3.39 22.45
N MET A 97 2.05 -3.23 21.38
CA MET A 97 0.78 -3.87 21.17
C MET A 97 0.98 -5.03 20.16
N ASP A 98 2.28 -5.31 19.83
CA ASP A 98 2.71 -6.31 18.82
C ASP A 98 1.90 -7.58 18.73
N GLU A 99 1.65 -8.28 19.82
CA GLU A 99 0.82 -9.48 19.72
C GLU A 99 -0.39 -9.43 20.63
N THR A 100 -1.16 -8.38 20.46
CA THR A 100 -2.43 -8.21 21.13
C THR A 100 -3.58 -8.75 20.27
N VAL A 101 -4.80 -8.58 20.73
CA VAL A 101 -5.93 -9.06 20.02
C VAL A 101 -6.78 -7.90 19.49
N PHE A 102 -7.02 -7.90 18.21
CA PHE A 102 -7.76 -6.85 17.54
C PHE A 102 -9.10 -7.40 17.08
N ARG A 103 -10.17 -6.80 17.60
CA ARG A 103 -11.57 -7.18 17.34
C ARG A 103 -11.83 -8.71 17.34
N GLY A 104 -11.06 -9.41 18.16
CA GLY A 104 -11.28 -10.83 18.34
C GLY A 104 -10.20 -11.71 17.69
N ARG A 105 -9.32 -11.13 16.90
CA ARG A 105 -8.26 -11.92 16.27
C ARG A 105 -6.90 -11.36 16.65
N THR A 106 -5.92 -12.20 16.79
CA THR A 106 -4.60 -11.74 17.17
C THR A 106 -3.89 -11.14 15.96
N ILE A 107 -3.55 -9.86 16.05
CA ILE A 107 -2.79 -9.22 15.00
C ILE A 107 -1.36 -9.04 15.42
N LYS A 108 -0.54 -8.65 14.49
CA LYS A 108 0.87 -8.52 14.75
C LYS A 108 1.33 -7.18 14.25
N VAL A 109 2.04 -6.45 15.06
CA VAL A 109 2.54 -5.17 14.68
C VAL A 109 4.04 -5.11 14.88
N LEU A 110 4.72 -4.59 13.91
CA LEU A 110 6.15 -4.46 13.94
C LEU A 110 6.52 -3.07 13.56
N PRO A 111 7.60 -2.55 14.08
CA PRO A 111 8.07 -1.24 13.67
C PRO A 111 8.81 -1.37 12.36
N LYS A 112 8.56 -0.50 11.43
CA LYS A 112 9.30 -0.59 10.21
C LYS A 112 10.66 0.13 10.37
N ARG A 113 11.51 -0.48 11.21
CA ARG A 113 12.83 0.02 11.59
C ARG A 113 13.59 -0.96 12.50
N THR A 114 13.27 -2.24 12.39
CA THR A 114 13.82 -3.27 13.25
C THR A 114 15.24 -3.68 12.77
N ASN A 115 15.88 -2.77 12.05
CA ASN A 115 17.27 -2.87 11.60
C ASN A 115 17.47 -3.87 10.47
N MET A 116 17.18 -5.12 10.72
CA MET A 116 17.34 -6.16 9.71
C MET A 116 16.41 -5.91 8.51
N PRO A 117 15.09 -5.68 8.71
CA PRO A 117 14.24 -5.26 7.63
C PRO A 117 14.41 -3.75 7.42
N GLY A 118 15.22 -3.40 6.47
CA GLY A 118 15.51 -2.02 6.20
C GLY A 118 16.81 -1.88 5.47
N ILE A 119 17.34 -0.69 5.39
CA ILE A 119 18.60 -0.47 4.71
C ILE A 119 19.69 -0.15 5.72
N SER A 120 19.51 0.97 6.42
CA SER A 120 20.43 1.48 7.41
C SER A 120 21.77 1.90 6.75
N SER A 121 22.68 0.96 6.62
CA SER A 121 23.99 1.15 6.04
C SER A 121 24.76 -0.16 6.21
N THR A 122 26.02 -0.17 5.88
CA THR A 122 26.84 -1.33 6.02
C THR A 122 28.32 -0.94 6.06
N ASP A 123 29.03 -1.51 7.02
CA ASP A 123 30.50 -1.38 7.23
C ASP A 123 30.95 0.03 7.67
N ARG A 124 30.37 1.05 7.12
CA ARG A 124 30.72 2.40 7.48
C ARG A 124 29.47 3.18 7.88
N ALA B 1 9.61 0.96 -43.97
CA ALA B 1 9.22 2.13 -43.21
C ALA B 1 10.02 2.18 -41.91
N ILE B 2 9.92 3.28 -41.21
CA ILE B 2 10.59 3.43 -39.94
C ILE B 2 9.55 3.40 -38.85
N ALA B 3 9.78 2.59 -37.86
CA ALA B 3 8.88 2.49 -36.73
C ALA B 3 9.23 3.56 -35.72
N PRO B 4 8.21 4.20 -35.08
CA PRO B 4 8.44 5.21 -34.03
C PRO B 4 9.37 4.68 -32.96
N CYS B 5 10.51 5.29 -32.84
CA CYS B 5 11.51 4.84 -31.94
C CYS B 5 11.23 5.36 -30.53
N MET B 6 10.61 4.52 -29.74
CA MET B 6 10.28 4.87 -28.38
C MET B 6 11.33 4.33 -27.44
N GLN B 7 12.18 5.19 -26.99
CA GLN B 7 13.24 4.84 -26.08
C GLN B 7 12.85 5.29 -24.68
N THR B 8 11.94 6.23 -24.61
CA THR B 8 11.46 6.76 -23.38
C THR B 8 10.53 5.77 -22.66
N THR B 9 11.04 5.21 -21.60
CA THR B 9 10.32 4.29 -20.79
C THR B 9 10.92 4.32 -19.38
N HIS B 10 10.43 3.51 -18.50
CA HIS B 10 10.90 3.45 -17.14
C HIS B 10 10.82 2.03 -16.61
N SER B 11 11.82 1.61 -15.91
CA SER B 11 11.88 0.30 -15.36
C SER B 11 11.65 0.34 -13.86
N LYS B 12 11.22 -0.77 -13.30
CA LYS B 12 11.01 -0.86 -11.87
C LYS B 12 11.49 -2.20 -11.32
N MET B 13 12.76 -2.22 -10.96
CA MET B 13 13.43 -3.39 -10.39
C MET B 13 14.85 -3.02 -10.03
N THR B 14 15.39 -3.68 -9.04
CA THR B 14 16.74 -3.44 -8.61
C THR B 14 17.61 -4.67 -8.92
N ALA B 15 17.37 -5.72 -8.17
CA ALA B 15 18.06 -7.00 -8.28
C ALA B 15 17.35 -7.95 -7.35
N GLY B 16 17.04 -7.45 -6.18
CA GLY B 16 16.34 -8.20 -5.19
C GLY B 16 15.50 -7.28 -4.34
N ALA B 17 14.22 -7.35 -4.50
CA ALA B 17 13.31 -6.53 -3.74
C ALA B 17 12.69 -7.36 -2.63
N TYR B 18 13.10 -7.09 -1.42
CA TYR B 18 12.64 -7.87 -0.29
C TYR B 18 12.20 -7.02 0.90
N THR B 19 12.57 -5.76 0.91
CA THR B 19 12.22 -4.92 2.02
C THR B 19 10.86 -4.22 1.88
N GLU B 20 9.83 -5.01 1.99
CA GLU B 20 8.46 -4.55 2.09
C GLU B 20 8.22 -4.50 3.58
N GLY B 21 8.60 -5.58 4.21
CA GLY B 21 8.50 -5.74 5.61
C GLY B 21 8.61 -7.19 5.90
N PRO B 22 7.72 -7.76 6.69
CA PRO B 22 7.67 -9.21 6.93
C PRO B 22 7.55 -10.11 5.65
N PRO B 23 6.79 -9.70 4.54
CA PRO B 23 6.69 -10.52 3.32
C PRO B 23 8.04 -10.90 2.72
N GLN B 24 8.01 -11.95 1.92
CA GLN B 24 9.19 -12.49 1.29
C GLN B 24 9.41 -11.80 -0.06
N PRO B 25 10.58 -11.98 -0.69
CA PRO B 25 10.82 -11.42 -1.99
C PRO B 25 10.15 -12.24 -3.11
N LEU B 26 9.95 -11.60 -4.24
CA LEU B 26 9.41 -12.24 -5.41
C LEU B 26 10.03 -11.63 -6.64
N SER B 27 9.94 -12.30 -7.73
CA SER B 27 10.62 -11.93 -8.94
C SER B 27 10.18 -10.60 -9.57
N ALA B 28 11.18 -9.90 -10.11
CA ALA B 28 11.00 -8.66 -10.86
C ALA B 28 10.02 -8.80 -12.03
N GLU B 29 10.03 -9.96 -12.66
CA GLU B 29 9.08 -10.24 -13.71
C GLU B 29 7.70 -10.47 -13.21
N GLU B 30 7.57 -10.96 -12.00
CA GLU B 30 6.27 -11.06 -11.39
C GLU B 30 5.78 -9.66 -11.10
N LYS B 31 6.73 -8.78 -10.75
CA LYS B 31 6.45 -7.39 -10.49
C LYS B 31 5.88 -6.75 -11.72
N LYS B 32 6.55 -6.98 -12.90
CA LYS B 32 6.05 -6.43 -14.14
C LYS B 32 4.61 -6.82 -14.42
N GLU B 33 4.32 -8.11 -14.29
CA GLU B 33 3.02 -8.61 -14.73
C GLU B 33 1.89 -8.16 -13.85
N ILE B 34 2.11 -8.20 -12.54
CA ILE B 34 1.08 -7.77 -11.61
C ILE B 34 0.86 -6.28 -11.70
N ASP B 35 1.95 -5.55 -11.94
CA ASP B 35 1.91 -4.11 -12.04
C ASP B 35 1.15 -3.69 -13.29
N LYS B 36 1.41 -4.39 -14.39
CA LYS B 36 0.80 -4.12 -15.71
C LYS B 36 -0.71 -4.32 -15.72
N ARG B 37 -1.24 -4.94 -14.72
CA ARG B 37 -2.64 -5.22 -14.66
C ARG B 37 -3.26 -4.54 -13.43
N SER B 38 -2.56 -3.53 -12.93
CA SER B 38 -3.02 -2.75 -11.80
C SER B 38 -3.69 -1.43 -12.26
N VAL B 39 -4.49 -0.86 -11.38
CA VAL B 39 -5.20 0.38 -11.63
C VAL B 39 -4.94 1.34 -10.45
N TYR B 40 -5.05 2.61 -10.71
CA TYR B 40 -4.93 3.68 -9.74
C TYR B 40 -6.30 4.26 -9.53
N VAL B 41 -6.73 4.30 -8.32
CA VAL B 41 -7.99 4.85 -7.96
C VAL B 41 -7.75 6.10 -7.12
N GLY B 42 -8.18 7.22 -7.60
CA GLY B 42 -8.01 8.43 -6.84
C GLY B 42 -9.33 9.10 -6.51
N ASN B 43 -9.22 10.16 -5.69
CA ASN B 43 -10.36 10.99 -5.21
C ASN B 43 -11.28 10.21 -4.23
N VAL B 44 -10.76 9.17 -3.62
CA VAL B 44 -11.52 8.44 -2.63
C VAL B 44 -11.19 8.97 -1.23
N ASP B 45 -12.21 9.30 -0.48
CA ASP B 45 -12.06 9.76 0.90
C ASP B 45 -12.71 8.79 1.80
N TYR B 46 -12.46 8.90 3.11
CA TYR B 46 -13.15 8.07 4.08
C TYR B 46 -14.64 8.15 3.86
N GLY B 47 -15.21 7.00 3.77
CA GLY B 47 -16.57 6.85 3.43
C GLY B 47 -16.68 5.63 2.60
N SER B 48 -15.74 5.47 1.70
CA SER B 48 -15.66 4.30 0.90
C SER B 48 -14.66 3.34 1.57
N THR B 49 -14.97 2.06 1.58
CA THR B 49 -14.09 1.09 2.19
C THR B 49 -13.45 0.20 1.14
N ALA B 50 -12.58 -0.71 1.56
CA ALA B 50 -11.91 -1.60 0.64
C ALA B 50 -12.92 -2.57 0.03
N GLN B 51 -13.86 -3.02 0.84
CA GLN B 51 -14.96 -3.86 0.39
C GLN B 51 -15.75 -3.15 -0.73
N ASP B 52 -16.04 -1.85 -0.55
CA ASP B 52 -16.71 -1.02 -1.60
C ASP B 52 -15.89 -1.07 -2.86
N LEU B 53 -14.59 -0.91 -2.69
CA LEU B 53 -13.64 -0.94 -3.78
C LEU B 53 -13.66 -2.26 -4.52
N GLU B 54 -13.61 -3.39 -3.79
CA GLU B 54 -13.64 -4.69 -4.43
C GLU B 54 -14.88 -4.88 -5.26
N ALA B 55 -16.03 -4.62 -4.68
CA ALA B 55 -17.30 -4.86 -5.37
C ALA B 55 -17.38 -4.09 -6.68
N HIS B 56 -17.05 -2.84 -6.60
CA HIS B 56 -17.15 -1.95 -7.73
C HIS B 56 -16.14 -2.35 -8.81
N PHE B 57 -14.95 -2.71 -8.42
CA PHE B 57 -13.91 -3.10 -9.35
C PHE B 57 -14.01 -4.53 -9.84
N SER B 58 -14.65 -5.36 -9.07
CA SER B 58 -14.82 -6.77 -9.42
C SER B 58 -15.76 -6.91 -10.57
N SER B 59 -16.63 -5.92 -10.75
CA SER B 59 -17.48 -5.87 -11.92
C SER B 59 -16.60 -5.84 -13.21
N CYS B 60 -15.40 -5.28 -13.09
CA CYS B 60 -14.47 -5.18 -14.20
C CYS B 60 -13.48 -6.37 -14.27
N GLY B 61 -13.66 -7.40 -13.44
CA GLY B 61 -12.74 -8.53 -13.49
C GLY B 61 -12.42 -9.14 -12.14
N SER B 62 -11.30 -9.83 -12.05
CA SER B 62 -10.90 -10.49 -10.82
C SER B 62 -9.75 -9.75 -10.14
N ILE B 63 -9.95 -9.41 -8.90
CA ILE B 63 -8.97 -8.65 -8.13
C ILE B 63 -7.99 -9.57 -7.37
N ASN B 64 -6.70 -9.32 -7.56
CA ASN B 64 -5.65 -10.03 -6.82
C ASN B 64 -5.32 -9.32 -5.55
N ARG B 65 -5.21 -8.03 -5.65
CA ARG B 65 -4.81 -7.22 -4.51
C ARG B 65 -5.40 -5.86 -4.62
N ILE B 66 -5.43 -5.17 -3.51
CA ILE B 66 -5.82 -3.77 -3.48
C ILE B 66 -5.02 -3.12 -2.39
N THR B 67 -4.59 -1.94 -2.66
CA THR B 67 -3.84 -1.17 -1.72
C THR B 67 -4.55 0.13 -1.56
N ILE B 68 -4.85 0.50 -0.36
CA ILE B 68 -5.59 1.70 -0.13
C ILE B 68 -4.74 2.52 0.81
N LEU B 69 -4.30 3.64 0.38
CA LEU B 69 -3.50 4.48 1.23
C LEU B 69 -4.14 5.82 1.43
N CYS B 70 -4.26 6.21 2.66
CA CYS B 70 -4.90 7.44 3.00
C CYS B 70 -3.89 8.38 3.64
N ASP B 71 -3.81 9.59 3.15
CA ASP B 71 -2.86 10.53 3.67
C ASP B 71 -3.48 11.61 4.45
N LYS B 72 -3.02 11.75 5.68
CA LYS B 72 -3.50 12.74 6.58
C LYS B 72 -2.38 13.68 7.01
N PHE B 73 -1.14 13.52 6.46
CA PHE B 73 -0.03 14.39 6.93
C PHE B 73 -0.25 15.82 6.46
N SER B 74 -1.03 15.96 5.42
CA SER B 74 -1.38 17.25 4.87
C SER B 74 -2.65 17.79 5.58
N GLY B 75 -2.99 17.18 6.71
CA GLY B 75 -4.11 17.63 7.49
C GLY B 75 -5.39 16.93 7.11
N HIS B 76 -5.79 17.09 5.88
CA HIS B 76 -7.03 16.49 5.42
C HIS B 76 -6.77 15.07 4.94
N PRO B 77 -7.57 14.10 5.43
CA PRO B 77 -7.41 12.72 5.04
C PRO B 77 -7.88 12.50 3.63
N LYS B 78 -6.97 12.11 2.79
CA LYS B 78 -7.26 11.84 1.40
C LYS B 78 -6.95 10.41 1.16
N GLY B 79 -7.50 9.85 0.13
CA GLY B 79 -7.18 8.51 -0.15
C GLY B 79 -6.98 8.25 -1.61
N TYR B 80 -6.19 7.27 -1.88
CA TYR B 80 -5.97 6.76 -3.18
C TYR B 80 -5.66 5.31 -3.07
N ALA B 81 -6.10 4.55 -4.01
CA ALA B 81 -6.00 3.14 -3.92
C ALA B 81 -5.53 2.56 -5.22
N TYR B 82 -4.91 1.44 -5.16
CA TYR B 82 -4.48 0.75 -6.34
C TYR B 82 -5.08 -0.63 -6.34
N ILE B 83 -5.78 -0.95 -7.39
CA ILE B 83 -6.42 -2.24 -7.50
C ILE B 83 -5.59 -3.07 -8.46
N GLU B 84 -5.09 -4.18 -8.00
CA GLU B 84 -4.31 -5.05 -8.84
C GLU B 84 -5.18 -6.21 -9.28
N PHE B 85 -5.38 -6.33 -10.57
CA PHE B 85 -6.23 -7.37 -11.11
C PHE B 85 -5.46 -8.60 -11.49
N ALA B 86 -6.18 -9.71 -11.59
CA ALA B 86 -5.63 -10.96 -12.02
C ALA B 86 -5.18 -10.95 -13.46
N GLU B 87 -6.00 -10.36 -14.33
CA GLU B 87 -5.68 -10.35 -15.75
C GLU B 87 -5.70 -8.96 -16.37
N ARG B 88 -5.04 -8.84 -17.51
CA ARG B 88 -4.93 -7.60 -18.29
C ARG B 88 -6.27 -7.11 -18.82
N ASN B 89 -7.21 -8.01 -18.98
CA ASN B 89 -8.54 -7.63 -19.48
C ASN B 89 -9.19 -6.72 -18.46
N SER B 90 -8.97 -7.03 -17.20
CA SER B 90 -9.63 -6.37 -16.11
C SER B 90 -9.16 -4.93 -15.95
N VAL B 91 -7.86 -4.70 -16.14
CA VAL B 91 -7.35 -3.34 -16.03
C VAL B 91 -7.94 -2.48 -17.13
N ASP B 92 -8.04 -3.06 -18.33
CA ASP B 92 -8.60 -2.38 -19.50
C ASP B 92 -10.07 -2.04 -19.27
N ALA B 93 -10.77 -2.91 -18.56
CA ALA B 93 -12.17 -2.72 -18.23
C ALA B 93 -12.34 -1.63 -17.15
N ALA B 94 -11.43 -1.58 -16.19
CA ALA B 94 -11.56 -0.64 -15.09
C ALA B 94 -11.20 0.77 -15.53
N VAL B 95 -10.18 0.89 -16.38
CA VAL B 95 -9.77 2.19 -16.92
C VAL B 95 -10.89 2.89 -17.72
N ALA B 96 -11.85 2.11 -18.21
CA ALA B 96 -13.01 2.63 -18.93
C ALA B 96 -13.92 3.42 -17.96
N MET B 97 -13.63 3.33 -16.69
CA MET B 97 -14.35 4.05 -15.65
C MET B 97 -13.64 5.33 -15.22
N ASP B 98 -12.53 5.69 -15.88
CA ASP B 98 -11.70 6.85 -15.46
C ASP B 98 -12.45 8.13 -15.08
N GLU B 99 -13.52 8.49 -15.76
CA GLU B 99 -14.28 9.68 -15.37
C GLU B 99 -15.73 9.32 -14.93
N THR B 100 -15.93 8.12 -14.44
CA THR B 100 -17.27 7.72 -13.99
C THR B 100 -17.55 8.19 -12.56
N VAL B 101 -18.74 7.93 -12.08
CA VAL B 101 -19.12 8.35 -10.75
C VAL B 101 -19.02 7.14 -9.79
N PHE B 102 -18.65 7.42 -8.57
CA PHE B 102 -18.55 6.43 -7.53
C PHE B 102 -18.99 7.08 -6.22
N ARG B 103 -19.99 6.51 -5.59
CA ARG B 103 -20.54 6.96 -4.29
C ARG B 103 -20.87 8.49 -4.30
N GLY B 104 -21.29 8.95 -5.45
CA GLY B 104 -21.75 10.33 -5.58
C GLY B 104 -20.66 11.30 -5.99
N ARG B 105 -19.47 10.82 -6.21
CA ARG B 105 -18.38 11.69 -6.65
C ARG B 105 -17.75 11.12 -7.89
N THR B 106 -17.09 11.95 -8.65
CA THR B 106 -16.43 11.48 -9.84
C THR B 106 -15.02 11.05 -9.45
N ILE B 107 -14.70 9.80 -9.67
CA ILE B 107 -13.37 9.34 -9.31
C ILE B 107 -12.50 9.25 -10.52
N LYS B 108 -11.24 8.99 -10.29
CA LYS B 108 -10.30 8.93 -11.37
C LYS B 108 -9.53 7.65 -11.29
N VAL B 109 -9.51 6.90 -12.36
CA VAL B 109 -8.78 5.66 -12.40
C VAL B 109 -7.82 5.63 -13.57
N LEU B 110 -6.62 5.21 -13.31
CA LEU B 110 -5.57 5.15 -14.31
C LEU B 110 -4.97 3.78 -14.31
N PRO B 111 -4.51 3.30 -15.43
CA PRO B 111 -3.83 2.03 -15.49
C PRO B 111 -2.39 2.16 -15.03
N LYS B 112 -1.98 1.25 -14.20
CA LYS B 112 -0.63 1.19 -13.79
C LYS B 112 -0.02 0.10 -14.61
N ARG B 113 1.12 0.36 -15.21
CA ARG B 113 1.79 -0.64 -16.01
C ARG B 113 3.19 -0.21 -16.37
N THR B 114 3.91 -1.11 -16.96
CA THR B 114 5.23 -0.85 -17.44
C THR B 114 5.24 -1.10 -18.93
N ASN B 115 6.12 -0.48 -19.64
CA ASN B 115 6.20 -0.68 -21.06
C ASN B 115 7.57 -1.19 -21.43
N MET B 116 7.58 -2.33 -22.06
CA MET B 116 8.80 -2.96 -22.52
C MET B 116 8.48 -3.79 -23.78
N PRO B 117 9.04 -3.41 -24.93
CA PRO B 117 8.86 -4.18 -26.16
C PRO B 117 9.63 -5.50 -26.12
N GLY B 118 8.97 -6.53 -25.64
CA GLY B 118 9.58 -7.81 -25.53
C GLY B 118 9.49 -8.34 -24.12
N ILE B 119 9.57 -9.63 -23.97
CA ILE B 119 9.51 -10.26 -22.66
C ILE B 119 10.94 -10.56 -22.20
N SER B 120 11.79 -10.94 -23.18
CA SER B 120 13.20 -11.26 -22.98
C SER B 120 13.39 -12.62 -22.26
N SER B 121 12.35 -13.41 -22.20
CA SER B 121 12.41 -14.69 -21.56
C SER B 121 12.75 -15.75 -22.58
N THR B 122 14.00 -16.13 -22.64
CA THR B 122 14.42 -17.12 -23.58
C THR B 122 14.17 -18.54 -23.07
N ASP B 123 13.00 -19.05 -23.38
CA ASP B 123 12.56 -20.40 -23.01
C ASP B 123 12.75 -21.31 -24.19
N ARG B 124 12.21 -22.51 -24.09
CA ARG B 124 12.27 -23.44 -25.18
C ARG B 124 10.91 -23.65 -25.84
N ALA A 1 -4.57 27.23 33.11
CA ALA A 1 -4.87 28.61 32.73
C ALA A 1 -6.21 28.67 32.02
N ILE A 2 -6.23 28.25 30.78
CA ILE A 2 -7.45 28.27 29.99
C ILE A 2 -8.20 26.98 30.23
N ALA A 3 -9.49 27.09 30.49
CA ALA A 3 -10.34 25.94 30.70
C ALA A 3 -10.43 25.16 29.41
N PRO A 4 -9.97 23.88 29.41
CA PRO A 4 -9.96 23.03 28.21
C PRO A 4 -11.31 23.01 27.50
N CYS A 5 -11.34 23.65 26.37
CA CYS A 5 -12.53 23.71 25.58
C CYS A 5 -12.49 22.60 24.57
N MET A 6 -13.42 21.68 24.67
CA MET A 6 -13.46 20.58 23.74
C MET A 6 -14.01 21.06 22.43
N GLN A 7 -13.13 21.59 21.63
CA GLN A 7 -13.44 22.11 20.33
C GLN A 7 -12.11 22.26 19.61
N THR A 8 -11.78 21.28 18.85
CA THR A 8 -10.59 21.28 18.07
C THR A 8 -11.01 20.93 16.66
N THR A 9 -11.09 21.94 15.83
CA THR A 9 -11.63 21.86 14.50
C THR A 9 -10.96 20.80 13.61
N HIS A 10 -11.70 19.73 13.37
CA HIS A 10 -11.32 18.70 12.44
C HIS A 10 -12.22 18.80 11.25
N SER A 11 -11.74 19.39 10.20
CA SER A 11 -12.53 19.59 9.04
C SER A 11 -12.42 18.42 8.08
N LYS A 12 -13.53 17.78 7.81
CA LYS A 12 -13.55 16.71 6.84
C LYS A 12 -13.58 17.31 5.46
N MET A 13 -12.46 17.80 5.03
CA MET A 13 -12.36 18.40 3.75
C MET A 13 -11.36 17.64 2.92
N THR A 14 -11.84 16.61 2.34
CA THR A 14 -11.08 15.81 1.46
C THR A 14 -11.77 15.82 0.12
N ALA A 15 -11.13 16.42 -0.86
CA ALA A 15 -11.67 16.43 -2.20
C ALA A 15 -11.45 15.06 -2.80
N GLY A 16 -10.46 14.39 -2.28
CA GLY A 16 -10.15 13.08 -2.69
C GLY A 16 -8.70 12.97 -3.01
N ALA A 17 -8.42 12.88 -4.28
CA ALA A 17 -7.10 12.77 -4.87
C ALA A 17 -7.30 12.36 -6.29
N TYR A 18 -7.73 13.31 -7.10
CA TYR A 18 -8.15 13.04 -8.46
C TYR A 18 -7.02 12.40 -9.25
N THR A 19 -6.00 13.16 -9.55
CA THR A 19 -4.88 12.59 -10.22
C THR A 19 -3.55 12.94 -9.54
N GLU A 20 -3.24 12.21 -8.50
CA GLU A 20 -1.99 12.34 -7.80
C GLU A 20 -1.06 11.33 -8.39
N GLY A 21 -1.66 10.26 -8.86
CA GLY A 21 -0.94 9.16 -9.32
C GLY A 21 -0.46 8.37 -8.16
N PRO A 22 0.20 7.28 -8.40
CA PRO A 22 0.83 6.49 -7.35
C PRO A 22 1.68 7.29 -6.28
N PRO A 23 2.44 8.33 -6.63
CA PRO A 23 3.30 8.95 -5.69
C PRO A 23 2.77 10.14 -4.94
N GLN A 24 3.54 10.47 -3.95
CA GLN A 24 3.29 11.57 -3.10
C GLN A 24 4.60 12.35 -3.10
N PRO A 25 4.59 13.67 -3.00
CA PRO A 25 5.82 14.45 -3.08
C PRO A 25 6.64 14.48 -1.78
N LEU A 26 7.71 13.68 -1.72
CA LEU A 26 8.61 13.66 -0.57
C LEU A 26 10.01 13.41 -1.04
N SER A 27 10.99 14.00 -0.39
CA SER A 27 12.35 13.70 -0.69
C SER A 27 12.73 12.38 -0.01
N ALA A 28 13.80 11.77 -0.49
CA ALA A 28 14.34 10.54 0.06
C ALA A 28 14.50 10.62 1.58
N GLU A 29 14.98 11.74 2.08
CA GLU A 29 15.15 11.88 3.51
C GLU A 29 13.82 11.91 4.26
N GLU A 30 12.79 12.52 3.65
CA GLU A 30 11.46 12.43 4.21
C GLU A 30 11.05 11.00 4.33
N LYS A 31 11.46 10.16 3.35
CA LYS A 31 11.11 8.77 3.39
C LYS A 31 11.76 8.07 4.55
N LYS A 32 13.03 8.37 4.86
CA LYS A 32 13.68 7.71 6.00
C LYS A 32 13.03 8.12 7.32
N GLU A 33 12.65 9.37 7.44
CA GLU A 33 12.05 9.86 8.67
C GLU A 33 10.68 9.21 8.93
N ILE A 34 9.88 9.15 7.90
CA ILE A 34 8.55 8.58 8.01
C ILE A 34 8.63 7.05 8.17
N ASP A 35 9.63 6.46 7.53
CA ASP A 35 9.88 5.01 7.55
C ASP A 35 10.24 4.59 8.97
N LYS A 36 11.02 5.44 9.65
CA LYS A 36 11.41 5.26 11.06
C LYS A 36 10.19 5.16 11.94
N ARG A 37 9.16 5.83 11.52
CA ARG A 37 7.95 5.94 12.26
C ARG A 37 6.86 5.05 11.68
N SER A 38 7.24 4.09 10.90
CA SER A 38 6.29 3.17 10.31
C SER A 38 6.18 1.89 11.15
N VAL A 39 5.00 1.34 11.18
CA VAL A 39 4.75 0.10 11.87
C VAL A 39 4.07 -0.85 10.94
N TYR A 40 4.12 -2.10 11.27
CA TYR A 40 3.49 -3.13 10.51
C TYR A 40 2.33 -3.65 11.29
N VAL A 41 1.19 -3.66 10.68
CA VAL A 41 0.00 -4.20 11.27
C VAL A 41 -0.42 -5.42 10.44
N GLY A 42 -0.31 -6.58 11.01
CA GLY A 42 -0.67 -7.77 10.28
C GLY A 42 -1.87 -8.47 10.85
N ASN A 43 -2.34 -9.48 10.11
CA ASN A 43 -3.55 -10.31 10.44
C ASN A 43 -4.80 -9.41 10.56
N VAL A 44 -4.71 -8.27 9.90
CA VAL A 44 -5.77 -7.27 9.89
C VAL A 44 -6.74 -7.51 8.70
N ASP A 45 -6.53 -8.64 8.08
CA ASP A 45 -7.26 -9.19 6.90
C ASP A 45 -8.75 -8.92 6.94
N TYR A 46 -9.21 -8.00 6.07
CA TYR A 46 -10.60 -7.59 5.92
C TYR A 46 -11.38 -7.21 7.20
N GLY A 47 -12.49 -6.53 7.00
CA GLY A 47 -13.31 -6.06 8.11
C GLY A 47 -12.75 -4.78 8.69
N SER A 48 -11.46 -4.71 8.74
CA SER A 48 -10.73 -3.60 9.22
C SER A 48 -10.72 -2.47 8.19
N THR A 49 -11.28 -1.33 8.56
CA THR A 49 -11.37 -0.20 7.66
C THR A 49 -10.27 0.80 8.00
N ALA A 50 -9.98 1.73 7.09
CA ALA A 50 -8.87 2.66 7.27
C ALA A 50 -9.11 3.61 8.45
N GLN A 51 -10.28 4.25 8.46
CA GLN A 51 -10.64 5.19 9.55
C GLN A 51 -10.58 4.49 10.93
N ASP A 52 -11.02 3.24 10.98
CA ASP A 52 -11.05 2.46 12.23
C ASP A 52 -9.64 2.12 12.66
N LEU A 53 -8.80 1.83 11.69
CA LEU A 53 -7.40 1.52 11.93
C LEU A 53 -6.66 2.73 12.42
N GLU A 54 -6.86 3.84 11.73
CA GLU A 54 -6.22 5.09 12.06
C GLU A 54 -6.65 5.54 13.45
N ALA A 55 -7.94 5.52 13.73
CA ALA A 55 -8.45 5.89 15.06
C ALA A 55 -7.83 5.00 16.14
N HIS A 56 -7.73 3.72 15.84
CA HIS A 56 -7.25 2.75 16.81
C HIS A 56 -5.78 3.01 17.15
N PHE A 57 -5.01 3.36 16.15
CA PHE A 57 -3.61 3.70 16.33
C PHE A 57 -3.40 5.11 16.80
N SER A 58 -4.38 5.95 16.56
CA SER A 58 -4.31 7.36 16.88
C SER A 58 -4.36 7.52 18.38
N SER A 59 -4.93 6.54 19.06
CA SER A 59 -4.91 6.53 20.50
C SER A 59 -3.45 6.46 21.00
N CYS A 60 -2.60 5.82 20.20
CA CYS A 60 -1.20 5.62 20.51
C CYS A 60 -0.29 6.70 19.87
N GLY A 61 -0.87 7.77 19.33
CA GLY A 61 -0.02 8.78 18.70
C GLY A 61 -0.66 9.56 17.57
N SER A 62 0.15 10.28 16.83
CA SER A 62 -0.31 11.14 15.75
C SER A 62 -0.02 10.47 14.40
N ILE A 63 -1.04 10.11 13.67
CA ILE A 63 -0.83 9.40 12.41
C ILE A 63 -0.71 10.36 11.22
N ASN A 64 0.33 10.12 10.40
CA ASN A 64 0.55 10.88 9.17
C ASN A 64 -0.03 10.18 7.97
N ARG A 65 0.12 8.88 7.89
CA ARG A 65 -0.36 8.11 6.73
C ARG A 65 -0.61 6.69 7.12
N ILE A 66 -1.39 6.00 6.31
CA ILE A 66 -1.62 4.58 6.50
C ILE A 66 -1.80 3.94 5.13
N THR A 67 -1.27 2.78 4.97
CA THR A 67 -1.35 2.03 3.74
C THR A 67 -1.91 0.68 4.10
N ILE A 68 -2.94 0.24 3.41
CA ILE A 68 -3.54 -1.04 3.73
C ILE A 68 -3.54 -1.85 2.47
N LEU A 69 -2.93 -2.99 2.49
CA LEU A 69 -2.91 -3.85 1.33
C LEU A 69 -3.52 -5.19 1.60
N CYS A 70 -4.35 -5.63 0.71
CA CYS A 70 -4.97 -6.92 0.81
C CYS A 70 -4.53 -7.76 -0.39
N ASP A 71 -3.93 -8.91 -0.15
CA ASP A 71 -3.47 -9.72 -1.24
C ASP A 71 -4.23 -11.03 -1.35
N LYS A 72 -4.73 -11.31 -2.53
CA LYS A 72 -5.40 -12.56 -2.83
C LYS A 72 -4.46 -13.56 -3.46
N PHE A 73 -3.17 -13.20 -3.57
CA PHE A 73 -2.16 -14.18 -4.01
C PHE A 73 -1.99 -15.36 -3.03
N SER A 74 -2.64 -15.29 -1.90
CA SER A 74 -2.62 -16.35 -0.93
C SER A 74 -3.88 -17.25 -1.14
N GLY A 75 -4.70 -16.89 -2.13
CA GLY A 75 -5.96 -17.58 -2.38
C GLY A 75 -7.04 -16.94 -1.57
N HIS A 76 -6.73 -16.76 -0.33
CA HIS A 76 -7.55 -16.05 0.60
C HIS A 76 -7.00 -14.66 0.67
N PRO A 77 -7.81 -13.64 0.88
CA PRO A 77 -7.31 -12.28 0.93
C PRO A 77 -6.60 -12.04 2.24
N LYS A 78 -5.32 -11.74 2.17
CA LYS A 78 -4.61 -11.40 3.37
C LYS A 78 -4.55 -9.92 3.50
N GLY A 79 -4.52 -9.46 4.69
CA GLY A 79 -4.47 -8.06 4.92
C GLY A 79 -3.37 -7.68 5.85
N TYR A 80 -2.67 -6.66 5.47
CA TYR A 80 -1.64 -6.05 6.26
C TYR A 80 -1.51 -4.59 5.94
N ALA A 81 -1.20 -3.82 6.95
CA ALA A 81 -1.21 -2.40 6.82
C ALA A 81 -0.02 -1.79 7.50
N TYR A 82 0.38 -0.64 7.05
CA TYR A 82 1.48 0.07 7.63
C TYR A 82 0.97 1.40 8.13
N ILE A 83 1.19 1.69 9.39
CA ILE A 83 0.72 2.94 9.97
C ILE A 83 1.96 3.82 10.22
N GLU A 84 1.94 5.04 9.74
CA GLU A 84 3.07 5.96 9.93
C GLU A 84 2.72 7.08 10.91
N PHE A 85 3.47 7.18 11.98
CA PHE A 85 3.21 8.18 13.03
C PHE A 85 4.13 9.40 12.87
N ALA A 86 3.76 10.50 13.53
CA ALA A 86 4.55 11.72 13.55
C ALA A 86 5.73 11.62 14.49
N GLU A 87 5.52 10.96 15.60
CA GLU A 87 6.57 10.78 16.56
C GLU A 87 6.98 9.33 16.70
N ARG A 88 8.30 9.10 16.81
CA ARG A 88 8.89 7.76 16.97
C ARG A 88 8.34 7.07 18.19
N ASN A 89 8.07 7.84 19.21
CA ASN A 89 7.56 7.30 20.45
C ASN A 89 6.19 6.73 20.30
N SER A 90 5.47 7.14 19.27
CA SER A 90 4.20 6.59 19.01
C SER A 90 4.31 5.16 18.55
N VAL A 91 5.35 4.84 17.77
CA VAL A 91 5.52 3.48 17.31
C VAL A 91 5.78 2.61 18.52
N ASP A 92 6.61 3.11 19.45
CA ASP A 92 6.92 2.39 20.68
C ASP A 92 5.66 2.15 21.53
N ALA A 93 4.73 3.08 21.44
CA ALA A 93 3.45 2.98 22.13
C ALA A 93 2.53 1.94 21.46
N ALA A 94 2.55 1.93 20.13
CA ALA A 94 1.68 1.04 19.34
C ALA A 94 2.18 -0.39 19.38
N VAL A 95 3.50 -0.56 19.26
CA VAL A 95 4.14 -1.90 19.33
C VAL A 95 3.81 -2.62 20.64
N ALA A 96 3.43 -1.86 21.66
CA ALA A 96 3.05 -2.44 22.93
C ALA A 96 1.74 -3.23 22.82
N MET A 97 1.05 -3.03 21.70
CA MET A 97 -0.19 -3.72 21.41
C MET A 97 0.08 -4.89 20.46
N ASP A 98 1.38 -5.19 20.23
CA ASP A 98 1.83 -6.26 19.29
C ASP A 98 0.96 -7.49 19.27
N GLU A 99 0.59 -7.99 20.42
CA GLU A 99 -0.32 -9.08 20.46
C GLU A 99 -1.64 -8.65 21.11
N THR A 100 -2.58 -8.31 20.28
CA THR A 100 -3.91 -7.87 20.71
C THR A 100 -4.98 -8.40 19.78
N VAL A 101 -6.22 -8.33 20.20
CA VAL A 101 -7.29 -8.80 19.38
C VAL A 101 -8.05 -7.62 18.77
N PHE A 102 -8.06 -7.59 17.48
CA PHE A 102 -8.69 -6.54 16.73
C PHE A 102 -9.87 -7.14 15.99
N ARG A 103 -11.07 -6.66 16.34
CA ARG A 103 -12.38 -7.11 15.81
C ARG A 103 -12.52 -8.65 15.68
N GLY A 104 -11.86 -9.35 16.59
CA GLY A 104 -11.99 -10.77 16.66
C GLY A 104 -10.75 -11.53 16.21
N ARG A 105 -9.83 -10.84 15.59
CA ARG A 105 -8.60 -11.49 15.12
C ARG A 105 -7.43 -10.97 15.90
N THR A 106 -6.53 -11.84 16.27
CA THR A 106 -5.36 -11.41 16.98
C THR A 106 -4.38 -10.83 15.96
N ILE A 107 -4.03 -9.60 16.12
CA ILE A 107 -3.17 -8.96 15.17
C ILE A 107 -1.77 -8.88 15.69
N LYS A 108 -0.89 -8.48 14.84
CA LYS A 108 0.49 -8.40 15.15
C LYS A 108 1.03 -7.09 14.68
N VAL A 109 1.64 -6.35 15.56
CA VAL A 109 2.21 -5.06 15.21
C VAL A 109 3.65 -4.96 15.66
N LEU A 110 4.49 -4.53 14.78
CA LEU A 110 5.88 -4.30 15.12
C LEU A 110 6.39 -3.15 14.28
N PRO A 111 7.48 -2.47 14.67
CA PRO A 111 7.94 -1.31 13.93
C PRO A 111 8.64 -1.73 12.65
N LYS A 112 8.25 -1.14 11.55
CA LYS A 112 8.86 -1.47 10.31
C LYS A 112 10.09 -0.60 10.24
N ARG A 113 11.22 -1.23 10.35
CA ARG A 113 12.45 -0.56 10.67
C ARG A 113 13.24 -0.15 9.44
N THR A 114 13.72 1.07 9.48
CA THR A 114 14.49 1.65 8.42
C THR A 114 15.87 0.99 8.34
N ASN A 115 16.40 0.91 7.15
CA ASN A 115 17.71 0.35 6.93
C ASN A 115 18.36 1.07 5.78
N MET A 116 19.56 1.54 5.97
CA MET A 116 20.30 2.21 4.93
C MET A 116 21.29 1.22 4.30
N PRO A 117 20.97 0.69 3.10
CA PRO A 117 21.83 -0.27 2.42
C PRO A 117 23.02 0.40 1.75
N GLY A 118 22.92 1.70 1.59
CA GLY A 118 23.95 2.47 0.96
C GLY A 118 23.40 3.15 -0.24
N ILE A 119 23.92 2.82 -1.39
CA ILE A 119 23.46 3.38 -2.63
C ILE A 119 22.53 2.39 -3.36
N SER A 120 21.26 2.69 -3.33
CA SER A 120 20.26 1.84 -3.92
C SER A 120 19.46 2.59 -4.98
N SER A 121 19.89 3.83 -5.24
CA SER A 121 19.19 4.76 -6.13
C SER A 121 17.79 5.12 -5.58
N THR A 122 17.65 6.34 -5.14
CA THR A 122 16.39 6.81 -4.57
C THR A 122 15.30 6.79 -5.64
N ASP A 123 15.62 7.33 -6.76
CA ASP A 123 14.77 7.44 -7.91
C ASP A 123 15.65 7.71 -9.08
N ARG A 124 15.31 7.23 -10.24
CA ARG A 124 16.16 7.46 -11.38
C ARG A 124 15.30 7.85 -12.57
N ALA B 1 16.48 10.77 -21.80
CA ALA B 1 15.38 9.84 -21.66
C ALA B 1 15.92 8.42 -21.80
N ILE B 2 15.05 7.44 -21.65
CA ILE B 2 15.43 6.05 -21.77
C ILE B 2 15.68 5.67 -23.22
N ALA B 3 16.74 4.95 -23.46
CA ALA B 3 17.09 4.51 -24.79
C ALA B 3 16.96 3.00 -24.88
N PRO B 4 16.52 2.46 -26.04
CA PRO B 4 16.39 1.02 -26.24
C PRO B 4 17.76 0.34 -26.18
N CYS B 5 18.02 -0.34 -25.09
CA CYS B 5 19.27 -1.02 -24.86
C CYS B 5 19.01 -2.25 -24.00
N MET B 6 20.03 -3.03 -23.74
CA MET B 6 19.88 -4.22 -22.93
C MET B 6 20.18 -3.91 -21.47
N GLN B 7 19.59 -4.65 -20.60
CA GLN B 7 19.79 -4.49 -19.19
C GLN B 7 21.05 -5.22 -18.76
N THR B 8 21.84 -4.58 -17.95
CA THR B 8 23.03 -5.17 -17.44
C THR B 8 22.73 -5.80 -16.07
N THR B 9 23.32 -6.92 -15.81
CA THR B 9 23.11 -7.65 -14.59
C THR B 9 23.73 -6.89 -13.41
N HIS B 10 22.89 -6.20 -12.66
CA HIS B 10 23.36 -5.45 -11.50
C HIS B 10 22.43 -5.65 -10.32
N SER B 11 21.12 -5.66 -10.60
CA SER B 11 20.05 -5.81 -9.60
C SER B 11 19.99 -4.61 -8.62
N LYS B 12 18.79 -4.23 -8.24
CA LYS B 12 18.62 -3.16 -7.29
C LYS B 12 18.94 -3.70 -5.90
N MET B 13 20.04 -3.29 -5.36
CA MET B 13 20.46 -3.74 -4.06
C MET B 13 19.75 -2.91 -3.01
N THR B 14 18.79 -3.50 -2.35
CA THR B 14 18.02 -2.82 -1.36
C THR B 14 17.76 -3.78 -0.19
N ALA B 15 16.95 -3.37 0.76
CA ALA B 15 16.69 -4.16 1.94
C ALA B 15 15.21 -4.32 2.19
N GLY B 16 14.87 -5.21 3.12
CA GLY B 16 13.48 -5.52 3.46
C GLY B 16 12.66 -4.32 3.89
N ALA B 17 13.34 -3.30 4.41
CA ALA B 17 12.71 -2.05 4.86
C ALA B 17 11.85 -1.40 3.78
N TYR B 18 12.33 -1.40 2.56
CA TYR B 18 11.61 -0.77 1.46
C TYR B 18 10.50 -1.68 0.95
N THR B 19 10.77 -2.94 0.96
CA THR B 19 9.84 -3.93 0.53
C THR B 19 8.71 -4.25 1.57
N GLU B 20 7.93 -5.28 1.24
CA GLU B 20 6.68 -5.73 1.91
C GLU B 20 6.81 -6.15 3.45
N GLY B 21 7.90 -5.77 4.11
CA GLY B 21 8.08 -6.06 5.54
C GLY B 21 8.30 -7.53 5.87
N PRO B 22 7.49 -8.08 6.81
CA PRO B 22 7.59 -9.49 7.24
C PRO B 22 7.54 -10.52 6.08
N PRO B 23 6.52 -10.49 5.15
CA PRO B 23 6.57 -11.34 3.99
C PRO B 23 7.66 -10.84 3.07
N GLN B 24 8.36 -11.74 2.47
CA GLN B 24 9.41 -11.35 1.60
C GLN B 24 8.84 -11.04 0.25
N PRO B 25 9.43 -10.08 -0.44
CA PRO B 25 8.96 -9.67 -1.73
C PRO B 25 8.99 -10.79 -2.73
N LEU B 26 7.88 -10.97 -3.42
CA LEU B 26 7.80 -11.96 -4.45
C LEU B 26 8.66 -11.56 -5.66
N SER B 27 8.69 -12.39 -6.67
CA SER B 27 9.60 -12.20 -7.78
C SER B 27 9.42 -10.86 -8.49
N ALA B 28 10.54 -10.32 -8.94
CA ALA B 28 10.57 -9.11 -9.73
C ALA B 28 9.71 -9.26 -10.99
N GLU B 29 9.84 -10.39 -11.66
CA GLU B 29 9.04 -10.68 -12.86
C GLU B 29 7.54 -10.69 -12.53
N GLU B 30 7.18 -11.36 -11.42
CA GLU B 30 5.79 -11.33 -10.93
C GLU B 30 5.33 -9.91 -10.71
N LYS B 31 6.25 -9.07 -10.27
CA LYS B 31 5.96 -7.70 -9.99
C LYS B 31 5.70 -6.90 -11.23
N LYS B 32 6.40 -7.19 -12.33
CA LYS B 32 6.10 -6.51 -13.57
C LYS B 32 4.75 -6.94 -14.13
N GLU B 33 4.44 -8.22 -14.01
CA GLU B 33 3.18 -8.77 -14.54
C GLU B 33 1.98 -8.18 -13.80
N ILE B 34 2.07 -8.15 -12.49
CA ILE B 34 0.98 -7.63 -11.65
C ILE B 34 0.86 -6.11 -11.78
N ASP B 35 1.99 -5.46 -11.96
CA ASP B 35 2.05 -4.00 -12.06
C ASP B 35 1.46 -3.59 -13.40
N LYS B 36 1.70 -4.43 -14.37
CA LYS B 36 1.29 -4.24 -15.76
C LYS B 36 -0.25 -4.21 -15.84
N ARG B 37 -0.88 -4.93 -14.96
CA ARG B 37 -2.32 -5.02 -14.94
C ARG B 37 -2.92 -4.42 -13.66
N SER B 38 -2.24 -3.42 -13.15
CA SER B 38 -2.73 -2.67 -12.01
C SER B 38 -3.36 -1.34 -12.48
N VAL B 39 -4.14 -0.71 -11.62
CA VAL B 39 -4.78 0.56 -11.91
C VAL B 39 -4.64 1.52 -10.73
N TYR B 40 -4.88 2.77 -11.00
CA TYR B 40 -4.86 3.82 -10.02
C TYR B 40 -6.26 4.29 -9.79
N VAL B 41 -6.68 4.27 -8.57
CA VAL B 41 -7.97 4.78 -8.21
C VAL B 41 -7.79 5.97 -7.29
N GLY B 42 -8.13 7.13 -7.75
CA GLY B 42 -8.05 8.29 -6.94
C GLY B 42 -9.41 8.76 -6.53
N ASN B 43 -9.44 9.78 -5.66
CA ASN B 43 -10.67 10.40 -5.10
C ASN B 43 -11.28 9.59 -3.94
N VAL B 44 -10.92 8.32 -3.85
CA VAL B 44 -11.46 7.40 -2.84
C VAL B 44 -11.27 7.97 -1.42
N ASP B 45 -12.38 8.20 -0.77
CA ASP B 45 -12.37 8.84 0.52
C ASP B 45 -11.81 7.96 1.62
N TYR B 46 -11.29 8.64 2.59
CA TYR B 46 -10.72 8.13 3.83
C TYR B 46 -11.67 7.11 4.50
N GLY B 47 -12.97 7.33 4.32
CA GLY B 47 -13.96 6.48 4.90
C GLY B 47 -14.40 5.34 4.00
N SER B 48 -13.85 5.23 2.79
CA SER B 48 -14.26 4.15 1.89
C SER B 48 -13.62 2.84 2.36
N THR B 49 -14.33 1.75 2.15
CA THR B 49 -13.90 0.45 2.54
C THR B 49 -13.27 -0.34 1.36
N ALA B 50 -12.44 -1.33 1.70
CA ALA B 50 -11.74 -2.15 0.71
C ALA B 50 -12.67 -3.13 0.00
N GLN B 51 -13.53 -3.87 0.76
CA GLN B 51 -14.42 -4.85 0.10
C GLN B 51 -15.36 -4.20 -0.93
N ASP B 52 -15.77 -2.97 -0.65
CA ASP B 52 -16.64 -2.23 -1.55
C ASP B 52 -15.89 -1.85 -2.82
N LEU B 53 -14.64 -1.47 -2.64
CA LEU B 53 -13.76 -1.14 -3.76
C LEU B 53 -13.49 -2.36 -4.62
N GLU B 54 -13.15 -3.47 -3.98
CA GLU B 54 -12.85 -4.70 -4.67
C GLU B 54 -14.07 -5.18 -5.45
N ALA B 55 -15.22 -5.21 -4.80
CA ALA B 55 -16.46 -5.63 -5.46
C ALA B 55 -16.78 -4.77 -6.68
N HIS B 56 -16.55 -3.48 -6.52
CA HIS B 56 -16.88 -2.50 -7.54
C HIS B 56 -16.02 -2.71 -8.77
N PHE B 57 -14.76 -3.01 -8.56
CA PHE B 57 -13.83 -3.28 -9.64
C PHE B 57 -13.92 -4.71 -10.14
N SER B 58 -14.44 -5.58 -9.29
CA SER B 58 -14.52 -6.99 -9.57
C SER B 58 -15.52 -7.25 -10.68
N SER B 59 -16.46 -6.34 -10.86
CA SER B 59 -17.37 -6.46 -11.96
C SER B 59 -16.62 -6.34 -13.31
N CYS B 60 -15.42 -5.76 -13.29
CA CYS B 60 -14.62 -5.59 -14.48
C CYS B 60 -13.42 -6.58 -14.53
N GLY B 61 -13.48 -7.63 -13.73
CA GLY B 61 -12.40 -8.60 -13.73
C GLY B 61 -12.13 -9.20 -12.37
N SER B 62 -11.21 -10.13 -12.32
CA SER B 62 -10.88 -10.80 -11.10
C SER B 62 -9.71 -10.07 -10.45
N ILE B 63 -9.93 -9.60 -9.26
CA ILE B 63 -8.94 -8.85 -8.55
C ILE B 63 -8.00 -9.75 -7.75
N ASN B 64 -6.72 -9.46 -7.87
CA ASN B 64 -5.67 -10.19 -7.18
C ASN B 64 -5.23 -9.52 -5.91
N ARG B 65 -5.14 -8.21 -5.92
CA ARG B 65 -4.74 -7.46 -4.71
C ARG B 65 -5.24 -6.04 -4.82
N ILE B 66 -5.30 -5.34 -3.70
CA ILE B 66 -5.67 -3.94 -3.69
C ILE B 66 -4.91 -3.27 -2.57
N THR B 67 -4.46 -2.09 -2.83
CA THR B 67 -3.72 -1.32 -1.86
C THR B 67 -4.40 0.02 -1.71
N ILE B 68 -4.72 0.42 -0.50
CA ILE B 68 -5.42 1.66 -0.29
C ILE B 68 -4.59 2.47 0.66
N LEU B 69 -4.19 3.63 0.26
CA LEU B 69 -3.41 4.48 1.13
C LEU B 69 -4.10 5.81 1.36
N CYS B 70 -4.12 6.23 2.59
CA CYS B 70 -4.68 7.51 2.95
C CYS B 70 -3.56 8.37 3.52
N ASP B 71 -3.30 9.54 2.94
CA ASP B 71 -2.20 10.35 3.43
C ASP B 71 -2.68 11.62 4.07
N LYS B 72 -2.22 11.86 5.28
CA LYS B 72 -2.61 13.02 6.05
C LYS B 72 -1.35 13.85 6.42
N PHE B 73 -0.17 13.47 5.90
CA PHE B 73 1.10 14.17 6.28
C PHE B 73 1.10 15.67 5.95
N SER B 74 0.20 16.12 5.09
CA SER B 74 0.11 17.52 4.74
C SER B 74 -0.99 18.23 5.57
N GLY B 75 -1.59 17.50 6.50
CA GLY B 75 -2.66 18.05 7.30
C GLY B 75 -3.98 17.38 6.99
N HIS B 76 -4.40 17.48 5.75
CA HIS B 76 -5.66 16.88 5.34
C HIS B 76 -5.44 15.53 4.70
N PRO B 77 -6.17 14.52 5.15
CA PRO B 77 -6.02 13.16 4.66
C PRO B 77 -6.71 12.91 3.31
N LYS B 78 -5.93 12.40 2.36
CA LYS B 78 -6.40 12.07 1.01
C LYS B 78 -6.44 10.58 0.84
N GLY B 79 -7.12 10.12 -0.19
CA GLY B 79 -7.18 8.71 -0.45
C GLY B 79 -6.94 8.34 -1.89
N TYR B 80 -6.13 7.32 -2.07
CA TYR B 80 -5.85 6.70 -3.35
C TYR B 80 -5.53 5.24 -3.22
N ALA B 81 -5.96 4.47 -4.17
CA ALA B 81 -5.86 3.04 -4.10
C ALA B 81 -5.41 2.47 -5.41
N TYR B 82 -4.80 1.32 -5.37
CA TYR B 82 -4.37 0.65 -6.56
C TYR B 82 -5.02 -0.70 -6.59
N ILE B 83 -5.67 -1.02 -7.66
CA ILE B 83 -6.34 -2.29 -7.79
C ILE B 83 -5.57 -3.12 -8.81
N GLU B 84 -5.20 -4.34 -8.45
CA GLU B 84 -4.45 -5.22 -9.36
C GLU B 84 -5.36 -6.34 -9.86
N PHE B 85 -5.51 -6.43 -11.17
CA PHE B 85 -6.39 -7.42 -11.76
C PHE B 85 -5.62 -8.63 -12.25
N ALA B 86 -6.34 -9.72 -12.46
CA ALA B 86 -5.78 -10.93 -13.00
C ALA B 86 -5.38 -10.77 -14.45
N GLU B 87 -6.16 -10.03 -15.20
CA GLU B 87 -5.87 -9.85 -16.60
C GLU B 87 -5.69 -8.38 -16.96
N ARG B 88 -5.00 -8.17 -18.04
CA ARG B 88 -4.79 -6.86 -18.60
C ARG B 88 -6.08 -6.28 -19.14
N ASN B 89 -6.94 -7.14 -19.70
CA ASN B 89 -8.22 -6.68 -20.26
C ASN B 89 -9.06 -6.05 -19.19
N SER B 90 -8.91 -6.52 -17.96
CA SER B 90 -9.67 -6.03 -16.86
C SER B 90 -9.36 -4.56 -16.60
N VAL B 91 -8.08 -4.15 -16.75
CA VAL B 91 -7.73 -2.77 -16.51
C VAL B 91 -8.38 -1.91 -17.55
N ASP B 92 -8.38 -2.38 -18.80
CA ASP B 92 -8.99 -1.66 -19.89
C ASP B 92 -10.50 -1.49 -19.67
N ALA B 93 -11.09 -2.46 -19.00
CA ALA B 93 -12.50 -2.39 -18.66
C ALA B 93 -12.74 -1.38 -17.54
N ALA B 94 -11.84 -1.36 -16.56
CA ALA B 94 -11.98 -0.48 -15.40
C ALA B 94 -11.66 0.98 -15.77
N VAL B 95 -10.63 1.18 -16.59
CA VAL B 95 -10.24 2.52 -17.06
C VAL B 95 -11.38 3.26 -17.80
N ALA B 96 -12.33 2.50 -18.31
CA ALA B 96 -13.53 3.05 -18.98
C ALA B 96 -14.41 3.79 -17.95
N MET B 97 -14.16 3.51 -16.69
CA MET B 97 -14.87 4.11 -15.57
C MET B 97 -14.11 5.33 -15.05
N ASP B 98 -13.02 5.72 -15.78
CA ASP B 98 -12.13 6.86 -15.39
C ASP B 98 -12.86 8.06 -14.82
N GLU B 99 -13.94 8.51 -15.43
CA GLU B 99 -14.74 9.53 -14.82
C GLU B 99 -16.10 8.96 -14.46
N THR B 100 -16.24 8.60 -13.21
CA THR B 100 -17.48 8.04 -12.69
C THR B 100 -17.80 8.58 -11.33
N VAL B 101 -19.00 8.34 -10.88
CA VAL B 101 -19.41 8.79 -9.59
C VAL B 101 -19.40 7.61 -8.60
N PHE B 102 -18.69 7.81 -7.54
CA PHE B 102 -18.54 6.84 -6.50
C PHE B 102 -18.71 7.55 -5.18
N ARG B 103 -19.70 7.12 -4.40
CA ARG B 103 -20.04 7.67 -3.08
C ARG B 103 -20.33 9.17 -3.14
N GLY B 104 -20.89 9.58 -4.26
CA GLY B 104 -21.27 10.96 -4.47
C GLY B 104 -20.15 11.83 -4.99
N ARG B 105 -19.03 11.24 -5.30
CA ARG B 105 -17.90 12.00 -5.82
C ARG B 105 -17.51 11.45 -7.16
N THR B 106 -16.77 12.22 -7.89
CA THR B 106 -16.27 11.77 -9.15
C THR B 106 -14.89 11.21 -8.93
N ILE B 107 -14.69 9.96 -9.25
CA ILE B 107 -13.39 9.38 -9.02
C ILE B 107 -12.62 9.32 -10.30
N LYS B 108 -11.36 9.00 -10.20
CA LYS B 108 -10.49 8.96 -11.35
C LYS B 108 -9.69 7.70 -11.34
N VAL B 109 -9.76 6.96 -12.44
CA VAL B 109 -9.02 5.73 -12.55
C VAL B 109 -8.20 5.69 -13.83
N LEU B 110 -7.00 5.20 -13.74
CA LEU B 110 -6.17 5.01 -14.91
C LEU B 110 -5.46 3.70 -14.71
N PRO B 111 -4.80 3.16 -15.72
CA PRO B 111 -3.98 2.00 -15.53
C PRO B 111 -2.61 2.41 -14.93
N LYS B 112 -2.23 1.74 -13.90
CA LYS B 112 -0.97 1.99 -13.25
C LYS B 112 -0.05 0.97 -13.79
N ARG B 113 0.89 1.35 -14.63
CA ARG B 113 1.60 0.31 -15.37
C ARG B 113 3.02 0.68 -15.67
N THR B 114 3.89 -0.24 -15.45
CA THR B 114 5.21 -0.18 -15.96
C THR B 114 5.33 -1.26 -17.03
N ASN B 115 4.92 -0.91 -18.23
CA ASN B 115 4.83 -1.85 -19.33
C ASN B 115 6.21 -2.20 -19.83
N MET B 116 6.71 -3.29 -19.33
CA MET B 116 8.01 -3.79 -19.66
C MET B 116 7.86 -5.27 -19.96
N PRO B 117 8.60 -5.81 -20.94
CA PRO B 117 8.51 -7.23 -21.31
C PRO B 117 9.10 -8.15 -20.23
N GLY B 118 8.66 -9.38 -20.25
CA GLY B 118 9.15 -10.34 -19.32
C GLY B 118 10.13 -11.25 -19.99
N ILE B 119 10.94 -11.93 -19.23
CA ILE B 119 11.89 -12.79 -19.85
C ILE B 119 11.31 -14.18 -20.10
N SER B 120 10.62 -14.28 -21.19
CA SER B 120 10.02 -15.49 -21.63
C SER B 120 10.31 -15.60 -23.12
N SER B 121 10.83 -16.73 -23.54
CA SER B 121 11.17 -16.91 -24.92
C SER B 121 9.94 -16.97 -25.82
N THR B 122 9.72 -15.91 -26.58
CA THR B 122 8.64 -15.89 -27.52
C THR B 122 9.09 -16.64 -28.77
N ASP B 123 8.90 -17.93 -28.75
CA ASP B 123 9.38 -18.81 -29.77
C ASP B 123 8.47 -20.01 -29.84
N ARG B 124 8.39 -20.65 -30.97
CA ARG B 124 7.53 -21.79 -31.15
C ARG B 124 8.31 -23.01 -31.60
N ALA A 1 -21.43 -16.81 29.69
CA ALA A 1 -20.92 -16.21 28.47
C ALA A 1 -19.62 -16.88 28.03
N ILE A 2 -19.72 -17.77 27.08
CA ILE A 2 -18.54 -18.39 26.52
C ILE A 2 -18.20 -17.77 25.18
N ALA A 3 -16.96 -17.50 24.95
CA ALA A 3 -16.53 -16.88 23.73
C ALA A 3 -15.57 -17.77 22.99
N PRO A 4 -15.85 -18.10 21.72
CA PRO A 4 -14.94 -18.86 20.90
C PRO A 4 -13.75 -18.00 20.53
N CYS A 5 -12.66 -18.21 21.22
CA CYS A 5 -11.47 -17.46 20.99
C CYS A 5 -10.31 -18.40 20.73
N MET A 6 -10.25 -18.88 19.52
CA MET A 6 -9.17 -19.73 19.11
C MET A 6 -8.09 -18.85 18.53
N GLN A 7 -8.55 -17.94 17.67
CA GLN A 7 -7.74 -16.92 17.03
C GLN A 7 -6.48 -17.46 16.40
N THR A 8 -6.62 -18.09 15.27
CA THR A 8 -5.50 -18.60 14.56
C THR A 8 -5.56 -18.11 13.12
N THR A 9 -5.03 -16.93 12.91
CA THR A 9 -4.99 -16.28 11.63
C THR A 9 -3.71 -15.45 11.52
N HIS A 10 -3.06 -15.51 10.37
CA HIS A 10 -1.83 -14.77 10.13
C HIS A 10 -1.82 -14.21 8.72
N SER A 11 -1.21 -13.07 8.52
CA SER A 11 -1.12 -12.48 7.21
C SER A 11 0.22 -12.83 6.57
N LYS A 12 1.27 -12.62 7.35
CA LYS A 12 2.64 -12.85 6.91
C LYS A 12 3.03 -11.88 5.78
N MET A 13 4.05 -12.21 5.04
CA MET A 13 4.59 -11.31 4.07
C MET A 13 4.34 -11.75 2.61
N THR A 14 3.80 -10.82 1.82
CA THR A 14 3.60 -10.94 0.38
C THR A 14 3.64 -9.53 -0.27
N ALA A 15 4.52 -9.33 -1.24
CA ALA A 15 4.73 -8.01 -1.86
C ALA A 15 3.97 -7.84 -3.17
N GLY A 16 3.86 -6.60 -3.65
CA GLY A 16 3.16 -6.35 -4.89
C GLY A 16 3.42 -4.95 -5.46
N ALA A 17 3.39 -3.92 -4.63
CA ALA A 17 3.52 -2.55 -5.12
C ALA A 17 4.88 -1.94 -4.81
N TYR A 18 5.60 -1.56 -5.85
CA TYR A 18 6.93 -0.97 -5.69
C TYR A 18 6.88 0.58 -5.60
N THR A 19 5.92 1.18 -6.27
CA THR A 19 5.83 2.65 -6.29
C THR A 19 4.63 3.13 -5.46
N GLU A 20 4.42 4.43 -5.44
CA GLU A 20 3.28 5.05 -4.81
C GLU A 20 2.40 5.63 -5.91
N GLY A 21 2.97 5.69 -7.11
CA GLY A 21 2.27 6.11 -8.30
C GLY A 21 2.26 7.62 -8.52
N PRO A 22 1.09 8.17 -8.89
CA PRO A 22 0.89 9.60 -9.17
C PRO A 22 1.29 10.59 -8.02
N PRO A 23 1.02 10.30 -6.68
CA PRO A 23 1.46 11.18 -5.61
C PRO A 23 2.95 11.45 -5.69
N GLN A 24 3.31 12.71 -5.61
CA GLN A 24 4.69 13.13 -5.74
C GLN A 24 5.56 12.55 -4.63
N PRO A 25 6.68 11.94 -5.02
CA PRO A 25 7.59 11.33 -4.07
C PRO A 25 8.33 12.38 -3.27
N LEU A 26 8.17 12.33 -1.98
CA LEU A 26 8.87 13.21 -1.10
C LEU A 26 10.35 12.84 -0.95
N SER A 27 11.12 13.68 -0.27
CA SER A 27 12.57 13.56 -0.19
C SER A 27 13.03 12.32 0.60
N ALA A 28 14.28 11.91 0.32
CA ALA A 28 14.93 10.81 1.01
C ALA A 28 14.90 11.01 2.51
N GLU A 29 15.25 12.18 2.97
CA GLU A 29 15.26 12.45 4.39
C GLU A 29 13.86 12.50 4.97
N GLU A 30 12.89 12.91 4.17
CA GLU A 30 11.50 12.81 4.59
C GLU A 30 11.10 11.35 4.70
N LYS A 31 11.60 10.52 3.76
CA LYS A 31 11.28 9.11 3.76
C LYS A 31 11.90 8.37 4.91
N LYS A 32 13.21 8.55 5.14
CA LYS A 32 13.86 7.84 6.22
C LYS A 32 13.23 8.15 7.57
N GLU A 33 12.78 9.38 7.74
CA GLU A 33 12.11 9.74 8.97
C GLU A 33 10.75 9.09 9.07
N ILE A 34 9.94 9.21 8.02
CA ILE A 34 8.58 8.68 8.03
C ILE A 34 8.54 7.16 8.09
N ASP A 35 9.51 6.48 7.44
CA ASP A 35 9.58 5.02 7.49
C ASP A 35 9.75 4.57 8.92
N LYS A 36 10.56 5.31 9.66
CA LYS A 36 10.87 4.99 11.05
C LYS A 36 9.71 5.36 11.96
N ARG A 37 8.74 6.09 11.42
CA ARG A 37 7.59 6.52 12.19
C ARG A 37 6.42 5.56 11.91
N SER A 38 6.66 4.53 11.17
CA SER A 38 5.60 3.64 10.76
C SER A 38 5.66 2.26 11.43
N VAL A 39 4.54 1.55 11.34
CA VAL A 39 4.41 0.21 11.85
C VAL A 39 3.72 -0.68 10.83
N TYR A 40 3.86 -1.94 11.01
CA TYR A 40 3.25 -2.96 10.20
C TYR A 40 2.20 -3.64 11.03
N VAL A 41 1.02 -3.66 10.54
CA VAL A 41 -0.09 -4.29 11.17
C VAL A 41 -0.47 -5.50 10.35
N GLY A 42 -0.35 -6.65 10.91
CA GLY A 42 -0.73 -7.82 10.20
C GLY A 42 -1.99 -8.44 10.74
N ASN A 43 -2.52 -9.35 9.97
CA ASN A 43 -3.74 -10.13 10.27
C ASN A 43 -5.04 -9.28 10.29
N VAL A 44 -4.99 -8.10 9.70
CA VAL A 44 -6.21 -7.30 9.59
C VAL A 44 -7.12 -7.92 8.52
N ASP A 45 -8.29 -8.37 8.93
CA ASP A 45 -9.14 -9.11 8.04
C ASP A 45 -10.17 -8.22 7.38
N TYR A 46 -10.81 -8.78 6.38
CA TYR A 46 -11.85 -8.11 5.61
C TYR A 46 -13.04 -7.78 6.48
N GLY A 47 -13.05 -6.57 6.96
CA GLY A 47 -14.08 -6.10 7.85
C GLY A 47 -13.60 -4.89 8.59
N SER A 48 -12.29 -4.80 8.77
CA SER A 48 -11.71 -3.66 9.42
C SER A 48 -11.54 -2.54 8.38
N THR A 49 -11.90 -1.33 8.73
CA THR A 49 -11.85 -0.23 7.80
C THR A 49 -10.69 0.71 8.12
N ALA A 50 -10.41 1.68 7.24
CA ALA A 50 -9.28 2.58 7.41
C ALA A 50 -9.46 3.45 8.66
N GLN A 51 -10.62 4.08 8.78
CA GLN A 51 -10.93 4.88 9.97
C GLN A 51 -10.89 4.06 11.25
N ASP A 52 -11.37 2.84 11.15
CA ASP A 52 -11.41 1.93 12.31
C ASP A 52 -9.98 1.60 12.77
N LEU A 53 -9.10 1.46 11.79
CA LEU A 53 -7.70 1.22 12.03
C LEU A 53 -7.01 2.47 12.55
N GLU A 54 -7.26 3.59 11.90
CA GLU A 54 -6.66 4.87 12.24
C GLU A 54 -7.03 5.28 13.66
N ALA A 55 -8.32 5.23 13.98
CA ALA A 55 -8.79 5.57 15.32
C ALA A 55 -8.08 4.72 16.39
N HIS A 56 -7.97 3.43 16.10
CA HIS A 56 -7.38 2.48 17.04
C HIS A 56 -5.90 2.81 17.28
N PHE A 57 -5.20 3.17 16.22
CA PHE A 57 -3.79 3.50 16.29
C PHE A 57 -3.54 4.92 16.75
N SER A 58 -4.52 5.76 16.56
CA SER A 58 -4.43 7.16 16.90
C SER A 58 -4.40 7.32 18.41
N SER A 59 -4.94 6.33 19.11
CA SER A 59 -4.82 6.29 20.56
C SER A 59 -3.32 6.27 20.97
N CYS A 60 -2.47 5.73 20.08
CA CYS A 60 -1.04 5.61 20.34
C CYS A 60 -0.24 6.80 19.75
N GLY A 61 -0.93 7.80 19.22
CA GLY A 61 -0.22 8.93 18.64
C GLY A 61 -0.91 9.53 17.44
N SER A 62 -0.19 10.35 16.72
CA SER A 62 -0.75 11.04 15.58
C SER A 62 -0.36 10.32 14.30
N ILE A 63 -1.36 9.93 13.54
CA ILE A 63 -1.15 9.23 12.30
C ILE A 63 -0.87 10.18 11.13
N ASN A 64 0.13 9.82 10.36
CA ASN A 64 0.60 10.55 9.21
C ASN A 64 0.02 9.96 7.93
N ARG A 65 0.04 8.63 7.82
CA ARG A 65 -0.50 7.92 6.65
C ARG A 65 -0.86 6.52 7.10
N ILE A 66 -1.63 5.81 6.30
CA ILE A 66 -1.89 4.39 6.54
C ILE A 66 -2.02 3.70 5.20
N THR A 67 -1.57 2.50 5.12
CA THR A 67 -1.68 1.72 3.92
C THR A 67 -2.42 0.48 4.32
N ILE A 68 -3.34 0.03 3.54
CA ILE A 68 -3.97 -1.22 3.83
C ILE A 68 -3.90 -2.00 2.56
N LEU A 69 -3.16 -3.05 2.54
CA LEU A 69 -3.04 -3.83 1.34
C LEU A 69 -3.48 -5.24 1.56
N CYS A 70 -4.42 -5.64 0.79
CA CYS A 70 -5.01 -6.93 0.91
C CYS A 70 -4.75 -7.72 -0.36
N ASP A 71 -4.38 -8.98 -0.23
CA ASP A 71 -4.18 -9.79 -1.43
C ASP A 71 -5.10 -10.96 -1.39
N LYS A 72 -5.59 -11.34 -2.54
CA LYS A 72 -6.47 -12.48 -2.63
C LYS A 72 -5.91 -13.49 -3.64
N PHE A 73 -4.70 -13.21 -4.15
CA PHE A 73 -4.11 -14.06 -5.18
C PHE A 73 -3.80 -15.44 -4.67
N SER A 74 -3.61 -15.56 -3.38
CA SER A 74 -3.29 -16.82 -2.77
C SER A 74 -4.57 -17.66 -2.56
N GLY A 75 -5.72 -17.05 -2.79
CA GLY A 75 -6.98 -17.73 -2.62
C GLY A 75 -7.78 -17.08 -1.54
N HIS A 76 -7.19 -16.97 -0.39
CA HIS A 76 -7.82 -16.30 0.72
C HIS A 76 -7.32 -14.91 0.74
N PRO A 77 -8.20 -13.94 0.90
CA PRO A 77 -7.78 -12.58 0.96
C PRO A 77 -7.17 -12.24 2.33
N LYS A 78 -5.90 -11.89 2.30
CA LYS A 78 -5.16 -11.57 3.50
C LYS A 78 -5.07 -10.08 3.64
N GLY A 79 -5.06 -9.61 4.84
CA GLY A 79 -4.95 -8.21 5.06
C GLY A 79 -3.76 -7.85 5.91
N TYR A 80 -3.08 -6.83 5.51
CA TYR A 80 -1.96 -6.26 6.22
C TYR A 80 -1.89 -4.77 5.93
N ALA A 81 -1.53 -4.01 6.91
CA ALA A 81 -1.59 -2.58 6.82
C ALA A 81 -0.40 -1.92 7.48
N TYR A 82 -0.07 -0.75 7.03
CA TYR A 82 0.95 0.06 7.65
C TYR A 82 0.38 1.31 8.17
N ILE A 83 0.60 1.55 9.40
CA ILE A 83 0.17 2.76 9.98
C ILE A 83 1.40 3.63 10.13
N GLU A 84 1.47 4.67 9.36
CA GLU A 84 2.60 5.55 9.39
C GLU A 84 2.26 6.73 10.28
N PHE A 85 3.02 6.93 11.32
CA PHE A 85 2.75 7.98 12.27
C PHE A 85 3.62 9.20 12.01
N ALA A 86 3.31 10.27 12.70
CA ALA A 86 4.12 11.45 12.67
C ALA A 86 5.33 11.32 13.61
N GLU A 87 5.10 10.74 14.79
CA GLU A 87 6.14 10.57 15.77
C GLU A 87 6.66 9.15 15.79
N ARG A 88 7.94 9.01 16.06
CA ARG A 88 8.58 7.71 16.10
C ARG A 88 8.12 7.02 17.41
N ASN A 89 7.93 7.82 18.41
CA ASN A 89 7.46 7.34 19.68
C ASN A 89 6.04 6.82 19.64
N SER A 90 5.30 7.21 18.62
CA SER A 90 3.98 6.67 18.41
C SER A 90 4.06 5.19 18.07
N VAL A 91 5.11 4.79 17.30
CA VAL A 91 5.26 3.38 16.96
C VAL A 91 5.56 2.61 18.21
N ASP A 92 6.40 3.20 19.06
CA ASP A 92 6.77 2.62 20.35
C ASP A 92 5.52 2.30 21.19
N ALA A 93 4.55 3.18 21.12
CA ALA A 93 3.30 3.00 21.81
C ALA A 93 2.43 1.93 21.12
N ALA A 94 2.47 1.91 19.79
CA ALA A 94 1.63 1.00 19.01
C ALA A 94 2.15 -0.44 19.03
N VAL A 95 3.48 -0.59 18.96
CA VAL A 95 4.15 -1.91 19.00
C VAL A 95 3.78 -2.72 20.24
N ALA A 96 3.34 -2.05 21.29
CA ALA A 96 2.88 -2.71 22.51
C ALA A 96 1.59 -3.52 22.24
N MET A 97 1.01 -3.33 21.07
CA MET A 97 -0.20 -4.04 20.70
C MET A 97 0.05 -5.27 19.80
N ASP A 98 1.32 -5.63 19.57
CA ASP A 98 1.72 -6.84 18.74
C ASP A 98 1.34 -8.18 19.42
N GLU A 99 0.36 -8.10 20.26
CA GLU A 99 0.01 -9.16 21.18
C GLU A 99 -1.46 -9.01 21.59
N THR A 100 -2.05 -7.89 21.18
CA THR A 100 -3.41 -7.59 21.53
C THR A 100 -4.38 -8.16 20.52
N VAL A 101 -5.64 -8.12 20.86
CA VAL A 101 -6.68 -8.62 20.03
C VAL A 101 -7.46 -7.44 19.42
N PHE A 102 -7.68 -7.50 18.15
CA PHE A 102 -8.43 -6.50 17.43
C PHE A 102 -9.52 -7.18 16.66
N ARG A 103 -10.76 -6.76 16.91
CA ARG A 103 -11.97 -7.29 16.26
C ARG A 103 -12.06 -8.83 16.41
N GLY A 104 -11.56 -9.29 17.54
CA GLY A 104 -11.64 -10.68 17.88
C GLY A 104 -10.52 -11.52 17.31
N ARG A 105 -9.46 -10.92 16.82
CA ARG A 105 -8.32 -11.68 16.38
C ARG A 105 -7.03 -11.06 16.85
N THR A 106 -6.04 -11.88 17.10
CA THR A 106 -4.78 -11.38 17.55
C THR A 106 -4.00 -10.83 16.36
N ILE A 107 -3.66 -9.58 16.44
CA ILE A 107 -2.94 -8.94 15.34
C ILE A 107 -1.46 -8.82 15.66
N LYS A 108 -0.70 -8.40 14.68
CA LYS A 108 0.71 -8.24 14.82
C LYS A 108 1.08 -6.83 14.43
N VAL A 109 1.78 -6.15 15.30
CA VAL A 109 2.18 -4.78 15.05
C VAL A 109 3.70 -4.71 15.25
N LEU A 110 4.43 -4.41 14.20
CA LEU A 110 5.88 -4.33 14.36
C LEU A 110 6.39 -3.13 13.58
N PRO A 111 7.39 -2.40 14.10
CA PRO A 111 7.82 -1.12 13.52
C PRO A 111 8.53 -1.27 12.18
N LYS A 112 8.23 -0.35 11.28
CA LYS A 112 8.87 -0.34 10.00
C LYS A 112 10.19 0.40 10.10
N ARG A 113 11.19 -0.16 9.49
CA ARG A 113 12.46 0.48 9.43
C ARG A 113 12.74 0.85 7.99
N THR A 114 13.68 1.70 7.79
CA THR A 114 13.98 2.11 6.48
C THR A 114 15.25 1.39 6.07
N ASN A 115 15.11 0.49 5.14
CA ASN A 115 16.23 -0.34 4.76
C ASN A 115 17.19 0.40 3.87
N MET A 116 18.10 1.07 4.53
CA MET A 116 19.13 1.87 3.90
C MET A 116 20.53 1.39 4.37
N PRO A 117 20.79 1.21 5.72
CA PRO A 117 22.07 0.74 6.22
C PRO A 117 22.10 -0.80 6.30
N GLY A 118 21.36 -1.43 5.41
CA GLY A 118 21.26 -2.87 5.42
C GLY A 118 22.29 -3.51 4.52
N ILE A 119 23.49 -2.94 4.52
CA ILE A 119 24.63 -3.40 3.74
C ILE A 119 24.37 -3.31 2.22
N SER A 120 24.89 -2.28 1.62
CA SER A 120 24.75 -2.08 0.19
C SER A 120 25.91 -2.77 -0.55
N SER A 121 27.04 -2.92 0.16
CA SER A 121 28.27 -3.55 -0.35
C SER A 121 28.89 -2.72 -1.48
N THR A 122 29.97 -3.21 -2.04
CA THR A 122 30.62 -2.56 -3.13
C THR A 122 30.15 -3.14 -4.46
N ASP A 123 29.29 -2.41 -5.14
CA ASP A 123 28.75 -2.81 -6.41
C ASP A 123 29.76 -2.52 -7.49
N ARG A 124 30.36 -3.55 -8.01
CA ARG A 124 31.39 -3.39 -9.02
C ARG A 124 30.77 -3.54 -10.40
N ALA B 1 0.04 2.92 -30.37
CA ALA B 1 0.80 2.39 -29.25
C ALA B 1 2.26 2.21 -29.65
N ILE B 2 3.13 2.89 -28.94
CA ILE B 2 4.55 2.80 -29.19
C ILE B 2 5.22 2.22 -27.95
N ALA B 3 5.72 1.02 -28.04
CA ALA B 3 6.40 0.39 -26.94
C ALA B 3 7.79 -0.10 -27.35
N PRO B 4 8.82 0.72 -27.12
CA PRO B 4 10.19 0.36 -27.41
C PRO B 4 10.86 -0.19 -26.14
N CYS B 5 12.18 -0.27 -26.13
CA CYS B 5 12.87 -0.72 -24.95
C CYS B 5 12.88 0.42 -23.93
N MET B 6 12.11 0.25 -22.88
CA MET B 6 11.92 1.29 -21.90
C MET B 6 13.05 1.32 -20.91
N GLN B 7 14.03 2.15 -21.19
CA GLN B 7 15.18 2.34 -20.31
C GLN B 7 15.13 3.74 -19.72
N THR B 8 14.18 4.52 -20.20
CA THR B 8 14.01 5.86 -19.75
C THR B 8 13.08 5.87 -18.53
N THR B 9 13.67 5.86 -17.36
CA THR B 9 12.92 5.87 -16.13
C THR B 9 13.76 6.53 -15.04
N HIS B 10 13.15 7.35 -14.22
CA HIS B 10 13.86 7.94 -13.11
C HIS B 10 13.45 7.28 -11.81
N SER B 11 14.30 6.41 -11.35
CA SER B 11 14.07 5.66 -10.15
C SER B 11 14.42 6.49 -8.92
N LYS B 12 13.93 6.06 -7.77
CA LYS B 12 14.13 6.78 -6.55
C LYS B 12 15.17 6.08 -5.70
N MET B 13 16.41 6.44 -5.92
CA MET B 13 17.51 5.85 -5.18
C MET B 13 17.79 6.65 -3.95
N THR B 14 18.08 5.96 -2.85
CA THR B 14 18.36 6.57 -1.54
C THR B 14 17.05 7.06 -0.86
N ALA B 15 16.08 7.42 -1.67
CA ALA B 15 14.78 7.80 -1.15
C ALA B 15 14.01 6.55 -0.79
N GLY B 16 13.75 5.72 -1.78
CA GLY B 16 13.06 4.48 -1.55
C GLY B 16 11.61 4.55 -1.96
N ALA B 17 10.90 3.49 -1.64
CA ALA B 17 9.49 3.35 -1.94
C ALA B 17 8.68 3.68 -0.69
N TYR B 18 7.47 3.15 -0.58
CA TYR B 18 6.70 3.33 0.65
C TYR B 18 7.00 2.16 1.59
N THR B 19 7.81 1.22 1.08
CA THR B 19 8.25 0.03 1.79
C THR B 19 7.10 -0.91 2.24
N GLU B 20 6.88 -2.01 1.48
CA GLU B 20 5.87 -3.02 1.87
C GLU B 20 6.35 -3.79 3.12
N GLY B 21 7.63 -3.64 3.47
CA GLY B 21 8.14 -4.14 4.73
C GLY B 21 8.76 -5.52 4.67
N PRO B 22 8.25 -6.45 5.53
CA PRO B 22 8.70 -7.83 5.56
C PRO B 22 8.59 -8.60 4.20
N PRO B 23 7.52 -8.35 3.34
CA PRO B 23 7.44 -8.96 2.01
C PRO B 23 8.72 -8.84 1.23
N GLN B 24 9.21 -9.97 0.83
CA GLN B 24 10.41 -10.05 0.06
C GLN B 24 10.06 -10.00 -1.39
N PRO B 25 10.87 -9.30 -2.19
CA PRO B 25 10.66 -9.16 -3.61
C PRO B 25 10.40 -10.49 -4.32
N LEU B 26 9.21 -10.56 -4.89
CA LEU B 26 8.75 -11.66 -5.76
C LEU B 26 9.67 -11.79 -6.94
N SER B 27 9.32 -12.68 -7.83
CA SER B 27 10.03 -12.73 -9.03
C SER B 27 9.74 -11.43 -9.78
N ALA B 28 10.73 -10.93 -10.43
CA ALA B 28 10.60 -9.75 -11.25
C ALA B 28 9.48 -9.95 -12.29
N GLU B 29 9.45 -11.09 -12.91
CA GLU B 29 8.46 -11.38 -13.92
C GLU B 29 7.05 -11.49 -13.35
N GLU B 30 6.94 -11.95 -12.10
CA GLU B 30 5.66 -11.91 -11.41
C GLU B 30 5.23 -10.49 -11.19
N LYS B 31 6.19 -9.64 -10.84
CA LYS B 31 5.89 -8.26 -10.59
C LYS B 31 5.52 -7.49 -11.81
N LYS B 32 6.34 -7.59 -12.88
CA LYS B 32 6.05 -6.84 -14.09
C LYS B 32 4.67 -7.14 -14.63
N GLU B 33 4.24 -8.39 -14.57
CA GLU B 33 2.93 -8.70 -15.06
C GLU B 33 1.83 -8.17 -14.16
N ILE B 34 2.01 -8.30 -12.84
CA ILE B 34 0.98 -7.85 -11.91
C ILE B 34 0.86 -6.35 -11.91
N ASP B 35 2.00 -5.64 -12.07
CA ASP B 35 1.99 -4.17 -12.10
C ASP B 35 1.12 -3.69 -13.25
N LYS B 36 1.30 -4.34 -14.40
CA LYS B 36 0.62 -3.96 -15.65
C LYS B 36 -0.87 -4.25 -15.60
N ARG B 37 -1.27 -5.09 -14.71
CA ARG B 37 -2.65 -5.44 -14.62
C ARG B 37 -3.29 -4.88 -13.38
N SER B 38 -2.72 -3.80 -12.89
CA SER B 38 -3.29 -3.07 -11.78
C SER B 38 -3.72 -1.65 -12.21
N VAL B 39 -4.40 -0.94 -11.31
CA VAL B 39 -4.87 0.43 -11.57
C VAL B 39 -4.71 1.29 -10.34
N TYR B 40 -4.79 2.56 -10.55
CA TYR B 40 -4.69 3.57 -9.54
C TYR B 40 -6.04 4.23 -9.42
N VAL B 41 -6.55 4.25 -8.24
CA VAL B 41 -7.80 4.85 -7.94
C VAL B 41 -7.57 6.05 -7.02
N GLY B 42 -7.89 7.23 -7.48
CA GLY B 42 -7.71 8.40 -6.69
C GLY B 42 -9.02 8.99 -6.21
N ASN B 43 -8.92 9.89 -5.24
CA ASN B 43 -10.05 10.61 -4.58
C ASN B 43 -11.11 9.66 -3.95
N VAL B 44 -10.71 8.42 -3.68
CA VAL B 44 -11.58 7.48 -2.96
C VAL B 44 -11.96 8.08 -1.63
N ASP B 45 -13.24 8.08 -1.37
CA ASP B 45 -13.77 8.61 -0.18
C ASP B 45 -13.21 7.85 1.00
N TYR B 46 -12.89 8.57 2.04
CA TYR B 46 -12.24 8.02 3.22
C TYR B 46 -13.22 7.13 4.02
N GLY B 47 -14.44 7.01 3.52
CA GLY B 47 -15.42 6.14 4.09
C GLY B 47 -15.67 4.92 3.23
N SER B 48 -14.98 4.79 2.07
CA SER B 48 -15.14 3.60 1.28
C SER B 48 -14.27 2.50 1.90
N THR B 49 -14.72 1.28 1.83
CA THR B 49 -14.01 0.20 2.44
C THR B 49 -13.32 -0.62 1.38
N ALA B 50 -12.48 -1.57 1.79
CA ALA B 50 -11.78 -2.42 0.86
C ALA B 50 -12.76 -3.27 0.06
N GLN B 51 -13.68 -3.94 0.76
CA GLN B 51 -14.70 -4.78 0.10
C GLN B 51 -15.60 -3.94 -0.83
N ASP B 52 -15.89 -2.72 -0.42
CA ASP B 52 -16.72 -1.78 -1.21
C ASP B 52 -16.00 -1.46 -2.52
N LEU B 53 -14.72 -1.21 -2.41
CA LEU B 53 -13.85 -0.95 -3.56
C LEU B 53 -13.68 -2.18 -4.43
N GLU B 54 -13.38 -3.31 -3.81
CA GLU B 54 -13.13 -4.57 -4.49
C GLU B 54 -14.36 -5.01 -5.28
N ALA B 55 -15.52 -5.00 -4.66
CA ALA B 55 -16.77 -5.35 -5.35
C ALA B 55 -16.98 -4.47 -6.59
N HIS B 56 -16.73 -3.18 -6.43
CA HIS B 56 -16.97 -2.22 -7.49
C HIS B 56 -16.02 -2.48 -8.68
N PHE B 57 -14.79 -2.82 -8.38
CA PHE B 57 -13.81 -3.12 -9.40
C PHE B 57 -13.91 -4.52 -9.94
N SER B 58 -14.48 -5.40 -9.15
CA SER B 58 -14.60 -6.81 -9.50
C SER B 58 -15.57 -6.96 -10.65
N SER B 59 -16.49 -6.02 -10.80
CA SER B 59 -17.37 -6.03 -11.94
C SER B 59 -16.56 -5.83 -13.25
N CYS B 60 -15.38 -5.22 -13.14
CA CYS B 60 -14.51 -4.97 -14.29
C CYS B 60 -13.42 -6.05 -14.45
N GLY B 61 -13.46 -7.07 -13.61
CA GLY B 61 -12.43 -8.10 -13.70
C GLY B 61 -12.17 -8.84 -12.40
N SER B 62 -11.15 -9.66 -12.40
CA SER B 62 -10.81 -10.46 -11.25
C SER B 62 -9.69 -9.79 -10.47
N ILE B 63 -9.96 -9.45 -9.23
CA ILE B 63 -9.00 -8.75 -8.41
C ILE B 63 -7.97 -9.68 -7.76
N ASN B 64 -6.73 -9.27 -7.88
CA ASN B 64 -5.56 -9.98 -7.36
C ASN B 64 -5.22 -9.44 -5.96
N ARG B 65 -5.12 -8.11 -5.86
CA ARG B 65 -4.74 -7.43 -4.61
C ARG B 65 -5.34 -6.04 -4.65
N ILE B 66 -5.37 -5.36 -3.54
CA ILE B 66 -5.76 -3.96 -3.52
C ILE B 66 -4.96 -3.27 -2.44
N THR B 67 -4.61 -2.05 -2.68
CA THR B 67 -3.88 -1.28 -1.73
C THR B 67 -4.74 -0.07 -1.48
N ILE B 68 -4.89 0.35 -0.27
CA ILE B 68 -5.59 1.57 -0.02
C ILE B 68 -4.68 2.36 0.87
N LEU B 69 -4.17 3.44 0.41
CA LEU B 69 -3.28 4.23 1.22
C LEU B 69 -3.81 5.62 1.40
N CYS B 70 -3.99 5.99 2.62
CA CYS B 70 -4.52 7.27 2.95
C CYS B 70 -3.51 8.07 3.71
N ASP B 71 -3.33 9.32 3.39
CA ASP B 71 -2.40 10.14 4.14
C ASP B 71 -3.15 11.24 4.81
N LYS B 72 -2.76 11.52 6.02
CA LYS B 72 -3.40 12.54 6.80
C LYS B 72 -2.48 13.71 7.02
N PHE B 73 -1.33 13.70 6.34
CA PHE B 73 -0.36 14.78 6.46
C PHE B 73 -0.85 16.02 5.74
N SER B 74 -1.89 15.83 4.97
CA SER B 74 -2.51 16.90 4.21
C SER B 74 -3.58 17.61 5.06
N GLY B 75 -3.61 17.27 6.35
CA GLY B 75 -4.62 17.81 7.27
C GLY B 75 -5.90 17.02 7.13
N HIS B 76 -6.32 16.89 5.90
CA HIS B 76 -7.44 16.08 5.54
C HIS B 76 -6.87 14.76 5.10
N PRO B 77 -7.55 13.67 5.35
CA PRO B 77 -7.07 12.39 4.91
C PRO B 77 -7.33 12.21 3.42
N LYS B 78 -6.28 12.05 2.63
CA LYS B 78 -6.46 11.82 1.23
C LYS B 78 -6.45 10.35 1.00
N GLY B 79 -7.33 9.89 0.18
CA GLY B 79 -7.39 8.50 -0.08
C GLY B 79 -7.07 8.19 -1.51
N TYR B 80 -6.24 7.21 -1.69
CA TYR B 80 -5.88 6.69 -2.98
C TYR B 80 -5.60 5.21 -2.86
N ALA B 81 -5.98 4.48 -3.85
CA ALA B 81 -5.92 3.04 -3.77
C ALA B 81 -5.49 2.44 -5.09
N TYR B 82 -4.91 1.28 -5.02
CA TYR B 82 -4.57 0.51 -6.20
C TYR B 82 -5.31 -0.75 -6.22
N ILE B 83 -6.00 -0.99 -7.27
CA ILE B 83 -6.68 -2.22 -7.42
C ILE B 83 -5.85 -3.05 -8.37
N GLU B 84 -5.25 -4.08 -7.87
CA GLU B 84 -4.41 -4.92 -8.67
C GLU B 84 -5.23 -6.10 -9.15
N PHE B 85 -5.35 -6.26 -10.44
CA PHE B 85 -6.15 -7.33 -10.98
C PHE B 85 -5.29 -8.50 -11.39
N ALA B 86 -5.92 -9.62 -11.55
CA ALA B 86 -5.27 -10.80 -12.05
C ALA B 86 -5.23 -10.78 -13.58
N GLU B 87 -5.99 -9.86 -14.16
CA GLU B 87 -6.07 -9.72 -15.62
C GLU B 87 -5.70 -8.30 -16.06
N ARG B 88 -4.96 -8.17 -17.16
CA ARG B 88 -4.57 -6.85 -17.69
C ARG B 88 -5.81 -6.22 -18.35
N ASN B 89 -6.63 -7.07 -18.97
CA ASN B 89 -7.86 -6.63 -19.65
C ASN B 89 -8.77 -5.99 -18.63
N SER B 90 -8.65 -6.42 -17.38
CA SER B 90 -9.47 -5.92 -16.31
C SER B 90 -9.21 -4.45 -16.09
N VAL B 91 -7.94 -4.02 -16.23
CA VAL B 91 -7.64 -2.61 -16.04
C VAL B 91 -8.28 -1.84 -17.14
N ASP B 92 -8.24 -2.39 -18.34
CA ASP B 92 -8.85 -1.77 -19.52
C ASP B 92 -10.35 -1.53 -19.28
N ALA B 93 -10.98 -2.45 -18.61
CA ALA B 93 -12.38 -2.33 -18.26
C ALA B 93 -12.59 -1.30 -17.14
N ALA B 94 -11.67 -1.27 -16.19
CA ALA B 94 -11.77 -0.40 -15.02
C ALA B 94 -11.45 1.06 -15.36
N VAL B 95 -10.42 1.26 -16.18
CA VAL B 95 -10.00 2.60 -16.64
C VAL B 95 -11.15 3.38 -17.31
N ALA B 96 -12.16 2.67 -17.78
CA ALA B 96 -13.32 3.31 -18.39
C ALA B 96 -14.13 4.11 -17.34
N MET B 97 -13.82 3.86 -16.07
CA MET B 97 -14.45 4.55 -14.97
C MET B 97 -13.56 5.70 -14.50
N ASP B 98 -12.51 5.98 -15.30
CA ASP B 98 -11.48 7.01 -15.01
C ASP B 98 -11.98 8.26 -14.33
N GLU B 99 -13.05 8.87 -14.78
CA GLU B 99 -13.55 10.02 -14.07
C GLU B 99 -15.05 9.87 -13.75
N THR B 100 -15.43 8.67 -13.34
CA THR B 100 -16.80 8.43 -12.90
C THR B 100 -17.02 8.92 -11.47
N VAL B 101 -18.22 8.82 -10.97
CA VAL B 101 -18.53 9.28 -9.64
C VAL B 101 -18.78 8.08 -8.73
N PHE B 102 -18.17 8.10 -7.58
CA PHE B 102 -18.24 7.04 -6.62
C PHE B 102 -18.33 7.65 -5.23
N ARG B 103 -19.36 7.25 -4.48
CA ARG B 103 -19.59 7.72 -3.12
C ARG B 103 -19.58 9.25 -2.98
N GLY B 104 -20.40 9.88 -3.79
CA GLY B 104 -20.58 11.33 -3.77
C GLY B 104 -19.47 12.14 -4.44
N ARG B 105 -18.40 11.50 -4.85
CA ARG B 105 -17.32 12.22 -5.49
C ARG B 105 -16.75 11.56 -6.70
N THR B 106 -16.09 12.33 -7.49
CA THR B 106 -15.53 11.89 -8.73
C THR B 106 -14.14 11.31 -8.49
N ILE B 107 -13.96 10.07 -8.84
CA ILE B 107 -12.69 9.40 -8.63
C ILE B 107 -11.92 9.32 -9.92
N LYS B 108 -10.69 8.88 -9.83
CA LYS B 108 -9.80 8.76 -10.97
C LYS B 108 -9.27 7.35 -11.03
N VAL B 109 -9.37 6.73 -12.18
CA VAL B 109 -8.88 5.37 -12.37
C VAL B 109 -7.89 5.39 -13.54
N LEU B 110 -6.69 4.98 -13.29
CA LEU B 110 -5.57 5.11 -14.22
C LEU B 110 -4.76 3.79 -14.10
N PRO B 111 -4.32 3.16 -15.20
CA PRO B 111 -3.59 1.88 -15.13
C PRO B 111 -2.17 1.99 -14.53
N LYS B 112 -1.79 0.98 -13.77
CA LYS B 112 -0.49 0.93 -13.09
C LYS B 112 0.56 0.26 -13.97
N ARG B 113 1.78 0.69 -13.82
CA ARG B 113 2.93 0.04 -14.37
C ARG B 113 4.09 0.51 -13.53
N THR B 114 4.99 -0.37 -13.13
CA THR B 114 5.99 0.05 -12.21
C THR B 114 7.31 -0.67 -12.41
N ASN B 115 8.28 0.08 -12.87
CA ASN B 115 9.69 -0.31 -12.91
C ASN B 115 10.01 -1.56 -13.73
N MET B 116 10.69 -1.36 -14.81
CA MET B 116 11.21 -2.45 -15.58
C MET B 116 12.74 -2.51 -15.36
N PRO B 117 13.19 -3.37 -14.42
CA PRO B 117 14.62 -3.49 -14.09
C PRO B 117 15.42 -4.13 -15.21
N GLY B 118 16.67 -4.36 -14.95
CA GLY B 118 17.53 -4.97 -15.92
C GLY B 118 17.21 -6.42 -16.10
N ILE B 119 16.57 -6.75 -17.21
CA ILE B 119 16.26 -8.13 -17.55
C ILE B 119 17.55 -8.89 -17.74
N SER B 120 18.47 -8.24 -18.44
CA SER B 120 19.77 -8.79 -18.68
C SER B 120 20.77 -7.65 -18.81
N SER B 121 21.69 -7.59 -17.88
CA SER B 121 22.74 -6.60 -17.92
C SER B 121 23.84 -7.13 -18.83
N THR B 122 24.13 -8.39 -18.68
CA THR B 122 25.10 -9.06 -19.47
C THR B 122 24.78 -10.57 -19.42
N ASP B 123 24.74 -11.20 -20.57
CA ASP B 123 24.48 -12.65 -20.61
C ASP B 123 25.73 -13.37 -20.24
N ARG B 124 26.82 -12.84 -20.67
CA ARG B 124 28.12 -13.32 -20.34
C ARG B 124 29.01 -12.15 -19.98
N ALA A 1 -28.19 26.25 8.90
CA ALA A 1 -27.25 25.98 7.83
C ALA A 1 -27.50 24.60 7.25
N ILE A 2 -27.23 24.44 5.99
CA ILE A 2 -27.43 23.17 5.33
C ILE A 2 -26.10 22.43 5.23
N ALA A 3 -26.05 21.27 5.84
CA ALA A 3 -24.88 20.43 5.79
C ALA A 3 -25.29 18.96 5.80
N PRO A 4 -25.52 18.36 4.61
CA PRO A 4 -25.92 16.96 4.48
C PRO A 4 -24.72 16.01 4.47
N CYS A 5 -23.58 16.56 4.83
CA CYS A 5 -22.30 15.85 4.96
C CYS A 5 -21.74 15.41 3.62
N MET A 6 -20.94 16.26 3.04
CA MET A 6 -20.20 15.95 1.84
C MET A 6 -18.75 16.20 2.11
N GLN A 7 -17.93 15.24 1.81
CA GLN A 7 -16.51 15.42 1.96
C GLN A 7 -16.01 16.22 0.79
N THR A 8 -15.94 17.52 0.98
CA THR A 8 -15.62 18.44 -0.06
C THR A 8 -14.13 18.53 -0.38
N THR A 9 -13.33 17.69 0.26
CA THR A 9 -11.95 17.62 -0.10
C THR A 9 -11.86 16.84 -1.41
N HIS A 10 -11.22 17.41 -2.38
CA HIS A 10 -11.22 16.86 -3.70
C HIS A 10 -9.84 16.88 -4.28
N SER A 11 -9.32 15.72 -4.55
CA SER A 11 -8.09 15.64 -5.22
C SER A 11 -8.40 15.45 -6.71
N LYS A 12 -8.51 14.17 -7.18
CA LYS A 12 -8.86 13.80 -8.58
C LYS A 12 -8.06 14.70 -9.56
N MET A 13 -6.87 14.22 -9.92
CA MET A 13 -5.79 15.02 -10.52
C MET A 13 -5.06 15.72 -9.42
N THR A 14 -4.26 14.95 -8.73
CA THR A 14 -3.52 15.40 -7.58
C THR A 14 -2.38 16.33 -8.01
N ALA A 15 -1.86 16.08 -9.21
CA ALA A 15 -0.73 16.81 -9.81
C ALA A 15 0.57 16.53 -9.10
N GLY A 16 1.54 16.19 -9.87
CA GLY A 16 2.83 15.88 -9.37
C GLY A 16 3.64 15.28 -10.45
N ALA A 17 4.93 15.43 -10.34
CA ALA A 17 5.85 14.86 -11.31
C ALA A 17 5.72 13.35 -11.35
N TYR A 18 6.26 12.67 -10.33
CA TYR A 18 6.14 11.23 -10.24
C TYR A 18 6.61 10.68 -8.90
N THR A 19 5.67 10.20 -8.13
CA THR A 19 5.87 9.44 -6.89
C THR A 19 4.52 8.91 -6.50
N GLU A 20 4.36 7.58 -6.42
CA GLU A 20 3.06 6.96 -6.12
C GLU A 20 2.04 7.35 -7.20
N GLY A 21 2.60 7.63 -8.37
CA GLY A 21 1.85 8.07 -9.51
C GLY A 21 1.63 9.58 -9.48
N PRO A 22 0.38 10.02 -9.42
CA PRO A 22 -0.01 11.45 -9.41
C PRO A 22 0.41 12.35 -8.16
N PRO A 23 0.59 11.82 -6.89
CA PRO A 23 0.99 12.65 -5.72
C PRO A 23 2.34 13.38 -5.89
N GLN A 24 2.60 14.32 -4.98
CA GLN A 24 3.84 15.10 -4.99
C GLN A 24 5.05 14.20 -4.79
N PRO A 25 6.13 14.45 -5.52
CA PRO A 25 7.32 13.66 -5.43
C PRO A 25 8.18 14.01 -4.24
N LEU A 26 8.58 13.01 -3.53
CA LEU A 26 9.49 13.13 -2.45
C LEU A 26 10.49 12.01 -2.55
N SER A 27 11.72 12.30 -2.22
CA SER A 27 12.80 11.37 -2.38
C SER A 27 12.65 10.19 -1.43
N ALA A 28 13.25 9.06 -1.83
CA ALA A 28 13.34 7.88 -0.97
C ALA A 28 13.85 8.27 0.40
N GLU A 29 14.72 9.26 0.50
CA GLU A 29 15.20 9.69 1.80
C GLU A 29 14.10 10.33 2.66
N GLU A 30 13.14 11.03 2.02
CA GLU A 30 11.96 11.51 2.74
C GLU A 30 11.12 10.33 3.15
N LYS A 31 11.11 9.33 2.26
CA LYS A 31 10.38 8.09 2.48
C LYS A 31 10.96 7.40 3.67
N LYS A 32 12.29 7.34 3.74
CA LYS A 32 12.98 6.67 4.82
C LYS A 32 12.57 7.25 6.14
N GLU A 33 12.56 8.56 6.24
CA GLU A 33 12.29 9.25 7.48
C GLU A 33 10.86 9.04 7.94
N ILE A 34 9.93 9.20 7.02
CA ILE A 34 8.52 9.05 7.34
C ILE A 34 8.14 7.59 7.60
N ASP A 35 8.75 6.67 6.86
CA ASP A 35 8.48 5.24 7.01
C ASP A 35 9.13 4.64 8.24
N LYS A 36 10.15 5.31 8.78
CA LYS A 36 10.77 4.86 10.06
C LYS A 36 9.80 4.99 11.20
N ARG A 37 8.87 5.90 11.05
CA ARG A 37 7.90 6.18 12.08
C ARG A 37 6.63 5.42 11.78
N SER A 38 6.74 4.47 10.90
CA SER A 38 5.63 3.68 10.51
C SER A 38 5.69 2.31 11.17
N VAL A 39 4.58 1.64 11.16
CA VAL A 39 4.47 0.34 11.75
C VAL A 39 3.80 -0.59 10.78
N TYR A 40 3.93 -1.83 11.07
CA TYR A 40 3.29 -2.86 10.34
C TYR A 40 2.25 -3.46 11.22
N VAL A 41 1.07 -3.50 10.74
CA VAL A 41 -0.01 -4.08 11.44
C VAL A 41 -0.49 -5.28 10.62
N GLY A 42 -0.29 -6.44 11.14
CA GLY A 42 -0.71 -7.62 10.46
C GLY A 42 -1.92 -8.16 11.12
N ASN A 43 -2.53 -9.18 10.51
CA ASN A 43 -3.78 -9.81 11.03
C ASN A 43 -5.01 -8.88 10.93
N VAL A 44 -4.77 -7.61 10.63
CA VAL A 44 -5.84 -6.67 10.44
C VAL A 44 -6.53 -7.02 9.15
N ASP A 45 -7.54 -7.84 9.28
CA ASP A 45 -8.11 -8.48 8.16
C ASP A 45 -8.95 -7.65 7.29
N TYR A 46 -9.22 -8.25 6.18
CA TYR A 46 -9.90 -7.74 5.03
C TYR A 46 -11.10 -6.80 5.35
N GLY A 47 -11.82 -7.09 6.42
CA GLY A 47 -12.99 -6.30 6.73
C GLY A 47 -12.69 -5.07 7.56
N SER A 48 -11.44 -4.84 7.92
CA SER A 48 -11.09 -3.71 8.72
C SER A 48 -11.10 -2.43 7.89
N THR A 49 -11.71 -1.41 8.43
CA THR A 49 -11.82 -0.15 7.78
C THR A 49 -10.67 0.76 8.17
N ALA A 50 -10.34 1.74 7.32
CA ALA A 50 -9.25 2.67 7.59
C ALA A 50 -9.58 3.56 8.81
N GLN A 51 -10.78 4.11 8.83
CA GLN A 51 -11.26 4.98 9.92
C GLN A 51 -11.20 4.30 11.29
N ASP A 52 -11.79 3.13 11.39
CA ASP A 52 -11.80 2.36 12.65
C ASP A 52 -10.39 1.97 13.08
N LEU A 53 -9.59 1.65 12.09
CA LEU A 53 -8.24 1.19 12.28
C LEU A 53 -7.37 2.37 12.75
N GLU A 54 -7.51 3.52 12.07
CA GLU A 54 -6.79 4.74 12.38
C GLU A 54 -7.06 5.17 13.80
N ALA A 55 -8.33 5.21 14.19
CA ALA A 55 -8.73 5.61 15.54
C ALA A 55 -8.03 4.75 16.59
N HIS A 56 -7.90 3.47 16.26
CA HIS A 56 -7.30 2.52 17.19
C HIS A 56 -5.81 2.85 17.40
N PHE A 57 -5.13 3.24 16.33
CA PHE A 57 -3.73 3.65 16.41
C PHE A 57 -3.54 5.09 16.83
N SER A 58 -4.58 5.88 16.65
CA SER A 58 -4.56 7.30 16.96
C SER A 58 -4.28 7.47 18.44
N SER A 59 -4.78 6.53 19.24
CA SER A 59 -4.50 6.49 20.66
C SER A 59 -2.96 6.38 20.94
N CYS A 60 -2.23 5.79 20.02
CA CYS A 60 -0.78 5.59 20.17
C CYS A 60 0.07 6.74 19.58
N GLY A 61 -0.58 7.73 19.00
CA GLY A 61 0.19 8.82 18.40
C GLY A 61 -0.48 9.50 17.23
N SER A 62 0.27 10.33 16.56
CA SER A 62 -0.22 11.13 15.47
C SER A 62 0.03 10.43 14.13
N ILE A 63 -1.03 10.09 13.43
CA ILE A 63 -0.96 9.38 12.17
C ILE A 63 -0.86 10.33 10.98
N ASN A 64 0.11 10.06 10.11
CA ASN A 64 0.30 10.84 8.89
C ASN A 64 -0.29 10.14 7.69
N ARG A 65 -0.13 8.83 7.64
CA ARG A 65 -0.60 8.06 6.50
C ARG A 65 -0.94 6.68 6.98
N ILE A 66 -1.73 5.96 6.24
CA ILE A 66 -2.01 4.57 6.51
C ILE A 66 -2.16 3.87 5.18
N THR A 67 -1.61 2.71 5.11
CA THR A 67 -1.65 1.95 3.91
C THR A 67 -2.23 0.59 4.25
N ILE A 68 -3.32 0.21 3.64
CA ILE A 68 -3.93 -1.03 3.97
C ILE A 68 -3.91 -1.87 2.71
N LEU A 69 -3.25 -2.98 2.74
CA LEU A 69 -3.20 -3.81 1.57
C LEU A 69 -3.75 -5.20 1.84
N CYS A 70 -4.69 -5.60 1.06
CA CYS A 70 -5.29 -6.90 1.21
C CYS A 70 -5.02 -7.71 -0.04
N ASP A 71 -4.65 -8.97 0.10
CA ASP A 71 -4.36 -9.76 -1.10
C ASP A 71 -5.06 -11.09 -1.07
N LYS A 72 -5.30 -11.62 -2.26
CA LYS A 72 -5.90 -12.93 -2.42
C LYS A 72 -4.99 -13.84 -3.24
N PHE A 73 -3.71 -13.50 -3.36
CA PHE A 73 -2.83 -14.35 -4.17
C PHE A 73 -2.56 -15.71 -3.54
N SER A 74 -2.76 -15.81 -2.25
CA SER A 74 -2.65 -17.08 -1.57
C SER A 74 -4.03 -17.78 -1.51
N GLY A 75 -4.98 -17.24 -2.26
CA GLY A 75 -6.31 -17.80 -2.31
C GLY A 75 -7.26 -17.06 -1.40
N HIS A 76 -6.82 -16.86 -0.19
CA HIS A 76 -7.64 -16.20 0.83
C HIS A 76 -7.30 -14.75 0.90
N PRO A 77 -8.30 -13.86 1.00
CA PRO A 77 -8.06 -12.44 1.18
C PRO A 77 -7.48 -12.17 2.57
N LYS A 78 -6.29 -11.65 2.60
CA LYS A 78 -5.60 -11.37 3.84
C LYS A 78 -5.45 -9.91 4.01
N GLY A 79 -5.44 -9.46 5.24
CA GLY A 79 -5.29 -8.07 5.47
C GLY A 79 -4.06 -7.73 6.30
N TYR A 80 -3.35 -6.73 5.85
CA TYR A 80 -2.21 -6.19 6.53
C TYR A 80 -2.03 -4.73 6.16
N ALA A 81 -1.60 -3.94 7.10
CA ALA A 81 -1.55 -2.53 6.89
C ALA A 81 -0.32 -1.92 7.51
N TYR A 82 0.08 -0.80 6.99
CA TYR A 82 1.15 -0.04 7.53
C TYR A 82 0.58 1.26 8.03
N ILE A 83 0.89 1.62 9.22
CA ILE A 83 0.40 2.85 9.77
C ILE A 83 1.58 3.81 9.95
N GLU A 84 1.61 4.87 9.18
CA GLU A 84 2.68 5.86 9.24
C GLU A 84 2.38 6.94 10.30
N PHE A 85 3.24 7.04 11.29
CA PHE A 85 3.08 8.05 12.33
C PHE A 85 4.05 9.22 12.15
N ALA A 86 3.75 10.31 12.82
CA ALA A 86 4.58 11.49 12.84
C ALA A 86 5.78 11.33 13.76
N GLU A 87 5.67 10.46 14.74
CA GLU A 87 6.73 10.26 15.71
C GLU A 87 7.18 8.80 15.82
N ARG A 88 8.46 8.62 16.16
CA ARG A 88 9.02 7.30 16.46
C ARG A 88 8.46 6.82 17.78
N ASN A 89 8.13 7.76 18.67
CA ASN A 89 7.50 7.43 19.96
C ASN A 89 6.20 6.70 19.73
N SER A 90 5.49 7.06 18.67
CA SER A 90 4.24 6.45 18.36
C SER A 90 4.41 4.98 18.03
N VAL A 91 5.51 4.65 17.32
CA VAL A 91 5.73 3.26 16.98
C VAL A 91 5.93 2.46 18.24
N ASP A 92 6.65 3.04 19.22
CA ASP A 92 6.88 2.38 20.52
C ASP A 92 5.57 2.11 21.24
N ALA A 93 4.63 3.00 21.07
CA ALA A 93 3.33 2.86 21.70
C ALA A 93 2.52 1.77 20.98
N ALA A 94 2.65 1.71 19.67
CA ALA A 94 1.94 0.74 18.87
C ALA A 94 2.52 -0.67 19.06
N VAL A 95 3.85 -0.76 19.03
CA VAL A 95 4.55 -2.04 19.25
C VAL A 95 4.26 -2.64 20.62
N ALA A 96 3.86 -1.80 21.58
CA ALA A 96 3.48 -2.29 22.91
C ALA A 96 2.16 -3.07 22.84
N MET A 97 1.47 -2.86 21.75
CA MET A 97 0.19 -3.49 21.48
C MET A 97 0.37 -4.61 20.46
N ASP A 98 1.67 -4.93 20.17
CA ASP A 98 2.07 -5.97 19.19
C ASP A 98 1.18 -7.18 19.20
N GLU A 99 0.89 -7.76 20.35
CA GLU A 99 -0.03 -8.85 20.39
C GLU A 99 -1.27 -8.47 21.19
N THR A 100 -2.32 -8.21 20.47
CA THR A 100 -3.58 -7.84 21.04
C THR A 100 -4.70 -8.43 20.18
N VAL A 101 -5.93 -8.29 20.62
CA VAL A 101 -7.03 -8.83 19.88
C VAL A 101 -7.81 -7.69 19.20
N PHE A 102 -7.81 -7.71 17.90
CA PHE A 102 -8.46 -6.72 17.11
C PHE A 102 -9.45 -7.41 16.21
N ARG A 103 -10.73 -7.09 16.39
CA ARG A 103 -11.83 -7.65 15.62
C ARG A 103 -11.97 -9.16 15.80
N GLY A 104 -11.65 -9.59 16.99
CA GLY A 104 -11.81 -10.98 17.36
C GLY A 104 -10.60 -11.84 17.09
N ARG A 105 -9.57 -11.26 16.52
CA ARG A 105 -8.40 -12.04 16.22
C ARG A 105 -7.14 -11.35 16.72
N THR A 106 -6.12 -12.12 16.97
CA THR A 106 -4.90 -11.62 17.56
C THR A 106 -3.98 -11.02 16.50
N ILE A 107 -3.63 -9.74 16.64
CA ILE A 107 -2.84 -9.07 15.59
C ILE A 107 -1.39 -8.99 15.96
N LYS A 108 -0.60 -8.54 14.99
CA LYS A 108 0.83 -8.37 15.19
C LYS A 108 1.25 -6.98 14.70
N VAL A 109 1.92 -6.23 15.55
CA VAL A 109 2.37 -4.89 15.23
C VAL A 109 3.87 -4.76 15.52
N LEU A 110 4.62 -4.30 14.57
CA LEU A 110 6.04 -4.01 14.75
C LEU A 110 6.40 -2.85 13.85
N PRO A 111 7.54 -2.12 14.06
CA PRO A 111 7.84 -0.98 13.20
C PRO A 111 8.15 -1.48 11.80
N LYS A 112 7.85 -0.69 10.79
CA LYS A 112 8.11 -1.11 9.43
C LYS A 112 9.63 -1.12 9.23
N ARG A 113 10.19 -2.28 9.47
CA ARG A 113 11.60 -2.48 9.69
C ARG A 113 12.53 -2.43 8.49
N THR A 114 13.65 -1.78 8.73
CA THR A 114 14.77 -1.71 7.84
C THR A 114 15.85 -2.67 8.37
N ASN A 115 15.63 -3.13 9.61
CA ASN A 115 16.46 -4.09 10.35
C ASN A 115 17.81 -3.52 10.78
N MET A 116 18.65 -3.25 9.82
CA MET A 116 19.99 -2.78 10.09
C MET A 116 20.15 -1.31 9.71
N PRO A 117 20.24 -0.41 10.69
CA PRO A 117 20.49 1.00 10.43
C PRO A 117 22.00 1.31 10.37
N GLY A 118 22.79 0.27 10.59
CA GLY A 118 24.22 0.41 10.51
C GLY A 118 24.75 -0.28 9.28
N ILE A 119 24.42 -1.54 9.12
CA ILE A 119 24.87 -2.31 7.97
C ILE A 119 24.14 -1.88 6.70
N SER A 120 24.79 -1.01 5.95
CA SER A 120 24.32 -0.48 4.69
C SER A 120 25.43 0.42 4.16
N SER A 121 25.49 0.63 2.87
CA SER A 121 26.49 1.49 2.31
C SER A 121 25.87 2.51 1.38
N THR A 122 25.65 3.69 1.89
CA THR A 122 25.07 4.76 1.12
C THR A 122 26.12 5.37 0.19
N ASP A 123 26.25 4.74 -0.96
CA ASP A 123 27.22 5.08 -2.01
C ASP A 123 27.16 3.95 -3.03
N ARG A 124 26.77 2.79 -2.55
CA ARG A 124 26.68 1.60 -3.37
C ARG A 124 25.26 1.40 -3.83
N ALA B 1 15.47 -3.90 -26.99
CA ALA B 1 14.53 -3.40 -25.98
C ALA B 1 14.93 -3.90 -24.60
N ILE B 2 15.80 -4.87 -24.61
CA ILE B 2 16.29 -5.46 -23.38
C ILE B 2 17.54 -4.71 -22.97
N ALA B 3 17.62 -4.34 -21.72
CA ALA B 3 18.73 -3.57 -21.23
C ALA B 3 19.31 -4.19 -19.97
N PRO B 4 20.63 -4.48 -19.96
CA PRO B 4 21.31 -4.98 -18.76
C PRO B 4 21.21 -3.94 -17.64
N CYS B 5 21.58 -2.73 -18.00
CA CYS B 5 21.51 -1.54 -17.20
C CYS B 5 21.60 -0.39 -18.19
N MET B 6 20.64 0.49 -18.21
CA MET B 6 20.68 1.57 -19.19
C MET B 6 20.89 2.94 -18.56
N GLN B 7 22.16 3.36 -18.57
CA GLN B 7 22.64 4.65 -18.05
C GLN B 7 22.30 4.88 -16.58
N THR B 8 21.14 5.41 -16.33
CA THR B 8 20.74 5.72 -14.99
C THR B 8 19.92 4.58 -14.40
N THR B 9 20.55 3.73 -13.66
CA THR B 9 19.87 2.67 -12.99
C THR B 9 19.17 3.20 -11.74
N HIS B 10 17.89 3.50 -11.87
CA HIS B 10 17.12 3.97 -10.75
C HIS B 10 16.61 2.78 -9.98
N SER B 11 17.45 2.27 -9.14
CA SER B 11 17.16 1.14 -8.31
C SER B 11 17.97 1.27 -7.04
N LYS B 12 17.54 0.62 -5.99
CA LYS B 12 18.28 0.66 -4.74
C LYS B 12 19.31 -0.47 -4.72
N MET B 13 19.11 -1.46 -5.60
CA MET B 13 19.99 -2.63 -5.78
C MET B 13 19.93 -3.60 -4.61
N THR B 14 20.26 -3.11 -3.43
CA THR B 14 20.18 -3.90 -2.22
C THR B 14 18.72 -4.19 -1.91
N ALA B 15 17.89 -3.19 -2.09
CA ALA B 15 16.48 -3.36 -1.94
C ALA B 15 15.81 -3.33 -3.30
N GLY B 16 15.62 -4.50 -3.86
CA GLY B 16 14.97 -4.62 -5.15
C GLY B 16 13.72 -5.40 -4.99
N ALA B 17 13.87 -6.62 -4.53
CA ALA B 17 12.76 -7.44 -4.18
C ALA B 17 12.29 -6.98 -2.82
N TYR B 18 11.40 -6.02 -2.83
CA TYR B 18 10.92 -5.40 -1.61
C TYR B 18 10.17 -6.38 -0.75
N THR B 19 10.56 -6.45 0.50
CA THR B 19 9.90 -7.29 1.45
C THR B 19 8.75 -6.53 2.10
N GLU B 20 7.54 -6.95 1.81
CA GLU B 20 6.33 -6.32 2.34
C GLU B 20 6.00 -6.88 3.73
N GLY B 21 6.86 -7.76 4.18
CA GLY B 21 6.77 -8.38 5.47
C GLY B 21 6.18 -9.75 5.36
N PRO B 22 4.87 -9.91 5.68
CA PRO B 22 4.11 -11.16 5.47
C PRO B 22 4.43 -11.86 4.10
N PRO B 23 4.37 -11.15 2.92
CA PRO B 23 4.79 -11.75 1.69
C PRO B 23 6.30 -11.65 1.55
N GLN B 24 6.93 -12.78 1.37
CA GLN B 24 8.37 -12.85 1.21
C GLN B 24 8.80 -12.11 -0.04
N PRO B 25 10.04 -11.58 -0.01
CA PRO B 25 10.58 -10.77 -1.10
C PRO B 25 10.53 -11.47 -2.44
N LEU B 26 9.68 -10.97 -3.29
CA LEU B 26 9.58 -11.46 -4.63
C LEU B 26 10.16 -10.41 -5.56
N SER B 27 10.73 -10.83 -6.65
CA SER B 27 11.50 -9.94 -7.52
C SER B 27 10.67 -8.82 -8.08
N ALA B 28 11.34 -7.67 -8.25
CA ALA B 28 10.76 -6.51 -8.93
C ALA B 28 10.16 -6.90 -10.25
N GLU B 29 10.76 -7.86 -10.94
CA GLU B 29 10.25 -8.29 -12.22
C GLU B 29 8.89 -8.98 -12.09
N GLU B 30 8.70 -9.71 -10.99
CA GLU B 30 7.37 -10.28 -10.69
C GLU B 30 6.44 -9.17 -10.39
N LYS B 31 6.96 -8.12 -9.75
CA LYS B 31 6.15 -6.99 -9.40
C LYS B 31 5.77 -6.22 -10.61
N LYS B 32 6.67 -6.13 -11.58
CA LYS B 32 6.40 -5.44 -12.81
C LYS B 32 5.20 -6.04 -13.48
N GLU B 33 5.18 -7.35 -13.57
CA GLU B 33 4.13 -8.07 -14.27
C GLU B 33 2.78 -7.90 -13.59
N ILE B 34 2.78 -8.10 -12.29
CA ILE B 34 1.55 -8.00 -11.52
C ILE B 34 1.04 -6.56 -11.40
N ASP B 35 1.97 -5.61 -11.29
CA ASP B 35 1.60 -4.20 -11.15
C ASP B 35 1.17 -3.57 -12.47
N LYS B 36 1.55 -4.18 -13.60
CA LYS B 36 1.10 -3.72 -14.95
C LYS B 36 -0.39 -3.96 -15.07
N ARG B 37 -0.85 -4.90 -14.32
CA ARG B 37 -2.21 -5.36 -14.38
C ARG B 37 -3.00 -4.69 -13.27
N SER B 38 -2.41 -3.68 -12.71
CA SER B 38 -3.01 -2.93 -11.65
C SER B 38 -3.45 -1.56 -12.16
N VAL B 39 -4.21 -0.88 -11.34
CA VAL B 39 -4.74 0.42 -11.64
C VAL B 39 -4.58 1.34 -10.45
N TYR B 40 -4.71 2.59 -10.72
CA TYR B 40 -4.71 3.61 -9.72
C TYR B 40 -6.11 4.15 -9.62
N VAL B 41 -6.62 4.15 -8.44
CA VAL B 41 -7.91 4.69 -8.16
C VAL B 41 -7.72 5.85 -7.22
N GLY B 42 -7.99 7.03 -7.68
CA GLY B 42 -7.79 8.18 -6.86
C GLY B 42 -9.05 8.78 -6.36
N ASN B 43 -8.88 9.62 -5.34
CA ASN B 43 -9.95 10.36 -4.65
C ASN B 43 -11.07 9.42 -4.08
N VAL B 44 -10.72 8.15 -3.86
CA VAL B 44 -11.62 7.19 -3.21
C VAL B 44 -12.02 7.71 -1.85
N ASP B 45 -13.30 7.62 -1.56
CA ASP B 45 -13.82 8.13 -0.32
C ASP B 45 -13.27 7.33 0.82
N TYR B 46 -12.97 8.01 1.92
CA TYR B 46 -12.35 7.39 3.09
C TYR B 46 -13.32 6.35 3.73
N GLY B 47 -14.57 6.36 3.25
CA GLY B 47 -15.56 5.44 3.69
C GLY B 47 -15.67 4.21 2.79
N SER B 48 -15.02 4.20 1.62
CA SER B 48 -15.05 3.01 0.81
C SER B 48 -13.83 2.18 1.01
N THR B 49 -13.80 1.44 2.08
CA THR B 49 -12.76 0.54 2.37
C THR B 49 -12.74 -0.67 1.46
N ALA B 50 -11.81 -1.57 1.74
CA ALA B 50 -11.40 -2.61 0.83
C ALA B 50 -12.55 -3.46 0.26
N GLN B 51 -13.42 -3.98 1.11
CA GLN B 51 -14.52 -4.86 0.65
C GLN B 51 -15.44 -4.17 -0.37
N ASP B 52 -15.95 -3.00 -0.01
CA ASP B 52 -16.85 -2.24 -0.87
C ASP B 52 -16.14 -1.82 -2.16
N LEU B 53 -14.92 -1.42 -2.00
CA LEU B 53 -14.10 -0.92 -3.08
C LEU B 53 -13.80 -2.08 -4.06
N GLU B 54 -13.39 -3.24 -3.52
CA GLU B 54 -13.07 -4.41 -4.34
C GLU B 54 -14.23 -4.85 -5.18
N ALA B 55 -15.40 -4.96 -4.55
CA ALA B 55 -16.61 -5.41 -5.25
C ALA B 55 -16.88 -4.54 -6.46
N HIS B 56 -16.62 -3.25 -6.30
CA HIS B 56 -16.87 -2.29 -7.35
C HIS B 56 -15.95 -2.58 -8.55
N PHE B 57 -14.70 -2.91 -8.29
CA PHE B 57 -13.74 -3.28 -9.34
C PHE B 57 -13.85 -4.72 -9.79
N SER B 58 -14.40 -5.54 -8.94
CA SER B 58 -14.50 -6.98 -9.14
C SER B 58 -15.37 -7.27 -10.35
N SER B 59 -16.35 -6.42 -10.57
CA SER B 59 -17.17 -6.53 -11.76
C SER B 59 -16.33 -6.37 -13.06
N CYS B 60 -15.20 -5.66 -12.95
CA CYS B 60 -14.35 -5.36 -14.10
C CYS B 60 -13.17 -6.36 -14.24
N GLY B 61 -13.13 -7.41 -13.42
CA GLY B 61 -12.02 -8.34 -13.51
C GLY B 61 -11.70 -9.05 -12.23
N SER B 62 -10.66 -9.87 -12.25
CA SER B 62 -10.26 -10.66 -11.12
C SER B 62 -9.16 -9.95 -10.33
N ILE B 63 -9.48 -9.59 -9.13
CA ILE B 63 -8.58 -8.86 -8.29
C ILE B 63 -7.61 -9.79 -7.53
N ASN B 64 -6.34 -9.45 -7.59
CA ASN B 64 -5.27 -10.19 -6.89
C ASN B 64 -4.89 -9.51 -5.60
N ARG B 65 -4.79 -8.19 -5.63
CA ARG B 65 -4.38 -7.42 -4.46
C ARG B 65 -5.03 -6.06 -4.56
N ILE B 66 -5.10 -5.37 -3.45
CA ILE B 66 -5.55 -4.00 -3.43
C ILE B 66 -4.77 -3.29 -2.36
N THR B 67 -4.36 -2.12 -2.65
CA THR B 67 -3.59 -1.33 -1.74
C THR B 67 -4.29 -0.01 -1.56
N ILE B 68 -4.68 0.32 -0.37
CA ILE B 68 -5.41 1.55 -0.16
C ILE B 68 -4.56 2.40 0.75
N LEU B 69 -4.13 3.52 0.28
CA LEU B 69 -3.31 4.38 1.08
C LEU B 69 -3.93 5.74 1.28
N CYS B 70 -4.09 6.11 2.50
CA CYS B 70 -4.69 7.36 2.84
C CYS B 70 -3.68 8.18 3.58
N ASP B 71 -3.54 9.43 3.25
CA ASP B 71 -2.62 10.27 3.97
C ASP B 71 -3.36 11.47 4.46
N LYS B 72 -3.04 11.93 5.62
CA LYS B 72 -3.72 13.04 6.19
C LYS B 72 -2.74 14.18 6.41
N PHE B 73 -1.57 14.08 5.77
CA PHE B 73 -0.54 15.11 5.93
C PHE B 73 -0.94 16.42 5.24
N SER B 74 -1.98 16.36 4.45
CA SER B 74 -2.55 17.54 3.81
C SER B 74 -3.64 18.15 4.72
N GLY B 75 -3.81 17.57 5.90
CA GLY B 75 -4.80 18.04 6.85
C GLY B 75 -6.07 17.27 6.70
N HIS B 76 -6.48 17.13 5.48
CA HIS B 76 -7.62 16.32 5.12
C HIS B 76 -7.09 14.98 4.71
N PRO B 77 -7.69 13.89 5.17
CA PRO B 77 -7.21 12.58 4.79
C PRO B 77 -7.60 12.26 3.37
N LYS B 78 -6.62 12.06 2.53
CA LYS B 78 -6.86 11.80 1.16
C LYS B 78 -6.82 10.33 0.93
N GLY B 79 -7.65 9.87 0.06
CA GLY B 79 -7.68 8.47 -0.21
C GLY B 79 -7.35 8.17 -1.65
N TYR B 80 -6.48 7.23 -1.82
CA TYR B 80 -6.09 6.73 -3.11
C TYR B 80 -5.68 5.28 -2.99
N ALA B 81 -5.98 4.51 -3.98
CA ALA B 81 -5.76 3.09 -3.90
C ALA B 81 -5.28 2.54 -5.21
N TYR B 82 -4.62 1.42 -5.13
CA TYR B 82 -4.19 0.70 -6.29
C TYR B 82 -4.90 -0.62 -6.27
N ILE B 83 -5.49 -1.00 -7.36
CA ILE B 83 -6.19 -2.25 -7.44
C ILE B 83 -5.46 -3.17 -8.42
N GLU B 84 -4.85 -4.21 -7.91
CA GLU B 84 -4.10 -5.16 -8.73
C GLU B 84 -5.01 -6.24 -9.30
N PHE B 85 -5.10 -6.33 -10.61
CA PHE B 85 -5.88 -7.36 -11.27
C PHE B 85 -4.97 -8.43 -11.83
N ALA B 86 -5.54 -9.55 -12.19
CA ALA B 86 -4.79 -10.64 -12.80
C ALA B 86 -4.54 -10.38 -14.29
N GLU B 87 -5.49 -9.77 -14.96
CA GLU B 87 -5.41 -9.48 -16.39
C GLU B 87 -5.25 -7.99 -16.68
N ARG B 88 -4.57 -7.69 -17.78
CA ARG B 88 -4.45 -6.33 -18.31
C ARG B 88 -5.80 -5.86 -18.82
N ASN B 89 -6.60 -6.80 -19.26
CA ASN B 89 -7.92 -6.50 -19.78
C ASN B 89 -8.81 -5.92 -18.72
N SER B 90 -8.57 -6.28 -17.47
CA SER B 90 -9.30 -5.75 -16.37
C SER B 90 -9.00 -4.26 -16.19
N VAL B 91 -7.73 -3.86 -16.42
CA VAL B 91 -7.38 -2.45 -16.28
C VAL B 91 -8.15 -1.65 -17.31
N ASP B 92 -8.28 -2.20 -18.53
CA ASP B 92 -9.06 -1.59 -19.61
C ASP B 92 -10.50 -1.36 -19.21
N ALA B 93 -11.04 -2.28 -18.46
CA ALA B 93 -12.41 -2.19 -18.00
C ALA B 93 -12.54 -1.13 -16.90
N ALA B 94 -11.52 -1.03 -16.07
CA ALA B 94 -11.51 -0.09 -14.97
C ALA B 94 -11.25 1.34 -15.47
N VAL B 95 -10.31 1.48 -16.39
CA VAL B 95 -9.99 2.79 -16.98
C VAL B 95 -11.18 3.39 -17.73
N ALA B 96 -12.11 2.54 -18.16
CA ALA B 96 -13.32 3.00 -18.82
C ALA B 96 -14.24 3.72 -17.81
N MET B 97 -13.97 3.49 -16.54
CA MET B 97 -14.73 4.04 -15.44
C MET B 97 -13.98 5.25 -14.85
N ASP B 98 -12.83 5.61 -15.49
CA ASP B 98 -11.90 6.65 -14.98
C ASP B 98 -12.52 7.84 -14.29
N GLU B 99 -13.50 8.49 -14.86
CA GLU B 99 -14.09 9.58 -14.15
C GLU B 99 -15.56 9.28 -13.83
N THR B 100 -15.74 8.75 -12.66
CA THR B 100 -17.05 8.44 -12.15
C THR B 100 -17.17 8.91 -10.69
N VAL B 101 -18.35 8.83 -10.13
CA VAL B 101 -18.58 9.24 -8.77
C VAL B 101 -18.64 7.98 -7.88
N PHE B 102 -17.87 7.99 -6.84
CA PHE B 102 -17.81 6.86 -5.96
C PHE B 102 -17.99 7.35 -4.51
N ARG B 103 -19.03 6.85 -3.87
CA ARG B 103 -19.47 7.24 -2.51
C ARG B 103 -19.61 8.77 -2.36
N GLY B 104 -20.00 9.38 -3.43
CA GLY B 104 -20.33 10.77 -3.41
C GLY B 104 -19.23 11.69 -3.90
N ARG B 105 -18.08 11.14 -4.25
CA ARG B 105 -17.04 11.97 -4.80
C ARG B 105 -16.44 11.39 -6.06
N THR B 106 -16.01 12.25 -6.96
CA THR B 106 -15.50 11.84 -8.26
C THR B 106 -14.11 11.23 -8.15
N ILE B 107 -13.96 10.03 -8.65
CA ILE B 107 -12.68 9.35 -8.62
C ILE B 107 -12.02 9.40 -9.99
N LYS B 108 -10.78 8.97 -10.03
CA LYS B 108 -10.00 8.90 -11.25
C LYS B 108 -9.29 7.57 -11.28
N VAL B 109 -9.37 6.88 -12.39
CA VAL B 109 -8.77 5.56 -12.51
C VAL B 109 -7.85 5.52 -13.76
N LEU B 110 -6.65 4.97 -13.60
CA LEU B 110 -5.75 4.76 -14.73
C LEU B 110 -5.04 3.45 -14.43
N PRO B 111 -4.27 2.87 -15.39
CA PRO B 111 -3.42 1.70 -15.09
C PRO B 111 -2.18 2.13 -14.26
N LYS B 112 -1.66 1.24 -13.46
CA LYS B 112 -0.50 1.55 -12.63
C LYS B 112 0.80 1.31 -13.40
N ARG B 113 1.74 2.19 -13.20
CA ARG B 113 3.09 2.04 -13.72
C ARG B 113 4.04 2.61 -12.69
N THR B 114 5.01 1.83 -12.26
CA THR B 114 5.89 2.27 -11.21
C THR B 114 7.32 1.72 -11.37
N ASN B 115 8.27 2.66 -11.60
CA ASN B 115 9.74 2.42 -11.57
C ASN B 115 10.26 1.18 -12.29
N MET B 116 10.88 1.39 -13.41
CA MET B 116 11.49 0.30 -14.13
C MET B 116 12.92 0.15 -13.61
N PRO B 117 13.26 -1.00 -12.99
CA PRO B 117 14.60 -1.22 -12.47
C PRO B 117 15.56 -1.60 -13.58
N GLY B 118 16.38 -0.65 -14.00
CA GLY B 118 17.31 -0.85 -15.07
C GLY B 118 18.55 -1.56 -14.61
N ILE B 119 18.37 -2.72 -14.05
CA ILE B 119 19.43 -3.55 -13.59
C ILE B 119 18.98 -5.01 -13.64
N SER B 120 19.79 -5.84 -14.21
CA SER B 120 19.54 -7.24 -14.31
C SER B 120 20.85 -7.97 -14.37
N SER B 121 20.86 -9.24 -14.04
CA SER B 121 22.05 -10.02 -14.10
C SER B 121 22.29 -10.45 -15.54
N THR B 122 23.22 -9.82 -16.17
CA THR B 122 23.52 -10.10 -17.54
C THR B 122 24.82 -10.88 -17.63
N ASP B 123 24.74 -12.07 -18.17
CA ASP B 123 25.90 -12.90 -18.37
C ASP B 123 25.67 -13.79 -19.56
N ARG B 124 24.61 -14.54 -19.50
CA ARG B 124 24.29 -15.49 -20.52
C ARG B 124 22.84 -15.44 -20.91
N ALA A 1 -6.01 -11.04 37.14
CA ALA A 1 -7.16 -10.43 36.48
C ALA A 1 -7.14 -10.80 35.01
N ILE A 2 -8.14 -10.40 34.28
CA ILE A 2 -8.23 -10.75 32.87
C ILE A 2 -7.38 -9.79 32.04
N ALA A 3 -6.34 -10.34 31.46
CA ALA A 3 -5.46 -9.61 30.60
C ALA A 3 -5.24 -10.44 29.34
N PRO A 4 -5.66 -9.95 28.16
CA PRO A 4 -5.51 -10.69 26.92
C PRO A 4 -4.05 -10.90 26.52
N CYS A 5 -3.55 -12.06 26.80
CA CYS A 5 -2.20 -12.43 26.45
C CYS A 5 -2.25 -13.58 25.48
N MET A 6 -2.22 -13.26 24.22
CA MET A 6 -2.30 -14.23 23.16
C MET A 6 -1.15 -14.04 22.23
N GLN A 7 -0.47 -15.10 21.90
CA GLN A 7 0.69 -15.02 21.05
C GLN A 7 0.52 -15.90 19.82
N THR A 8 0.55 -15.30 18.67
CA THR A 8 0.37 -16.01 17.43
C THR A 8 1.10 -15.27 16.29
N THR A 9 1.55 -16.02 15.29
CA THR A 9 2.18 -15.51 14.09
C THR A 9 3.63 -15.03 14.32
N HIS A 10 3.77 -13.88 15.00
CA HIS A 10 5.07 -13.20 15.25
C HIS A 10 6.02 -13.12 14.04
N SER A 11 5.77 -12.14 13.18
CA SER A 11 6.59 -11.89 11.99
C SER A 11 7.83 -11.05 12.38
N LYS A 12 8.87 -11.04 11.53
CA LYS A 12 10.13 -10.33 11.84
C LYS A 12 11.05 -10.23 10.59
N MET A 13 11.96 -9.24 10.63
CA MET A 13 13.05 -9.01 9.62
C MET A 13 12.59 -8.90 8.16
N THR A 14 12.75 -7.72 7.58
CA THR A 14 12.39 -7.51 6.19
C THR A 14 13.04 -6.22 5.64
N ALA A 15 13.07 -6.10 4.30
CA ALA A 15 13.62 -4.95 3.62
C ALA A 15 12.92 -4.73 2.26
N GLY A 16 12.43 -3.52 2.00
CA GLY A 16 11.77 -3.21 0.74
C GLY A 16 10.85 -1.99 0.83
N ALA A 17 11.02 -1.05 -0.12
CA ALA A 17 10.18 0.17 -0.23
C ALA A 17 10.50 0.89 -1.54
N TYR A 18 9.62 0.79 -2.55
CA TYR A 18 9.97 1.38 -3.86
C TYR A 18 8.81 1.96 -4.70
N THR A 19 7.57 1.50 -4.57
CA THR A 19 6.56 1.91 -5.56
C THR A 19 5.24 2.35 -4.90
N GLU A 20 4.65 3.45 -5.41
CA GLU A 20 3.34 3.89 -4.94
C GLU A 20 2.37 4.05 -6.15
N GLY A 21 2.49 5.16 -6.89
CA GLY A 21 1.65 5.38 -8.08
C GLY A 21 2.02 6.67 -8.78
N PRO A 22 1.02 7.44 -9.28
CA PRO A 22 1.24 8.77 -9.85
C PRO A 22 2.08 9.68 -8.90
N PRO A 23 1.71 9.83 -7.57
CA PRO A 23 2.59 10.50 -6.63
C PRO A 23 3.91 9.75 -6.56
N GLN A 24 4.99 10.47 -6.58
CA GLN A 24 6.29 9.85 -6.67
C GLN A 24 6.75 9.29 -5.33
N PRO A 25 7.70 8.33 -5.34
CA PRO A 25 8.24 7.70 -4.12
C PRO A 25 9.11 8.65 -3.29
N LEU A 26 8.51 9.76 -2.88
CA LEU A 26 9.10 10.82 -2.04
C LEU A 26 10.60 11.15 -2.25
N SER A 27 11.13 11.88 -1.30
CA SER A 27 12.53 12.21 -1.22
C SER A 27 13.22 11.11 -0.40
N ALA A 28 14.49 10.85 -0.67
CA ALA A 28 15.25 9.82 0.07
C ALA A 28 15.17 10.01 1.59
N GLU A 29 15.36 11.22 2.07
CA GLU A 29 15.29 11.47 3.49
C GLU A 29 13.88 11.50 4.04
N GLU A 30 12.90 11.94 3.22
CA GLU A 30 11.50 11.84 3.62
C GLU A 30 11.14 10.40 3.88
N LYS A 31 11.73 9.53 3.10
CA LYS A 31 11.49 8.13 3.24
C LYS A 31 12.03 7.61 4.54
N LYS A 32 13.25 7.97 4.92
CA LYS A 32 13.78 7.52 6.20
C LYS A 32 13.00 8.07 7.39
N GLU A 33 12.43 9.27 7.24
CA GLU A 33 11.57 9.80 8.30
C GLU A 33 10.33 8.97 8.45
N ILE A 34 9.70 8.65 7.35
CA ILE A 34 8.48 7.87 7.39
C ILE A 34 8.70 6.41 7.79
N ASP A 35 9.84 5.80 7.37
CA ASP A 35 10.15 4.40 7.80
C ASP A 35 10.29 4.35 9.30
N LYS A 36 10.93 5.35 9.80
CA LYS A 36 11.20 5.56 11.21
C LYS A 36 9.92 5.61 12.05
N ARG A 37 8.81 5.99 11.45
CA ARG A 37 7.58 6.16 12.17
C ARG A 37 6.46 5.23 11.66
N SER A 38 6.82 4.29 10.81
CA SER A 38 5.85 3.37 10.23
C SER A 38 5.84 2.02 10.97
N VAL A 39 4.70 1.34 10.89
CA VAL A 39 4.50 0.02 11.47
C VAL A 39 3.70 -0.86 10.58
N TYR A 40 3.79 -2.12 10.83
CA TYR A 40 3.10 -3.13 10.13
C TYR A 40 2.11 -3.73 11.07
N VAL A 41 0.89 -3.75 10.66
CA VAL A 41 -0.19 -4.34 11.38
C VAL A 41 -0.66 -5.54 10.58
N GLY A 42 -0.42 -6.71 11.09
CA GLY A 42 -0.76 -7.87 10.33
C GLY A 42 -1.92 -8.63 10.86
N ASN A 43 -2.42 -9.53 10.01
CA ASN A 43 -3.56 -10.41 10.28
C ASN A 43 -4.88 -9.62 10.46
N VAL A 44 -4.94 -8.44 9.89
CA VAL A 44 -6.16 -7.65 9.93
C VAL A 44 -6.85 -7.66 8.54
N ASP A 45 -7.81 -8.56 8.40
CA ASP A 45 -8.41 -8.85 7.10
C ASP A 45 -9.78 -8.27 7.03
N TYR A 46 -10.13 -7.66 5.87
CA TYR A 46 -11.51 -7.20 5.50
C TYR A 46 -12.42 -6.49 6.53
N GLY A 47 -12.76 -7.14 7.62
CA GLY A 47 -13.74 -6.62 8.57
C GLY A 47 -13.35 -5.32 9.25
N SER A 48 -12.08 -5.00 9.26
CA SER A 48 -11.63 -3.78 9.85
C SER A 48 -11.50 -2.71 8.77
N THR A 49 -11.99 -1.53 9.05
CA THR A 49 -11.97 -0.47 8.10
C THR A 49 -10.81 0.45 8.40
N ALA A 50 -10.60 1.46 7.57
CA ALA A 50 -9.58 2.43 7.80
C ALA A 50 -9.82 3.16 9.12
N GLN A 51 -11.08 3.55 9.37
CA GLN A 51 -11.45 4.22 10.63
C GLN A 51 -11.08 3.34 11.84
N ASP A 52 -11.42 2.05 11.76
CA ASP A 52 -11.12 1.10 12.88
C ASP A 52 -9.66 1.07 13.20
N LEU A 53 -8.86 1.08 12.18
CA LEU A 53 -7.44 1.01 12.32
C LEU A 53 -6.87 2.31 12.81
N GLU A 54 -7.26 3.38 12.18
CA GLU A 54 -6.75 4.70 12.48
C GLU A 54 -7.12 5.12 13.89
N ALA A 55 -8.39 4.99 14.25
CA ALA A 55 -8.84 5.33 15.61
C ALA A 55 -8.12 4.50 16.68
N HIS A 56 -7.97 3.22 16.40
CA HIS A 56 -7.36 2.31 17.37
C HIS A 56 -5.89 2.67 17.57
N PHE A 57 -5.25 3.13 16.51
CA PHE A 57 -3.89 3.61 16.56
C PHE A 57 -3.77 5.04 17.04
N SER A 58 -4.87 5.80 16.93
CA SER A 58 -4.91 7.21 17.37
C SER A 58 -4.62 7.29 18.85
N SER A 59 -5.03 6.27 19.57
CA SER A 59 -4.72 6.17 20.99
C SER A 59 -3.19 6.16 21.20
N CYS A 60 -2.46 5.63 20.23
CA CYS A 60 -1.02 5.53 20.30
C CYS A 60 -0.31 6.67 19.54
N GLY A 61 -1.07 7.57 18.91
CA GLY A 61 -0.41 8.63 18.16
C GLY A 61 -1.30 9.44 17.25
N SER A 62 -0.65 10.33 16.49
CA SER A 62 -1.31 11.22 15.56
C SER A 62 -1.89 10.48 14.33
N ILE A 63 -1.00 10.04 13.47
CA ILE A 63 -1.26 9.26 12.25
C ILE A 63 -1.24 10.12 11.00
N ASN A 64 -0.25 9.86 10.19
CA ASN A 64 -0.02 10.59 8.97
C ASN A 64 -0.39 9.81 7.75
N ARG A 65 -0.31 8.52 7.83
CA ARG A 65 -0.75 7.65 6.75
C ARG A 65 -1.17 6.34 7.33
N ILE A 66 -2.04 5.66 6.63
CA ILE A 66 -2.36 4.30 6.93
C ILE A 66 -2.58 3.63 5.60
N THR A 67 -2.08 2.48 5.46
CA THR A 67 -2.16 1.76 4.24
C THR A 67 -2.79 0.42 4.54
N ILE A 68 -3.84 0.07 3.87
CA ILE A 68 -4.49 -1.18 4.13
C ILE A 68 -4.50 -1.93 2.84
N LEU A 69 -3.87 -3.04 2.80
CA LEU A 69 -3.89 -3.84 1.61
C LEU A 69 -4.45 -5.20 1.85
N CYS A 70 -5.33 -5.60 0.99
CA CYS A 70 -5.96 -6.89 1.08
C CYS A 70 -5.56 -7.68 -0.13
N ASP A 71 -5.00 -8.86 0.05
CA ASP A 71 -4.56 -9.61 -1.10
C ASP A 71 -5.37 -10.84 -1.31
N LYS A 72 -5.67 -11.10 -2.54
CA LYS A 72 -6.33 -12.29 -2.96
C LYS A 72 -5.43 -13.07 -3.89
N PHE A 73 -4.17 -12.64 -4.05
CA PHE A 73 -3.25 -13.39 -4.93
C PHE A 73 -2.89 -14.72 -4.28
N SER A 74 -3.17 -14.80 -3.00
CA SER A 74 -3.01 -16.00 -2.24
C SER A 74 -4.28 -16.87 -2.35
N GLY A 75 -5.20 -16.45 -3.22
CA GLY A 75 -6.45 -17.14 -3.42
C GLY A 75 -7.48 -16.65 -2.45
N HIS A 76 -7.12 -16.70 -1.20
CA HIS A 76 -7.96 -16.28 -0.12
C HIS A 76 -7.61 -14.86 0.26
N PRO A 77 -8.61 -14.02 0.52
CA PRO A 77 -8.38 -12.63 0.84
C PRO A 77 -7.78 -12.43 2.23
N LYS A 78 -6.59 -11.86 2.28
CA LYS A 78 -5.97 -11.53 3.54
C LYS A 78 -5.89 -10.04 3.67
N GLY A 79 -5.62 -9.57 4.85
CA GLY A 79 -5.42 -8.18 5.05
C GLY A 79 -4.28 -7.85 5.97
N TYR A 80 -3.63 -6.77 5.67
CA TYR A 80 -2.58 -6.23 6.47
C TYR A 80 -2.48 -4.74 6.24
N ALA A 81 -2.14 -4.02 7.28
CA ALA A 81 -2.17 -2.58 7.22
C ALA A 81 -0.90 -2.00 7.79
N TYR A 82 -0.54 -0.85 7.34
CA TYR A 82 0.62 -0.15 7.81
C TYR A 82 0.20 1.21 8.30
N ILE A 83 0.63 1.58 9.47
CA ILE A 83 0.24 2.85 10.03
C ILE A 83 1.50 3.73 10.17
N GLU A 84 1.50 4.87 9.53
CA GLU A 84 2.59 5.81 9.62
C GLU A 84 2.23 6.94 10.60
N PHE A 85 3.03 7.10 11.63
CA PHE A 85 2.80 8.14 12.62
C PHE A 85 3.69 9.35 12.35
N ALA A 86 3.35 10.49 12.92
CA ALA A 86 4.18 11.68 12.78
C ALA A 86 5.29 11.70 13.83
N GLU A 87 5.02 11.11 14.98
CA GLU A 87 6.02 11.06 16.04
C GLU A 87 6.73 9.72 16.01
N ARG A 88 8.02 9.72 16.30
CA ARG A 88 8.80 8.49 16.39
C ARG A 88 8.35 7.79 17.67
N ASN A 89 7.95 8.59 18.62
CA ASN A 89 7.49 8.14 19.92
C ASN A 89 6.17 7.39 19.77
N SER A 90 5.32 7.83 18.86
CA SER A 90 4.02 7.24 18.67
C SER A 90 4.11 5.85 18.05
N VAL A 91 5.06 5.66 17.14
CA VAL A 91 5.25 4.36 16.54
C VAL A 91 5.73 3.39 17.61
N ASP A 92 6.57 3.89 18.52
CA ASP A 92 7.11 3.12 19.63
C ASP A 92 5.98 2.72 20.59
N ALA A 93 4.99 3.58 20.68
CA ALA A 93 3.82 3.31 21.50
C ALA A 93 2.92 2.25 20.86
N ALA A 94 2.92 2.22 19.53
CA ALA A 94 2.09 1.28 18.78
C ALA A 94 2.69 -0.12 18.85
N VAL A 95 4.01 -0.20 18.68
CA VAL A 95 4.74 -1.49 18.78
C VAL A 95 4.55 -2.18 20.13
N ALA A 96 4.20 -1.42 21.16
CA ALA A 96 3.93 -1.98 22.50
C ALA A 96 2.61 -2.77 22.50
N MET A 97 1.84 -2.58 21.46
CA MET A 97 0.55 -3.25 21.29
C MET A 97 0.71 -4.39 20.26
N ASP A 98 1.98 -4.66 19.92
CA ASP A 98 2.40 -5.69 18.93
C ASP A 98 1.59 -6.95 18.95
N GLU A 99 1.50 -7.60 20.06
CA GLU A 99 0.86 -8.84 20.13
C GLU A 99 -0.43 -8.70 20.92
N THR A 100 -1.44 -8.30 20.21
CA THR A 100 -2.75 -8.11 20.77
C THR A 100 -3.80 -8.80 19.96
N VAL A 101 -4.97 -8.90 20.51
CA VAL A 101 -6.05 -9.55 19.88
C VAL A 101 -7.10 -8.51 19.49
N PHE A 102 -7.16 -8.24 18.23
CA PHE A 102 -8.03 -7.24 17.70
C PHE A 102 -9.18 -7.93 17.00
N ARG A 103 -10.39 -7.56 17.38
CA ARG A 103 -11.63 -8.10 16.82
C ARG A 103 -11.65 -9.65 16.84
N GLY A 104 -11.01 -10.21 17.86
CA GLY A 104 -11.00 -11.65 18.07
C GLY A 104 -9.80 -12.36 17.43
N ARG A 105 -8.97 -11.63 16.70
CA ARG A 105 -7.82 -12.24 16.02
C ARG A 105 -6.51 -11.56 16.48
N THR A 106 -5.48 -12.34 16.70
CA THR A 106 -4.19 -11.81 17.16
C THR A 106 -3.43 -11.13 16.01
N ILE A 107 -3.13 -9.87 16.19
CA ILE A 107 -2.42 -9.09 15.19
C ILE A 107 -0.95 -8.95 15.54
N LYS A 108 -0.22 -8.40 14.61
CA LYS A 108 1.20 -8.09 14.78
C LYS A 108 1.44 -6.66 14.48
N VAL A 109 2.14 -5.97 15.36
CA VAL A 109 2.52 -4.60 15.11
C VAL A 109 4.04 -4.49 15.32
N LEU A 110 4.76 -4.17 14.29
CA LEU A 110 6.20 -3.99 14.41
C LEU A 110 6.60 -2.91 13.43
N PRO A 111 7.72 -2.22 13.63
CA PRO A 111 8.10 -1.09 12.76
C PRO A 111 8.35 -1.51 11.32
N LYS A 112 7.71 -0.81 10.40
CA LYS A 112 7.97 -1.01 9.02
C LYS A 112 9.08 -0.05 8.73
N ARG A 113 10.23 -0.58 8.69
CA ARG A 113 11.43 0.17 8.75
C ARG A 113 12.51 -0.72 8.20
N THR A 114 12.74 -0.54 6.93
CA THR A 114 13.58 -1.40 6.14
C THR A 114 14.90 -0.72 5.81
N ASN A 115 14.87 0.19 4.85
CA ASN A 115 15.99 1.04 4.59
C ASN A 115 15.88 2.08 5.65
N MET A 116 16.77 2.07 6.56
CA MET A 116 16.48 2.71 7.80
C MET A 116 17.62 3.52 8.37
N PRO A 117 17.28 4.42 9.33
CA PRO A 117 18.27 5.13 10.14
C PRO A 117 19.09 4.13 10.93
N GLY A 118 20.37 4.34 10.97
CA GLY A 118 21.24 3.39 11.62
C GLY A 118 22.06 2.66 10.59
N ILE A 119 22.43 3.39 9.54
CA ILE A 119 23.23 2.93 8.40
C ILE A 119 22.89 1.53 7.88
N SER A 120 21.84 1.45 7.10
CA SER A 120 21.45 0.22 6.47
C SER A 120 22.02 0.18 5.06
N SER A 121 22.33 1.38 4.53
CA SER A 121 22.93 1.55 3.20
C SER A 121 21.97 1.05 2.10
N THR A 122 22.52 0.84 0.90
CA THR A 122 21.78 0.32 -0.24
C THR A 122 20.88 1.39 -0.88
N ASP A 123 21.47 2.13 -1.81
CA ASP A 123 20.82 3.19 -2.57
C ASP A 123 21.64 3.47 -3.81
N ARG A 124 22.93 3.57 -3.61
CA ARG A 124 23.86 3.76 -4.71
C ARG A 124 24.62 2.47 -4.98
N ALA B 1 10.43 -20.72 -26.50
CA ALA B 1 9.99 -19.80 -27.53
C ALA B 1 10.13 -18.35 -27.03
N ILE B 2 10.22 -17.42 -27.95
CA ILE B 2 10.34 -16.00 -27.61
C ILE B 2 8.97 -15.36 -27.71
N ALA B 3 8.61 -14.56 -26.73
CA ALA B 3 7.35 -13.88 -26.71
C ALA B 3 7.53 -12.44 -26.26
N PRO B 4 7.53 -11.49 -27.20
CA PRO B 4 7.68 -10.08 -26.88
C PRO B 4 6.38 -9.49 -26.30
N CYS B 5 6.47 -8.97 -25.10
CA CYS B 5 5.35 -8.39 -24.44
C CYS B 5 5.80 -7.22 -23.58
N MET B 6 5.56 -6.02 -24.06
CA MET B 6 5.98 -4.84 -23.35
C MET B 6 5.00 -3.71 -23.54
N GLN B 7 4.80 -2.93 -22.52
CA GLN B 7 3.99 -1.74 -22.60
C GLN B 7 4.89 -0.58 -22.28
N THR B 8 5.09 0.28 -23.23
CA THR B 8 6.00 1.37 -23.07
C THR B 8 5.37 2.49 -22.27
N THR B 9 6.18 3.14 -21.48
CA THR B 9 5.76 4.21 -20.64
C THR B 9 7.02 4.88 -20.11
N HIS B 10 6.88 5.98 -19.42
CA HIS B 10 8.02 6.66 -18.87
C HIS B 10 7.81 6.92 -17.40
N SER B 11 8.41 6.10 -16.59
CA SER B 11 8.31 6.24 -15.16
C SER B 11 9.65 5.86 -14.55
N LYS B 12 9.69 5.68 -13.25
CA LYS B 12 10.90 5.37 -12.54
C LYS B 12 11.16 3.87 -12.59
N MET B 13 12.38 3.46 -12.28
CA MET B 13 12.72 2.04 -12.25
C MET B 13 12.57 1.49 -10.84
N THR B 14 12.11 2.33 -9.94
CA THR B 14 11.91 1.94 -8.59
C THR B 14 10.67 1.06 -8.45
N ALA B 15 10.85 -0.22 -8.70
CA ALA B 15 9.79 -1.17 -8.62
C ALA B 15 10.03 -2.13 -7.49
N GLY B 16 9.15 -2.13 -6.54
CA GLY B 16 9.27 -3.03 -5.43
C GLY B 16 7.95 -3.33 -4.84
N ALA B 17 6.94 -3.39 -5.71
CA ALA B 17 5.54 -3.57 -5.35
C ALA B 17 5.05 -2.35 -4.60
N TYR B 18 5.29 -2.30 -3.31
CA TYR B 18 4.95 -1.15 -2.51
C TYR B 18 6.04 -0.84 -1.50
N THR B 19 6.10 -1.63 -0.45
CA THR B 19 6.95 -1.36 0.71
C THR B 19 6.51 -2.30 1.84
N GLU B 20 5.99 -3.47 1.48
CA GLU B 20 5.28 -4.30 2.42
C GLU B 20 6.10 -4.74 3.64
N GLY B 21 6.87 -5.75 3.51
CA GLY B 21 7.51 -6.28 4.68
C GLY B 21 7.41 -7.79 4.70
N PRO B 22 6.35 -8.35 5.34
CA PRO B 22 6.10 -9.80 5.38
C PRO B 22 6.30 -10.50 4.00
N PRO B 23 5.68 -10.01 2.87
CA PRO B 23 6.02 -10.53 1.57
C PRO B 23 7.40 -10.03 1.20
N GLN B 24 8.27 -10.93 0.92
CA GLN B 24 9.64 -10.62 0.60
C GLN B 24 9.71 -10.03 -0.79
N PRO B 25 10.82 -9.30 -1.12
CA PRO B 25 11.03 -8.76 -2.45
C PRO B 25 10.92 -9.84 -3.50
N LEU B 26 9.80 -9.86 -4.13
CA LEU B 26 9.51 -10.77 -5.18
C LEU B 26 10.28 -10.44 -6.44
N SER B 27 10.21 -11.31 -7.42
CA SER B 27 11.00 -11.17 -8.60
C SER B 27 10.60 -9.94 -9.41
N ALA B 28 11.61 -9.36 -10.04
CA ALA B 28 11.49 -8.22 -10.92
C ALA B 28 10.38 -8.42 -11.95
N GLU B 29 10.27 -9.62 -12.48
CA GLU B 29 9.26 -9.89 -13.47
C GLU B 29 7.85 -10.04 -12.90
N GLU B 30 7.74 -10.52 -11.66
CA GLU B 30 6.45 -10.52 -10.98
C GLU B 30 5.94 -9.12 -10.85
N LYS B 31 6.85 -8.18 -10.65
CA LYS B 31 6.49 -6.80 -10.50
C LYS B 31 5.92 -6.29 -11.80
N LYS B 32 6.62 -6.50 -12.92
CA LYS B 32 6.09 -6.00 -14.21
C LYS B 32 4.75 -6.63 -14.56
N GLU B 33 4.56 -7.85 -14.11
CA GLU B 33 3.35 -8.57 -14.35
C GLU B 33 2.21 -7.90 -13.55
N ILE B 34 2.48 -7.56 -12.30
CA ILE B 34 1.50 -6.86 -11.47
C ILE B 34 1.30 -5.40 -11.89
N ASP B 35 2.38 -4.73 -12.34
CA ASP B 35 2.32 -3.34 -12.83
C ASP B 35 1.33 -3.21 -13.99
N LYS B 36 1.39 -4.17 -14.92
CA LYS B 36 0.60 -4.08 -16.15
C LYS B 36 -0.91 -4.24 -15.90
N ARG B 37 -1.26 -4.78 -14.75
CA ARG B 37 -2.65 -5.03 -14.40
C ARG B 37 -3.08 -4.25 -13.14
N SER B 38 -2.28 -3.26 -12.74
CA SER B 38 -2.60 -2.39 -11.61
C SER B 38 -3.15 -1.03 -12.06
N VAL B 39 -3.92 -0.41 -11.18
CA VAL B 39 -4.51 0.90 -11.40
C VAL B 39 -4.49 1.75 -10.16
N TYR B 40 -4.70 3.01 -10.35
CA TYR B 40 -4.75 3.99 -9.31
C TYR B 40 -6.12 4.56 -9.30
N VAL B 41 -6.70 4.53 -8.16
CA VAL B 41 -8.00 5.06 -7.92
C VAL B 41 -7.84 6.26 -7.01
N GLY B 42 -8.06 7.43 -7.53
CA GLY B 42 -7.87 8.62 -6.73
C GLY B 42 -9.17 9.29 -6.40
N ASN B 43 -9.08 10.27 -5.50
CA ASN B 43 -10.22 11.06 -4.92
C ASN B 43 -11.19 10.18 -4.10
N VAL B 44 -10.89 8.90 -4.03
CA VAL B 44 -11.64 7.95 -3.23
C VAL B 44 -11.62 8.40 -1.79
N ASP B 45 -12.78 8.44 -1.19
CA ASP B 45 -12.89 8.96 0.12
C ASP B 45 -12.37 8.01 1.16
N TYR B 46 -11.93 8.58 2.24
CA TYR B 46 -11.42 7.92 3.40
C TYR B 46 -12.38 6.79 3.90
N GLY B 47 -13.69 7.01 3.74
CA GLY B 47 -14.64 6.02 4.16
C GLY B 47 -15.02 5.04 3.09
N SER B 48 -14.41 5.13 1.91
CA SER B 48 -14.64 4.12 0.96
C SER B 48 -13.89 2.92 1.47
N THR B 49 -14.59 1.89 1.73
CA THR B 49 -14.03 0.80 2.41
C THR B 49 -13.48 -0.21 1.39
N ALA B 50 -12.67 -1.19 1.84
CA ALA B 50 -12.07 -2.16 0.94
C ALA B 50 -13.12 -2.90 0.13
N GLN B 51 -14.18 -3.34 0.81
CA GLN B 51 -15.30 -4.04 0.14
C GLN B 51 -15.90 -3.19 -0.96
N ASP B 52 -16.11 -1.90 -0.68
CA ASP B 52 -16.67 -0.96 -1.65
C ASP B 52 -15.84 -0.90 -2.89
N LEU B 53 -14.56 -0.82 -2.70
CA LEU B 53 -13.63 -0.71 -3.79
C LEU B 53 -13.51 -2.00 -4.55
N GLU B 54 -13.31 -3.08 -3.83
CA GLU B 54 -13.12 -4.37 -4.41
C GLU B 54 -14.36 -4.83 -5.19
N ALA B 55 -15.53 -4.74 -4.58
CA ALA B 55 -16.77 -5.12 -5.28
C ALA B 55 -17.01 -4.25 -6.52
N HIS B 56 -16.76 -2.96 -6.38
CA HIS B 56 -17.04 -2.02 -7.47
C HIS B 56 -16.09 -2.31 -8.64
N PHE B 57 -14.89 -2.74 -8.33
CA PHE B 57 -13.92 -3.14 -9.32
C PHE B 57 -14.11 -4.58 -9.79
N SER B 58 -14.78 -5.39 -8.98
CA SER B 58 -15.03 -6.80 -9.29
C SER B 58 -15.85 -6.92 -10.55
N SER B 59 -16.70 -5.94 -10.77
CA SER B 59 -17.49 -5.88 -11.98
C SER B 59 -16.55 -5.86 -13.22
N CYS B 60 -15.37 -5.27 -13.06
CA CYS B 60 -14.42 -5.12 -14.14
C CYS B 60 -13.41 -6.30 -14.23
N GLY B 61 -13.58 -7.36 -13.43
CA GLY B 61 -12.64 -8.49 -13.53
C GLY B 61 -12.25 -9.11 -12.21
N SER B 62 -11.12 -9.83 -12.20
CA SER B 62 -10.67 -10.53 -11.02
C SER B 62 -9.54 -9.75 -10.33
N ILE B 63 -9.74 -9.44 -9.08
CA ILE B 63 -8.81 -8.67 -8.28
C ILE B 63 -7.82 -9.58 -7.52
N ASN B 64 -6.55 -9.20 -7.55
CA ASN B 64 -5.47 -9.90 -6.81
C ASN B 64 -5.04 -9.13 -5.59
N ARG B 65 -5.09 -7.83 -5.65
CA ARG B 65 -4.74 -6.98 -4.51
C ARG B 65 -5.50 -5.70 -4.59
N ILE B 66 -5.66 -5.05 -3.47
CA ILE B 66 -6.14 -3.71 -3.42
C ILE B 66 -5.40 -3.04 -2.29
N THR B 67 -4.99 -1.86 -2.51
CA THR B 67 -4.24 -1.13 -1.55
C THR B 67 -4.95 0.18 -1.31
N ILE B 68 -5.26 0.49 -0.08
CA ILE B 68 -5.96 1.71 0.21
C ILE B 68 -5.10 2.48 1.16
N LEU B 69 -4.66 3.61 0.78
CA LEU B 69 -3.87 4.41 1.68
C LEU B 69 -4.49 5.75 1.93
N CYS B 70 -4.56 6.11 3.17
CA CYS B 70 -5.12 7.37 3.57
C CYS B 70 -4.04 8.19 4.22
N ASP B 71 -3.80 9.38 3.71
CA ASP B 71 -2.77 10.21 4.28
C ASP B 71 -3.39 11.39 4.97
N LYS B 72 -2.97 11.65 6.17
CA LYS B 72 -3.47 12.76 6.95
C LYS B 72 -2.30 13.70 7.25
N PHE B 73 -1.18 13.45 6.58
CA PHE B 73 0.08 14.18 6.80
C PHE B 73 0.01 15.71 6.65
N SER B 74 -1.01 16.24 6.00
CA SER B 74 -1.16 17.67 5.85
C SER B 74 -2.35 18.21 6.69
N GLY B 75 -2.90 17.37 7.54
CA GLY B 75 -4.04 17.79 8.33
C GLY B 75 -5.31 17.05 7.99
N HIS B 76 -5.67 17.09 6.73
CA HIS B 76 -6.86 16.41 6.28
C HIS B 76 -6.50 15.06 5.71
N PRO B 77 -7.17 14.01 6.14
CA PRO B 77 -6.91 12.68 5.65
C PRO B 77 -7.52 12.46 4.26
N LYS B 78 -6.66 12.17 3.30
CA LYS B 78 -7.08 11.91 1.94
C LYS B 78 -7.06 10.44 1.71
N GLY B 79 -7.69 10.01 0.67
CA GLY B 79 -7.66 8.62 0.36
C GLY B 79 -7.39 8.35 -1.10
N TYR B 80 -6.61 7.34 -1.33
CA TYR B 80 -6.36 6.84 -2.66
C TYR B 80 -6.07 5.36 -2.62
N ALA B 81 -6.53 4.65 -3.61
CA ALA B 81 -6.46 3.22 -3.60
C ALA B 81 -5.92 2.70 -4.91
N TYR B 82 -5.31 1.58 -4.86
CA TYR B 82 -4.77 0.92 -6.03
C TYR B 82 -5.35 -0.46 -6.12
N ILE B 83 -5.87 -0.81 -7.27
CA ILE B 83 -6.45 -2.11 -7.44
C ILE B 83 -5.60 -2.91 -8.42
N GLU B 84 -5.12 -4.05 -8.00
CA GLU B 84 -4.36 -4.93 -8.85
C GLU B 84 -5.26 -6.06 -9.34
N PHE B 85 -5.43 -6.16 -10.62
CA PHE B 85 -6.24 -7.21 -11.20
C PHE B 85 -5.38 -8.36 -11.59
N ALA B 86 -5.99 -9.50 -11.78
CA ALA B 86 -5.29 -10.64 -12.27
C ALA B 86 -5.15 -10.58 -13.78
N GLU B 87 -6.14 -10.03 -14.45
CA GLU B 87 -6.08 -9.94 -15.90
C GLU B 87 -5.65 -8.56 -16.37
N ARG B 88 -4.96 -8.54 -17.49
CA ARG B 88 -4.51 -7.31 -18.12
C ARG B 88 -5.76 -6.67 -18.75
N ASN B 89 -6.69 -7.50 -19.19
CA ASN B 89 -7.92 -6.99 -19.76
C ASN B 89 -8.82 -6.40 -18.71
N SER B 90 -8.73 -6.88 -17.48
CA SER B 90 -9.56 -6.39 -16.41
C SER B 90 -9.12 -4.99 -15.99
N VAL B 91 -7.81 -4.74 -15.98
CA VAL B 91 -7.32 -3.41 -15.65
C VAL B 91 -7.79 -2.42 -16.73
N ASP B 92 -7.79 -2.90 -17.99
CA ASP B 92 -8.22 -2.12 -19.15
C ASP B 92 -9.71 -1.78 -19.01
N ALA B 93 -10.46 -2.68 -18.42
CA ALA B 93 -11.87 -2.48 -18.19
C ALA B 93 -12.09 -1.46 -17.07
N ALA B 94 -11.17 -1.43 -16.12
CA ALA B 94 -11.26 -0.53 -14.97
C ALA B 94 -10.94 0.90 -15.40
N VAL B 95 -9.87 1.06 -16.18
CA VAL B 95 -9.47 2.38 -16.72
C VAL B 95 -10.57 3.03 -17.56
N ALA B 96 -11.49 2.22 -18.09
CA ALA B 96 -12.61 2.74 -18.85
C ALA B 96 -13.60 3.50 -17.94
N MET B 97 -13.47 3.23 -16.66
CA MET B 97 -14.31 3.80 -15.62
C MET B 97 -13.55 4.98 -14.95
N ASP B 98 -12.45 5.38 -15.60
CA ASP B 98 -11.51 6.46 -15.17
C ASP B 98 -12.13 7.67 -14.49
N GLU B 99 -13.00 8.40 -15.13
CA GLU B 99 -13.50 9.62 -14.50
C GLU B 99 -14.99 9.51 -14.22
N THR B 100 -15.43 8.33 -13.88
CA THR B 100 -16.82 8.11 -13.53
C THR B 100 -17.12 8.60 -12.12
N VAL B 101 -18.32 8.37 -11.68
CA VAL B 101 -18.73 8.78 -10.37
C VAL B 101 -18.74 7.56 -9.44
N PHE B 102 -18.21 7.76 -8.26
CA PHE B 102 -18.15 6.75 -7.25
C PHE B 102 -18.40 7.39 -5.90
N ARG B 103 -19.33 6.84 -5.15
CA ARG B 103 -19.71 7.33 -3.81
C ARG B 103 -20.15 8.82 -3.89
N GLY B 104 -20.74 9.17 -5.01
CA GLY B 104 -21.25 10.52 -5.22
C GLY B 104 -20.19 11.53 -5.64
N ARG B 105 -18.97 11.08 -5.89
CA ARG B 105 -17.91 11.99 -6.32
C ARG B 105 -17.24 11.44 -7.56
N THR B 106 -16.48 12.24 -8.22
CA THR B 106 -15.80 11.84 -9.42
C THR B 106 -14.42 11.27 -9.08
N ILE B 107 -14.16 10.04 -9.47
CA ILE B 107 -12.88 9.40 -9.20
C ILE B 107 -11.98 9.41 -10.41
N LYS B 108 -10.75 8.97 -10.20
CA LYS B 108 -9.74 8.93 -11.24
C LYS B 108 -9.10 7.55 -11.23
N VAL B 109 -9.19 6.83 -12.36
CA VAL B 109 -8.65 5.46 -12.47
C VAL B 109 -7.71 5.36 -13.69
N LEU B 110 -6.44 5.10 -13.46
CA LEU B 110 -5.49 4.99 -14.57
C LEU B 110 -4.45 3.94 -14.16
N PRO B 111 -3.76 3.29 -15.13
CA PRO B 111 -2.81 2.20 -14.82
C PRO B 111 -1.64 2.66 -13.99
N LYS B 112 -1.33 1.88 -13.00
CA LYS B 112 -0.26 2.18 -12.10
C LYS B 112 0.86 1.25 -12.45
N ARG B 113 2.03 1.78 -12.75
CA ARG B 113 3.13 0.95 -13.14
C ARG B 113 4.43 1.68 -13.13
N THR B 114 5.47 0.92 -13.12
CA THR B 114 6.81 1.39 -13.23
C THR B 114 7.32 1.06 -14.65
N ASN B 115 8.58 1.28 -14.89
CA ASN B 115 9.16 0.97 -16.19
C ASN B 115 10.63 0.61 -16.02
N MET B 116 11.13 -0.21 -16.90
CA MET B 116 12.53 -0.59 -16.87
C MET B 116 13.26 0.09 -18.05
N PRO B 117 13.85 1.27 -17.82
CA PRO B 117 14.57 1.99 -18.84
C PRO B 117 16.08 1.70 -18.81
N GLY B 118 16.44 0.63 -18.12
CA GLY B 118 17.82 0.22 -18.03
C GLY B 118 18.26 -0.54 -19.24
N ILE B 119 18.32 0.15 -20.36
CA ILE B 119 18.76 -0.40 -21.61
C ILE B 119 19.78 0.54 -22.24
N SER B 120 20.91 0.01 -22.62
CA SER B 120 21.94 0.82 -23.20
C SER B 120 22.22 0.37 -24.63
N SER B 121 21.46 0.96 -25.57
CA SER B 121 21.61 0.73 -27.03
C SER B 121 21.60 -0.76 -27.40
N THR B 122 20.98 -1.58 -26.59
CA THR B 122 21.00 -2.99 -26.81
C THR B 122 19.83 -3.40 -27.71
N ASP B 123 20.04 -3.29 -29.01
CA ASP B 123 19.05 -3.68 -29.99
C ASP B 123 19.68 -3.69 -31.36
N ARG B 124 19.30 -4.65 -32.17
CA ARG B 124 19.80 -4.76 -33.51
C ARG B 124 18.68 -5.04 -34.50
N ALA A 1 8.25 26.71 16.07
CA ALA A 1 7.97 27.32 14.77
C ALA A 1 6.79 26.62 14.13
N ILE A 2 5.74 27.35 13.88
CA ILE A 2 4.55 26.79 13.28
C ILE A 2 4.72 26.74 11.77
N ALA A 3 4.86 25.56 11.24
CA ALA A 3 4.97 25.35 9.84
C ALA A 3 3.79 24.52 9.37
N PRO A 4 2.75 25.16 8.81
CA PRO A 4 1.60 24.47 8.33
C PRO A 4 1.77 24.04 6.90
N CYS A 5 2.16 22.81 6.72
CA CYS A 5 2.37 22.29 5.40
C CYS A 5 1.11 21.57 4.96
N MET A 6 0.36 22.21 4.13
CA MET A 6 -0.89 21.67 3.66
C MET A 6 -0.85 21.57 2.15
N GLN A 7 -0.45 20.40 1.67
CA GLN A 7 -0.30 20.18 0.26
C GLN A 7 -1.02 18.94 -0.20
N THR A 8 -2.00 19.13 -1.05
CA THR A 8 -2.77 18.04 -1.61
C THR A 8 -2.11 17.56 -2.91
N THR A 9 -1.10 18.34 -3.32
CA THR A 9 -0.36 18.12 -4.55
C THR A 9 -1.21 18.44 -5.77
N HIS A 10 -1.16 19.69 -6.18
CA HIS A 10 -1.84 20.12 -7.36
C HIS A 10 -0.87 20.23 -8.51
N SER A 11 -0.55 19.07 -9.05
CA SER A 11 0.37 18.89 -10.13
C SER A 11 0.38 17.41 -10.45
N LYS A 12 1.20 16.99 -11.38
CA LYS A 12 1.34 15.60 -11.73
C LYS A 12 2.65 15.37 -12.43
N MET A 13 3.31 14.30 -12.09
CA MET A 13 4.59 13.92 -12.68
C MET A 13 4.45 12.48 -13.13
N THR A 14 4.33 11.58 -12.14
CA THR A 14 3.96 10.18 -12.35
C THR A 14 4.81 9.44 -13.45
N ALA A 15 6.07 9.83 -13.63
CA ALA A 15 6.92 9.16 -14.61
C ALA A 15 7.38 7.80 -14.09
N GLY A 16 7.43 7.68 -12.77
CA GLY A 16 7.78 6.41 -12.18
C GLY A 16 9.18 6.39 -11.61
N ALA A 17 9.51 7.37 -10.82
CA ALA A 17 10.81 7.42 -10.18
C ALA A 17 10.65 7.77 -8.72
N TYR A 18 10.42 6.74 -7.89
CA TYR A 18 10.24 6.88 -6.42
C TYR A 18 9.01 7.74 -6.13
N THR A 19 8.12 7.72 -7.09
CA THR A 19 6.93 8.53 -7.11
C THR A 19 5.75 7.77 -6.45
N GLU A 20 4.83 8.49 -5.81
CA GLU A 20 3.66 7.87 -5.14
C GLU A 20 2.48 7.89 -6.15
N GLY A 21 2.85 7.86 -7.42
CA GLY A 21 1.91 8.07 -8.51
C GLY A 21 1.63 9.56 -8.66
N PRO A 22 0.42 10.03 -8.32
CA PRO A 22 0.07 11.46 -8.32
C PRO A 22 1.08 12.37 -7.52
N PRO A 23 1.42 12.09 -6.21
CA PRO A 23 2.44 12.86 -5.51
C PRO A 23 3.82 12.54 -6.07
N GLN A 24 4.57 13.57 -6.29
CA GLN A 24 5.88 13.47 -6.84
C GLN A 24 6.83 12.92 -5.77
N PRO A 25 8.02 12.41 -6.14
CA PRO A 25 9.02 12.00 -5.17
C PRO A 25 9.47 13.23 -4.37
N LEU A 26 8.93 13.36 -3.18
CA LEU A 26 9.19 14.51 -2.34
C LEU A 26 10.66 14.56 -1.89
N SER A 27 10.99 13.88 -0.84
CA SER A 27 12.36 13.77 -0.47
C SER A 27 12.67 12.37 0.02
N ALA A 28 13.86 11.90 -0.31
CA ALA A 28 14.37 10.65 0.24
C ALA A 28 14.36 10.71 1.76
N GLU A 29 14.74 11.85 2.31
CA GLU A 29 14.73 12.01 3.74
C GLU A 29 13.36 12.21 4.32
N GLU A 30 12.43 12.79 3.56
CA GLU A 30 11.06 12.92 4.06
C GLU A 30 10.54 11.52 4.20
N LYS A 31 10.91 10.68 3.21
CA LYS A 31 10.52 9.30 3.20
C LYS A 31 11.15 8.61 4.37
N LYS A 32 12.43 8.87 4.61
CA LYS A 32 13.16 8.31 5.69
C LYS A 32 12.51 8.63 7.03
N GLU A 33 12.12 9.88 7.25
CA GLU A 33 11.53 10.29 8.52
C GLU A 33 10.16 9.66 8.72
N ILE A 34 9.35 9.69 7.69
CA ILE A 34 8.01 9.13 7.76
C ILE A 34 8.07 7.60 7.92
N ASP A 35 9.09 7.00 7.30
CA ASP A 35 9.36 5.54 7.35
C ASP A 35 9.76 5.11 8.77
N LYS A 36 10.56 5.94 9.42
CA LYS A 36 11.02 5.70 10.81
C LYS A 36 9.84 5.71 11.77
N ARG A 37 8.78 6.32 11.35
CA ARG A 37 7.63 6.52 12.16
C ARG A 37 6.48 5.64 11.65
N SER A 38 6.82 4.67 10.85
CA SER A 38 5.86 3.75 10.32
C SER A 38 5.89 2.41 11.07
N VAL A 39 4.79 1.68 10.97
CA VAL A 39 4.67 0.37 11.57
C VAL A 39 4.04 -0.58 10.57
N TYR A 40 4.17 -1.83 10.83
CA TYR A 40 3.56 -2.87 10.07
C TYR A 40 2.49 -3.48 10.91
N VAL A 41 1.32 -3.57 10.38
CA VAL A 41 0.19 -4.17 11.02
C VAL A 41 -0.29 -5.32 10.13
N GLY A 42 -0.09 -6.52 10.57
CA GLY A 42 -0.45 -7.65 9.74
C GLY A 42 -1.65 -8.39 10.20
N ASN A 43 -2.11 -9.30 9.35
CA ASN A 43 -3.29 -10.16 9.58
C ASN A 43 -4.62 -9.35 9.58
N VAL A 44 -4.57 -8.14 9.04
CA VAL A 44 -5.75 -7.30 8.93
C VAL A 44 -6.68 -7.87 7.83
N ASP A 45 -7.95 -7.81 8.06
CA ASP A 45 -8.92 -8.39 7.15
C ASP A 45 -9.70 -7.32 6.37
N TYR A 46 -10.39 -7.74 5.31
CA TYR A 46 -11.21 -6.83 4.46
C TYR A 46 -12.31 -6.16 5.28
N GLY A 47 -12.73 -6.81 6.35
CA GLY A 47 -13.73 -6.24 7.23
C GLY A 47 -13.15 -5.15 8.10
N SER A 48 -11.84 -5.12 8.20
CA SER A 48 -11.16 -4.11 8.92
C SER A 48 -10.75 -3.03 7.93
N THR A 49 -11.12 -1.81 8.19
CA THR A 49 -10.92 -0.77 7.23
C THR A 49 -10.17 0.45 7.75
N ALA A 50 -9.94 1.45 6.89
CA ALA A 50 -9.02 2.55 7.18
C ALA A 50 -9.34 3.33 8.46
N GLN A 51 -10.57 3.81 8.64
CA GLN A 51 -10.89 4.53 9.90
C GLN A 51 -10.80 3.63 11.13
N ASP A 52 -11.12 2.35 10.96
CA ASP A 52 -10.99 1.37 12.06
C ASP A 52 -9.56 1.32 12.51
N LEU A 53 -8.68 1.27 11.55
CA LEU A 53 -7.27 1.18 11.77
C LEU A 53 -6.71 2.49 12.27
N GLU A 54 -7.06 3.56 11.60
CA GLU A 54 -6.57 4.87 11.92
C GLU A 54 -6.99 5.29 13.31
N ALA A 55 -8.26 5.17 13.62
CA ALA A 55 -8.73 5.53 14.96
C ALA A 55 -8.03 4.73 16.05
N HIS A 56 -7.86 3.44 15.78
CA HIS A 56 -7.27 2.53 16.75
C HIS A 56 -5.81 2.87 16.98
N PHE A 57 -5.13 3.23 15.91
CA PHE A 57 -3.73 3.60 15.98
C PHE A 57 -3.53 5.04 16.39
N SER A 58 -4.55 5.85 16.20
CA SER A 58 -4.49 7.26 16.53
C SER A 58 -4.42 7.41 18.03
N SER A 59 -4.90 6.41 18.75
CA SER A 59 -4.75 6.37 20.18
C SER A 59 -3.23 6.35 20.53
N CYS A 60 -2.46 5.70 19.68
CA CYS A 60 -1.04 5.54 19.87
C CYS A 60 -0.23 6.68 19.23
N GLY A 61 -0.90 7.68 18.69
CA GLY A 61 -0.15 8.77 18.09
C GLY A 61 -0.85 9.47 16.94
N SER A 62 -0.11 10.29 16.24
CA SER A 62 -0.65 11.08 15.16
C SER A 62 -0.37 10.38 13.84
N ILE A 63 -1.39 10.09 13.08
CA ILE A 63 -1.24 9.42 11.83
C ILE A 63 -1.09 10.38 10.63
N ASN A 64 -0.07 10.12 9.81
CA ASN A 64 0.18 10.87 8.58
C ASN A 64 -0.34 10.15 7.38
N ARG A 65 -0.14 8.85 7.37
CA ARG A 65 -0.54 8.00 6.26
C ARG A 65 -0.87 6.63 6.78
N ILE A 66 -1.63 5.88 6.02
CA ILE A 66 -1.84 4.48 6.31
C ILE A 66 -1.96 3.79 4.98
N THR A 67 -1.40 2.64 4.88
CA THR A 67 -1.42 1.86 3.68
C THR A 67 -2.00 0.52 4.05
N ILE A 68 -3.02 0.09 3.37
CA ILE A 68 -3.62 -1.19 3.70
C ILE A 68 -3.56 -2.02 2.45
N LEU A 69 -2.88 -3.12 2.48
CA LEU A 69 -2.82 -3.97 1.34
C LEU A 69 -3.37 -5.34 1.65
N CYS A 70 -4.35 -5.73 0.91
CA CYS A 70 -5.01 -6.99 1.10
C CYS A 70 -4.79 -7.83 -0.13
N ASP A 71 -4.40 -9.07 0.05
CA ASP A 71 -4.10 -9.89 -1.10
C ASP A 71 -5.01 -11.09 -1.17
N LYS A 72 -5.44 -11.38 -2.36
CA LYS A 72 -6.20 -12.56 -2.66
C LYS A 72 -5.45 -13.43 -3.63
N PHE A 73 -4.16 -13.13 -3.84
CA PHE A 73 -3.35 -13.92 -4.75
C PHE A 73 -3.18 -15.35 -4.22
N SER A 74 -3.32 -15.49 -2.92
CA SER A 74 -3.26 -16.78 -2.27
C SER A 74 -4.62 -17.49 -2.36
N GLY A 75 -5.59 -16.84 -2.99
CA GLY A 75 -6.91 -17.38 -3.09
C GLY A 75 -7.81 -16.79 -2.04
N HIS A 76 -7.40 -16.99 -0.81
CA HIS A 76 -8.14 -16.46 0.32
C HIS A 76 -7.54 -15.12 0.72
N PRO A 77 -8.37 -14.10 0.88
CA PRO A 77 -7.91 -12.73 1.16
C PRO A 77 -7.15 -12.57 2.48
N LYS A 78 -5.91 -12.16 2.41
CA LYS A 78 -5.16 -11.81 3.59
C LYS A 78 -5.10 -10.31 3.67
N GLY A 79 -4.28 -9.81 4.54
CA GLY A 79 -4.17 -8.42 4.68
C GLY A 79 -3.07 -8.01 5.59
N TYR A 80 -2.42 -6.96 5.22
CA TYR A 80 -1.39 -6.36 5.99
C TYR A 80 -1.34 -4.88 5.68
N ALA A 81 -1.03 -4.10 6.63
CA ALA A 81 -1.10 -2.68 6.51
C ALA A 81 0.07 -2.01 7.17
N TYR A 82 0.34 -0.81 6.77
CA TYR A 82 1.35 0.00 7.39
C TYR A 82 0.74 1.28 7.86
N ILE A 83 0.87 1.56 9.11
CA ILE A 83 0.36 2.78 9.67
C ILE A 83 1.55 3.71 9.86
N GLU A 84 1.52 4.85 9.21
CA GLU A 84 2.63 5.76 9.26
C GLU A 84 2.29 6.97 10.13
N PHE A 85 3.04 7.16 11.18
CA PHE A 85 2.77 8.20 12.16
C PHE A 85 3.65 9.43 11.97
N ALA A 86 3.28 10.49 12.66
CA ALA A 86 4.06 11.71 12.69
C ALA A 86 5.17 11.64 13.73
N GLU A 87 4.92 10.96 14.83
CA GLU A 87 5.93 10.80 15.85
C GLU A 87 6.52 9.39 15.79
N ARG A 88 7.82 9.28 16.04
CA ARG A 88 8.49 7.98 16.07
C ARG A 88 8.03 7.29 17.38
N ASN A 89 7.75 8.14 18.35
CA ASN A 89 7.25 7.72 19.66
C ASN A 89 5.93 7.00 19.52
N SER A 90 5.18 7.32 18.47
CA SER A 90 3.92 6.71 18.22
C SER A 90 4.08 5.24 17.87
N VAL A 91 5.16 4.90 17.14
CA VAL A 91 5.38 3.52 16.78
C VAL A 91 5.62 2.74 18.06
N ASP A 92 6.36 3.36 18.98
CA ASP A 92 6.66 2.78 20.30
C ASP A 92 5.37 2.40 21.03
N ALA A 93 4.37 3.25 20.90
CA ALA A 93 3.08 3.01 21.52
C ALA A 93 2.29 1.93 20.76
N ALA A 94 2.42 1.93 19.43
CA ALA A 94 1.68 0.98 18.60
C ALA A 94 2.23 -0.44 18.74
N VAL A 95 3.56 -0.55 18.70
CA VAL A 95 4.26 -1.83 18.86
C VAL A 95 3.93 -2.55 20.16
N ALA A 96 3.45 -1.81 21.16
CA ALA A 96 3.04 -2.41 22.44
C ALA A 96 1.81 -3.32 22.24
N MET A 97 1.14 -3.15 21.12
CA MET A 97 -0.04 -3.94 20.79
C MET A 97 0.31 -5.06 19.81
N ASP A 98 1.62 -5.25 19.56
CA ASP A 98 2.13 -6.24 18.59
C ASP A 98 1.42 -7.60 18.60
N GLU A 99 1.12 -8.15 19.78
CA GLU A 99 0.51 -9.46 19.86
C GLU A 99 -0.99 -9.39 20.29
N THR A 100 -1.60 -8.24 20.19
CA THR A 100 -2.99 -8.15 20.64
C THR A 100 -3.93 -8.66 19.51
N VAL A 101 -5.20 -8.72 19.80
CA VAL A 101 -6.16 -9.18 18.85
C VAL A 101 -7.02 -8.04 18.34
N PHE A 102 -6.95 -7.80 17.06
CA PHE A 102 -7.74 -6.76 16.46
C PHE A 102 -9.03 -7.38 16.00
N ARG A 103 -10.12 -6.91 16.57
CA ARG A 103 -11.48 -7.41 16.33
C ARG A 103 -11.56 -8.95 16.47
N GLY A 104 -10.75 -9.49 17.38
CA GLY A 104 -10.80 -10.90 17.67
C GLY A 104 -9.71 -11.74 16.98
N ARG A 105 -8.92 -11.14 16.12
CA ARG A 105 -7.87 -11.89 15.43
C ARG A 105 -6.49 -11.34 15.77
N THR A 106 -5.53 -12.21 16.02
CA THR A 106 -4.21 -11.79 16.44
C THR A 106 -3.48 -11.12 15.27
N ILE A 107 -3.13 -9.89 15.46
CA ILE A 107 -2.39 -9.17 14.47
C ILE A 107 -0.95 -9.06 14.88
N LYS A 108 -0.14 -8.56 13.99
CA LYS A 108 1.25 -8.29 14.28
C LYS A 108 1.55 -6.87 14.01
N VAL A 109 2.16 -6.21 14.96
CA VAL A 109 2.55 -4.86 14.77
C VAL A 109 4.02 -4.72 15.13
N LEU A 110 4.82 -4.26 14.21
CA LEU A 110 6.22 -4.02 14.48
C LEU A 110 6.63 -2.83 13.66
N PRO A 111 7.67 -2.07 14.04
CA PRO A 111 8.03 -0.86 13.31
C PRO A 111 8.50 -1.22 11.89
N LYS A 112 8.12 -0.41 10.91
CA LYS A 112 8.45 -0.69 9.52
C LYS A 112 9.95 -0.75 9.29
N ARG A 113 10.46 -1.94 9.11
CA ARG A 113 11.87 -2.17 8.91
C ARG A 113 12.08 -2.91 7.61
N THR A 114 13.31 -3.35 7.39
CA THR A 114 13.73 -4.01 6.17
C THR A 114 13.98 -2.97 5.07
N ASN A 115 15.02 -2.23 5.30
CA ASN A 115 15.51 -1.18 4.44
C ASN A 115 16.88 -0.80 4.94
N MET A 116 17.88 -1.23 4.24
CA MET A 116 19.24 -1.00 4.66
C MET A 116 19.89 0.12 3.87
N PRO A 117 20.32 1.20 4.54
CA PRO A 117 21.06 2.26 3.90
C PRO A 117 22.46 1.79 3.56
N GLY A 118 22.66 1.42 2.33
CA GLY A 118 23.92 0.86 1.91
C GLY A 118 24.94 1.90 1.55
N ILE A 119 25.67 2.33 2.55
CA ILE A 119 26.77 3.27 2.36
C ILE A 119 28.03 2.71 3.02
N SER A 120 28.75 1.93 2.27
CA SER A 120 29.89 1.20 2.79
C SER A 120 31.16 2.04 2.81
N SER A 121 31.98 1.82 3.82
CA SER A 121 33.27 2.46 3.94
C SER A 121 34.23 1.51 4.67
N THR A 122 35.11 0.89 3.90
CA THR A 122 36.08 -0.04 4.44
C THR A 122 37.50 0.59 4.43
N ASP A 123 37.75 1.47 3.45
CA ASP A 123 39.05 2.22 3.31
C ASP A 123 40.21 1.34 2.82
N ARG A 124 40.37 0.19 3.42
CA ARG A 124 41.46 -0.70 3.03
C ARG A 124 40.96 -1.72 2.02
N ALA B 1 19.93 -23.85 -24.91
CA ALA B 1 19.04 -23.13 -24.04
C ALA B 1 18.81 -21.72 -24.58
N ILE B 2 17.57 -21.31 -24.59
CA ILE B 2 17.21 -19.99 -25.09
C ILE B 2 16.48 -19.24 -24.00
N ALA B 3 17.11 -18.23 -23.46
CA ALA B 3 16.50 -17.40 -22.45
C ALA B 3 16.95 -15.96 -22.61
N PRO B 4 16.26 -15.20 -23.48
CA PRO B 4 16.60 -13.80 -23.74
C PRO B 4 16.06 -12.86 -22.66
N CYS B 5 15.20 -13.42 -21.81
CA CYS B 5 14.56 -12.69 -20.71
C CYS B 5 13.74 -11.52 -21.22
N MET B 6 12.48 -11.78 -21.49
CA MET B 6 11.61 -10.77 -22.01
C MET B 6 11.09 -9.93 -20.88
N GLN B 7 11.66 -8.77 -20.71
CA GLN B 7 11.25 -7.90 -19.65
C GLN B 7 10.90 -6.54 -20.22
N THR B 8 9.63 -6.31 -20.39
CA THR B 8 9.14 -5.08 -20.91
C THR B 8 9.26 -3.95 -19.86
N THR B 9 10.32 -3.19 -19.98
CA THR B 9 10.55 -2.04 -19.15
C THR B 9 11.07 -0.90 -20.02
N HIS B 10 12.30 -1.07 -20.54
CA HIS B 10 12.95 -0.11 -21.47
C HIS B 10 13.14 1.27 -20.78
N SER B 11 13.11 1.23 -19.46
CA SER B 11 13.26 2.39 -18.62
C SER B 11 13.35 1.88 -17.18
N LYS B 12 13.60 2.78 -16.25
CA LYS B 12 13.70 2.43 -14.86
C LYS B 12 12.46 2.96 -14.16
N MET B 13 11.49 2.10 -13.95
CA MET B 13 10.22 2.50 -13.37
C MET B 13 10.12 2.00 -11.94
N THR B 14 10.16 2.91 -10.99
CA THR B 14 10.08 2.53 -9.61
C THR B 14 9.09 3.40 -8.84
N ALA B 15 8.29 2.76 -8.02
CA ALA B 15 7.33 3.44 -7.18
C ALA B 15 8.02 3.95 -5.91
N GLY B 16 7.26 4.62 -5.06
CA GLY B 16 7.79 5.16 -3.83
C GLY B 16 8.03 4.09 -2.78
N ALA B 17 6.97 3.60 -2.16
CA ALA B 17 7.10 2.60 -1.12
C ALA B 17 5.98 1.58 -1.20
N TYR B 18 6.31 0.40 -1.69
CA TYR B 18 5.36 -0.70 -1.78
C TYR B 18 6.13 -2.02 -1.68
N THR B 19 6.26 -2.53 -0.49
CA THR B 19 7.00 -3.76 -0.26
C THR B 19 6.20 -4.65 0.70
N GLU B 20 6.17 -5.96 0.43
CA GLU B 20 5.47 -6.96 1.26
C GLU B 20 5.82 -6.89 2.78
N GLY B 21 7.02 -6.44 3.11
CA GLY B 21 7.43 -6.33 4.51
C GLY B 21 7.99 -7.63 5.02
N PRO B 22 7.51 -8.11 6.19
CA PRO B 22 7.93 -9.38 6.78
C PRO B 22 7.85 -10.62 5.82
N PRO B 23 6.73 -10.81 5.01
CA PRO B 23 6.66 -11.92 4.03
C PRO B 23 7.84 -11.90 3.06
N GLN B 24 8.22 -13.07 2.59
CA GLN B 24 9.33 -13.18 1.67
C GLN B 24 8.94 -12.66 0.31
N PRO B 25 9.86 -11.94 -0.35
CA PRO B 25 9.59 -11.32 -1.63
C PRO B 25 9.45 -12.32 -2.78
N LEU B 26 8.53 -12.03 -3.66
CA LEU B 26 8.34 -12.79 -4.87
C LEU B 26 9.18 -12.21 -6.01
N SER B 27 9.14 -12.85 -7.17
CA SER B 27 9.95 -12.44 -8.31
C SER B 27 9.68 -10.99 -8.76
N ALA B 28 10.74 -10.33 -9.20
CA ALA B 28 10.66 -9.01 -9.83
C ALA B 28 9.64 -9.02 -10.96
N GLU B 29 9.62 -10.11 -11.69
CA GLU B 29 8.68 -10.27 -12.76
C GLU B 29 7.29 -10.59 -12.29
N GLU B 30 7.16 -11.24 -11.14
CA GLU B 30 5.83 -11.48 -10.59
C GLU B 30 5.25 -10.13 -10.28
N LYS B 31 6.13 -9.25 -9.76
CA LYS B 31 5.77 -7.90 -9.43
C LYS B 31 5.40 -7.17 -10.69
N LYS B 32 6.21 -7.37 -11.72
CA LYS B 32 6.01 -6.78 -13.00
C LYS B 32 4.64 -7.14 -13.58
N GLU B 33 4.28 -8.42 -13.54
CA GLU B 33 3.02 -8.87 -14.12
C GLU B 33 1.84 -8.36 -13.33
N ILE B 34 1.93 -8.45 -12.03
CA ILE B 34 0.84 -8.00 -11.17
C ILE B 34 0.67 -6.49 -11.28
N ASP B 35 1.80 -5.78 -11.45
CA ASP B 35 1.82 -4.31 -11.60
C ASP B 35 1.13 -3.90 -12.89
N LYS B 36 1.41 -4.67 -13.96
CA LYS B 36 0.83 -4.41 -15.29
C LYS B 36 -0.68 -4.54 -15.25
N ARG B 37 -1.16 -5.27 -14.29
CA ARG B 37 -2.55 -5.58 -14.18
C ARG B 37 -3.17 -4.80 -13.04
N SER B 38 -2.50 -3.78 -12.60
CA SER B 38 -3.00 -2.95 -11.55
C SER B 38 -3.49 -1.59 -12.07
N VAL B 39 -4.18 -0.86 -11.21
CA VAL B 39 -4.71 0.46 -11.49
C VAL B 39 -4.54 1.37 -10.29
N TYR B 40 -4.69 2.63 -10.52
CA TYR B 40 -4.68 3.64 -9.49
C TYR B 40 -6.07 4.17 -9.37
N VAL B 41 -6.57 4.20 -8.18
CA VAL B 41 -7.87 4.73 -7.88
C VAL B 41 -7.71 5.85 -6.87
N GLY B 42 -7.95 7.05 -7.26
CA GLY B 42 -7.77 8.15 -6.36
C GLY B 42 -9.05 8.74 -5.86
N ASN B 43 -8.90 9.63 -4.89
CA ASN B 43 -9.98 10.39 -4.23
C ASN B 43 -10.94 9.49 -3.41
N VAL B 44 -10.45 8.33 -3.00
CA VAL B 44 -11.22 7.45 -2.12
C VAL B 44 -11.43 8.15 -0.78
N ASP B 45 -12.63 8.17 -0.34
CA ASP B 45 -13.01 8.87 0.87
C ASP B 45 -13.13 7.92 2.04
N TYR B 46 -13.07 8.47 3.24
CA TYR B 46 -13.20 7.71 4.46
C TYR B 46 -14.62 7.24 4.62
N GLY B 47 -14.85 6.06 4.13
CA GLY B 47 -16.14 5.47 4.13
C GLY B 47 -16.18 4.31 3.19
N SER B 48 -15.28 4.32 2.22
CA SER B 48 -15.15 3.20 1.33
C SER B 48 -14.35 2.11 2.03
N THR B 49 -14.88 0.92 2.04
CA THR B 49 -14.18 -0.16 2.60
C THR B 49 -13.40 -0.85 1.52
N ALA B 50 -12.53 -1.76 1.90
CA ALA B 50 -11.81 -2.54 0.97
C ALA B 50 -12.76 -3.37 0.10
N GLN B 51 -13.79 -3.99 0.75
CA GLN B 51 -14.80 -4.75 -0.01
C GLN B 51 -15.60 -3.85 -0.97
N ASP B 52 -15.89 -2.58 -0.57
CA ASP B 52 -16.60 -1.63 -1.49
C ASP B 52 -15.83 -1.48 -2.77
N LEU B 53 -14.55 -1.31 -2.61
CA LEU B 53 -13.64 -1.14 -3.70
C LEU B 53 -13.47 -2.41 -4.49
N GLU B 54 -13.24 -3.51 -3.79
CA GLU B 54 -13.01 -4.79 -4.41
C GLU B 54 -14.22 -5.25 -5.20
N ALA B 55 -15.39 -5.20 -4.60
CA ALA B 55 -16.62 -5.59 -5.30
C ALA B 55 -16.85 -4.70 -6.52
N HIS B 56 -16.61 -3.42 -6.36
CA HIS B 56 -16.87 -2.47 -7.43
C HIS B 56 -15.92 -2.72 -8.60
N PHE B 57 -14.68 -3.02 -8.28
CA PHE B 57 -13.68 -3.32 -9.29
C PHE B 57 -13.73 -4.74 -9.79
N SER B 58 -14.31 -5.62 -9.00
CA SER B 58 -14.40 -7.03 -9.32
C SER B 58 -15.36 -7.19 -10.48
N SER B 59 -16.26 -6.22 -10.64
CA SER B 59 -17.13 -6.17 -11.79
C SER B 59 -16.28 -6.10 -13.09
N CYS B 60 -15.11 -5.49 -12.99
CA CYS B 60 -14.21 -5.31 -14.10
C CYS B 60 -13.12 -6.41 -14.17
N GLY B 61 -13.27 -7.47 -13.38
CA GLY B 61 -12.26 -8.53 -13.42
C GLY B 61 -11.99 -9.15 -12.06
N SER B 62 -10.98 -10.00 -12.00
CA SER B 62 -10.62 -10.68 -10.78
C SER B 62 -9.48 -9.94 -10.09
N ILE B 63 -9.68 -9.64 -8.85
CA ILE B 63 -8.72 -8.91 -8.06
C ILE B 63 -7.74 -9.84 -7.32
N ASN B 64 -6.45 -9.51 -7.40
CA ASN B 64 -5.39 -10.23 -6.70
C ASN B 64 -4.95 -9.51 -5.45
N ARG B 65 -4.94 -8.21 -5.50
CA ARG B 65 -4.53 -7.39 -4.36
C ARG B 65 -5.21 -6.06 -4.45
N ILE B 66 -5.30 -5.37 -3.35
CA ILE B 66 -5.74 -3.99 -3.35
C ILE B 66 -4.99 -3.29 -2.27
N THR B 67 -4.58 -2.11 -2.54
CA THR B 67 -3.84 -1.33 -1.62
C THR B 67 -4.56 -0.02 -1.46
N ILE B 68 -4.90 0.34 -0.27
CA ILE B 68 -5.63 1.55 -0.06
C ILE B 68 -4.76 2.40 0.83
N LEU B 69 -4.40 3.56 0.41
CA LEU B 69 -3.64 4.42 1.26
C LEU B 69 -4.35 5.74 1.49
N CYS B 70 -4.58 6.06 2.71
CA CYS B 70 -5.26 7.25 3.07
C CYS B 70 -4.31 8.12 3.87
N ASP B 71 -4.19 9.38 3.52
CA ASP B 71 -3.24 10.22 4.19
C ASP B 71 -3.91 11.38 4.83
N LYS B 72 -3.45 11.80 5.95
CA LYS B 72 -4.02 12.94 6.60
C LYS B 72 -2.93 14.00 6.80
N PHE B 73 -1.73 13.72 6.27
CA PHE B 73 -0.62 14.65 6.42
C PHE B 73 -0.90 15.93 5.65
N SER B 74 -1.72 15.81 4.61
CA SER B 74 -2.10 16.92 3.78
C SER B 74 -2.95 17.93 4.55
N GLY B 75 -3.53 17.51 5.67
CA GLY B 75 -4.38 18.37 6.46
C GLY B 75 -5.72 17.74 6.54
N HIS B 76 -6.21 17.41 5.39
CA HIS B 76 -7.44 16.67 5.26
C HIS B 76 -7.03 15.26 5.07
N PRO B 77 -7.82 14.32 5.51
CA PRO B 77 -7.53 12.96 5.22
C PRO B 77 -8.02 12.64 3.81
N LYS B 78 -7.08 12.31 2.95
CA LYS B 78 -7.36 11.99 1.59
C LYS B 78 -7.27 10.51 1.40
N GLY B 79 -7.26 10.08 0.18
CA GLY B 79 -7.20 8.71 -0.08
C GLY B 79 -6.93 8.39 -1.51
N TYR B 80 -6.12 7.41 -1.70
CA TYR B 80 -5.82 6.87 -2.98
C TYR B 80 -5.49 5.40 -2.84
N ALA B 81 -5.87 4.63 -3.79
CA ALA B 81 -5.75 3.22 -3.70
C ALA B 81 -5.29 2.64 -5.01
N TYR B 82 -4.76 1.47 -4.96
CA TYR B 82 -4.39 0.74 -6.13
C TYR B 82 -5.10 -0.59 -6.11
N ILE B 83 -5.81 -0.88 -7.15
CA ILE B 83 -6.49 -2.14 -7.26
C ILE B 83 -5.67 -3.00 -8.21
N GLU B 84 -5.19 -4.13 -7.75
CA GLU B 84 -4.34 -4.96 -8.55
C GLU B 84 -5.10 -6.20 -9.02
N PHE B 85 -5.24 -6.36 -10.33
CA PHE B 85 -6.05 -7.43 -10.92
C PHE B 85 -5.22 -8.60 -11.40
N ALA B 86 -5.93 -9.69 -11.67
CA ALA B 86 -5.35 -10.88 -12.26
C ALA B 86 -5.11 -10.71 -13.74
N GLU B 87 -6.01 -10.02 -14.42
CA GLU B 87 -5.88 -9.78 -15.83
C GLU B 87 -5.54 -8.34 -16.14
N ARG B 88 -4.78 -8.14 -17.19
CA ARG B 88 -4.40 -6.82 -17.62
C ARG B 88 -5.64 -6.20 -18.28
N ASN B 89 -6.46 -7.07 -18.85
CA ASN B 89 -7.71 -6.67 -19.50
C ASN B 89 -8.65 -6.07 -18.50
N SER B 90 -8.49 -6.43 -17.24
CA SER B 90 -9.30 -5.93 -16.19
C SER B 90 -9.04 -4.45 -15.97
N VAL B 91 -7.76 -4.04 -16.12
CA VAL B 91 -7.44 -2.63 -15.94
C VAL B 91 -8.14 -1.84 -17.01
N ASP B 92 -8.18 -2.41 -18.23
CA ASP B 92 -8.86 -1.78 -19.36
C ASP B 92 -10.33 -1.52 -19.03
N ALA B 93 -10.94 -2.45 -18.32
CA ALA B 93 -12.33 -2.31 -17.92
C ALA B 93 -12.49 -1.30 -16.77
N ALA B 94 -11.50 -1.27 -15.88
CA ALA B 94 -11.54 -0.38 -14.73
C ALA B 94 -11.31 1.07 -15.15
N VAL B 95 -10.32 1.28 -15.99
CA VAL B 95 -9.97 2.60 -16.53
C VAL B 95 -11.14 3.27 -17.27
N ALA B 96 -12.11 2.49 -17.71
CA ALA B 96 -13.30 3.04 -18.38
C ALA B 96 -14.14 3.85 -17.37
N MET B 97 -13.86 3.67 -16.10
CA MET B 97 -14.52 4.40 -15.03
C MET B 97 -13.60 5.49 -14.51
N ASP B 98 -12.50 5.76 -15.25
CA ASP B 98 -11.44 6.74 -14.85
C ASP B 98 -11.93 7.97 -14.14
N GLU B 99 -13.00 8.57 -14.58
CA GLU B 99 -13.54 9.66 -13.83
C GLU B 99 -15.04 9.49 -13.60
N THR B 100 -15.36 8.40 -12.91
CA THR B 100 -16.71 8.08 -12.48
C THR B 100 -17.00 8.70 -11.10
N VAL B 101 -18.23 8.60 -10.65
CA VAL B 101 -18.64 9.14 -9.39
C VAL B 101 -18.89 8.02 -8.38
N PHE B 102 -18.28 8.14 -7.24
CA PHE B 102 -18.38 7.14 -6.22
C PHE B 102 -18.49 7.85 -4.88
N ARG B 103 -19.52 7.54 -4.09
CA ARG B 103 -19.82 8.18 -2.80
C ARG B 103 -19.84 9.71 -2.83
N GLY B 104 -20.66 10.22 -3.72
CA GLY B 104 -20.85 11.67 -3.85
C GLY B 104 -19.68 12.44 -4.44
N ARG B 105 -18.58 11.78 -4.70
CA ARG B 105 -17.43 12.45 -5.24
C ARG B 105 -16.94 11.74 -6.47
N THR B 106 -16.16 12.41 -7.25
CA THR B 106 -15.65 11.87 -8.46
C THR B 106 -14.25 11.29 -8.20
N ILE B 107 -14.05 10.06 -8.59
CA ILE B 107 -12.75 9.42 -8.38
C ILE B 107 -11.95 9.38 -9.67
N LYS B 108 -10.68 8.98 -9.58
CA LYS B 108 -9.81 8.97 -10.73
C LYS B 108 -9.11 7.62 -10.82
N VAL B 109 -9.19 6.97 -11.97
CA VAL B 109 -8.62 5.65 -12.13
C VAL B 109 -7.69 5.65 -13.37
N LEU B 110 -6.49 5.13 -13.23
CA LEU B 110 -5.62 4.95 -14.40
C LEU B 110 -5.01 3.58 -14.24
N PRO B 111 -4.35 3.04 -15.27
CA PRO B 111 -3.59 1.80 -15.11
C PRO B 111 -2.26 2.10 -14.40
N LYS B 112 -1.79 1.15 -13.64
CA LYS B 112 -0.54 1.27 -12.94
C LYS B 112 0.53 0.76 -13.89
N ARG B 113 1.52 1.55 -14.18
CA ARG B 113 2.57 1.12 -15.09
C ARG B 113 3.91 1.47 -14.43
N THR B 114 4.33 0.67 -13.49
CA THR B 114 5.53 0.97 -12.73
C THR B 114 6.11 -0.38 -12.21
N ASN B 115 6.65 -0.40 -10.99
CA ASN B 115 7.16 -1.58 -10.27
C ASN B 115 7.97 -1.00 -9.14
N MET B 116 8.54 -1.78 -8.29
CA MET B 116 9.45 -1.24 -7.33
C MET B 116 10.80 -1.96 -7.37
N PRO B 117 11.60 -1.73 -8.46
CA PRO B 117 12.93 -2.27 -8.59
C PRO B 117 13.95 -1.14 -8.43
N GLY B 118 13.53 -0.08 -7.72
CA GLY B 118 14.37 1.08 -7.49
C GLY B 118 15.49 0.77 -6.56
N ILE B 119 15.44 -0.40 -5.96
CA ILE B 119 16.48 -0.88 -5.13
C ILE B 119 17.59 -1.41 -6.04
N SER B 120 18.46 -0.53 -6.43
CA SER B 120 19.56 -0.84 -7.31
C SER B 120 20.74 0.06 -6.96
N SER B 121 21.77 -0.53 -6.43
CA SER B 121 22.96 0.20 -6.04
C SER B 121 24.17 -0.71 -6.11
N THR B 122 25.18 -0.26 -6.79
CA THR B 122 26.36 -1.03 -6.95
C THR B 122 27.30 -0.78 -5.77
N ASP B 123 27.18 -1.62 -4.77
CA ASP B 123 28.00 -1.50 -3.58
C ASP B 123 29.30 -2.24 -3.78
N ARG B 124 30.18 -1.61 -4.51
CA ARG B 124 31.47 -2.14 -4.85
C ARG B 124 32.47 -1.04 -4.65
N ALA A 1 3.72 -30.50 30.63
CA ALA A 1 2.63 -29.58 30.36
C ALA A 1 2.88 -28.86 29.05
N ILE A 2 1.81 -28.47 28.38
CA ILE A 2 1.93 -27.74 27.13
C ILE A 2 2.22 -26.27 27.40
N ALA A 3 3.15 -25.72 26.67
CA ALA A 3 3.53 -24.34 26.87
C ALA A 3 3.70 -23.63 25.54
N PRO A 4 2.82 -22.69 25.22
CA PRO A 4 2.94 -21.91 24.02
C PRO A 4 4.05 -20.86 24.17
N CYS A 5 5.16 -21.13 23.56
CA CYS A 5 6.32 -20.27 23.63
C CYS A 5 6.49 -19.54 22.32
N MET A 6 6.36 -18.24 22.36
CA MET A 6 6.44 -17.45 21.16
C MET A 6 7.86 -17.12 20.79
N GLN A 7 8.48 -18.00 20.04
CA GLN A 7 9.82 -17.77 19.57
C GLN A 7 9.69 -17.22 18.16
N THR A 8 9.87 -15.94 18.03
CA THR A 8 9.78 -15.27 16.78
C THR A 8 10.43 -13.91 16.92
N THR A 9 10.57 -13.21 15.83
CA THR A 9 11.19 -11.94 15.81
C THR A 9 10.94 -11.32 14.44
N HIS A 10 11.46 -10.15 14.22
CA HIS A 10 11.24 -9.44 12.98
C HIS A 10 12.58 -9.09 12.39
N SER A 11 12.63 -8.95 11.09
CA SER A 11 13.85 -8.61 10.43
C SER A 11 14.14 -7.13 10.63
N LYS A 12 14.94 -6.82 11.64
CA LYS A 12 15.29 -5.47 11.97
C LYS A 12 16.31 -4.90 11.00
N MET A 13 15.78 -4.28 9.97
CA MET A 13 16.52 -3.70 8.88
C MET A 13 15.56 -2.79 8.13
N THR A 14 16.08 -1.76 7.50
CA THR A 14 15.27 -0.84 6.72
C THR A 14 14.51 -1.63 5.63
N ALA A 15 13.19 -1.62 5.70
CA ALA A 15 12.35 -2.37 4.79
C ALA A 15 12.42 -1.86 3.38
N GLY A 16 12.59 -0.56 3.24
CA GLY A 16 12.68 0.02 1.95
C GLY A 16 11.63 1.05 1.72
N ALA A 17 11.63 1.64 0.57
CA ALA A 17 10.70 2.67 0.21
C ALA A 17 9.70 2.14 -0.80
N TYR A 18 8.57 2.77 -0.89
CA TYR A 18 7.58 2.39 -1.85
C TYR A 18 7.52 3.42 -2.96
N THR A 19 7.45 2.96 -4.18
CA THR A 19 7.34 3.83 -5.31
C THR A 19 5.93 4.41 -5.39
N GLU A 20 5.77 5.62 -4.88
CA GLU A 20 4.50 6.33 -4.92
C GLU A 20 4.22 6.75 -6.36
N GLY A 21 2.98 7.01 -6.67
CA GLY A 21 2.60 7.31 -8.03
C GLY A 21 2.71 8.79 -8.39
N PRO A 22 1.57 9.48 -8.54
CA PRO A 22 1.55 10.89 -8.94
C PRO A 22 1.92 12.00 -7.86
N PRO A 23 1.86 11.76 -6.48
CA PRO A 23 2.18 12.82 -5.49
C PRO A 23 3.55 13.50 -5.72
N GLN A 24 3.52 14.82 -5.86
CA GLN A 24 4.71 15.62 -6.09
C GLN A 24 5.75 15.48 -4.97
N PRO A 25 7.04 15.64 -5.31
CA PRO A 25 8.15 15.48 -4.39
C PRO A 25 8.10 16.32 -3.13
N LEU A 26 8.12 15.63 -2.03
CA LEU A 26 8.37 16.21 -0.75
C LEU A 26 9.81 15.85 -0.40
N SER A 27 10.41 16.51 0.58
CA SER A 27 11.83 16.32 0.84
C SER A 27 12.18 14.88 1.20
N ALA A 28 13.36 14.48 0.72
CA ALA A 28 13.97 13.19 1.04
C ALA A 28 14.04 12.99 2.55
N GLU A 29 14.24 14.08 3.28
CA GLU A 29 14.34 13.99 4.71
C GLU A 29 13.01 13.57 5.34
N GLU A 30 11.93 14.07 4.78
CA GLU A 30 10.61 13.65 5.22
C GLU A 30 10.37 12.20 4.90
N LYS A 31 10.91 11.74 3.78
CA LYS A 31 10.68 10.38 3.34
C LYS A 31 11.32 9.40 4.29
N LYS A 32 12.55 9.68 4.66
CA LYS A 32 13.27 8.85 5.59
C LYS A 32 12.58 8.79 6.93
N GLU A 33 12.10 9.93 7.40
CA GLU A 33 11.48 10.01 8.70
C GLU A 33 10.12 9.32 8.73
N ILE A 34 9.33 9.49 7.69
CA ILE A 34 7.97 8.94 7.66
C ILE A 34 7.96 7.41 7.65
N ASP A 35 8.93 6.77 7.00
CA ASP A 35 9.00 5.31 7.03
C ASP A 35 9.43 4.81 8.40
N LYS A 36 10.22 5.63 9.09
CA LYS A 36 10.68 5.35 10.46
C LYS A 36 9.54 5.55 11.44
N ARG A 37 8.52 6.21 10.99
CA ARG A 37 7.35 6.48 11.77
C ARG A 37 6.23 5.56 11.29
N SER A 38 6.58 4.60 10.50
CA SER A 38 5.63 3.66 10.00
C SER A 38 5.79 2.29 10.68
N VAL A 39 4.72 1.52 10.68
CA VAL A 39 4.66 0.22 11.31
C VAL A 39 3.98 -0.75 10.39
N TYR A 40 4.13 -2.01 10.69
CA TYR A 40 3.52 -3.07 9.99
C TYR A 40 2.48 -3.67 10.89
N VAL A 41 1.30 -3.77 10.40
CA VAL A 41 0.19 -4.36 11.09
C VAL A 41 -0.31 -5.52 10.23
N GLY A 42 -0.16 -6.72 10.68
CA GLY A 42 -0.57 -7.84 9.85
C GLY A 42 -1.67 -8.67 10.44
N ASN A 43 -2.17 -9.61 9.63
CA ASN A 43 -3.31 -10.51 9.93
C ASN A 43 -4.63 -9.72 10.22
N VAL A 44 -4.69 -8.48 9.75
CA VAL A 44 -5.91 -7.66 9.89
C VAL A 44 -7.04 -8.27 9.06
N ASP A 45 -8.24 -8.24 9.62
CA ASP A 45 -9.39 -8.85 8.99
C ASP A 45 -9.95 -7.89 7.98
N TYR A 46 -10.64 -8.42 7.00
CA TYR A 46 -11.21 -7.61 5.92
C TYR A 46 -12.34 -6.72 6.50
N GLY A 47 -12.83 -7.11 7.67
CA GLY A 47 -13.85 -6.38 8.36
C GLY A 47 -13.30 -5.17 9.07
N SER A 48 -11.98 -5.10 9.22
CA SER A 48 -11.40 -3.96 9.80
C SER A 48 -11.14 -2.95 8.68
N THR A 49 -11.61 -1.75 8.84
CA THR A 49 -11.49 -0.75 7.82
C THR A 49 -10.42 0.26 8.22
N ALA A 50 -10.16 1.24 7.37
CA ALA A 50 -9.15 2.25 7.64
C ALA A 50 -9.51 3.01 8.92
N GLN A 51 -10.78 3.41 9.02
CA GLN A 51 -11.33 4.07 10.20
C GLN A 51 -11.16 3.19 11.47
N ASP A 52 -11.30 1.86 11.32
CA ASP A 52 -11.08 0.94 12.46
C ASP A 52 -9.63 0.94 12.86
N LEU A 53 -8.77 0.96 11.87
CA LEU A 53 -7.33 0.92 12.08
C LEU A 53 -6.84 2.15 12.76
N GLU A 54 -7.25 3.32 12.27
CA GLU A 54 -6.86 4.54 12.90
C GLU A 54 -7.30 4.66 14.31
N ALA A 55 -8.55 4.36 14.60
CA ALA A 55 -9.04 4.47 15.98
C ALA A 55 -8.17 3.66 16.95
N HIS A 56 -7.91 2.42 16.57
CA HIS A 56 -7.14 1.51 17.37
C HIS A 56 -5.70 2.01 17.55
N PHE A 57 -5.10 2.51 16.47
CA PHE A 57 -3.74 3.03 16.51
C PHE A 57 -3.61 4.46 17.02
N SER A 58 -4.70 5.20 16.93
CA SER A 58 -4.71 6.59 17.33
C SER A 58 -4.52 6.69 18.83
N SER A 59 -4.93 5.64 19.53
CA SER A 59 -4.67 5.57 20.95
C SER A 59 -3.14 5.64 21.24
N CYS A 60 -2.32 5.25 20.29
CA CYS A 60 -0.87 5.26 20.44
C CYS A 60 -0.20 6.52 19.88
N GLY A 61 -0.97 7.51 19.45
CA GLY A 61 -0.34 8.72 18.92
C GLY A 61 -1.07 9.38 17.78
N SER A 62 -0.31 9.98 16.89
CA SER A 62 -0.86 10.72 15.77
C SER A 62 -0.55 10.04 14.44
N ILE A 63 -1.58 9.74 13.69
CA ILE A 63 -1.42 9.10 12.41
C ILE A 63 -1.27 10.11 11.26
N ASN A 64 -0.25 9.88 10.45
CA ASN A 64 0.06 10.73 9.30
C ASN A 64 -0.63 10.16 8.06
N ARG A 65 -0.46 8.87 7.86
CA ARG A 65 -0.99 8.18 6.68
C ARG A 65 -1.16 6.72 7.02
N ILE A 66 -1.91 6.00 6.23
CA ILE A 66 -2.06 4.57 6.45
C ILE A 66 -2.19 3.88 5.12
N THR A 67 -1.66 2.72 5.03
CA THR A 67 -1.70 1.92 3.84
C THR A 67 -2.27 0.57 4.22
N ILE A 68 -3.30 0.13 3.55
CA ILE A 68 -3.91 -1.13 3.89
C ILE A 68 -3.88 -1.98 2.66
N LEU A 69 -3.29 -3.12 2.73
CA LEU A 69 -3.30 -4.02 1.60
C LEU A 69 -3.93 -5.34 1.94
N CYS A 70 -4.87 -5.74 1.13
CA CYS A 70 -5.56 -6.98 1.32
C CYS A 70 -5.21 -7.87 0.15
N ASP A 71 -4.72 -9.05 0.41
CA ASP A 71 -4.32 -9.89 -0.68
C ASP A 71 -5.23 -11.07 -0.84
N LYS A 72 -5.68 -11.28 -2.04
CA LYS A 72 -6.40 -12.47 -2.40
C LYS A 72 -5.49 -13.31 -3.26
N PHE A 73 -4.23 -12.90 -3.24
CA PHE A 73 -3.15 -13.59 -3.92
C PHE A 73 -3.03 -14.98 -3.35
N SER A 74 -3.25 -15.09 -2.06
CA SER A 74 -3.23 -16.36 -1.36
C SER A 74 -4.58 -17.12 -1.54
N GLY A 75 -5.48 -16.61 -2.38
CA GLY A 75 -6.77 -17.26 -2.59
C GLY A 75 -7.81 -16.76 -1.62
N HIS A 76 -7.43 -16.73 -0.38
CA HIS A 76 -8.27 -16.22 0.68
C HIS A 76 -7.89 -14.79 0.90
N PRO A 77 -8.85 -13.87 1.07
CA PRO A 77 -8.49 -12.48 1.29
C PRO A 77 -7.82 -12.30 2.64
N LYS A 78 -6.61 -11.89 2.59
CA LYS A 78 -5.81 -11.63 3.73
C LYS A 78 -5.71 -10.14 3.92
N GLY A 79 -4.95 -9.73 4.89
CA GLY A 79 -4.85 -8.34 5.15
C GLY A 79 -3.66 -7.99 5.98
N TYR A 80 -3.03 -6.94 5.60
CA TYR A 80 -1.95 -6.35 6.32
C TYR A 80 -1.85 -4.89 5.97
N ALA A 81 -1.52 -4.09 6.93
CA ALA A 81 -1.55 -2.67 6.78
C ALA A 81 -0.32 -2.05 7.38
N TYR A 82 0.08 -0.96 6.86
CA TYR A 82 1.17 -0.22 7.37
C TYR A 82 0.68 1.13 7.81
N ILE A 83 0.77 1.39 9.08
CA ILE A 83 0.28 2.62 9.65
C ILE A 83 1.45 3.59 9.78
N GLU A 84 1.35 4.73 9.17
CA GLU A 84 2.39 5.73 9.24
C GLU A 84 1.97 6.82 10.22
N PHE A 85 2.74 6.99 11.24
CA PHE A 85 2.46 7.97 12.24
C PHE A 85 3.25 9.24 11.98
N ALA A 86 2.77 10.35 12.49
CA ALA A 86 3.47 11.61 12.37
C ALA A 86 4.63 11.63 13.34
N GLU A 87 4.50 10.92 14.43
CA GLU A 87 5.52 10.84 15.44
C GLU A 87 6.12 9.44 15.50
N ARG A 88 7.45 9.37 15.61
CA ARG A 88 8.17 8.09 15.65
C ARG A 88 7.85 7.41 16.98
N ASN A 89 7.62 8.22 18.02
CA ASN A 89 7.29 7.70 19.34
C ASN A 89 5.92 7.06 19.35
N SER A 90 5.08 7.42 18.39
CA SER A 90 3.80 6.80 18.28
C SER A 90 3.95 5.34 17.87
N VAL A 91 4.95 5.04 17.02
CA VAL A 91 5.16 3.68 16.59
C VAL A 91 5.62 2.87 17.77
N ASP A 92 6.44 3.49 18.59
CA ASP A 92 7.01 2.86 19.77
C ASP A 92 5.90 2.45 20.75
N ALA A 93 4.85 3.26 20.82
CA ALA A 93 3.70 2.93 21.63
C ALA A 93 2.86 1.83 20.97
N ALA A 94 2.87 1.81 19.64
CA ALA A 94 2.09 0.85 18.86
C ALA A 94 2.74 -0.53 18.86
N VAL A 95 4.05 -0.56 18.71
CA VAL A 95 4.85 -1.80 18.72
C VAL A 95 4.67 -2.62 20.00
N ALA A 96 4.23 -1.98 21.08
CA ALA A 96 3.94 -2.69 22.33
C ALA A 96 2.70 -3.60 22.17
N MET A 97 2.03 -3.41 21.06
CA MET A 97 0.87 -4.17 20.66
C MET A 97 1.25 -5.21 19.60
N ASP A 98 2.58 -5.38 19.42
CA ASP A 98 3.21 -6.33 18.47
C ASP A 98 2.51 -7.65 18.30
N GLU A 99 2.31 -8.40 19.35
CA GLU A 99 1.66 -9.69 19.19
C GLU A 99 0.33 -9.68 19.97
N THR A 100 -0.24 -8.51 20.07
CA THR A 100 -1.49 -8.32 20.74
C THR A 100 -2.66 -8.87 19.88
N VAL A 101 -3.82 -8.99 20.46
CA VAL A 101 -4.93 -9.61 19.79
C VAL A 101 -5.97 -8.54 19.40
N PHE A 102 -6.41 -8.63 18.18
CA PHE A 102 -7.36 -7.70 17.62
C PHE A 102 -8.44 -8.48 16.92
N ARG A 103 -9.70 -8.21 17.26
CA ARG A 103 -10.87 -8.87 16.69
C ARG A 103 -10.78 -10.41 16.90
N GLY A 104 -10.18 -10.78 18.00
CA GLY A 104 -10.05 -12.18 18.37
C GLY A 104 -8.95 -12.92 17.61
N ARG A 105 -8.18 -12.19 16.83
CA ARG A 105 -7.09 -12.79 16.07
C ARG A 105 -5.79 -12.07 16.39
N THR A 106 -4.70 -12.80 16.39
CA THR A 106 -3.42 -12.24 16.74
C THR A 106 -2.85 -11.49 15.56
N ILE A 107 -2.62 -10.23 15.74
CA ILE A 107 -2.02 -9.43 14.70
C ILE A 107 -0.56 -9.20 15.01
N LYS A 108 0.13 -8.66 14.07
CA LYS A 108 1.51 -8.32 14.23
C LYS A 108 1.65 -6.86 14.07
N VAL A 109 2.31 -6.23 14.99
CA VAL A 109 2.64 -4.86 14.86
C VAL A 109 4.14 -4.73 15.04
N LEU A 110 4.86 -4.39 14.00
CA LEU A 110 6.28 -4.23 14.16
C LEU A 110 6.69 -3.01 13.36
N PRO A 111 7.71 -2.25 13.81
CA PRO A 111 8.06 -0.99 13.16
C PRO A 111 8.84 -1.22 11.87
N LYS A 112 8.48 -0.46 10.86
CA LYS A 112 9.10 -0.61 9.58
C LYS A 112 10.41 0.17 9.58
N ARG A 113 11.46 -0.49 10.04
CA ARG A 113 12.75 0.17 10.25
C ARG A 113 13.79 -0.81 10.75
N THR A 114 14.97 -0.30 10.97
CA THR A 114 16.05 -1.08 11.50
C THR A 114 16.20 -0.78 13.01
N ASN A 115 16.79 -1.70 13.72
CA ASN A 115 16.98 -1.58 15.15
C ASN A 115 18.36 -2.10 15.48
N MET A 116 18.92 -1.68 16.60
CA MET A 116 20.28 -2.05 17.01
C MET A 116 20.43 -3.57 17.12
N PRO A 117 21.25 -4.19 16.23
CA PRO A 117 21.46 -5.64 16.22
C PRO A 117 22.31 -6.09 17.40
N GLY A 118 23.19 -5.23 17.85
CA GLY A 118 24.04 -5.55 18.97
C GLY A 118 25.33 -6.21 18.52
N ILE A 119 25.21 -7.39 17.94
CA ILE A 119 26.37 -8.14 17.44
C ILE A 119 26.73 -7.71 16.01
N SER A 120 26.07 -6.69 15.55
CA SER A 120 26.30 -6.14 14.25
C SER A 120 25.99 -4.65 14.33
N SER A 121 26.46 -3.91 13.36
CA SER A 121 26.32 -2.48 13.35
C SER A 121 26.23 -2.02 11.89
N THR A 122 26.47 -0.76 11.65
CA THR A 122 26.44 -0.18 10.32
C THR A 122 27.68 -0.58 9.48
N ASP A 123 28.57 -1.36 10.08
CA ASP A 123 29.73 -1.86 9.37
C ASP A 123 29.31 -3.02 8.50
N ARG A 124 29.22 -2.78 7.23
CA ARG A 124 28.80 -3.79 6.28
C ARG A 124 29.66 -3.80 5.02
N ALA B 1 7.06 15.77 -25.24
CA ALA B 1 7.26 14.78 -24.21
C ALA B 1 7.44 13.40 -24.83
N ILE B 2 8.24 12.58 -24.19
CA ILE B 2 8.48 11.22 -24.65
C ILE B 2 7.59 10.28 -23.87
N ALA B 3 6.87 9.42 -24.56
CA ALA B 3 5.96 8.50 -23.91
C ALA B 3 6.13 7.07 -24.42
N PRO B 4 6.98 6.28 -23.75
CA PRO B 4 7.17 4.89 -24.08
C PRO B 4 6.35 3.98 -23.15
N CYS B 5 6.42 2.69 -23.34
CA CYS B 5 5.73 1.77 -22.45
C CYS B 5 6.70 1.13 -21.46
N MET B 6 7.97 1.46 -21.61
CA MET B 6 8.99 0.94 -20.74
C MET B 6 9.21 1.84 -19.51
N GLN B 7 8.75 1.38 -18.38
CA GLN B 7 8.90 2.08 -17.12
C GLN B 7 9.27 1.11 -16.00
N THR B 8 10.54 1.03 -15.71
CA THR B 8 11.04 0.12 -14.69
C THR B 8 10.68 0.63 -13.28
N THR B 9 10.55 1.93 -13.14
CA THR B 9 10.24 2.52 -11.85
C THR B 9 8.76 2.30 -11.47
N HIS B 10 8.50 1.09 -10.95
CA HIS B 10 7.20 0.59 -10.42
C HIS B 10 7.33 -0.86 -10.00
N SER B 11 8.18 -1.61 -10.71
CA SER B 11 8.37 -3.02 -10.42
C SER B 11 8.98 -3.23 -9.05
N LYS B 12 8.43 -4.17 -8.31
CA LYS B 12 8.94 -4.48 -6.98
C LYS B 12 10.28 -5.21 -7.11
N MET B 13 11.37 -4.44 -7.00
CA MET B 13 12.75 -4.93 -7.22
C MET B 13 13.08 -6.23 -6.47
N THR B 14 12.67 -6.31 -5.21
CA THR B 14 12.85 -7.49 -4.40
C THR B 14 14.35 -7.77 -4.04
N ALA B 15 14.71 -7.30 -2.88
CA ALA B 15 16.03 -7.45 -2.34
C ALA B 15 15.85 -7.40 -0.84
N GLY B 16 16.92 -7.09 -0.08
CA GLY B 16 16.79 -6.90 1.35
C GLY B 16 15.73 -5.84 1.64
N ALA B 17 15.73 -4.81 0.81
CA ALA B 17 14.70 -3.83 0.84
C ALA B 17 13.53 -4.37 0.03
N TYR B 18 12.60 -5.00 0.71
CA TYR B 18 11.51 -5.67 0.06
C TYR B 18 10.23 -4.83 0.10
N THR B 19 10.20 -3.87 1.03
CA THR B 19 9.03 -2.99 1.29
C THR B 19 7.71 -3.77 1.68
N GLU B 20 7.25 -4.62 0.77
CA GLU B 20 6.02 -5.42 0.88
C GLU B 20 5.99 -6.29 2.20
N GLY B 21 7.19 -6.62 2.68
CA GLY B 21 7.38 -7.26 3.99
C GLY B 21 7.12 -8.77 4.04
N PRO B 22 6.15 -9.21 4.89
CA PRO B 22 5.84 -10.64 5.18
C PRO B 22 5.82 -11.64 4.01
N PRO B 23 5.04 -11.38 2.89
CA PRO B 23 4.91 -12.38 1.83
C PRO B 23 6.26 -12.74 1.24
N GLN B 24 6.57 -14.03 1.27
CA GLN B 24 7.79 -14.53 0.72
C GLN B 24 7.89 -14.21 -0.74
N PRO B 25 9.07 -13.75 -1.17
CA PRO B 25 9.29 -13.26 -2.51
C PRO B 25 8.89 -14.23 -3.61
N LEU B 26 7.74 -13.95 -4.19
CA LEU B 26 7.28 -14.70 -5.33
C LEU B 26 8.14 -14.38 -6.55
N SER B 27 7.97 -15.12 -7.62
CA SER B 27 8.82 -15.00 -8.78
C SER B 27 8.79 -13.59 -9.38
N ALA B 28 9.97 -13.17 -9.85
CA ALA B 28 10.16 -11.89 -10.53
C ALA B 28 9.17 -11.70 -11.68
N GLU B 29 8.87 -12.80 -12.36
CA GLU B 29 7.93 -12.79 -13.49
C GLU B 29 6.55 -12.33 -13.00
N GLU B 30 6.09 -12.94 -11.91
CA GLU B 30 4.80 -12.59 -11.31
C GLU B 30 4.77 -11.17 -10.85
N LYS B 31 5.88 -10.66 -10.34
CA LYS B 31 5.87 -9.32 -9.87
C LYS B 31 5.81 -8.27 -10.95
N LYS B 32 6.45 -8.53 -12.07
CA LYS B 32 6.36 -7.65 -13.20
C LYS B 32 4.95 -7.62 -13.75
N GLU B 33 4.32 -8.78 -13.79
CA GLU B 33 2.98 -8.90 -14.33
C GLU B 33 1.93 -8.27 -13.44
N ILE B 34 2.03 -8.50 -12.14
CA ILE B 34 1.01 -8.00 -11.20
C ILE B 34 0.95 -6.47 -11.14
N ASP B 35 2.10 -5.79 -11.26
CA ASP B 35 2.10 -4.32 -11.27
C ASP B 35 1.53 -3.77 -12.59
N LYS B 36 1.61 -4.59 -13.63
CA LYS B 36 1.01 -4.28 -14.96
C LYS B 36 -0.47 -4.51 -14.92
N ARG B 37 -0.90 -5.20 -13.90
CA ARG B 37 -2.27 -5.50 -13.71
C ARG B 37 -2.80 -4.69 -12.54
N SER B 38 -2.03 -3.69 -12.16
CA SER B 38 -2.41 -2.78 -11.12
C SER B 38 -2.91 -1.45 -11.72
N VAL B 39 -3.75 -0.78 -10.98
CA VAL B 39 -4.30 0.48 -11.38
C VAL B 39 -4.20 1.45 -10.23
N TYR B 40 -4.35 2.68 -10.53
CA TYR B 40 -4.35 3.75 -9.59
C TYR B 40 -5.74 4.30 -9.53
N VAL B 41 -6.29 4.33 -8.38
CA VAL B 41 -7.59 4.86 -8.13
C VAL B 41 -7.46 5.95 -7.10
N GLY B 42 -7.64 7.19 -7.46
CA GLY B 42 -7.45 8.16 -6.43
C GLY B 42 -8.50 9.22 -6.32
N ASN B 43 -9.27 9.09 -5.24
CA ASN B 43 -10.07 10.20 -4.59
C ASN B 43 -11.06 9.57 -3.61
N VAL B 44 -10.69 8.39 -3.11
CA VAL B 44 -11.53 7.65 -2.17
C VAL B 44 -11.57 8.37 -0.83
N ASP B 45 -12.74 8.45 -0.26
CA ASP B 45 -12.94 9.15 1.00
C ASP B 45 -13.31 8.17 2.11
N TYR B 46 -13.27 8.65 3.33
CA TYR B 46 -13.56 7.85 4.50
C TYR B 46 -15.01 7.51 4.53
N GLY B 47 -15.30 6.33 4.13
CA GLY B 47 -16.63 5.86 4.00
C GLY B 47 -16.66 4.69 3.09
N SER B 48 -15.78 4.71 2.11
CA SER B 48 -15.65 3.60 1.22
C SER B 48 -14.61 2.65 1.79
N THR B 49 -14.90 1.41 1.77
CA THR B 49 -14.04 0.42 2.31
C THR B 49 -13.36 -0.33 1.20
N ALA B 50 -12.50 -1.28 1.56
CA ALA B 50 -11.85 -2.15 0.61
C ALA B 50 -12.94 -2.97 -0.11
N GLN B 51 -13.91 -3.43 0.67
CA GLN B 51 -15.08 -4.15 0.16
C GLN B 51 -15.87 -3.29 -0.87
N ASP B 52 -15.92 -1.98 -0.65
CA ASP B 52 -16.58 -1.07 -1.63
C ASP B 52 -15.77 -0.99 -2.90
N LEU B 53 -14.48 -0.92 -2.73
CA LEU B 53 -13.56 -0.83 -3.84
C LEU B 53 -13.59 -2.07 -4.71
N GLU B 54 -13.53 -3.25 -4.10
CA GLU B 54 -13.61 -4.47 -4.87
C GLU B 54 -14.88 -4.60 -5.64
N ALA B 55 -16.02 -4.37 -5.02
CA ALA B 55 -17.31 -4.51 -5.71
C ALA B 55 -17.33 -3.64 -6.98
N HIS B 56 -16.93 -2.39 -6.81
CA HIS B 56 -16.95 -1.43 -7.90
C HIS B 56 -15.98 -1.86 -9.02
N PHE B 57 -14.80 -2.34 -8.65
CA PHE B 57 -13.81 -2.80 -9.61
C PHE B 57 -14.02 -4.21 -10.12
N SER B 58 -14.73 -5.00 -9.37
CA SER B 58 -14.98 -6.39 -9.69
C SER B 58 -15.83 -6.47 -10.92
N SER B 59 -16.65 -5.44 -11.15
CA SER B 59 -17.41 -5.35 -12.37
C SER B 59 -16.46 -5.33 -13.59
N CYS B 60 -15.27 -4.78 -13.40
CA CYS B 60 -14.27 -4.68 -14.46
C CYS B 60 -13.31 -5.87 -14.51
N GLY B 61 -13.48 -6.85 -13.65
CA GLY B 61 -12.56 -7.98 -13.71
C GLY B 61 -12.32 -8.72 -12.42
N SER B 62 -11.21 -9.43 -12.38
CA SER B 62 -10.85 -10.28 -11.27
C SER B 62 -9.73 -9.64 -10.45
N ILE B 63 -10.02 -9.33 -9.22
CA ILE B 63 -9.08 -8.69 -8.33
C ILE B 63 -8.15 -9.71 -7.64
N ASN B 64 -6.87 -9.39 -7.68
CA ASN B 64 -5.82 -10.21 -7.06
C ASN B 64 -5.52 -9.67 -5.67
N ARG B 65 -5.32 -8.37 -5.58
CA ARG B 65 -4.94 -7.69 -4.35
C ARG B 65 -5.38 -6.25 -4.45
N ILE B 66 -5.41 -5.56 -3.35
CA ILE B 66 -5.73 -4.13 -3.37
C ILE B 66 -4.95 -3.44 -2.29
N THR B 67 -4.54 -2.25 -2.57
CA THR B 67 -3.80 -1.45 -1.65
C THR B 67 -4.53 -0.14 -1.50
N ILE B 68 -4.87 0.26 -0.30
CA ILE B 68 -5.61 1.49 -0.11
C ILE B 68 -4.77 2.36 0.80
N LEU B 69 -4.43 3.52 0.38
CA LEU B 69 -3.70 4.41 1.25
C LEU B 69 -4.46 5.71 1.47
N CYS B 70 -4.62 6.07 2.70
CA CYS B 70 -5.31 7.28 3.06
C CYS B 70 -4.31 8.20 3.70
N ASP B 71 -4.18 9.41 3.21
CA ASP B 71 -3.20 10.28 3.76
C ASP B 71 -3.81 11.45 4.49
N LYS B 72 -3.34 11.65 5.69
CA LYS B 72 -3.71 12.80 6.47
C LYS B 72 -2.53 13.72 6.51
N PHE B 73 -1.56 13.40 5.65
CA PHE B 73 -0.39 14.19 5.40
C PHE B 73 -0.85 15.55 4.88
N SER B 74 -1.94 15.52 4.14
CA SER B 74 -2.54 16.70 3.60
C SER B 74 -3.44 17.43 4.64
N GLY B 75 -3.41 16.98 5.90
CA GLY B 75 -4.24 17.57 6.97
C GLY B 75 -5.66 17.04 6.93
N HIS B 76 -6.21 17.07 5.75
CA HIS B 76 -7.52 16.55 5.49
C HIS B 76 -7.32 15.16 5.00
N PRO B 77 -8.03 14.17 5.53
CA PRO B 77 -7.85 12.80 5.12
C PRO B 77 -8.19 12.60 3.66
N LYS B 78 -7.19 12.23 2.91
CA LYS B 78 -7.32 11.94 1.52
C LYS B 78 -7.31 10.45 1.31
N GLY B 79 -7.39 10.02 0.09
CA GLY B 79 -7.42 8.64 -0.17
C GLY B 79 -7.15 8.31 -1.61
N TYR B 80 -6.34 7.31 -1.79
CA TYR B 80 -6.03 6.74 -3.07
C TYR B 80 -5.67 5.30 -2.92
N ALA B 81 -6.04 4.52 -3.87
CA ALA B 81 -5.89 3.11 -3.78
C ALA B 81 -5.37 2.56 -5.08
N TYR B 82 -4.68 1.49 -5.00
CA TYR B 82 -4.19 0.81 -6.14
C TYR B 82 -4.79 -0.56 -6.16
N ILE B 83 -5.57 -0.83 -7.16
CA ILE B 83 -6.26 -2.10 -7.26
C ILE B 83 -5.44 -3.00 -8.18
N GLU B 84 -5.04 -4.15 -7.68
CA GLU B 84 -4.29 -5.09 -8.46
C GLU B 84 -5.20 -6.20 -8.94
N PHE B 85 -5.32 -6.34 -10.22
CA PHE B 85 -6.14 -7.36 -10.80
C PHE B 85 -5.29 -8.55 -11.18
N ALA B 86 -5.90 -9.69 -11.25
CA ALA B 86 -5.21 -10.87 -11.69
C ALA B 86 -5.07 -10.85 -13.20
N GLU B 87 -6.03 -10.22 -13.86
CA GLU B 87 -6.02 -10.11 -15.30
C GLU B 87 -5.62 -8.68 -15.70
N ARG B 88 -4.76 -8.56 -16.70
CA ARG B 88 -4.30 -7.24 -17.17
C ARG B 88 -5.46 -6.59 -17.92
N ASN B 89 -6.28 -7.41 -18.55
CA ASN B 89 -7.43 -6.93 -19.29
C ASN B 89 -8.47 -6.32 -18.36
N SER B 90 -8.44 -6.71 -17.08
CA SER B 90 -9.33 -6.16 -16.10
C SER B 90 -9.00 -4.69 -15.87
N VAL B 91 -7.70 -4.36 -15.91
CA VAL B 91 -7.29 -2.98 -15.70
C VAL B 91 -7.79 -2.15 -16.84
N ASP B 92 -7.73 -2.74 -18.03
CA ASP B 92 -8.15 -2.09 -19.26
C ASP B 92 -9.64 -1.74 -19.19
N ALA B 93 -10.43 -2.61 -18.59
CA ALA B 93 -11.83 -2.35 -18.39
C ALA B 93 -12.06 -1.28 -17.30
N ALA B 94 -11.15 -1.25 -16.33
CA ALA B 94 -11.24 -0.33 -15.20
C ALA B 94 -10.83 1.09 -15.61
N VAL B 95 -9.74 1.21 -16.36
CA VAL B 95 -9.23 2.50 -16.88
C VAL B 95 -10.27 3.26 -17.70
N ALA B 96 -11.28 2.56 -18.21
CA ALA B 96 -12.39 3.20 -18.94
C ALA B 96 -13.26 4.02 -17.99
N MET B 97 -13.00 3.87 -16.70
CA MET B 97 -13.71 4.59 -15.66
C MET B 97 -12.83 5.70 -15.08
N ASP B 98 -11.72 6.03 -15.76
CA ASP B 98 -10.78 7.11 -15.33
C ASP B 98 -11.48 8.34 -14.76
N GLU B 99 -12.52 8.81 -15.41
CA GLU B 99 -13.31 9.87 -14.84
C GLU B 99 -14.69 9.34 -14.42
N THR B 100 -14.79 9.01 -13.18
CA THR B 100 -16.02 8.52 -12.59
C THR B 100 -16.36 9.21 -11.30
N VAL B 101 -17.61 9.21 -10.96
CA VAL B 101 -18.06 9.88 -9.78
C VAL B 101 -18.45 8.85 -8.72
N PHE B 102 -17.90 8.99 -7.55
CA PHE B 102 -18.14 8.11 -6.47
C PHE B 102 -18.16 8.96 -5.20
N ARG B 103 -19.23 8.87 -4.41
CA ARG B 103 -19.41 9.71 -3.19
C ARG B 103 -19.50 11.19 -3.55
N GLY B 104 -20.07 11.46 -4.71
CA GLY B 104 -20.21 12.82 -5.19
C GLY B 104 -18.87 13.47 -5.55
N ARG B 105 -17.84 12.67 -5.65
CA ARG B 105 -16.55 13.16 -6.04
C ARG B 105 -15.97 12.32 -7.16
N THR B 106 -15.28 12.95 -8.06
CA THR B 106 -14.73 12.28 -9.19
C THR B 106 -13.41 11.60 -8.83
N ILE B 107 -13.32 10.34 -9.12
CA ILE B 107 -12.11 9.61 -8.84
C ILE B 107 -11.31 9.45 -10.11
N LYS B 108 -10.08 9.04 -9.98
CA LYS B 108 -9.18 8.92 -11.09
C LYS B 108 -8.70 7.48 -11.19
N VAL B 109 -8.87 6.85 -12.36
CA VAL B 109 -8.46 5.45 -12.57
C VAL B 109 -7.47 5.41 -13.73
N LEU B 110 -6.29 4.98 -13.47
CA LEU B 110 -5.16 5.07 -14.37
C LEU B 110 -4.34 3.77 -14.18
N PRO B 111 -3.84 3.10 -15.24
CA PRO B 111 -3.07 1.87 -15.06
C PRO B 111 -1.66 2.18 -14.59
N LYS B 112 -1.23 1.52 -13.54
CA LYS B 112 0.06 1.85 -12.96
C LYS B 112 1.20 1.44 -13.90
N ARG B 113 1.06 0.26 -14.50
CA ARG B 113 1.98 -0.27 -15.54
C ARG B 113 3.38 -0.60 -14.94
N THR B 114 4.23 -1.23 -15.75
CA THR B 114 5.54 -1.66 -15.38
C THR B 114 6.25 -1.86 -16.70
N ASN B 115 7.52 -2.05 -16.66
CA ASN B 115 8.29 -2.26 -17.84
C ASN B 115 8.04 -3.63 -18.42
N MET B 116 8.00 -3.67 -19.73
CA MET B 116 7.72 -4.89 -20.47
C MET B 116 8.97 -5.76 -20.49
N PRO B 117 8.91 -6.96 -19.88
CA PRO B 117 10.06 -7.87 -19.78
C PRO B 117 10.38 -8.60 -21.09
N GLY B 118 9.82 -8.12 -22.17
CA GLY B 118 10.06 -8.71 -23.46
C GLY B 118 9.47 -10.09 -23.57
N ILE B 119 10.23 -11.00 -24.10
CA ILE B 119 9.78 -12.36 -24.31
C ILE B 119 10.82 -13.32 -23.77
N SER B 120 10.57 -14.61 -23.98
CA SER B 120 11.48 -15.68 -23.64
C SER B 120 11.64 -15.90 -22.12
N SER B 121 10.70 -16.57 -21.55
CA SER B 121 10.76 -17.00 -20.19
C SER B 121 11.36 -18.40 -20.17
N THR B 122 10.59 -19.34 -20.67
CA THR B 122 11.00 -20.70 -20.90
C THR B 122 10.31 -21.18 -22.17
N ASP B 123 8.97 -21.00 -22.20
CA ASP B 123 8.10 -21.33 -23.35
C ASP B 123 8.10 -22.83 -23.64
N ARG B 124 7.00 -23.46 -23.32
CA ARG B 124 6.90 -24.89 -23.48
C ARG B 124 6.13 -25.21 -24.76
N ALA A 1 29.43 14.67 31.16
CA ALA A 1 27.99 14.69 30.90
C ALA A 1 27.64 13.65 29.85
N ILE A 2 27.28 12.48 30.29
CA ILE A 2 26.90 11.41 29.40
C ILE A 2 25.41 11.20 29.46
N ALA A 3 24.78 11.05 28.32
CA ALA A 3 23.36 10.84 28.25
C ALA A 3 23.06 9.43 27.76
N PRO A 4 22.75 8.49 28.66
CA PRO A 4 22.38 7.15 28.28
C PRO A 4 20.95 7.12 27.76
N CYS A 5 20.82 7.07 26.47
CA CYS A 5 19.53 7.04 25.84
C CYS A 5 19.10 5.60 25.64
N MET A 6 20.06 4.77 25.21
CA MET A 6 19.85 3.33 24.98
C MET A 6 18.79 3.09 23.90
N GLN A 7 18.59 4.09 23.07
CA GLN A 7 17.60 4.00 22.01
C GLN A 7 18.23 3.45 20.76
N THR A 8 18.11 2.17 20.60
CA THR A 8 18.71 1.50 19.48
C THR A 8 17.84 0.34 19.02
N THR A 9 17.62 0.27 17.74
CA THR A 9 16.91 -0.81 17.15
C THR A 9 17.90 -1.70 16.42
N HIS A 10 17.60 -2.97 16.26
CA HIS A 10 18.56 -3.88 15.65
C HIS A 10 17.92 -4.84 14.65
N SER A 11 18.61 -5.01 13.53
CA SER A 11 18.25 -5.93 12.46
C SER A 11 16.87 -5.64 11.84
N LYS A 12 16.89 -4.81 10.79
CA LYS A 12 15.75 -4.44 9.94
C LYS A 12 16.14 -3.34 9.00
N MET A 13 15.91 -3.57 7.74
CA MET A 13 16.18 -2.61 6.71
C MET A 13 14.87 -2.32 6.00
N THR A 14 13.77 -2.55 6.71
CA THR A 14 12.45 -2.42 6.19
C THR A 14 12.05 -0.97 5.92
N ALA A 15 12.18 -0.58 4.67
CA ALA A 15 11.85 0.74 4.22
C ALA A 15 11.30 0.66 2.81
N GLY A 16 10.16 1.23 2.60
CA GLY A 16 9.55 1.19 1.29
C GLY A 16 8.33 2.05 1.22
N ALA A 17 8.53 3.29 0.93
CA ALA A 17 7.46 4.24 0.89
C ALA A 17 7.33 4.87 -0.49
N TYR A 18 7.74 4.14 -1.51
CA TYR A 18 7.60 4.65 -2.86
C TYR A 18 6.49 3.94 -3.60
N THR A 19 5.49 4.68 -3.92
CA THR A 19 4.44 4.25 -4.79
C THR A 19 3.96 5.48 -5.53
N GLU A 20 3.05 6.24 -4.91
CA GLU A 20 2.56 7.54 -5.38
C GLU A 20 1.88 7.48 -6.74
N GLY A 21 2.67 7.40 -7.78
CA GLY A 21 2.13 7.45 -9.11
C GLY A 21 2.11 8.88 -9.60
N PRO A 22 0.96 9.35 -10.03
CA PRO A 22 0.77 10.74 -10.45
C PRO A 22 1.15 11.83 -9.36
N PRO A 23 0.80 11.66 -8.02
CA PRO A 23 1.30 12.57 -6.98
C PRO A 23 2.82 12.62 -6.99
N GLN A 24 3.38 13.77 -6.70
CA GLN A 24 4.82 13.89 -6.71
C GLN A 24 5.44 13.15 -5.54
N PRO A 25 6.36 12.24 -5.85
CA PRO A 25 7.04 11.48 -4.84
C PRO A 25 7.95 12.37 -4.03
N LEU A 26 7.73 12.39 -2.74
CA LEU A 26 8.50 13.20 -1.86
C LEU A 26 9.89 12.60 -1.64
N SER A 27 10.78 13.34 -1.01
CA SER A 27 12.18 12.95 -0.94
C SER A 27 12.38 11.62 -0.18
N ALA A 28 13.34 10.85 -0.64
CA ALA A 28 13.73 9.57 -0.05
C ALA A 28 14.06 9.68 1.42
N GLU A 29 14.74 10.72 1.83
CA GLU A 29 15.03 10.85 3.24
C GLU A 29 13.79 11.07 4.06
N GLU A 30 12.85 11.84 3.52
CA GLU A 30 11.54 11.99 4.15
C GLU A 30 10.89 10.65 4.28
N LYS A 31 11.10 9.82 3.27
CA LYS A 31 10.52 8.51 3.23
C LYS A 31 11.10 7.61 4.28
N LYS A 32 12.41 7.65 4.48
CA LYS A 32 12.98 6.84 5.52
C LYS A 32 12.63 7.37 6.89
N GLU A 33 12.56 8.69 7.04
CA GLU A 33 12.21 9.32 8.32
C GLU A 33 10.79 8.95 8.73
N ILE A 34 9.89 8.94 7.74
CA ILE A 34 8.51 8.54 7.97
C ILE A 34 8.42 7.02 8.21
N ASP A 35 9.27 6.22 7.50
CA ASP A 35 9.32 4.74 7.69
C ASP A 35 9.67 4.41 9.13
N LYS A 36 10.64 5.16 9.68
CA LYS A 36 11.17 4.95 11.05
C LYS A 36 10.09 5.11 12.10
N ARG A 37 9.08 5.89 11.78
CA ARG A 37 8.03 6.19 12.72
C ARG A 37 6.72 5.56 12.26
N SER A 38 6.85 4.56 11.43
CA SER A 38 5.72 3.79 10.99
C SER A 38 5.78 2.36 11.52
N VAL A 39 4.72 1.61 11.33
CA VAL A 39 4.65 0.26 11.82
C VAL A 39 4.01 -0.67 10.80
N TYR A 40 4.24 -1.91 11.01
CA TYR A 40 3.59 -3.03 10.35
C TYR A 40 2.46 -3.47 11.25
N VAL A 41 1.28 -3.52 10.73
CA VAL A 41 0.11 -4.04 11.41
C VAL A 41 -0.53 -5.07 10.50
N GLY A 42 -0.41 -6.34 10.79
CA GLY A 42 -0.92 -7.24 9.82
C GLY A 42 -1.40 -8.57 10.30
N ASN A 43 -2.68 -8.72 10.16
CA ASN A 43 -3.45 -9.98 10.16
C ASN A 43 -4.89 -9.52 10.07
N VAL A 44 -5.02 -8.31 9.53
CA VAL A 44 -6.26 -7.60 9.46
C VAL A 44 -6.77 -7.56 8.02
N ASP A 45 -7.72 -8.41 7.77
CA ASP A 45 -8.27 -8.60 6.45
C ASP A 45 -9.47 -7.70 6.31
N TYR A 46 -10.00 -7.59 5.08
CA TYR A 46 -11.17 -6.77 4.66
C TYR A 46 -12.25 -6.49 5.71
N GLY A 47 -12.47 -7.42 6.62
CA GLY A 47 -13.47 -7.25 7.67
C GLY A 47 -13.27 -5.96 8.45
N SER A 48 -12.04 -5.54 8.61
CA SER A 48 -11.75 -4.31 9.28
C SER A 48 -11.25 -3.28 8.26
N THR A 49 -11.43 -2.01 8.56
CA THR A 49 -11.16 -0.99 7.59
C THR A 49 -10.12 0.03 8.10
N ALA A 50 -9.78 1.01 7.25
CA ALA A 50 -8.76 2.02 7.55
C ALA A 50 -9.16 2.88 8.76
N GLN A 51 -10.41 3.31 8.79
CA GLN A 51 -10.92 4.09 9.93
C GLN A 51 -10.78 3.33 11.25
N ASP A 52 -11.01 2.01 11.20
CA ASP A 52 -10.88 1.15 12.40
C ASP A 52 -9.46 1.15 12.88
N LEU A 53 -8.58 1.26 11.92
CA LEU A 53 -7.17 1.31 12.15
C LEU A 53 -6.79 2.62 12.80
N GLU A 54 -7.31 3.76 12.28
CA GLU A 54 -7.00 5.07 12.85
C GLU A 54 -7.37 5.13 14.29
N ALA A 55 -8.59 4.74 14.62
CA ALA A 55 -9.06 4.85 16.00
C ALA A 55 -8.18 4.08 16.98
N HIS A 56 -7.88 2.86 16.61
CA HIS A 56 -7.15 1.98 17.48
C HIS A 56 -5.68 2.43 17.62
N PHE A 57 -5.10 2.86 16.53
CA PHE A 57 -3.72 3.32 16.55
C PHE A 57 -3.54 4.75 17.01
N SER A 58 -4.59 5.54 16.88
CA SER A 58 -4.53 6.94 17.24
C SER A 58 -4.46 7.06 18.75
N SER A 59 -4.93 6.04 19.45
CA SER A 59 -4.77 5.98 20.89
C SER A 59 -3.24 6.04 21.22
N CYS A 60 -2.42 5.49 20.33
CA CYS A 60 -0.99 5.44 20.53
C CYS A 60 -0.25 6.67 19.95
N GLY A 61 -0.99 7.61 19.35
CA GLY A 61 -0.33 8.75 18.75
C GLY A 61 -1.05 9.32 17.54
N SER A 62 -0.38 10.22 16.85
CA SER A 62 -0.95 10.89 15.70
C SER A 62 -0.52 10.19 14.42
N ILE A 63 -1.50 9.78 13.66
CA ILE A 63 -1.27 9.09 12.40
C ILE A 63 -1.22 10.08 11.23
N ASN A 64 -0.12 10.04 10.48
CA ASN A 64 0.01 10.90 9.30
C ASN A 64 -0.50 10.24 8.06
N ARG A 65 -0.30 8.97 7.98
CA ARG A 65 -0.49 8.29 6.74
C ARG A 65 -0.74 6.83 7.05
N ILE A 66 -1.45 6.11 6.20
CA ILE A 66 -1.63 4.68 6.38
C ILE A 66 -1.76 4.00 5.04
N THR A 67 -1.22 2.83 4.96
CA THR A 67 -1.28 2.04 3.77
C THR A 67 -1.84 0.69 4.14
N ILE A 68 -2.91 0.28 3.51
CA ILE A 68 -3.55 -0.97 3.84
C ILE A 68 -3.53 -1.80 2.59
N LEU A 69 -2.94 -2.93 2.64
CA LEU A 69 -2.90 -3.78 1.49
C LEU A 69 -3.54 -5.10 1.75
N CYS A 70 -4.42 -5.48 0.87
CA CYS A 70 -5.08 -6.73 0.97
C CYS A 70 -4.61 -7.60 -0.17
N ASP A 71 -3.90 -8.62 0.17
CA ASP A 71 -3.32 -9.51 -0.80
C ASP A 71 -4.16 -10.75 -0.84
N LYS A 72 -4.71 -11.05 -1.98
CA LYS A 72 -5.54 -12.20 -2.09
C LYS A 72 -4.83 -13.26 -2.95
N PHE A 73 -3.51 -13.08 -3.15
CA PHE A 73 -2.69 -14.05 -3.88
C PHE A 73 -2.55 -15.35 -3.12
N SER A 74 -2.83 -15.29 -1.85
CA SER A 74 -2.79 -16.47 -1.02
C SER A 74 -4.07 -17.33 -1.24
N GLY A 75 -5.03 -16.80 -2.00
CA GLY A 75 -6.27 -17.51 -2.24
C GLY A 75 -7.32 -16.98 -1.31
N HIS A 76 -6.96 -16.96 -0.07
CA HIS A 76 -7.79 -16.38 0.95
C HIS A 76 -7.28 -14.97 1.14
N PRO A 77 -8.16 -13.98 1.21
CA PRO A 77 -7.72 -12.60 1.30
C PRO A 77 -6.99 -12.30 2.60
N LYS A 78 -5.73 -11.91 2.46
CA LYS A 78 -4.90 -11.56 3.57
C LYS A 78 -4.84 -10.07 3.67
N GLY A 79 -4.84 -9.56 4.86
CA GLY A 79 -4.75 -8.16 5.02
C GLY A 79 -3.65 -7.77 5.97
N TYR A 80 -2.99 -6.71 5.61
CA TYR A 80 -1.97 -6.12 6.41
C TYR A 80 -1.80 -4.68 6.04
N ALA A 81 -1.46 -3.90 6.99
CA ALA A 81 -1.43 -2.49 6.83
C ALA A 81 -0.23 -1.96 7.53
N TYR A 82 0.20 -0.86 7.09
CA TYR A 82 1.26 -0.17 7.70
C TYR A 82 0.78 1.17 8.10
N ILE A 83 0.78 1.39 9.38
CA ILE A 83 0.28 2.61 9.94
C ILE A 83 1.46 3.53 10.15
N GLU A 84 1.43 4.64 9.51
CA GLU A 84 2.53 5.56 9.52
C GLU A 84 2.22 6.73 10.50
N PHE A 85 3.03 6.86 11.54
CA PHE A 85 2.78 7.83 12.61
C PHE A 85 3.63 9.07 12.51
N ALA A 86 3.27 10.05 13.31
CA ALA A 86 4.02 11.27 13.46
C ALA A 86 5.29 11.07 14.27
N GLU A 87 5.23 10.27 15.30
CA GLU A 87 6.39 10.12 16.15
C GLU A 87 6.82 8.69 16.34
N ARG A 88 8.07 8.54 16.73
CA ARG A 88 8.66 7.26 17.10
C ARG A 88 7.98 6.75 18.35
N ASN A 89 7.58 7.71 19.17
CA ASN A 89 6.89 7.46 20.43
C ASN A 89 5.64 6.68 20.19
N SER A 90 4.96 7.00 19.11
CA SER A 90 3.73 6.37 18.77
C SER A 90 3.94 4.91 18.40
N VAL A 91 5.04 4.62 17.68
CA VAL A 91 5.30 3.24 17.28
C VAL A 91 5.61 2.43 18.50
N ASP A 92 6.35 3.02 19.41
CA ASP A 92 6.75 2.40 20.67
C ASP A 92 5.52 1.97 21.47
N ALA A 93 4.51 2.80 21.43
CA ALA A 93 3.26 2.52 22.08
C ALA A 93 2.44 1.47 21.32
N ALA A 94 2.50 1.54 19.99
CA ALA A 94 1.73 0.64 19.13
C ALA A 94 2.31 -0.78 19.12
N VAL A 95 3.63 -0.86 18.99
CA VAL A 95 4.36 -2.15 19.02
C VAL A 95 4.11 -2.93 20.30
N ALA A 96 3.70 -2.24 21.36
CA ALA A 96 3.37 -2.87 22.63
C ALA A 96 2.08 -3.69 22.48
N MET A 97 1.36 -3.47 21.39
CA MET A 97 0.13 -4.18 21.09
C MET A 97 0.42 -5.28 20.07
N ASP A 98 1.69 -5.55 19.82
CA ASP A 98 2.16 -6.58 18.85
C ASP A 98 1.32 -7.85 18.79
N GLU A 99 1.02 -8.44 19.92
CA GLU A 99 0.28 -9.70 19.96
C GLU A 99 -1.19 -9.48 20.47
N THR A 100 -1.72 -8.30 20.28
CA THR A 100 -3.07 -8.06 20.77
C THR A 100 -4.12 -8.52 19.77
N VAL A 101 -5.36 -8.48 20.18
CA VAL A 101 -6.43 -8.91 19.35
C VAL A 101 -7.14 -7.69 18.78
N PHE A 102 -7.45 -7.72 17.53
CA PHE A 102 -8.13 -6.64 16.87
C PHE A 102 -9.40 -7.15 16.23
N ARG A 103 -10.52 -6.60 16.68
CA ARG A 103 -11.89 -6.94 16.24
C ARG A 103 -12.13 -8.46 16.13
N GLY A 104 -11.48 -9.21 16.99
CA GLY A 104 -11.70 -10.64 17.10
C GLY A 104 -10.55 -11.48 16.57
N ARG A 105 -9.60 -10.85 15.91
CA ARG A 105 -8.44 -11.57 15.37
C ARG A 105 -7.13 -10.99 15.87
N THR A 106 -6.24 -11.86 16.31
CA THR A 106 -4.95 -11.44 16.81
C THR A 106 -4.07 -10.98 15.65
N ILE A 107 -3.63 -9.76 15.74
CA ILE A 107 -2.80 -9.19 14.71
C ILE A 107 -1.36 -9.15 15.13
N LYS A 108 -0.50 -8.79 14.20
CA LYS A 108 0.89 -8.64 14.46
C LYS A 108 1.28 -7.20 14.18
N VAL A 109 1.90 -6.55 15.15
CA VAL A 109 2.33 -5.18 15.00
C VAL A 109 3.83 -5.10 15.29
N LEU A 110 4.61 -4.64 14.36
CA LEU A 110 6.03 -4.44 14.60
C LEU A 110 6.44 -3.17 13.86
N PRO A 111 7.47 -2.45 14.28
CA PRO A 111 7.82 -1.18 13.64
C PRO A 111 8.53 -1.37 12.34
N LYS A 112 8.35 -0.45 11.44
CA LYS A 112 9.13 -0.50 10.26
C LYS A 112 10.45 0.19 10.61
N ARG A 113 11.54 -0.47 10.39
CA ARG A 113 12.80 0.04 10.88
C ARG A 113 13.84 0.05 9.79
N THR A 114 14.49 1.16 9.67
CA THR A 114 15.52 1.37 8.71
C THR A 114 16.62 2.21 9.39
N ASN A 115 17.39 2.90 8.58
CA ASN A 115 18.51 3.80 8.99
C ASN A 115 18.17 4.70 10.20
N MET A 116 19.20 5.14 10.91
CA MET A 116 19.05 5.95 12.11
C MET A 116 18.73 7.40 11.76
N PRO A 117 18.26 8.21 12.73
CA PRO A 117 18.12 9.64 12.55
C PRO A 117 19.53 10.23 12.41
N GLY A 118 19.77 10.92 11.34
CA GLY A 118 21.12 11.34 11.04
C GLY A 118 21.67 10.42 10.00
N ILE A 119 21.52 10.82 8.74
CA ILE A 119 21.84 9.99 7.58
C ILE A 119 20.74 8.95 7.43
N SER A 120 19.70 9.34 6.75
CA SER A 120 18.52 8.55 6.61
C SER A 120 18.55 7.88 5.23
N SER A 121 19.68 7.18 4.97
CA SER A 121 20.00 6.54 3.70
C SER A 121 20.50 7.60 2.72
N THR A 122 20.85 7.19 1.54
CA THR A 122 21.35 8.11 0.54
C THR A 122 20.17 8.79 -0.16
N ASP A 123 19.42 7.98 -0.87
CA ASP A 123 18.22 8.34 -1.62
C ASP A 123 17.89 7.16 -2.46
N ARG A 124 18.82 6.83 -3.30
CA ARG A 124 18.76 5.69 -4.17
C ARG A 124 20.09 4.95 -4.17
N ALA B 1 36.14 -9.08 -29.31
CA ALA B 1 36.11 -7.90 -30.16
C ALA B 1 35.99 -6.67 -29.28
N ILE B 2 36.33 -5.53 -29.85
CA ILE B 2 36.26 -4.28 -29.13
C ILE B 2 34.92 -3.62 -29.40
N ALA B 3 34.09 -3.57 -28.39
CA ALA B 3 32.78 -2.96 -28.52
C ALA B 3 32.76 -1.62 -27.79
N PRO B 4 32.75 -0.51 -28.54
CA PRO B 4 32.70 0.83 -27.95
C PRO B 4 31.31 1.15 -27.41
N CYS B 5 31.26 1.62 -26.18
CA CYS B 5 30.01 1.96 -25.57
C CYS B 5 30.14 3.32 -24.90
N MET B 6 29.12 4.13 -24.99
CA MET B 6 29.17 5.43 -24.36
C MET B 6 28.44 5.40 -23.03
N GLN B 7 29.20 5.44 -21.98
CA GLN B 7 28.64 5.42 -20.66
C GLN B 7 28.41 6.83 -20.18
N THR B 8 27.16 7.16 -20.06
CA THR B 8 26.75 8.42 -19.53
C THR B 8 26.23 8.18 -18.12
N THR B 9 25.76 9.21 -17.45
CA THR B 9 25.23 9.00 -16.13
C THR B 9 23.82 8.40 -16.24
N HIS B 10 23.74 7.10 -16.07
CA HIS B 10 22.48 6.42 -16.15
C HIS B 10 22.25 5.59 -14.90
N SER B 11 21.52 6.15 -14.02
CA SER B 11 21.18 5.55 -12.78
C SER B 11 19.92 6.25 -12.31
N LYS B 12 18.82 5.55 -12.32
CA LYS B 12 17.54 6.15 -12.06
C LYS B 12 16.49 5.08 -11.83
N MET B 13 15.29 5.53 -11.48
CA MET B 13 14.12 4.68 -11.26
C MET B 13 14.24 3.77 -10.06
N THR B 14 13.60 4.16 -9.00
CA THR B 14 13.53 3.38 -7.79
C THR B 14 12.04 3.00 -7.58
N ALA B 15 11.38 2.77 -8.71
CA ALA B 15 9.97 2.48 -8.76
C ALA B 15 9.70 1.05 -8.34
N GLY B 16 8.79 0.91 -7.40
CA GLY B 16 8.44 -0.40 -6.91
C GLY B 16 9.04 -0.68 -5.57
N ALA B 17 9.57 0.35 -4.93
CA ALA B 17 10.13 0.20 -3.61
C ALA B 17 9.08 0.49 -2.56
N TYR B 18 8.30 -0.51 -2.26
CA TYR B 18 7.25 -0.41 -1.28
C TYR B 18 7.52 -1.39 -0.16
N THR B 19 6.76 -1.31 0.90
CA THR B 19 6.99 -2.17 2.02
C THR B 19 6.26 -3.50 1.86
N GLU B 20 6.95 -4.56 2.18
CA GLU B 20 6.42 -5.91 2.24
C GLU B 20 6.89 -6.45 3.55
N GLY B 21 8.18 -6.27 3.80
CA GLY B 21 8.75 -6.58 5.07
C GLY B 21 8.89 -8.05 5.34
N PRO B 22 8.33 -8.51 6.45
CA PRO B 22 8.38 -9.91 6.89
C PRO B 22 7.88 -10.96 5.84
N PRO B 23 6.65 -10.82 5.18
CA PRO B 23 6.23 -11.72 4.11
C PRO B 23 7.30 -11.74 3.03
N GLN B 24 7.59 -12.92 2.52
CA GLN B 24 8.64 -13.04 1.55
C GLN B 24 8.32 -12.29 0.29
N PRO B 25 9.21 -11.37 -0.08
CA PRO B 25 9.00 -10.49 -1.22
C PRO B 25 9.05 -11.27 -2.50
N LEU B 26 8.04 -11.14 -3.28
CA LEU B 26 8.00 -11.85 -4.53
C LEU B 26 8.88 -11.20 -5.59
N SER B 27 9.05 -11.86 -6.68
CA SER B 27 10.00 -11.44 -7.67
C SER B 27 9.62 -10.16 -8.45
N ALA B 28 10.66 -9.39 -8.78
CA ALA B 28 10.53 -8.11 -9.52
C ALA B 28 9.75 -8.25 -10.83
N GLU B 29 10.04 -9.26 -11.61
CA GLU B 29 9.31 -9.48 -12.86
C GLU B 29 7.84 -9.77 -12.58
N GLU B 30 7.58 -10.58 -11.55
CA GLU B 30 6.21 -10.80 -11.08
C GLU B 30 5.58 -9.48 -10.71
N LYS B 31 6.37 -8.61 -10.12
CA LYS B 31 5.90 -7.34 -9.66
C LYS B 31 5.56 -6.43 -10.81
N LYS B 32 6.39 -6.40 -11.84
CA LYS B 32 6.05 -5.59 -12.97
C LYS B 32 4.88 -6.15 -13.73
N GLU B 33 4.78 -7.48 -13.81
CA GLU B 33 3.67 -8.09 -14.55
C GLU B 33 2.35 -7.86 -13.87
N ILE B 34 2.36 -7.90 -12.55
CA ILE B 34 1.16 -7.62 -11.80
C ILE B 34 0.82 -6.14 -11.88
N ASP B 35 1.87 -5.30 -11.92
CA ASP B 35 1.73 -3.83 -11.95
C ASP B 35 1.04 -3.43 -13.26
N LYS B 36 1.38 -4.16 -14.34
CA LYS B 36 0.82 -3.96 -15.69
C LYS B 36 -0.68 -4.18 -15.70
N ARG B 37 -1.12 -5.03 -14.80
CA ARG B 37 -2.51 -5.42 -14.70
C ARG B 37 -3.18 -4.79 -13.49
N SER B 38 -2.58 -3.77 -12.98
CA SER B 38 -3.15 -3.05 -11.88
C SER B 38 -3.61 -1.66 -12.34
N VAL B 39 -4.33 -0.96 -11.48
CA VAL B 39 -4.84 0.37 -11.77
C VAL B 39 -4.67 1.29 -10.59
N TYR B 40 -4.81 2.54 -10.87
CA TYR B 40 -4.79 3.62 -9.95
C TYR B 40 -6.21 4.08 -9.82
N VAL B 41 -6.71 4.04 -8.65
CA VAL B 41 -8.02 4.50 -8.34
C VAL B 41 -7.91 5.51 -7.24
N GLY B 42 -8.08 6.78 -7.52
CA GLY B 42 -7.86 7.70 -6.46
C GLY B 42 -8.62 8.97 -6.47
N ASN B 43 -9.49 9.07 -5.48
CA ASN B 43 -10.11 10.31 -4.97
C ASN B 43 -11.11 9.86 -3.90
N VAL B 44 -10.81 8.70 -3.38
CA VAL B 44 -11.63 8.07 -2.37
C VAL B 44 -10.95 8.22 -1.03
N ASP B 45 -11.37 9.22 -0.31
CA ASP B 45 -10.69 9.61 0.90
C ASP B 45 -11.57 9.17 2.04
N TYR B 46 -11.24 8.07 2.71
CA TYR B 46 -12.11 7.49 3.74
C TYR B 46 -13.57 7.25 3.31
N GLY B 47 -14.37 6.78 4.24
CA GLY B 47 -15.75 6.50 3.96
C GLY B 47 -15.92 5.14 3.32
N SER B 48 -15.30 4.99 2.19
CA SER B 48 -15.37 3.78 1.44
C SER B 48 -14.28 2.84 1.90
N THR B 49 -14.47 1.56 1.71
CA THR B 49 -13.55 0.59 2.19
C THR B 49 -12.97 -0.24 1.07
N ALA B 50 -12.08 -1.16 1.42
CA ALA B 50 -11.44 -2.04 0.48
C ALA B 50 -12.47 -2.96 -0.18
N GLN B 51 -13.41 -3.44 0.63
CA GLN B 51 -14.54 -4.24 0.14
C GLN B 51 -15.37 -3.47 -0.90
N ASP B 52 -15.60 -2.17 -0.65
CA ASP B 52 -16.35 -1.32 -1.62
C ASP B 52 -15.61 -1.29 -2.94
N LEU B 53 -14.31 -1.29 -2.84
CA LEU B 53 -13.45 -1.31 -3.98
C LEU B 53 -13.54 -2.62 -4.74
N GLU B 54 -13.52 -3.76 -4.01
CA GLU B 54 -13.61 -5.06 -4.67
C GLU B 54 -14.87 -5.19 -5.48
N ALA B 55 -16.00 -4.89 -4.89
CA ALA B 55 -17.30 -5.05 -5.57
C ALA B 55 -17.35 -4.24 -6.86
N HIS B 56 -16.97 -3.00 -6.77
CA HIS B 56 -17.08 -2.10 -7.89
C HIS B 56 -16.10 -2.48 -9.00
N PHE B 57 -14.90 -2.87 -8.63
CA PHE B 57 -13.90 -3.26 -9.60
C PHE B 57 -14.00 -4.71 -10.06
N SER B 58 -14.63 -5.55 -9.27
CA SER B 58 -14.74 -6.96 -9.58
C SER B 58 -15.71 -7.16 -10.71
N SER B 59 -16.65 -6.24 -10.87
CA SER B 59 -17.52 -6.33 -12.00
C SER B 59 -16.70 -6.13 -13.30
N CYS B 60 -15.60 -5.40 -13.17
CA CYS B 60 -14.72 -5.12 -14.29
C CYS B 60 -13.54 -6.11 -14.37
N GLY B 61 -13.56 -7.18 -13.56
CA GLY B 61 -12.46 -8.12 -13.63
C GLY B 61 -12.22 -8.94 -12.37
N SER B 62 -11.09 -9.60 -12.33
CA SER B 62 -10.72 -10.45 -11.23
C SER B 62 -9.60 -9.77 -10.41
N ILE B 63 -9.90 -9.45 -9.17
CA ILE B 63 -8.95 -8.75 -8.32
C ILE B 63 -8.08 -9.73 -7.52
N ASN B 64 -6.79 -9.59 -7.67
CA ASN B 64 -5.82 -10.43 -6.96
C ASN B 64 -5.31 -9.76 -5.72
N ARG B 65 -5.19 -8.47 -5.77
CA ARG B 65 -4.52 -7.75 -4.73
C ARG B 65 -5.01 -6.31 -4.76
N ILE B 66 -4.97 -5.61 -3.65
CA ILE B 66 -5.33 -4.19 -3.64
C ILE B 66 -4.52 -3.49 -2.57
N THR B 67 -4.14 -2.29 -2.84
CA THR B 67 -3.40 -1.48 -1.92
C THR B 67 -4.17 -0.19 -1.77
N ILE B 68 -4.52 0.18 -0.57
CA ILE B 68 -5.29 1.38 -0.36
C ILE B 68 -4.49 2.25 0.55
N LEU B 69 -4.16 3.41 0.14
CA LEU B 69 -3.39 4.29 0.97
C LEU B 69 -4.12 5.58 1.25
N CYS B 70 -4.16 5.93 2.50
CA CYS B 70 -4.79 7.16 2.92
C CYS B 70 -3.71 8.07 3.45
N ASP B 71 -3.47 9.12 2.73
CA ASP B 71 -2.43 10.04 3.06
C ASP B 71 -3.07 11.24 3.73
N LYS B 72 -2.72 11.47 4.96
CA LYS B 72 -3.33 12.55 5.68
C LYS B 72 -2.30 13.63 5.98
N PHE B 73 -1.07 13.47 5.46
CA PHE B 73 -0.05 14.48 5.73
C PHE B 73 -0.22 15.68 4.83
N SER B 74 -1.13 15.54 3.89
CA SER B 74 -1.54 16.62 3.03
C SER B 74 -2.54 17.52 3.79
N GLY B 75 -2.71 17.24 5.08
CA GLY B 75 -3.58 18.01 5.94
C GLY B 75 -4.94 17.39 5.97
N HIS B 76 -5.52 17.31 4.83
CA HIS B 76 -6.79 16.67 4.69
C HIS B 76 -6.57 15.27 4.23
N PRO B 77 -7.30 14.30 4.80
CA PRO B 77 -7.14 12.90 4.43
C PRO B 77 -7.44 12.68 2.97
N LYS B 78 -6.45 12.24 2.25
CA LYS B 78 -6.60 11.89 0.89
C LYS B 78 -6.52 10.39 0.75
N GLY B 79 -7.32 9.85 -0.08
CA GLY B 79 -7.31 8.45 -0.27
C GLY B 79 -7.19 8.07 -1.72
N TYR B 80 -6.40 7.09 -1.96
CA TYR B 80 -6.19 6.54 -3.25
C TYR B 80 -5.75 5.13 -3.13
N ALA B 81 -6.13 4.34 -4.06
CA ALA B 81 -5.91 2.95 -3.99
C ALA B 81 -5.48 2.41 -5.31
N TYR B 82 -4.76 1.37 -5.27
CA TYR B 82 -4.36 0.70 -6.44
C TYR B 82 -4.92 -0.67 -6.42
N ILE B 83 -5.78 -0.92 -7.37
CA ILE B 83 -6.47 -2.16 -7.46
C ILE B 83 -5.70 -3.02 -8.43
N GLU B 84 -5.21 -4.13 -7.96
CA GLU B 84 -4.36 -4.97 -8.75
C GLU B 84 -5.17 -6.19 -9.27
N PHE B 85 -5.29 -6.30 -10.59
CA PHE B 85 -6.12 -7.32 -11.21
C PHE B 85 -5.30 -8.46 -11.79
N ALA B 86 -6.00 -9.51 -12.14
CA ALA B 86 -5.41 -10.65 -12.81
C ALA B 86 -5.24 -10.41 -14.31
N GLU B 87 -6.16 -9.67 -14.90
CA GLU B 87 -6.12 -9.45 -16.33
C GLU B 87 -5.83 -8.00 -16.71
N ARG B 88 -5.19 -7.84 -17.86
CA ARG B 88 -5.04 -6.54 -18.51
C ARG B 88 -6.41 -6.11 -18.97
N ASN B 89 -7.20 -7.11 -19.30
CA ASN B 89 -8.58 -6.95 -19.74
C ASN B 89 -9.36 -6.21 -18.69
N SER B 90 -9.12 -6.56 -17.43
CA SER B 90 -9.80 -5.97 -16.32
C SER B 90 -9.46 -4.49 -16.19
N VAL B 91 -8.19 -4.12 -16.41
CA VAL B 91 -7.81 -2.74 -16.27
C VAL B 91 -8.47 -1.94 -17.35
N ASP B 92 -8.53 -2.52 -18.54
CA ASP B 92 -9.12 -1.91 -19.72
C ASP B 92 -10.60 -1.56 -19.44
N ALA B 93 -11.27 -2.44 -18.74
CA ALA B 93 -12.65 -2.25 -18.35
C ALA B 93 -12.77 -1.21 -17.22
N ALA B 94 -11.81 -1.23 -16.29
CA ALA B 94 -11.83 -0.35 -15.13
C ALA B 94 -11.49 1.09 -15.50
N VAL B 95 -10.45 1.24 -16.31
CA VAL B 95 -9.99 2.55 -16.81
C VAL B 95 -11.08 3.28 -17.59
N ALA B 96 -12.06 2.53 -18.10
CA ALA B 96 -13.19 3.11 -18.81
C ALA B 96 -14.09 3.88 -17.83
N MET B 97 -13.88 3.66 -16.55
CA MET B 97 -14.60 4.34 -15.49
C MET B 97 -13.76 5.49 -14.93
N ASP B 98 -12.68 5.85 -15.66
CA ASP B 98 -11.74 6.93 -15.27
C ASP B 98 -12.39 8.13 -14.59
N GLU B 99 -13.37 8.75 -15.22
CA GLU B 99 -14.07 9.82 -14.59
C GLU B 99 -15.48 9.37 -14.18
N THR B 100 -15.57 8.88 -12.96
CA THR B 100 -16.84 8.43 -12.40
C THR B 100 -17.02 8.94 -10.99
N VAL B 101 -18.21 8.77 -10.46
CA VAL B 101 -18.51 9.21 -9.13
C VAL B 101 -18.51 7.99 -8.21
N PHE B 102 -17.96 8.15 -7.05
CA PHE B 102 -17.96 7.09 -6.08
C PHE B 102 -18.18 7.72 -4.72
N ARG B 103 -19.29 7.37 -4.09
CA ARG B 103 -19.72 7.92 -2.78
C ARG B 103 -19.82 9.47 -2.84
N GLY B 104 -20.22 9.95 -4.00
CA GLY B 104 -20.46 11.37 -4.20
C GLY B 104 -19.20 12.17 -4.55
N ARG B 105 -18.09 11.51 -4.69
CA ARG B 105 -16.86 12.18 -5.06
C ARG B 105 -16.35 11.58 -6.36
N THR B 106 -15.89 12.42 -7.25
CA THR B 106 -15.45 11.99 -8.56
C THR B 106 -14.05 11.38 -8.45
N ILE B 107 -13.90 10.14 -8.82
CA ILE B 107 -12.62 9.48 -8.69
C ILE B 107 -11.91 9.40 -10.02
N LYS B 108 -10.63 9.07 -9.93
CA LYS B 108 -9.79 8.94 -11.09
C LYS B 108 -9.28 7.50 -11.18
N VAL B 109 -9.49 6.86 -12.34
CA VAL B 109 -9.03 5.48 -12.56
C VAL B 109 -8.15 5.48 -13.81
N LEU B 110 -6.96 5.04 -13.64
CA LEU B 110 -5.90 5.08 -14.63
C LEU B 110 -5.05 3.81 -14.40
N PRO B 111 -4.49 3.13 -15.43
CA PRO B 111 -3.72 1.90 -15.19
C PRO B 111 -2.44 2.17 -14.39
N LYS B 112 -2.15 1.31 -13.40
CA LYS B 112 -1.05 1.53 -12.44
C LYS B 112 0.27 1.71 -13.13
N ARG B 113 0.57 0.81 -14.03
CA ARG B 113 1.81 0.87 -14.75
C ARG B 113 1.66 1.81 -15.96
N THR B 114 1.67 3.10 -15.69
CA THR B 114 1.61 4.08 -16.73
C THR B 114 2.98 4.59 -17.11
N ASN B 115 3.55 3.90 -18.07
CA ASN B 115 4.86 4.17 -18.60
C ASN B 115 4.95 3.42 -19.90
N MET B 116 5.57 4.03 -20.90
CA MET B 116 5.73 3.42 -22.22
C MET B 116 6.61 2.17 -22.13
N PRO B 117 6.02 0.99 -22.32
CA PRO B 117 6.74 -0.26 -22.20
C PRO B 117 7.38 -0.69 -23.51
N GLY B 118 7.95 -1.86 -23.50
CA GLY B 118 8.55 -2.40 -24.68
C GLY B 118 7.62 -3.37 -25.33
N ILE B 119 6.82 -2.87 -26.23
CA ILE B 119 5.85 -3.66 -26.92
C ILE B 119 5.63 -3.08 -28.31
N SER B 120 5.29 -3.90 -29.27
CA SER B 120 4.98 -3.41 -30.58
C SER B 120 3.56 -2.84 -30.55
N SER B 121 2.61 -3.67 -30.10
CA SER B 121 1.21 -3.30 -29.92
C SER B 121 0.50 -3.00 -31.26
N THR B 122 -0.80 -2.92 -31.22
CA THR B 122 -1.60 -2.66 -32.37
C THR B 122 -3.05 -2.43 -31.91
N ASP B 123 -3.81 -1.70 -32.69
CA ASP B 123 -5.21 -1.45 -32.38
C ASP B 123 -5.94 -1.14 -33.64
N ARG B 124 -7.18 -1.50 -33.67
CA ARG B 124 -8.02 -1.22 -34.79
C ARG B 124 -8.86 -0.02 -34.43
N ALA A 1 -25.67 -2.37 -6.94
CA ALA A 1 -26.02 -1.28 -7.82
C ALA A 1 -26.01 -1.76 -9.25
N ILE A 2 -26.64 -1.02 -10.14
CA ILE A 2 -26.65 -1.35 -11.55
C ILE A 2 -25.39 -0.78 -12.16
N ALA A 3 -24.49 -1.64 -12.53
CA ALA A 3 -23.24 -1.21 -13.05
C ALA A 3 -23.06 -1.60 -14.51
N PRO A 4 -22.82 -0.62 -15.38
CA PRO A 4 -22.54 -0.86 -16.78
C PRO A 4 -21.12 -1.41 -16.94
N CYS A 5 -20.94 -2.34 -17.83
CA CYS A 5 -19.64 -2.88 -18.07
C CYS A 5 -18.91 -1.99 -19.05
N MET A 6 -18.15 -1.06 -18.53
CA MET A 6 -17.44 -0.11 -19.34
C MET A 6 -16.15 -0.73 -19.83
N GLN A 7 -16.11 -1.04 -21.08
CA GLN A 7 -14.94 -1.67 -21.65
C GLN A 7 -14.60 -1.08 -23.01
N THR A 8 -13.46 -0.49 -23.08
CA THR A 8 -12.95 0.08 -24.28
C THR A 8 -11.47 0.27 -24.04
N THR A 9 -10.67 0.09 -25.06
CA THR A 9 -9.25 0.19 -24.94
C THR A 9 -8.82 1.63 -24.66
N HIS A 10 -8.71 1.96 -23.40
CA HIS A 10 -8.26 3.28 -23.01
C HIS A 10 -6.82 3.20 -22.52
N SER A 11 -6.31 2.00 -22.45
CA SER A 11 -4.95 1.78 -22.06
C SER A 11 -4.09 1.91 -23.32
N LYS A 12 -3.54 3.09 -23.53
CA LYS A 12 -2.77 3.39 -24.73
C LYS A 12 -1.35 2.81 -24.62
N MET A 13 -0.54 3.47 -23.83
CA MET A 13 0.83 3.09 -23.58
C MET A 13 1.36 4.05 -22.53
N THR A 14 1.98 3.53 -21.51
CA THR A 14 2.46 4.36 -20.45
C THR A 14 3.52 3.63 -19.63
N ALA A 15 4.10 4.32 -18.69
CA ALA A 15 5.05 3.76 -17.77
C ALA A 15 4.30 3.37 -16.52
N GLY A 16 3.12 3.94 -16.38
CA GLY A 16 2.30 3.71 -15.25
C GLY A 16 2.41 4.83 -14.25
N ALA A 17 1.40 4.98 -13.45
CA ALA A 17 1.40 5.98 -12.40
C ALA A 17 1.89 5.33 -11.12
N TYR A 18 3.14 5.56 -10.81
CA TYR A 18 3.70 4.92 -9.65
C TYR A 18 4.51 5.88 -8.80
N THR A 19 4.88 5.38 -7.63
CA THR A 19 5.62 6.11 -6.62
C THR A 19 4.74 7.19 -6.01
N GLU A 20 3.74 6.71 -5.24
CA GLU A 20 2.77 7.53 -4.53
C GLU A 20 1.72 8.16 -5.47
N GLY A 21 2.17 8.59 -6.63
CA GLY A 21 1.32 9.17 -7.65
C GLY A 21 0.90 10.61 -7.35
N PRO A 22 -0.40 10.85 -7.03
CA PRO A 22 -0.98 12.18 -6.68
C PRO A 22 -0.08 13.15 -5.85
N PRO A 23 0.47 12.74 -4.64
CA PRO A 23 1.30 13.65 -3.85
C PRO A 23 2.56 14.06 -4.61
N GLN A 24 3.02 15.28 -4.37
CA GLN A 24 4.14 15.83 -5.09
C GLN A 24 5.40 15.08 -4.71
N PRO A 25 6.31 14.84 -5.67
CA PRO A 25 7.55 14.11 -5.44
C PRO A 25 8.38 14.73 -4.31
N LEU A 26 8.32 14.09 -3.18
CA LEU A 26 9.03 14.54 -2.02
C LEU A 26 10.48 14.07 -2.03
N SER A 27 11.27 14.62 -1.14
CA SER A 27 12.66 14.32 -1.07
C SER A 27 12.90 12.98 -0.37
N ALA A 28 14.00 12.36 -0.72
CA ALA A 28 14.47 11.13 -0.10
C ALA A 28 14.43 11.21 1.43
N GLU A 29 14.68 12.39 1.98
CA GLU A 29 14.64 12.54 3.42
C GLU A 29 13.24 12.46 3.98
N GLU A 30 12.24 12.99 3.26
CA GLU A 30 10.85 12.81 3.68
C GLU A 30 10.54 11.36 3.74
N LYS A 31 11.12 10.61 2.79
CA LYS A 31 10.90 9.20 2.73
C LYS A 31 11.43 8.51 3.95
N LYS A 32 12.62 8.90 4.42
CA LYS A 32 13.14 8.30 5.63
C LYS A 32 12.29 8.64 6.83
N GLU A 33 11.88 9.88 6.95
CA GLU A 33 11.14 10.32 8.13
C GLU A 33 9.79 9.65 8.22
N ILE A 34 9.10 9.56 7.10
CA ILE A 34 7.80 8.92 7.07
C ILE A 34 7.94 7.41 7.25
N ASP A 35 9.02 6.84 6.71
CA ASP A 35 9.25 5.39 6.72
C ASP A 35 9.65 4.94 8.13
N LYS A 36 10.33 5.84 8.83
CA LYS A 36 10.73 5.63 10.22
C LYS A 36 9.53 5.71 11.13
N ARG A 37 8.47 6.30 10.63
CA ARG A 37 7.27 6.48 11.39
C ARG A 37 6.19 5.55 10.88
N SER A 38 6.57 4.63 10.02
CA SER A 38 5.65 3.65 9.50
C SER A 38 5.75 2.39 10.30
N VAL A 39 4.66 1.70 10.37
CA VAL A 39 4.58 0.47 11.07
C VAL A 39 3.99 -0.58 10.18
N TYR A 40 4.22 -1.78 10.54
CA TYR A 40 3.70 -2.94 9.89
C TYR A 40 2.61 -3.50 10.76
N VAL A 41 1.44 -3.60 10.22
CA VAL A 41 0.32 -4.20 10.90
C VAL A 41 -0.05 -5.46 10.15
N GLY A 42 0.21 -6.59 10.72
CA GLY A 42 -0.06 -7.81 10.03
C GLY A 42 -1.24 -8.57 10.57
N ASN A 43 -1.69 -9.53 9.77
CA ASN A 43 -2.82 -10.44 10.05
C ASN A 43 -4.16 -9.69 10.35
N VAL A 44 -4.26 -8.44 9.91
CA VAL A 44 -5.52 -7.71 10.03
C VAL A 44 -6.59 -8.41 9.22
N ASP A 45 -7.72 -8.58 9.83
CA ASP A 45 -8.81 -9.27 9.22
C ASP A 45 -9.51 -8.31 8.28
N TYR A 46 -10.17 -8.84 7.26
CA TYR A 46 -10.79 -8.02 6.24
C TYR A 46 -11.95 -7.21 6.86
N GLY A 47 -12.39 -7.63 8.04
CA GLY A 47 -13.42 -6.95 8.77
C GLY A 47 -12.99 -5.57 9.26
N SER A 48 -11.69 -5.34 9.38
CA SER A 48 -11.25 -4.05 9.78
C SER A 48 -10.96 -3.16 8.56
N THR A 49 -11.25 -1.91 8.72
CA THR A 49 -11.11 -0.91 7.70
C THR A 49 -10.22 0.20 8.21
N ALA A 50 -9.97 1.21 7.38
CA ALA A 50 -9.05 2.27 7.73
C ALA A 50 -9.43 2.97 9.05
N GLN A 51 -10.69 3.39 9.15
CA GLN A 51 -11.18 4.04 10.38
C GLN A 51 -11.04 3.14 11.61
N ASP A 52 -11.36 1.88 11.44
CA ASP A 52 -11.29 0.87 12.52
C ASP A 52 -9.83 0.74 13.00
N LEU A 53 -8.93 0.69 12.03
CA LEU A 53 -7.51 0.57 12.29
C LEU A 53 -6.95 1.83 12.93
N GLU A 54 -7.31 3.01 12.39
CA GLU A 54 -6.81 4.25 12.96
C GLU A 54 -7.18 4.43 14.39
N ALA A 55 -8.44 4.21 14.73
CA ALA A 55 -8.89 4.41 16.12
C ALA A 55 -8.04 3.57 17.09
N HIS A 56 -7.85 2.31 16.76
CA HIS A 56 -7.12 1.43 17.64
C HIS A 56 -5.66 1.88 17.78
N PHE A 57 -5.08 2.41 16.70
CA PHE A 57 -3.73 2.96 16.73
C PHE A 57 -3.64 4.36 17.30
N SER A 58 -4.75 5.08 17.28
CA SER A 58 -4.78 6.46 17.75
C SER A 58 -4.49 6.51 19.22
N SER A 59 -4.80 5.42 19.90
CA SER A 59 -4.41 5.29 21.29
C SER A 59 -2.86 5.42 21.44
N CYS A 60 -2.11 4.97 20.43
CA CYS A 60 -0.66 5.01 20.43
C CYS A 60 -0.08 6.31 19.80
N GLY A 61 -0.92 7.25 19.42
CA GLY A 61 -0.39 8.48 18.84
C GLY A 61 -1.25 9.05 17.74
N SER A 62 -0.68 9.98 16.98
CA SER A 62 -1.39 10.63 15.90
C SER A 62 -0.98 10.03 14.56
N ILE A 63 -1.95 9.52 13.82
CA ILE A 63 -1.71 8.90 12.55
C ILE A 63 -1.51 9.94 11.43
N ASN A 64 -0.43 9.78 10.73
CA ASN A 64 -0.06 10.61 9.60
C ASN A 64 -0.70 10.03 8.34
N ARG A 65 -0.59 8.74 8.16
CA ARG A 65 -1.16 8.07 6.98
C ARG A 65 -1.40 6.62 7.32
N ILE A 66 -2.19 5.97 6.50
CA ILE A 66 -2.50 4.57 6.66
C ILE A 66 -2.74 3.89 5.32
N THR A 67 -2.13 2.75 5.16
CA THR A 67 -2.18 1.97 3.94
C THR A 67 -2.66 0.57 4.32
N ILE A 68 -3.62 0.03 3.60
CA ILE A 68 -4.11 -1.30 3.92
C ILE A 68 -4.09 -2.10 2.64
N LEU A 69 -3.43 -3.24 2.65
CA LEU A 69 -3.44 -4.08 1.48
C LEU A 69 -3.99 -5.44 1.78
N CYS A 70 -4.88 -5.87 0.95
CA CYS A 70 -5.48 -7.16 1.09
C CYS A 70 -5.13 -8.00 -0.13
N ASP A 71 -4.60 -9.19 0.07
CA ASP A 71 -4.29 -10.01 -1.06
C ASP A 71 -5.32 -11.10 -1.17
N LYS A 72 -6.03 -11.14 -2.28
CA LYS A 72 -7.10 -12.08 -2.43
C LYS A 72 -6.77 -13.17 -3.45
N PHE A 73 -5.61 -13.07 -4.12
CA PHE A 73 -5.22 -14.15 -5.06
C PHE A 73 -5.13 -15.52 -4.34
N SER A 74 -4.98 -15.48 -3.02
CA SER A 74 -4.87 -16.67 -2.20
C SER A 74 -6.25 -17.33 -1.95
N GLY A 75 -7.31 -16.70 -2.44
CA GLY A 75 -8.65 -17.23 -2.24
C GLY A 75 -9.32 -16.53 -1.10
N HIS A 76 -8.71 -16.65 0.05
CA HIS A 76 -9.14 -15.91 1.21
C HIS A 76 -8.30 -14.69 1.27
N PRO A 77 -8.91 -13.51 1.21
CA PRO A 77 -8.17 -12.27 1.20
C PRO A 77 -7.50 -12.01 2.52
N LYS A 78 -6.20 -11.93 2.48
CA LYS A 78 -5.44 -11.70 3.66
C LYS A 78 -5.18 -10.25 3.76
N GLY A 79 -5.01 -9.75 4.92
CA GLY A 79 -4.79 -8.37 5.05
C GLY A 79 -3.62 -8.04 5.90
N TYR A 80 -2.95 -7.00 5.51
CA TYR A 80 -1.90 -6.40 6.26
C TYR A 80 -1.82 -4.94 5.92
N ALA A 81 -1.46 -4.14 6.87
CA ALA A 81 -1.53 -2.71 6.71
C ALA A 81 -0.25 -2.05 7.18
N TYR A 82 0.04 -0.90 6.64
CA TYR A 82 1.17 -0.11 7.05
C TYR A 82 0.69 1.28 7.37
N ILE A 83 0.95 1.71 8.57
CA ILE A 83 0.45 2.97 9.06
C ILE A 83 1.60 3.88 9.51
N GLU A 84 1.57 5.15 9.11
CA GLU A 84 2.59 6.12 9.50
C GLU A 84 2.03 7.00 10.60
N PHE A 85 2.79 7.22 11.63
CA PHE A 85 2.42 8.16 12.67
C PHE A 85 3.19 9.46 12.49
N ALA A 86 2.69 10.53 13.09
CA ALA A 86 3.38 11.82 13.03
C ALA A 86 4.76 11.75 13.72
N GLU A 87 4.82 11.01 14.80
CA GLU A 87 6.06 10.85 15.56
C GLU A 87 6.60 9.43 15.43
N ARG A 88 7.92 9.32 15.50
CA ARG A 88 8.59 8.02 15.42
C ARG A 88 8.38 7.31 16.77
N ASN A 89 8.24 8.11 17.82
CA ASN A 89 8.01 7.58 19.17
C ASN A 89 6.64 6.95 19.27
N SER A 90 5.75 7.32 18.38
CA SER A 90 4.44 6.76 18.34
C SER A 90 4.53 5.31 17.85
N VAL A 91 5.47 5.04 16.93
CA VAL A 91 5.62 3.69 16.42
C VAL A 91 6.09 2.81 17.54
N ASP A 92 6.98 3.36 18.39
CA ASP A 92 7.49 2.67 19.57
C ASP A 92 6.33 2.24 20.47
N ALA A 93 5.32 3.08 20.58
CA ALA A 93 4.13 2.79 21.36
C ALA A 93 3.24 1.76 20.67
N ALA A 94 3.26 1.78 19.34
CA ALA A 94 2.46 0.87 18.54
C ALA A 94 3.09 -0.53 18.51
N VAL A 95 4.40 -0.58 18.33
CA VAL A 95 5.16 -1.85 18.33
C VAL A 95 5.08 -2.54 19.69
N ALA A 96 4.77 -1.77 20.73
CA ALA A 96 4.56 -2.34 22.07
C ALA A 96 3.27 -3.18 22.09
N MET A 97 2.51 -3.08 21.02
CA MET A 97 1.29 -3.84 20.86
C MET A 97 1.51 -5.01 19.92
N ASP A 98 2.77 -5.30 19.59
CA ASP A 98 3.11 -6.43 18.68
C ASP A 98 2.36 -7.71 19.05
N GLU A 99 2.35 -8.08 20.31
CA GLU A 99 1.57 -9.22 20.74
C GLU A 99 0.21 -8.74 21.25
N THR A 100 -0.77 -8.73 20.39
CA THR A 100 -2.14 -8.35 20.75
C THR A 100 -3.15 -9.09 19.90
N VAL A 101 -4.37 -9.16 20.38
CA VAL A 101 -5.41 -9.81 19.63
C VAL A 101 -6.36 -8.75 19.09
N PHE A 102 -6.58 -8.78 17.82
CA PHE A 102 -7.38 -7.81 17.16
C PHE A 102 -8.34 -8.53 16.24
N ARG A 103 -9.62 -8.34 16.49
CA ARG A 103 -10.68 -8.98 15.73
C ARG A 103 -10.55 -10.51 15.71
N GLY A 104 -10.45 -11.08 16.90
CA GLY A 104 -10.40 -12.52 17.09
C GLY A 104 -9.07 -13.19 16.74
N ARG A 105 -8.15 -12.47 16.16
CA ARG A 105 -6.89 -13.05 15.77
C ARG A 105 -5.74 -12.20 16.24
N THR A 106 -4.60 -12.80 16.39
CA THR A 106 -3.45 -12.09 16.87
C THR A 106 -2.76 -11.37 15.73
N ILE A 107 -2.59 -10.09 15.89
CA ILE A 107 -1.93 -9.31 14.89
C ILE A 107 -0.51 -9.04 15.30
N LYS A 108 0.22 -8.48 14.40
CA LYS A 108 1.62 -8.16 14.60
C LYS A 108 1.87 -6.76 14.20
N VAL A 109 2.60 -6.06 15.02
CA VAL A 109 2.95 -4.71 14.73
C VAL A 109 4.47 -4.59 14.80
N LEU A 110 5.06 -4.09 13.75
CA LEU A 110 6.51 -3.94 13.66
C LEU A 110 6.81 -2.57 13.11
N PRO A 111 8.03 -2.06 13.29
CA PRO A 111 8.44 -0.86 12.62
C PRO A 111 8.71 -1.19 11.16
N LYS A 112 8.33 -0.32 10.27
CA LYS A 112 8.59 -0.57 8.89
C LYS A 112 10.08 -0.50 8.58
N ARG A 113 10.81 0.31 9.33
CA ARG A 113 12.25 0.29 9.22
C ARG A 113 12.86 -0.74 10.14
N THR A 114 13.42 -1.75 9.56
CA THR A 114 14.04 -2.84 10.26
C THR A 114 15.24 -3.33 9.48
N ASN A 115 16.10 -4.09 10.12
CA ASN A 115 17.24 -4.68 9.45
C ASN A 115 17.69 -5.90 10.21
N MET A 116 17.29 -7.05 9.73
CA MET A 116 17.68 -8.30 10.32
C MET A 116 18.55 -9.08 9.34
N PRO A 117 19.87 -9.11 9.57
CA PRO A 117 20.81 -9.82 8.70
C PRO A 117 20.66 -11.33 8.84
N GLY A 118 20.42 -11.98 7.74
CA GLY A 118 20.31 -13.41 7.75
C GLY A 118 21.64 -14.06 7.47
N ILE A 119 21.72 -14.85 6.43
CA ILE A 119 22.95 -15.51 6.08
C ILE A 119 23.02 -15.83 4.58
N SER A 120 23.78 -15.06 3.87
CA SER A 120 24.01 -15.26 2.46
C SER A 120 25.45 -14.89 2.13
N SER A 121 26.27 -15.87 1.89
CA SER A 121 27.64 -15.64 1.58
C SER A 121 27.81 -15.38 0.09
N THR A 122 28.05 -14.16 -0.25
CA THR A 122 28.27 -13.76 -1.61
C THR A 122 29.18 -12.53 -1.62
N ASP A 123 30.45 -12.77 -1.77
CA ASP A 123 31.42 -11.70 -1.80
C ASP A 123 32.58 -12.09 -2.68
N ARG A 124 33.22 -11.10 -3.22
CA ARG A 124 34.33 -11.28 -4.13
C ARG A 124 35.47 -10.33 -3.77
N ALA B 1 22.97 -23.85 -33.82
CA ALA B 1 23.45 -22.75 -33.01
C ALA B 1 22.50 -22.50 -31.85
N ILE B 2 21.26 -22.79 -32.09
CA ILE B 2 20.23 -22.62 -31.10
C ILE B 2 19.98 -23.95 -30.40
N ALA B 3 19.85 -23.91 -29.10
CA ALA B 3 19.58 -25.08 -28.31
C ALA B 3 18.19 -25.00 -27.71
N PRO B 4 17.34 -26.03 -27.87
CA PRO B 4 16.01 -26.05 -27.28
C PRO B 4 16.09 -26.30 -25.78
N CYS B 5 16.06 -25.23 -25.03
CA CYS B 5 16.12 -25.26 -23.59
C CYS B 5 15.33 -24.09 -23.06
N MET B 6 14.10 -24.35 -22.72
CA MET B 6 13.20 -23.33 -22.26
C MET B 6 13.38 -23.08 -20.78
N GLN B 7 13.85 -21.91 -20.44
CA GLN B 7 13.98 -21.54 -19.06
C GLN B 7 13.52 -20.12 -18.82
N THR B 8 12.23 -19.98 -18.77
CA THR B 8 11.57 -18.75 -18.51
C THR B 8 10.39 -19.01 -17.59
N THR B 9 10.50 -18.51 -16.36
CA THR B 9 9.57 -18.73 -15.25
C THR B 9 9.58 -20.20 -14.80
N HIS B 10 10.17 -20.46 -13.65
CA HIS B 10 10.30 -21.82 -13.12
C HIS B 10 8.96 -22.37 -12.73
N SER B 11 8.86 -23.68 -12.73
CA SER B 11 7.63 -24.35 -12.34
C SER B 11 7.39 -24.17 -10.84
N LYS B 12 8.43 -24.34 -10.05
CA LYS B 12 8.33 -24.10 -8.63
C LYS B 12 8.66 -22.62 -8.37
N MET B 13 7.83 -21.96 -7.60
CA MET B 13 7.99 -20.52 -7.40
C MET B 13 7.30 -20.04 -6.12
N THR B 14 7.96 -19.14 -5.41
CA THR B 14 7.47 -18.56 -4.16
C THR B 14 6.59 -17.32 -4.42
N ALA B 15 5.93 -17.34 -5.56
CA ALA B 15 5.10 -16.24 -6.06
C ALA B 15 4.02 -15.81 -5.10
N GLY B 16 3.73 -14.54 -5.13
CA GLY B 16 2.67 -14.03 -4.35
C GLY B 16 2.93 -12.63 -3.91
N ALA B 17 2.12 -12.17 -3.01
CA ALA B 17 2.26 -10.86 -2.44
C ALA B 17 3.22 -10.93 -1.30
N TYR B 18 4.44 -10.69 -1.61
CA TYR B 18 5.50 -10.76 -0.66
C TYR B 18 6.41 -9.54 -0.81
N THR B 19 7.62 -9.61 -0.26
CA THR B 19 8.59 -8.46 -0.13
C THR B 19 8.05 -7.16 0.51
N GLU B 20 6.75 -6.95 0.45
CA GLU B 20 6.12 -5.81 1.03
C GLU B 20 6.09 -5.99 2.56
N GLY B 21 7.22 -5.65 3.17
CA GLY B 21 7.47 -5.82 4.59
C GLY B 21 8.31 -7.06 4.82
N PRO B 22 8.16 -7.72 5.98
CA PRO B 22 8.87 -8.98 6.31
C PRO B 22 8.72 -10.15 5.25
N PRO B 23 7.47 -10.40 4.63
CA PRO B 23 7.24 -11.46 3.62
C PRO B 23 8.44 -11.82 2.72
N GLN B 24 8.77 -13.12 2.69
CA GLN B 24 9.91 -13.67 1.93
C GLN B 24 9.79 -13.43 0.41
N PRO B 25 10.93 -13.12 -0.25
CA PRO B 25 11.00 -12.80 -1.69
C PRO B 25 10.16 -13.65 -2.66
N LEU B 26 9.77 -12.99 -3.73
CA LEU B 26 9.01 -13.54 -4.83
C LEU B 26 9.70 -13.05 -6.08
N SER B 27 9.43 -13.60 -7.23
CA SER B 27 10.23 -13.22 -8.38
C SER B 27 9.85 -11.86 -8.93
N ALA B 28 10.87 -11.17 -9.39
CA ALA B 28 10.75 -9.91 -10.09
C ALA B 28 9.68 -9.97 -11.19
N GLU B 29 9.52 -11.12 -11.80
CA GLU B 29 8.55 -11.26 -12.86
C GLU B 29 7.11 -11.25 -12.34
N GLU B 30 6.88 -11.83 -11.15
CA GLU B 30 5.57 -11.72 -10.51
C GLU B 30 5.25 -10.28 -10.29
N LYS B 31 6.27 -9.51 -9.94
CA LYS B 31 6.10 -8.12 -9.68
C LYS B 31 5.64 -7.39 -10.89
N LYS B 32 6.21 -7.71 -12.05
CA LYS B 32 5.75 -7.08 -13.27
C LYS B 32 4.32 -7.48 -13.58
N GLU B 33 4.00 -8.74 -13.45
CA GLU B 33 2.67 -9.22 -13.83
C GLU B 33 1.59 -8.62 -12.94
N ILE B 34 1.86 -8.54 -11.66
CA ILE B 34 0.92 -7.95 -10.72
C ILE B 34 0.85 -6.43 -10.90
N ASP B 35 1.98 -5.81 -11.23
CA ASP B 35 2.07 -4.35 -11.47
C ASP B 35 1.32 -3.94 -12.71
N LYS B 36 1.45 -4.75 -13.74
CA LYS B 36 0.80 -4.53 -15.03
C LYS B 36 -0.69 -4.71 -14.91
N ARG B 37 -1.09 -5.45 -13.91
CA ARG B 37 -2.48 -5.74 -13.68
C ARG B 37 -3.02 -4.88 -12.55
N SER B 38 -2.24 -3.91 -12.14
CA SER B 38 -2.64 -3.05 -11.06
C SER B 38 -3.07 -1.68 -11.60
N VAL B 39 -3.89 -1.01 -10.85
CA VAL B 39 -4.45 0.25 -11.23
C VAL B 39 -4.31 1.26 -10.11
N TYR B 40 -4.49 2.47 -10.46
CA TYR B 40 -4.46 3.60 -9.60
C TYR B 40 -5.87 4.14 -9.48
N VAL B 41 -6.37 4.20 -8.30
CA VAL B 41 -7.67 4.75 -8.03
C VAL B 41 -7.49 6.01 -7.16
N GLY B 42 -7.79 7.16 -7.68
CA GLY B 42 -7.59 8.38 -6.91
C GLY B 42 -8.90 9.10 -6.56
N ASN B 43 -8.75 10.18 -5.78
CA ASN B 43 -9.84 11.07 -5.28
C ASN B 43 -10.89 10.37 -4.35
N VAL B 44 -10.71 9.12 -4.08
CA VAL B 44 -11.63 8.40 -3.20
C VAL B 44 -11.15 8.49 -1.73
N ASP B 45 -11.81 9.30 -0.93
CA ASP B 45 -11.32 9.58 0.42
C ASP B 45 -12.29 9.03 1.44
N TYR B 46 -11.78 8.28 2.44
CA TYR B 46 -12.53 7.80 3.65
C TYR B 46 -13.89 7.06 3.51
N GLY B 47 -14.83 7.62 2.79
CA GLY B 47 -16.17 7.06 2.71
C GLY B 47 -16.21 5.67 2.14
N SER B 48 -15.37 5.39 1.19
CA SER B 48 -15.38 4.11 0.56
C SER B 48 -14.42 3.16 1.28
N THR B 49 -14.77 1.90 1.29
CA THR B 49 -14.00 0.88 1.92
C THR B 49 -13.54 -0.15 0.89
N ALA B 50 -12.79 -1.17 1.31
CA ALA B 50 -12.25 -2.16 0.39
C ALA B 50 -13.38 -2.93 -0.34
N GLN B 51 -14.37 -3.44 0.39
CA GLN B 51 -15.51 -4.16 -0.25
C GLN B 51 -16.23 -3.26 -1.25
N ASP B 52 -16.41 -2.01 -0.86
CA ASP B 52 -17.11 -1.02 -1.68
C ASP B 52 -16.34 -0.79 -2.97
N LEU B 53 -15.04 -0.60 -2.84
CA LEU B 53 -14.17 -0.43 -3.98
C LEU B 53 -14.14 -1.65 -4.88
N GLU B 54 -14.00 -2.85 -4.28
CA GLU B 54 -13.99 -4.06 -5.09
C GLU B 54 -15.24 -4.22 -5.90
N ALA B 55 -16.39 -4.05 -5.29
CA ALA B 55 -17.66 -4.26 -6.00
C ALA B 55 -17.78 -3.42 -7.27
N HIS B 56 -17.42 -2.16 -7.15
CA HIS B 56 -17.53 -1.23 -8.25
C HIS B 56 -16.55 -1.61 -9.37
N PHE B 57 -15.37 -2.10 -9.00
CA PHE B 57 -14.39 -2.54 -9.97
C PHE B 57 -14.66 -3.94 -10.49
N SER B 58 -15.39 -4.73 -9.71
CA SER B 58 -15.68 -6.11 -10.06
C SER B 58 -16.55 -6.18 -11.27
N SER B 59 -17.37 -5.16 -11.46
CA SER B 59 -18.19 -5.07 -12.65
C SER B 59 -17.31 -5.05 -13.92
N CYS B 60 -16.11 -4.51 -13.80
CA CYS B 60 -15.20 -4.41 -14.90
C CYS B 60 -14.03 -5.40 -14.83
N GLY B 61 -13.98 -6.20 -13.78
CA GLY B 61 -12.86 -7.10 -13.66
C GLY B 61 -12.88 -7.93 -12.40
N SER B 62 -12.07 -8.97 -12.37
CA SER B 62 -11.94 -9.82 -11.22
C SER B 62 -10.71 -9.40 -10.43
N ILE B 63 -10.90 -9.03 -9.19
CA ILE B 63 -9.84 -8.49 -8.37
C ILE B 63 -8.92 -9.55 -7.72
N ASN B 64 -7.63 -9.34 -7.91
CA ASN B 64 -6.53 -10.15 -7.35
C ASN B 64 -6.16 -9.63 -5.97
N ARG B 65 -6.01 -8.32 -5.86
CA ARG B 65 -5.65 -7.67 -4.60
C ARG B 65 -6.11 -6.24 -4.62
N ILE B 66 -6.12 -5.62 -3.47
CA ILE B 66 -6.51 -4.26 -3.32
C ILE B 66 -5.78 -3.58 -2.16
N THR B 67 -5.30 -2.39 -2.43
CA THR B 67 -4.54 -1.60 -1.50
C THR B 67 -5.23 -0.25 -1.37
N ILE B 68 -5.43 0.25 -0.18
CA ILE B 68 -6.08 1.54 -0.02
C ILE B 68 -5.21 2.35 0.92
N LEU B 69 -4.80 3.51 0.53
CA LEU B 69 -4.05 4.37 1.42
C LEU B 69 -4.74 5.69 1.63
N CYS B 70 -4.85 6.08 2.86
CA CYS B 70 -5.43 7.31 3.23
C CYS B 70 -4.38 8.16 3.90
N ASP B 71 -4.17 9.38 3.43
CA ASP B 71 -3.14 10.19 4.01
C ASP B 71 -3.73 11.36 4.73
N LYS B 72 -3.25 11.60 5.89
CA LYS B 72 -3.66 12.73 6.66
C LYS B 72 -2.39 13.56 6.88
N PHE B 73 -1.37 13.20 6.07
CA PHE B 73 -0.04 13.81 5.99
C PHE B 73 -0.08 15.33 5.99
N SER B 74 -1.05 15.90 5.35
CA SER B 74 -1.15 17.33 5.23
C SER B 74 -2.35 17.88 6.04
N GLY B 75 -2.80 17.13 7.03
CA GLY B 75 -3.87 17.60 7.88
C GLY B 75 -5.21 17.07 7.48
N HIS B 76 -5.54 17.21 6.21
CA HIS B 76 -6.81 16.73 5.72
C HIS B 76 -6.65 15.37 5.13
N PRO B 77 -7.34 14.39 5.68
CA PRO B 77 -7.21 13.00 5.27
C PRO B 77 -7.79 12.72 3.89
N LYS B 78 -6.94 12.28 2.99
CA LYS B 78 -7.30 11.98 1.63
C LYS B 78 -7.15 10.49 1.40
N GLY B 79 -7.69 10.01 0.31
CA GLY B 79 -7.53 8.64 0.00
C GLY B 79 -7.28 8.36 -1.46
N TYR B 80 -6.51 7.34 -1.68
CA TYR B 80 -6.25 6.81 -2.99
C TYR B 80 -5.92 5.34 -2.86
N ALA B 81 -6.29 4.56 -3.82
CA ALA B 81 -6.16 3.14 -3.73
C ALA B 81 -5.52 2.56 -4.96
N TYR B 82 -4.90 1.44 -4.80
CA TYR B 82 -4.32 0.71 -5.90
C TYR B 82 -4.81 -0.70 -5.86
N ILE B 83 -5.44 -1.12 -6.92
CA ILE B 83 -6.07 -2.42 -6.99
C ILE B 83 -5.48 -3.23 -8.15
N GLU B 84 -5.20 -4.49 -7.91
CA GLU B 84 -4.74 -5.37 -8.98
C GLU B 84 -5.73 -6.43 -9.36
N PHE B 85 -5.95 -6.56 -10.65
CA PHE B 85 -6.89 -7.51 -11.21
C PHE B 85 -6.21 -8.78 -11.66
N ALA B 86 -7.00 -9.82 -11.84
CA ALA B 86 -6.54 -11.09 -12.36
C ALA B 86 -5.94 -10.96 -13.75
N GLU B 87 -6.53 -10.12 -14.59
CA GLU B 87 -5.99 -9.92 -15.93
C GLU B 87 -5.61 -8.45 -16.17
N ARG B 88 -4.69 -8.23 -17.10
CA ARG B 88 -4.20 -6.92 -17.46
C ARG B 88 -5.30 -6.23 -18.30
N ASN B 89 -6.04 -7.04 -19.04
CA ASN B 89 -7.18 -6.56 -19.85
C ASN B 89 -8.27 -6.00 -18.95
N SER B 90 -8.29 -6.42 -17.71
CA SER B 90 -9.23 -5.94 -16.76
C SER B 90 -8.91 -4.50 -16.40
N VAL B 91 -7.60 -4.17 -16.34
CA VAL B 91 -7.20 -2.80 -16.02
C VAL B 91 -7.63 -1.90 -17.13
N ASP B 92 -7.55 -2.40 -18.38
CA ASP B 92 -7.98 -1.65 -19.57
C ASP B 92 -9.45 -1.25 -19.43
N ALA B 93 -10.25 -2.15 -18.88
CA ALA B 93 -11.65 -1.91 -18.64
C ALA B 93 -11.84 -0.93 -17.47
N ALA B 94 -10.94 -1.00 -16.50
CA ALA B 94 -11.02 -0.14 -15.33
C ALA B 94 -10.57 1.29 -15.67
N VAL B 95 -9.49 1.40 -16.43
CA VAL B 95 -8.99 2.70 -16.89
C VAL B 95 -10.00 3.40 -17.83
N ALA B 96 -10.91 2.64 -18.41
CA ALA B 96 -11.99 3.20 -19.24
C ALA B 96 -12.99 3.97 -18.35
N MET B 97 -12.85 3.76 -17.06
CA MET B 97 -13.64 4.39 -16.03
C MET B 97 -12.88 5.55 -15.42
N ASP B 98 -11.76 5.91 -16.07
CA ASP B 98 -10.82 6.97 -15.62
C ASP B 98 -11.47 8.18 -14.96
N GLU B 99 -12.54 8.73 -15.51
CA GLU B 99 -13.20 9.83 -14.81
C GLU B 99 -14.69 9.55 -14.58
N THR B 100 -14.98 8.38 -14.06
CA THR B 100 -16.35 8.02 -13.70
C THR B 100 -16.76 8.58 -12.33
N VAL B 101 -17.98 8.35 -11.95
CA VAL B 101 -18.50 8.88 -10.72
C VAL B 101 -18.67 7.75 -9.69
N PHE B 102 -18.27 8.03 -8.50
CA PHE B 102 -18.32 7.10 -7.41
C PHE B 102 -18.77 7.88 -6.18
N ARG B 103 -19.89 7.49 -5.58
CA ARG B 103 -20.46 8.19 -4.39
C ARG B 103 -20.66 9.69 -4.60
N GLY B 104 -20.98 10.06 -5.81
CA GLY B 104 -21.27 11.45 -6.12
C GLY B 104 -20.04 12.27 -6.44
N ARG B 105 -18.87 11.65 -6.44
CA ARG B 105 -17.64 12.34 -6.75
C ARG B 105 -16.99 11.68 -7.94
N THR B 106 -16.16 12.37 -8.64
CA THR B 106 -15.51 11.82 -9.80
C THR B 106 -14.18 11.21 -9.37
N ILE B 107 -13.99 9.94 -9.58
CA ILE B 107 -12.73 9.32 -9.23
C ILE B 107 -11.86 9.10 -10.46
N LYS B 108 -10.59 8.85 -10.25
CA LYS B 108 -9.63 8.84 -11.35
C LYS B 108 -8.90 7.51 -11.35
N VAL B 109 -8.91 6.81 -12.47
CA VAL B 109 -8.32 5.48 -12.56
C VAL B 109 -7.22 5.47 -13.64
N LEU B 110 -6.06 4.93 -13.30
CA LEU B 110 -4.92 4.84 -14.22
C LEU B 110 -4.25 3.48 -14.05
N PRO B 111 -3.40 3.04 -15.00
CA PRO B 111 -2.56 1.83 -14.83
C PRO B 111 -1.39 2.17 -13.88
N LYS B 112 -0.99 1.23 -13.00
CA LYS B 112 -0.01 1.56 -11.96
C LYS B 112 1.48 1.44 -12.42
N ARG B 113 1.92 0.28 -12.91
CA ARG B 113 3.31 0.18 -13.45
C ARG B 113 3.35 -0.52 -14.77
N THR B 114 4.31 -0.12 -15.58
CA THR B 114 4.59 -0.74 -16.85
C THR B 114 6.11 -0.51 -17.15
N ASN B 115 6.89 -0.36 -16.08
CA ASN B 115 8.33 -0.09 -16.20
C ASN B 115 9.01 -0.70 -14.94
N MET B 116 10.35 -0.69 -14.91
CA MET B 116 11.18 -1.23 -13.82
C MET B 116 11.23 -2.76 -13.79
N PRO B 117 12.36 -3.34 -14.25
CA PRO B 117 12.58 -4.79 -14.23
C PRO B 117 13.35 -5.25 -12.97
N GLY B 118 13.72 -6.52 -12.94
CA GLY B 118 14.49 -7.04 -11.83
C GLY B 118 15.34 -8.21 -12.26
N ILE B 119 16.27 -8.62 -11.43
CA ILE B 119 17.13 -9.74 -11.76
C ILE B 119 17.71 -10.42 -10.50
N SER B 120 17.54 -11.72 -10.46
CA SER B 120 18.06 -12.56 -9.41
C SER B 120 18.66 -13.77 -10.09
N SER B 121 19.95 -13.72 -10.35
CA SER B 121 20.59 -14.75 -11.10
C SER B 121 21.20 -15.81 -10.16
N THR B 122 22.06 -15.36 -9.25
CA THR B 122 22.74 -16.22 -8.29
C THR B 122 23.69 -17.21 -8.98
N ASP B 123 24.96 -16.83 -9.07
CA ASP B 123 25.98 -17.66 -9.69
C ASP B 123 27.22 -17.68 -8.85
N ARG B 124 27.84 -18.83 -8.78
CA ARG B 124 29.05 -19.02 -8.02
C ARG B 124 30.24 -18.90 -8.96
N ALA A 1 -40.11 31.98 15.54
CA ALA A 1 -38.82 32.66 15.63
C ALA A 1 -37.87 32.10 14.59
N ILE A 2 -36.90 32.89 14.20
CA ILE A 2 -35.92 32.45 13.23
C ILE A 2 -34.54 32.53 13.83
N ALA A 3 -33.83 31.46 13.76
CA ALA A 3 -32.48 31.43 14.22
C ALA A 3 -31.57 31.52 13.01
N PRO A 4 -30.70 32.54 12.94
CA PRO A 4 -29.76 32.69 11.83
C PRO A 4 -28.91 31.45 11.66
N CYS A 5 -29.00 30.85 10.51
CA CYS A 5 -28.30 29.63 10.23
C CYS A 5 -27.06 29.92 9.39
N MET A 6 -25.92 29.64 9.93
CA MET A 6 -24.67 29.85 9.24
C MET A 6 -24.22 28.57 8.62
N GLN A 7 -24.04 28.56 7.32
CA GLN A 7 -23.59 27.37 6.66
C GLN A 7 -22.07 27.26 6.77
N THR A 8 -21.65 26.43 7.68
CA THR A 8 -20.26 26.24 7.99
C THR A 8 -19.46 25.77 6.78
N THR A 9 -18.43 26.50 6.44
CA THR A 9 -17.61 26.15 5.34
C THR A 9 -16.51 25.20 5.80
N HIS A 10 -16.36 24.13 5.08
CA HIS A 10 -15.39 23.12 5.38
C HIS A 10 -14.62 22.74 4.13
N SER A 11 -13.51 23.41 3.96
CA SER A 11 -12.64 23.23 2.82
C SER A 11 -11.79 21.98 3.00
N LYS A 12 -11.49 21.31 1.90
CA LYS A 12 -10.64 20.15 1.95
C LYS A 12 -9.19 20.59 1.89
N MET A 13 -8.54 20.68 3.03
CA MET A 13 -7.12 20.98 3.03
C MET A 13 -6.39 19.73 2.55
N THR A 14 -5.86 19.83 1.37
CA THR A 14 -5.35 18.70 0.66
C THR A 14 -3.95 18.30 1.09
N ALA A 15 -3.76 17.01 1.22
CA ALA A 15 -2.47 16.46 1.45
C ALA A 15 -1.80 16.26 0.11
N GLY A 16 -1.06 17.25 -0.32
CA GLY A 16 -0.35 17.17 -1.57
C GLY A 16 0.99 16.57 -1.36
N ALA A 17 1.01 15.29 -1.16
CA ALA A 17 2.21 14.55 -0.88
C ALA A 17 2.73 13.85 -2.11
N TYR A 18 4.02 13.99 -2.34
CA TYR A 18 4.69 13.29 -3.43
C TYR A 18 4.94 11.85 -2.99
N THR A 19 3.94 10.99 -3.00
CA THR A 19 4.19 9.66 -2.53
C THR A 19 4.28 8.59 -3.63
N GLU A 20 3.16 8.24 -4.25
CA GLU A 20 3.14 7.05 -5.08
C GLU A 20 2.11 7.28 -6.18
N GLY A 21 2.32 6.69 -7.35
CA GLY A 21 1.42 6.87 -8.48
C GLY A 21 1.75 8.13 -9.23
N PRO A 22 0.75 8.96 -9.56
CA PRO A 22 0.97 10.28 -10.18
C PRO A 22 2.01 11.15 -9.39
N PRO A 23 1.86 11.34 -8.01
CA PRO A 23 2.91 11.98 -7.21
C PRO A 23 4.26 11.29 -7.41
N GLN A 24 5.29 12.06 -7.59
CA GLN A 24 6.62 11.54 -7.85
C GLN A 24 7.31 11.20 -6.53
N PRO A 25 8.40 10.39 -6.57
CA PRO A 25 9.15 10.01 -5.36
C PRO A 25 9.63 11.19 -4.53
N LEU A 26 9.26 11.18 -3.28
CA LEU A 26 9.66 12.19 -2.30
C LEU A 26 11.16 12.12 -1.96
N SER A 27 11.66 13.14 -1.32
CA SER A 27 13.08 13.33 -1.08
C SER A 27 13.64 12.37 0.01
N ALA A 28 14.96 12.18 -0.07
CA ALA A 28 15.72 11.32 0.84
C ALA A 28 15.53 11.71 2.31
N GLU A 29 15.59 13.01 2.61
CA GLU A 29 15.38 13.52 3.99
C GLU A 29 13.99 13.13 4.50
N GLU A 30 12.97 13.28 3.64
CA GLU A 30 11.61 12.90 3.98
C GLU A 30 11.51 11.44 4.32
N LYS A 31 12.28 10.61 3.62
CA LYS A 31 12.25 9.18 3.87
C LYS A 31 12.78 8.89 5.25
N LYS A 32 13.96 9.42 5.56
CA LYS A 32 14.54 9.25 6.87
C LYS A 32 13.63 9.68 8.01
N GLU A 33 12.83 10.71 7.78
CA GLU A 33 11.84 11.13 8.77
C GLU A 33 10.68 10.13 8.88
N ILE A 34 10.11 9.76 7.76
CA ILE A 34 8.94 8.88 7.74
C ILE A 34 9.26 7.44 8.17
N ASP A 35 10.46 6.95 7.80
CA ASP A 35 10.90 5.59 8.18
C ASP A 35 10.90 5.41 9.67
N LYS A 36 11.30 6.45 10.37
CA LYS A 36 11.40 6.42 11.83
C LYS A 36 10.07 6.09 12.49
N ARG A 37 9.00 6.57 11.94
CA ARG A 37 7.74 6.58 12.64
C ARG A 37 6.66 5.68 12.03
N SER A 38 7.03 4.78 11.13
CA SER A 38 6.04 3.90 10.55
C SER A 38 6.06 2.45 11.10
N VAL A 39 4.94 1.74 10.95
CA VAL A 39 4.76 0.36 11.46
C VAL A 39 4.00 -0.54 10.50
N TYR A 40 4.09 -1.82 10.77
CA TYR A 40 3.46 -2.90 10.05
C TYR A 40 2.44 -3.53 10.94
N VAL A 41 1.27 -3.66 10.46
CA VAL A 41 0.19 -4.31 11.15
C VAL A 41 -0.27 -5.47 10.29
N GLY A 42 -0.09 -6.66 10.74
CA GLY A 42 -0.45 -7.79 9.95
C GLY A 42 -1.65 -8.54 10.47
N ASN A 43 -2.13 -9.42 9.62
CA ASN A 43 -3.29 -10.28 9.84
C ASN A 43 -4.61 -9.53 10.08
N VAL A 44 -5.06 -8.86 9.04
CA VAL A 44 -6.37 -8.26 9.03
C VAL A 44 -7.20 -8.84 7.88
N ASP A 45 -8.43 -9.17 8.16
CA ASP A 45 -9.34 -9.70 7.15
C ASP A 45 -10.41 -8.68 6.95
N TYR A 46 -11.21 -8.81 5.91
CA TYR A 46 -12.32 -7.90 5.69
C TYR A 46 -13.32 -7.90 6.82
N GLY A 47 -13.23 -6.88 7.59
CA GLY A 47 -14.03 -6.65 8.73
C GLY A 47 -13.61 -5.35 9.31
N SER A 48 -12.32 -5.17 9.40
CA SER A 48 -11.78 -3.94 9.82
C SER A 48 -11.48 -3.06 8.63
N THR A 49 -11.56 -1.79 8.83
CA THR A 49 -11.34 -0.83 7.80
C THR A 49 -10.27 0.13 8.26
N ALA A 50 -9.92 1.09 7.42
CA ALA A 50 -8.87 2.05 7.72
C ALA A 50 -9.26 2.84 8.97
N GLN A 51 -10.49 3.30 9.01
CA GLN A 51 -11.03 4.05 10.12
C GLN A 51 -10.94 3.24 11.45
N ASP A 52 -11.20 1.95 11.35
CA ASP A 52 -11.17 1.03 12.50
C ASP A 52 -9.72 0.89 12.99
N LEU A 53 -8.81 0.88 12.03
CA LEU A 53 -7.39 0.78 12.27
C LEU A 53 -6.87 2.01 12.96
N GLU A 54 -7.27 3.18 12.48
CA GLU A 54 -6.83 4.40 13.11
C GLU A 54 -7.24 4.49 14.54
N ALA A 55 -8.48 4.19 14.85
CA ALA A 55 -8.96 4.30 16.23
C ALA A 55 -8.08 3.50 17.22
N HIS A 56 -7.80 2.26 16.85
CA HIS A 56 -7.03 1.39 17.73
C HIS A 56 -5.60 1.90 17.90
N PHE A 57 -5.01 2.40 16.82
CA PHE A 57 -3.66 2.92 16.86
C PHE A 57 -3.57 4.36 17.37
N SER A 58 -4.66 5.06 17.26
CA SER A 58 -4.74 6.46 17.63
C SER A 58 -4.58 6.61 19.12
N SER A 59 -5.01 5.60 19.86
CA SER A 59 -4.82 5.62 21.29
C SER A 59 -3.29 5.62 21.66
N CYS A 60 -2.47 5.18 20.71
CA CYS A 60 -1.02 5.16 20.89
C CYS A 60 -0.32 6.41 20.28
N GLY A 61 -1.08 7.36 19.78
CA GLY A 61 -0.46 8.52 19.17
C GLY A 61 -1.21 9.08 17.99
N SER A 62 -0.59 10.03 17.32
CA SER A 62 -1.19 10.70 16.22
C SER A 62 -0.78 10.04 14.91
N ILE A 63 -1.76 9.54 14.20
CA ILE A 63 -1.54 8.89 12.94
C ILE A 63 -1.28 9.90 11.84
N ASN A 64 -0.27 9.63 11.08
CA ASN A 64 0.16 10.50 10.03
C ASN A 64 -0.42 10.03 8.69
N ARG A 65 -0.30 8.75 8.44
CA ARG A 65 -0.77 8.12 7.20
C ARG A 65 -1.03 6.67 7.51
N ILE A 66 -1.77 5.98 6.67
CA ILE A 66 -1.95 4.55 6.81
C ILE A 66 -2.13 3.93 5.43
N THR A 67 -1.61 2.77 5.26
CA THR A 67 -1.69 2.04 4.02
C THR A 67 -2.28 0.68 4.33
N ILE A 68 -3.29 0.27 3.61
CA ILE A 68 -3.91 -1.00 3.89
C ILE A 68 -3.97 -1.74 2.58
N LEU A 69 -3.36 -2.88 2.51
CA LEU A 69 -3.44 -3.65 1.29
C LEU A 69 -4.02 -5.01 1.50
N CYS A 70 -4.92 -5.39 0.65
CA CYS A 70 -5.56 -6.66 0.71
C CYS A 70 -5.21 -7.44 -0.53
N ASP A 71 -4.72 -8.63 -0.36
CA ASP A 71 -4.38 -9.50 -1.47
C ASP A 71 -5.34 -10.68 -1.43
N LYS A 72 -5.94 -10.99 -2.53
CA LYS A 72 -6.93 -12.04 -2.54
C LYS A 72 -6.61 -13.05 -3.65
N PHE A 73 -5.42 -12.98 -4.24
CA PHE A 73 -5.14 -13.80 -5.43
C PHE A 73 -5.20 -15.33 -5.18
N SER A 74 -5.07 -15.73 -3.93
CA SER A 74 -5.14 -17.13 -3.58
C SER A 74 -6.55 -17.55 -3.11
N GLY A 75 -7.53 -16.67 -3.25
CA GLY A 75 -8.88 -17.02 -2.86
C GLY A 75 -9.36 -16.26 -1.66
N HIS A 76 -8.64 -16.33 -0.59
CA HIS A 76 -9.03 -15.63 0.63
C HIS A 76 -8.33 -14.31 0.67
N PRO A 77 -9.03 -13.23 0.97
CA PRO A 77 -8.42 -11.94 1.00
C PRO A 77 -7.61 -11.75 2.28
N LYS A 78 -6.34 -11.58 2.12
CA LYS A 78 -5.43 -11.35 3.20
C LYS A 78 -5.16 -9.90 3.29
N GLY A 79 -5.07 -9.41 4.45
CA GLY A 79 -4.82 -8.04 4.60
C GLY A 79 -3.69 -7.76 5.54
N TYR A 80 -3.01 -6.72 5.25
CA TYR A 80 -1.97 -6.19 6.06
C TYR A 80 -1.90 -4.71 5.86
N ALA A 81 -1.62 -4.01 6.91
CA ALA A 81 -1.70 -2.59 6.90
C ALA A 81 -0.47 -1.99 7.50
N TYR A 82 -0.13 -0.84 7.06
CA TYR A 82 0.99 -0.13 7.58
C TYR A 82 0.53 1.18 8.11
N ILE A 83 0.69 1.39 9.38
CA ILE A 83 0.27 2.61 10.02
C ILE A 83 1.48 3.49 10.17
N GLU A 84 1.42 4.69 9.71
CA GLU A 84 2.53 5.59 9.85
C GLU A 84 2.14 6.70 10.81
N PHE A 85 2.90 6.90 11.85
CA PHE A 85 2.58 7.89 12.85
C PHE A 85 3.37 9.16 12.64
N ALA A 86 2.95 10.22 13.29
CA ALA A 86 3.67 11.48 13.24
C ALA A 86 4.92 11.46 14.11
N GLU A 87 4.88 10.75 15.23
CA GLU A 87 6.03 10.70 16.13
C GLU A 87 6.56 9.30 16.35
N ARG A 88 7.79 9.25 16.84
CA ARG A 88 8.46 8.01 17.24
C ARG A 88 7.78 7.39 18.43
N ASN A 89 7.27 8.20 19.31
CA ASN A 89 6.64 7.69 20.51
C ASN A 89 5.39 6.93 20.20
N SER A 90 4.73 7.29 19.12
CA SER A 90 3.52 6.64 18.72
C SER A 90 3.81 5.23 18.19
N VAL A 91 4.88 5.09 17.41
CA VAL A 91 5.29 3.77 16.91
C VAL A 91 5.79 2.92 18.05
N ASP A 92 6.52 3.53 18.97
CA ASP A 92 7.08 2.84 20.13
C ASP A 92 5.93 2.26 21.00
N ALA A 93 4.85 3.02 21.10
CA ALA A 93 3.66 2.59 21.82
C ALA A 93 2.89 1.51 21.03
N ALA A 94 2.95 1.60 19.70
CA ALA A 94 2.22 0.67 18.84
C ALA A 94 2.89 -0.71 18.80
N VAL A 95 4.21 -0.71 18.65
CA VAL A 95 5.02 -1.95 18.65
C VAL A 95 4.84 -2.76 19.95
N ALA A 96 4.42 -2.10 21.03
CA ALA A 96 4.14 -2.76 22.31
C ALA A 96 2.87 -3.63 22.19
N MET A 97 2.15 -3.46 21.11
CA MET A 97 0.94 -4.24 20.86
C MET A 97 1.22 -5.32 19.83
N ASP A 98 2.52 -5.53 19.52
CA ASP A 98 2.97 -6.52 18.52
C ASP A 98 2.17 -7.81 18.52
N GLU A 99 1.95 -8.41 19.67
CA GLU A 99 1.12 -9.57 19.73
C GLU A 99 -0.14 -9.26 20.55
N THR A 100 -1.19 -9.00 19.83
CA THR A 100 -2.47 -8.66 20.40
C THR A 100 -3.58 -9.34 19.65
N VAL A 101 -4.75 -9.33 20.21
CA VAL A 101 -5.88 -9.93 19.62
C VAL A 101 -6.89 -8.86 19.23
N PHE A 102 -6.96 -8.61 17.98
CA PHE A 102 -7.80 -7.58 17.45
C PHE A 102 -8.86 -8.24 16.61
N ARG A 103 -10.11 -7.95 16.92
CA ARG A 103 -11.27 -8.50 16.22
C ARG A 103 -11.21 -10.04 16.22
N GLY A 104 -10.94 -10.58 17.40
CA GLY A 104 -10.87 -12.02 17.64
C GLY A 104 -9.70 -12.73 16.97
N ARG A 105 -8.76 -11.99 16.39
CA ARG A 105 -7.63 -12.62 15.75
C ARG A 105 -6.32 -11.97 16.18
N THR A 106 -5.29 -12.77 16.26
CA THR A 106 -4.00 -12.27 16.69
C THR A 106 -3.32 -11.53 15.54
N ILE A 107 -3.03 -10.28 15.76
CA ILE A 107 -2.34 -9.49 14.78
C ILE A 107 -0.89 -9.34 15.18
N LYS A 108 -0.09 -8.79 14.29
CA LYS A 108 1.31 -8.61 14.55
C LYS A 108 1.72 -7.22 14.13
N VAL A 109 2.41 -6.50 14.98
CA VAL A 109 2.80 -5.14 14.69
C VAL A 109 4.33 -5.05 14.76
N LEU A 110 4.92 -4.52 13.72
CA LEU A 110 6.37 -4.36 13.62
C LEU A 110 6.68 -2.96 13.16
N PRO A 111 7.88 -2.47 13.36
CA PRO A 111 8.29 -1.19 12.82
C PRO A 111 8.62 -1.30 11.33
N LYS A 112 8.24 -0.31 10.58
CA LYS A 112 8.58 -0.22 9.20
C LYS A 112 9.61 0.86 9.14
N ARG A 113 10.86 0.51 8.89
CA ARG A 113 11.91 1.48 9.02
C ARG A 113 13.21 1.10 8.29
N THR A 114 13.80 2.06 7.64
CA THR A 114 15.09 1.88 7.07
C THR A 114 16.15 2.34 8.09
N ASN A 115 16.48 1.43 8.97
CA ASN A 115 17.47 1.65 10.00
C ASN A 115 18.46 0.55 9.86
N MET A 116 19.75 0.87 10.09
CA MET A 116 20.86 -0.07 9.94
C MET A 116 21.10 -0.36 8.43
N PRO A 117 22.36 -0.38 7.98
CA PRO A 117 22.69 -0.69 6.58
C PRO A 117 22.18 -2.08 6.20
N GLY A 118 21.12 -2.12 5.43
CA GLY A 118 20.55 -3.37 5.01
C GLY A 118 19.72 -3.24 3.76
N ILE A 119 19.92 -2.17 3.04
CA ILE A 119 19.20 -1.96 1.80
C ILE A 119 20.03 -2.55 0.66
N SER A 120 19.43 -3.29 -0.22
CA SER A 120 20.18 -3.91 -1.28
C SER A 120 20.16 -3.05 -2.54
N SER A 121 21.14 -2.16 -2.64
CA SER A 121 21.32 -1.28 -3.78
C SER A 121 22.75 -0.75 -3.82
N THR A 122 22.97 0.34 -3.06
CA THR A 122 24.25 1.03 -2.98
C THR A 122 24.02 2.30 -2.12
N ASP A 123 23.08 2.14 -1.15
CA ASP A 123 22.60 3.24 -0.27
C ASP A 123 21.64 4.18 -1.03
N ARG A 124 20.63 4.65 -0.33
CA ARG A 124 19.61 5.50 -0.95
C ARG A 124 19.30 6.71 -0.03
N ALA B 1 11.00 1.37 -31.92
CA ALA B 1 12.05 2.20 -31.38
C ALA B 1 13.26 1.35 -31.04
N ILE B 2 14.42 1.93 -31.15
CA ILE B 2 15.65 1.24 -30.83
C ILE B 2 15.91 1.36 -29.34
N ALA B 3 15.97 0.23 -28.67
CA ALA B 3 16.22 0.23 -27.24
C ALA B 3 17.52 -0.50 -26.94
N PRO B 4 18.63 0.24 -26.81
CA PRO B 4 19.91 -0.35 -26.54
C PRO B 4 20.16 -0.55 -25.05
N CYS B 5 20.80 -1.65 -24.72
CA CYS B 5 21.14 -1.96 -23.35
C CYS B 5 22.32 -1.10 -22.90
N MET B 6 22.02 -0.14 -22.06
CA MET B 6 23.01 0.78 -21.55
C MET B 6 23.01 0.72 -20.05
N GLN B 7 24.01 0.05 -19.49
CA GLN B 7 24.18 -0.12 -18.05
C GLN B 7 22.99 -0.89 -17.46
N THR B 8 22.49 -1.84 -18.24
CA THR B 8 21.38 -2.67 -17.85
C THR B 8 21.80 -3.65 -16.76
N THR B 9 21.42 -3.35 -15.55
CA THR B 9 21.77 -4.16 -14.43
C THR B 9 20.61 -5.13 -14.13
N HIS B 10 20.93 -6.30 -13.63
CA HIS B 10 19.90 -7.28 -13.34
C HIS B 10 19.80 -7.52 -11.84
N SER B 11 20.90 -7.37 -11.16
CA SER B 11 20.93 -7.59 -9.75
C SER B 11 20.79 -6.27 -9.02
N LYS B 12 20.09 -6.32 -7.88
CA LYS B 12 19.82 -5.15 -7.05
C LYS B 12 18.92 -4.14 -7.77
N MET B 13 17.66 -4.46 -7.77
CA MET B 13 16.64 -3.64 -8.36
C MET B 13 15.78 -3.08 -7.24
N THR B 14 14.57 -2.65 -7.59
CA THR B 14 13.61 -2.18 -6.62
C THR B 14 13.33 -3.26 -5.57
N ALA B 15 13.35 -4.52 -6.02
CA ALA B 15 13.21 -5.65 -5.13
C ALA B 15 14.52 -5.88 -4.43
N GLY B 16 14.57 -5.46 -3.20
CA GLY B 16 15.78 -5.55 -2.41
C GLY B 16 16.02 -4.23 -1.75
N ALA B 17 15.63 -3.18 -2.45
CA ALA B 17 15.65 -1.85 -1.92
C ALA B 17 14.37 -1.63 -1.15
N TYR B 18 13.27 -2.01 -1.77
CA TYR B 18 11.97 -1.94 -1.18
C TYR B 18 11.22 -3.24 -1.39
N THR B 19 10.35 -3.51 -0.48
CA THR B 19 9.50 -4.66 -0.51
C THR B 19 8.26 -4.26 0.26
N GLU B 20 7.41 -5.20 0.57
CA GLU B 20 6.22 -4.92 1.30
C GLU B 20 6.60 -4.68 2.76
N GLY B 21 7.37 -5.60 3.29
CA GLY B 21 7.83 -5.57 4.65
C GLY B 21 8.25 -6.96 5.03
N PRO B 22 7.54 -7.61 5.94
CA PRO B 22 7.76 -9.02 6.27
C PRO B 22 7.72 -9.99 5.02
N PRO B 23 6.76 -9.79 4.02
CA PRO B 23 6.78 -10.58 2.79
C PRO B 23 8.07 -10.36 2.00
N GLN B 24 8.63 -11.44 1.51
CA GLN B 24 9.88 -11.41 0.77
C GLN B 24 9.73 -10.69 -0.55
N PRO B 25 10.74 -9.91 -0.96
CA PRO B 25 10.74 -9.21 -2.24
C PRO B 25 10.60 -10.17 -3.39
N LEU B 26 9.51 -10.03 -4.09
CA LEU B 26 9.21 -10.87 -5.23
C LEU B 26 10.17 -10.62 -6.40
N SER B 27 10.22 -11.56 -7.30
CA SER B 27 11.19 -11.52 -8.36
C SER B 27 10.73 -10.62 -9.53
N ALA B 28 11.69 -10.29 -10.38
CA ALA B 28 11.51 -9.42 -11.55
C ALA B 28 10.38 -9.89 -12.46
N GLU B 29 10.24 -11.20 -12.64
CA GLU B 29 9.21 -11.74 -13.51
C GLU B 29 7.82 -11.53 -12.93
N GLU B 30 7.72 -11.65 -11.60
CA GLU B 30 6.47 -11.37 -10.91
C GLU B 30 6.06 -9.95 -11.10
N LYS B 31 7.05 -9.05 -11.15
CA LYS B 31 6.76 -7.64 -11.33
C LYS B 31 6.17 -7.39 -12.68
N LYS B 32 6.82 -7.89 -13.72
CA LYS B 32 6.32 -7.78 -15.06
C LYS B 32 4.89 -8.30 -15.24
N GLU B 33 4.56 -9.37 -14.52
CA GLU B 33 3.20 -9.88 -14.53
C GLU B 33 2.23 -8.96 -13.81
N ILE B 34 2.59 -8.52 -12.64
CA ILE B 34 1.70 -7.67 -11.85
C ILE B 34 1.53 -6.26 -12.42
N ASP B 35 2.61 -5.70 -13.01
CA ASP B 35 2.59 -4.34 -13.61
C ASP B 35 1.50 -4.22 -14.64
N LYS B 36 1.28 -5.30 -15.35
CA LYS B 36 0.29 -5.36 -16.40
C LYS B 36 -1.14 -5.15 -15.90
N ARG B 37 -1.42 -5.63 -14.71
CA ARG B 37 -2.80 -5.78 -14.26
C ARG B 37 -3.22 -4.82 -13.14
N SER B 38 -2.36 -3.92 -12.77
CA SER B 38 -2.67 -3.00 -11.69
C SER B 38 -3.19 -1.62 -12.20
N VAL B 39 -3.96 -0.94 -11.34
CA VAL B 39 -4.56 0.37 -11.61
C VAL B 39 -4.49 1.31 -10.39
N TYR B 40 -4.71 2.57 -10.66
CA TYR B 40 -4.73 3.67 -9.72
C TYR B 40 -6.12 4.20 -9.64
N VAL B 41 -6.62 4.28 -8.46
CA VAL B 41 -7.91 4.86 -8.22
C VAL B 41 -7.74 6.02 -7.26
N GLY B 42 -8.01 7.18 -7.71
CA GLY B 42 -7.82 8.32 -6.87
C GLY B 42 -9.10 9.02 -6.51
N ASN B 43 -8.96 10.01 -5.64
CA ASN B 43 -10.04 10.85 -5.10
C ASN B 43 -11.06 10.04 -4.24
N VAL B 44 -10.64 8.90 -3.76
CA VAL B 44 -11.48 8.14 -2.84
C VAL B 44 -11.57 8.88 -1.50
N ASP B 45 -12.78 9.18 -1.09
CA ASP B 45 -13.02 9.97 0.10
C ASP B 45 -12.93 9.10 1.33
N TYR B 46 -12.71 9.71 2.50
CA TYR B 46 -12.55 8.94 3.70
C TYR B 46 -13.91 8.47 4.15
N GLY B 47 -14.25 7.32 3.70
CA GLY B 47 -15.52 6.77 3.98
C GLY B 47 -15.78 5.58 3.12
N SER B 48 -15.04 5.46 2.02
CA SER B 48 -15.17 4.29 1.21
C SER B 48 -14.28 3.21 1.81
N THR B 49 -14.73 2.00 1.77
CA THR B 49 -13.97 0.91 2.33
C THR B 49 -13.24 0.16 1.23
N ALA B 50 -12.35 -0.76 1.61
CA ALA B 50 -11.65 -1.59 0.65
C ALA B 50 -12.65 -2.53 0.00
N GLN B 51 -13.57 -3.03 0.84
CA GLN B 51 -14.68 -3.86 0.40
C GLN B 51 -15.55 -3.13 -0.66
N ASP B 52 -15.84 -1.85 -0.39
CA ASP B 52 -16.55 -0.99 -1.39
C ASP B 52 -15.82 -0.96 -2.69
N LEU B 53 -14.53 -0.74 -2.58
CA LEU B 53 -13.66 -0.65 -3.71
C LEU B 53 -13.67 -1.92 -4.54
N GLU B 54 -13.55 -3.08 -3.89
CA GLU B 54 -13.62 -4.32 -4.61
C GLU B 54 -14.90 -4.49 -5.36
N ALA B 55 -16.03 -4.24 -4.72
CA ALA B 55 -17.34 -4.44 -5.37
C ALA B 55 -17.47 -3.66 -6.69
N HIS B 56 -17.09 -2.40 -6.64
CA HIS B 56 -17.23 -1.55 -7.81
C HIS B 56 -16.28 -2.01 -8.93
N PHE B 57 -15.08 -2.42 -8.56
CA PHE B 57 -14.09 -2.90 -9.51
C PHE B 57 -14.28 -4.35 -9.91
N SER B 58 -14.96 -5.09 -9.07
CA SER B 58 -15.22 -6.51 -9.27
C SER B 58 -16.08 -6.70 -10.50
N SER B 59 -16.96 -5.73 -10.75
CA SER B 59 -17.76 -5.74 -11.96
C SER B 59 -16.85 -5.72 -13.23
N CYS B 60 -15.62 -5.21 -13.08
CA CYS B 60 -14.66 -5.14 -14.16
C CYS B 60 -13.81 -6.42 -14.28
N GLY B 61 -13.97 -7.36 -13.37
CA GLY B 61 -13.16 -8.55 -13.42
C GLY B 61 -12.72 -9.06 -12.06
N SER B 62 -11.67 -9.86 -12.05
CA SER B 62 -11.21 -10.47 -10.84
C SER B 62 -10.10 -9.67 -10.18
N ILE B 63 -10.36 -9.23 -8.96
CA ILE B 63 -9.39 -8.48 -8.19
C ILE B 63 -8.35 -9.41 -7.56
N ASN B 64 -7.11 -9.07 -7.79
CA ASN B 64 -5.96 -9.83 -7.33
C ASN B 64 -5.55 -9.30 -5.95
N ARG B 65 -5.41 -7.99 -5.87
CA ARG B 65 -4.97 -7.29 -4.66
C ARG B 65 -5.49 -5.88 -4.72
N ILE B 66 -5.48 -5.16 -3.62
CA ILE B 66 -5.82 -3.76 -3.59
C ILE B 66 -5.01 -3.09 -2.50
N THR B 67 -4.61 -1.89 -2.73
CA THR B 67 -3.85 -1.11 -1.78
C THR B 67 -4.59 0.19 -1.58
N ILE B 68 -4.82 0.59 -0.36
CA ILE B 68 -5.55 1.81 -0.11
C ILE B 68 -4.72 2.60 0.85
N LEU B 69 -4.31 3.76 0.48
CA LEU B 69 -3.56 4.58 1.39
C LEU B 69 -4.22 5.91 1.64
N CYS B 70 -4.28 6.28 2.88
CA CYS B 70 -4.85 7.51 3.28
C CYS B 70 -3.77 8.36 3.94
N ASP B 71 -3.59 9.55 3.45
CA ASP B 71 -2.59 10.45 4.03
C ASP B 71 -3.31 11.49 4.80
N LYS B 72 -2.95 11.68 6.04
CA LYS B 72 -3.63 12.63 6.86
C LYS B 72 -2.61 13.59 7.49
N PHE B 73 -1.38 13.67 6.94
CA PHE B 73 -0.40 14.55 7.55
C PHE B 73 -0.72 16.01 7.37
N SER B 74 -1.61 16.29 6.45
CA SER B 74 -2.04 17.63 6.21
C SER B 74 -3.34 17.92 7.00
N GLY B 75 -3.63 17.09 7.99
CA GLY B 75 -4.77 17.32 8.82
C GLY B 75 -5.98 16.60 8.33
N HIS B 76 -6.41 16.95 7.17
CA HIS B 76 -7.54 16.29 6.59
C HIS B 76 -7.09 15.21 5.63
N PRO B 77 -7.56 13.98 5.84
CA PRO B 77 -7.08 12.81 5.12
C PRO B 77 -7.55 12.71 3.68
N LYS B 78 -6.61 12.37 2.82
CA LYS B 78 -6.83 12.15 1.41
C LYS B 78 -6.62 10.70 1.15
N GLY B 79 -7.35 10.16 0.23
CA GLY B 79 -7.20 8.78 -0.06
C GLY B 79 -7.00 8.50 -1.51
N TYR B 80 -6.25 7.47 -1.75
CA TYR B 80 -6.04 6.93 -3.06
C TYR B 80 -5.75 5.46 -2.96
N ALA B 81 -6.23 4.72 -3.90
CA ALA B 81 -6.17 3.30 -3.83
C ALA B 81 -5.67 2.73 -5.13
N TYR B 82 -5.05 1.62 -5.05
CA TYR B 82 -4.57 0.93 -6.19
C TYR B 82 -5.16 -0.43 -6.23
N ILE B 83 -5.93 -0.69 -7.25
CA ILE B 83 -6.58 -1.96 -7.39
C ILE B 83 -5.74 -2.80 -8.35
N GLU B 84 -5.38 -3.97 -7.96
CA GLU B 84 -4.63 -4.81 -8.83
C GLU B 84 -5.48 -6.00 -9.23
N PHE B 85 -5.63 -6.22 -10.51
CA PHE B 85 -6.47 -7.28 -11.00
C PHE B 85 -5.69 -8.50 -11.39
N ALA B 86 -6.39 -9.60 -11.50
CA ALA B 86 -5.80 -10.85 -11.94
C ALA B 86 -5.61 -10.86 -13.45
N GLU B 87 -6.47 -10.15 -14.17
CA GLU B 87 -6.43 -10.18 -15.63
C GLU B 87 -6.25 -8.78 -16.25
N ARG B 88 -5.59 -8.73 -17.43
CA ARG B 88 -5.43 -7.48 -18.20
C ARG B 88 -6.76 -6.94 -18.64
N ASN B 89 -7.66 -7.82 -18.93
CA ASN B 89 -9.01 -7.46 -19.33
C ASN B 89 -9.73 -6.71 -18.22
N SER B 90 -9.41 -7.05 -16.98
CA SER B 90 -10.04 -6.41 -15.85
C SER B 90 -9.55 -4.96 -15.71
N VAL B 91 -8.25 -4.73 -15.89
CA VAL B 91 -7.71 -3.38 -15.83
C VAL B 91 -8.20 -2.54 -16.99
N ASP B 92 -8.28 -3.17 -18.16
CA ASP B 92 -8.73 -2.48 -19.37
C ASP B 92 -10.20 -2.03 -19.18
N ALA B 93 -10.97 -2.85 -18.49
CA ALA B 93 -12.37 -2.54 -18.20
C ALA B 93 -12.49 -1.46 -17.12
N ALA B 94 -11.53 -1.44 -16.21
CA ALA B 94 -11.51 -0.51 -15.10
C ALA B 94 -11.11 0.89 -15.55
N VAL B 95 -10.06 0.95 -16.38
CA VAL B 95 -9.59 2.22 -16.94
C VAL B 95 -10.67 2.92 -17.76
N ALA B 96 -11.66 2.16 -18.24
CA ALA B 96 -12.79 2.72 -18.97
C ALA B 96 -13.66 3.60 -18.06
N MET B 97 -13.45 3.46 -16.75
CA MET B 97 -14.15 4.23 -15.75
C MET B 97 -13.27 5.36 -15.26
N ASP B 98 -12.16 5.61 -15.99
CA ASP B 98 -11.11 6.59 -15.59
C ASP B 98 -11.61 7.83 -14.90
N GLU B 99 -12.55 8.53 -15.42
CA GLU B 99 -12.95 9.73 -14.73
C GLU B 99 -14.47 9.75 -14.55
N THR B 100 -15.01 8.58 -14.23
CA THR B 100 -16.43 8.43 -13.93
C THR B 100 -16.77 8.96 -12.53
N VAL B 101 -18.00 8.75 -12.10
CA VAL B 101 -18.44 9.24 -10.83
C VAL B 101 -18.68 8.07 -9.86
N PHE B 102 -18.22 8.23 -8.63
CA PHE B 102 -18.39 7.24 -7.59
C PHE B 102 -18.76 7.92 -6.27
N ARG B 103 -19.83 7.43 -5.65
CA ARG B 103 -20.36 7.94 -4.37
C ARG B 103 -20.53 9.49 -4.36
N GLY B 104 -20.85 10.01 -5.52
CA GLY B 104 -21.18 11.42 -5.63
C GLY B 104 -20.02 12.31 -6.05
N ARG B 105 -18.87 11.73 -6.33
CA ARG B 105 -17.73 12.54 -6.80
C ARG B 105 -17.05 11.89 -7.98
N THR B 106 -16.34 12.68 -8.73
CA THR B 106 -15.63 12.18 -9.88
C THR B 106 -14.27 11.65 -9.44
N ILE B 107 -14.03 10.38 -9.69
CA ILE B 107 -12.77 9.75 -9.33
C ILE B 107 -11.91 9.60 -10.57
N LYS B 108 -10.67 9.19 -10.40
CA LYS B 108 -9.80 9.02 -11.55
C LYS B 108 -9.14 7.64 -11.43
N VAL B 109 -9.16 6.88 -12.51
CA VAL B 109 -8.58 5.56 -12.56
C VAL B 109 -7.51 5.54 -13.67
N LEU B 110 -6.33 5.05 -13.37
CA LEU B 110 -5.22 4.96 -14.33
C LEU B 110 -4.54 3.60 -14.18
N PRO B 111 -3.74 3.15 -15.15
CA PRO B 111 -2.94 1.91 -15.02
C PRO B 111 -1.73 2.14 -14.07
N LYS B 112 -1.30 1.10 -13.33
CA LYS B 112 -0.27 1.26 -12.28
C LYS B 112 0.40 -0.12 -11.99
N ARG B 113 1.26 -0.18 -10.96
CA ARG B 113 1.91 -1.44 -10.51
C ARG B 113 2.27 -1.36 -9.03
N THR B 114 1.88 -2.32 -8.23
CA THR B 114 2.30 -2.28 -6.85
C THR B 114 3.30 -3.40 -6.54
N ASN B 115 2.79 -4.61 -6.25
CA ASN B 115 3.60 -5.80 -5.85
C ASN B 115 2.71 -6.98 -5.60
N MET B 116 3.27 -7.98 -4.95
CA MET B 116 2.58 -9.17 -4.48
C MET B 116 3.38 -9.67 -3.28
N PRO B 117 2.79 -10.45 -2.37
CA PRO B 117 3.45 -10.84 -1.15
C PRO B 117 4.18 -12.18 -1.24
N GLY B 118 4.47 -12.70 -0.08
CA GLY B 118 5.16 -13.95 0.08
C GLY B 118 4.92 -14.41 1.48
N ILE B 119 5.69 -15.37 1.95
CA ILE B 119 5.50 -15.88 3.30
C ILE B 119 5.75 -14.82 4.38
N SER B 120 4.68 -14.39 4.98
CA SER B 120 4.73 -13.47 6.06
C SER B 120 4.74 -14.25 7.36
N SER B 121 5.78 -14.09 8.12
CA SER B 121 5.97 -14.80 9.35
C SER B 121 5.00 -14.37 10.45
N THR B 122 4.05 -15.22 10.71
CA THR B 122 3.04 -15.03 11.73
C THR B 122 2.80 -16.42 12.36
N ASP B 123 3.84 -17.23 12.31
CA ASP B 123 3.84 -18.60 12.76
C ASP B 123 3.73 -18.69 14.27
N ARG B 124 3.24 -19.82 14.73
CA ARG B 124 3.08 -20.08 16.13
C ARG B 124 3.87 -21.33 16.47
N ALA A 1 -14.92 -12.78 37.40
CA ALA A 1 -13.92 -13.67 36.85
C ALA A 1 -13.15 -12.96 35.77
N ILE A 2 -11.85 -13.12 35.76
CA ILE A 2 -11.04 -12.50 34.77
C ILE A 2 -10.25 -13.50 33.95
N ALA A 3 -10.36 -13.36 32.65
CA ALA A 3 -9.63 -14.20 31.75
C ALA A 3 -8.94 -13.36 30.70
N PRO A 4 -7.67 -12.99 30.96
CA PRO A 4 -6.88 -12.20 30.03
C PRO A 4 -6.53 -13.00 28.79
N CYS A 5 -7.05 -12.60 27.66
CA CYS A 5 -6.75 -13.27 26.42
C CYS A 5 -5.54 -12.63 25.75
N MET A 6 -4.39 -13.29 25.86
CA MET A 6 -3.17 -12.77 25.28
C MET A 6 -2.06 -13.83 25.29
N GLN A 7 -1.25 -13.81 24.28
CA GLN A 7 -0.11 -14.69 24.17
C GLN A 7 0.98 -13.90 23.47
N THR A 8 2.24 -14.20 23.71
CA THR A 8 3.25 -13.42 23.10
C THR A 8 4.53 -14.22 22.75
N THR A 9 5.09 -13.85 21.61
CA THR A 9 6.29 -14.38 21.04
C THR A 9 7.05 -13.18 20.43
N HIS A 10 8.17 -13.42 19.79
CA HIS A 10 8.89 -12.34 19.12
C HIS A 10 9.61 -12.85 17.89
N SER A 11 9.18 -12.42 16.74
CA SER A 11 9.73 -12.88 15.50
C SER A 11 10.90 -12.01 15.04
N LYS A 12 10.62 -10.99 14.27
CA LYS A 12 11.65 -10.10 13.76
C LYS A 12 11.02 -8.84 13.26
N MET A 13 11.79 -7.80 13.23
CA MET A 13 11.35 -6.51 12.73
C MET A 13 12.42 -5.96 11.80
N THR A 14 12.25 -6.19 10.51
CA THR A 14 13.26 -5.83 9.54
C THR A 14 12.67 -5.59 8.15
N ALA A 15 13.20 -4.56 7.47
CA ALA A 15 13.00 -4.31 6.03
C ALA A 15 11.60 -3.80 5.63
N GLY A 16 11.44 -3.68 4.32
CA GLY A 16 10.21 -3.25 3.74
C GLY A 16 10.35 -1.92 3.06
N ALA A 17 10.17 -1.91 1.74
CA ALA A 17 10.18 -0.69 0.97
C ALA A 17 8.79 -0.07 0.96
N TYR A 18 8.60 1.00 0.22
CA TYR A 18 7.34 1.70 0.24
C TYR A 18 7.04 2.34 -1.12
N THR A 19 5.88 2.04 -1.67
CA THR A 19 5.44 2.57 -2.97
C THR A 19 4.42 3.71 -2.77
N GLU A 20 4.32 4.64 -3.75
CA GLU A 20 3.39 5.78 -3.67
C GLU A 20 2.56 5.88 -4.98
N GLY A 21 3.21 6.32 -6.06
CA GLY A 21 2.58 6.42 -7.37
C GLY A 21 2.56 7.83 -7.90
N PRO A 22 1.45 8.22 -8.57
CA PRO A 22 1.25 9.56 -9.15
C PRO A 22 1.48 10.78 -8.19
N PRO A 23 0.99 10.76 -6.86
CA PRO A 23 1.15 11.89 -5.91
C PRO A 23 2.54 12.52 -5.94
N GLN A 24 2.57 13.84 -5.79
CA GLN A 24 3.81 14.59 -5.79
C GLN A 24 4.78 14.04 -4.77
N PRO A 25 6.03 13.88 -5.16
CA PRO A 25 7.04 13.27 -4.33
C PRO A 25 7.55 14.20 -3.22
N LEU A 26 8.52 13.70 -2.51
CA LEU A 26 9.15 14.39 -1.43
C LEU A 26 10.63 14.03 -1.39
N SER A 27 11.41 14.78 -0.67
CA SER A 27 12.85 14.60 -0.69
C SER A 27 13.30 13.46 0.24
N ALA A 28 14.55 13.00 0.05
CA ALA A 28 15.14 11.91 0.82
C ALA A 28 14.96 12.10 2.32
N GLU A 29 15.23 13.31 2.81
CA GLU A 29 15.10 13.59 4.24
C GLU A 29 13.67 13.46 4.74
N GLU A 30 12.70 13.77 3.90
CA GLU A 30 11.30 13.56 4.25
C GLU A 30 11.04 12.09 4.40
N LYS A 31 11.67 11.30 3.56
CA LYS A 31 11.50 9.87 3.57
C LYS A 31 12.09 9.31 4.82
N LYS A 32 13.30 9.77 5.16
CA LYS A 32 14.03 9.32 6.34
C LYS A 32 13.15 9.48 7.57
N GLU A 33 12.54 10.64 7.71
CA GLU A 33 11.76 10.96 8.88
C GLU A 33 10.43 10.23 8.95
N ILE A 34 9.74 10.13 7.81
CA ILE A 34 8.44 9.46 7.77
C ILE A 34 8.57 7.96 7.96
N ASP A 35 9.67 7.41 7.47
CA ASP A 35 9.97 5.99 7.58
C ASP A 35 10.13 5.56 9.05
N LYS A 36 10.74 6.42 9.88
CA LYS A 36 11.03 6.07 11.30
C LYS A 36 9.77 6.00 12.12
N ARG A 37 8.71 6.56 11.60
CA ARG A 37 7.49 6.70 12.32
C ARG A 37 6.35 5.85 11.73
N SER A 38 6.73 4.88 10.90
CA SER A 38 5.77 3.95 10.31
C SER A 38 5.76 2.59 11.06
N VAL A 39 4.67 1.86 10.89
CA VAL A 39 4.50 0.52 11.44
C VAL A 39 3.81 -0.39 10.43
N TYR A 40 3.88 -1.65 10.67
CA TYR A 40 3.28 -2.69 9.88
C TYR A 40 2.30 -3.44 10.74
N VAL A 41 1.13 -3.57 10.27
CA VAL A 41 0.05 -4.27 10.94
C VAL A 41 -0.33 -5.47 10.08
N GLY A 42 -0.16 -6.65 10.58
CA GLY A 42 -0.48 -7.81 9.79
C GLY A 42 -1.64 -8.61 10.34
N ASN A 43 -2.00 -9.66 9.58
CA ASN A 43 -3.07 -10.64 9.91
C ASN A 43 -4.51 -10.03 9.89
N VAL A 44 -4.61 -8.81 9.41
CA VAL A 44 -5.92 -8.16 9.25
C VAL A 44 -6.47 -8.43 7.85
N ASP A 45 -7.44 -9.30 7.77
CA ASP A 45 -7.95 -9.77 6.49
C ASP A 45 -9.39 -9.34 6.40
N TYR A 46 -9.70 -8.27 5.63
CA TYR A 46 -11.07 -7.67 5.61
C TYR A 46 -11.66 -7.40 7.00
N GLY A 47 -12.90 -6.94 7.02
CA GLY A 47 -13.56 -6.64 8.27
C GLY A 47 -13.21 -5.27 8.78
N SER A 48 -11.93 -5.02 8.96
CA SER A 48 -11.47 -3.77 9.44
C SER A 48 -11.29 -2.79 8.27
N THR A 49 -11.60 -1.54 8.52
CA THR A 49 -11.49 -0.51 7.53
C THR A 49 -10.42 0.47 7.94
N ALA A 50 -10.17 1.49 7.11
CA ALA A 50 -9.20 2.52 7.43
C ALA A 50 -9.58 3.21 8.73
N GLN A 51 -10.87 3.50 8.86
CA GLN A 51 -11.42 4.12 10.07
C GLN A 51 -11.12 3.28 11.33
N ASP A 52 -11.31 1.96 11.23
CA ASP A 52 -11.03 1.04 12.36
C ASP A 52 -9.58 1.09 12.73
N LEU A 53 -8.75 1.12 11.72
CA LEU A 53 -7.33 1.12 11.89
C LEU A 53 -6.84 2.41 12.48
N GLU A 54 -7.29 3.55 11.94
CA GLU A 54 -6.88 4.83 12.44
C GLU A 54 -7.25 5.00 13.88
N ALA A 55 -8.49 4.73 14.20
CA ALA A 55 -9.00 4.90 15.56
C ALA A 55 -8.17 4.11 16.54
N HIS A 56 -7.92 2.90 16.19
CA HIS A 56 -7.24 1.97 17.05
C HIS A 56 -5.80 2.41 17.25
N PHE A 57 -5.18 2.90 16.20
CA PHE A 57 -3.84 3.41 16.27
C PHE A 57 -3.72 4.83 16.78
N SER A 58 -4.80 5.59 16.70
CA SER A 58 -4.82 6.98 17.16
C SER A 58 -4.60 7.02 18.65
N SER A 59 -5.02 5.97 19.32
CA SER A 59 -4.75 5.81 20.74
C SER A 59 -3.21 5.83 20.99
N CYS A 60 -2.44 5.46 19.97
CA CYS A 60 -0.99 5.45 20.04
C CYS A 60 -0.34 6.60 19.22
N GLY A 61 -1.14 7.48 18.61
CA GLY A 61 -0.52 8.52 17.78
C GLY A 61 -1.50 9.39 17.00
N SER A 62 -0.95 10.37 16.29
CA SER A 62 -1.76 11.27 15.47
C SER A 62 -2.18 10.60 14.14
N ILE A 63 -1.17 10.23 13.32
CA ILE A 63 -1.31 9.49 12.03
C ILE A 63 -1.24 10.41 10.80
N ASN A 64 -0.22 10.15 9.97
CA ASN A 64 -0.01 10.88 8.70
C ASN A 64 -0.54 10.11 7.52
N ARG A 65 -0.36 8.82 7.54
CA ARG A 65 -0.77 7.97 6.43
C ARG A 65 -1.08 6.61 6.96
N ILE A 66 -1.83 5.86 6.22
CA ILE A 66 -2.06 4.46 6.51
C ILE A 66 -2.26 3.76 5.17
N THR A 67 -1.79 2.57 5.08
CA THR A 67 -1.94 1.79 3.87
C THR A 67 -2.64 0.53 4.27
N ILE A 68 -3.57 0.05 3.52
CA ILE A 68 -4.19 -1.21 3.82
C ILE A 68 -4.14 -2.01 2.56
N LEU A 69 -3.45 -3.09 2.57
CA LEU A 69 -3.39 -3.92 1.39
C LEU A 69 -3.91 -5.30 1.67
N CYS A 70 -4.85 -5.72 0.90
CA CYS A 70 -5.50 -7.01 1.07
C CYS A 70 -5.20 -7.88 -0.13
N ASP A 71 -4.82 -9.14 0.08
CA ASP A 71 -4.52 -9.98 -1.07
C ASP A 71 -5.45 -11.18 -1.10
N LYS A 72 -6.08 -11.38 -2.22
CA LYS A 72 -7.01 -12.47 -2.39
C LYS A 72 -6.54 -13.34 -3.55
N PHE A 73 -5.29 -13.11 -3.98
CA PHE A 73 -4.75 -13.85 -5.11
C PHE A 73 -4.64 -15.35 -4.83
N SER A 74 -4.60 -15.70 -3.56
CA SER A 74 -4.53 -17.09 -3.13
C SER A 74 -5.95 -17.68 -2.93
N GLY A 75 -6.98 -16.91 -3.27
CA GLY A 75 -8.35 -17.40 -3.11
C GLY A 75 -9.07 -16.71 -1.98
N HIS A 76 -8.49 -16.78 -0.82
CA HIS A 76 -9.04 -16.10 0.34
C HIS A 76 -8.36 -14.78 0.54
N PRO A 77 -9.13 -13.73 0.83
CA PRO A 77 -8.57 -12.41 1.00
C PRO A 77 -7.94 -12.21 2.36
N LYS A 78 -6.68 -11.93 2.34
CA LYS A 78 -5.91 -11.61 3.51
C LYS A 78 -5.64 -10.14 3.52
N GLY A 79 -4.70 -9.72 4.31
CA GLY A 79 -4.38 -8.34 4.36
C GLY A 79 -3.38 -7.97 5.41
N TYR A 80 -2.84 -6.81 5.23
CA TYR A 80 -1.93 -6.19 6.12
C TYR A 80 -1.91 -4.70 5.86
N ALA A 81 -1.58 -3.93 6.84
CA ALA A 81 -1.68 -2.50 6.75
C ALA A 81 -0.45 -1.83 7.35
N TYR A 82 -0.14 -0.67 6.88
CA TYR A 82 0.94 0.12 7.46
C TYR A 82 0.39 1.40 7.98
N ILE A 83 0.72 1.73 9.19
CA ILE A 83 0.25 2.95 9.76
C ILE A 83 1.43 3.91 9.94
N GLU A 84 1.44 4.99 9.20
CA GLU A 84 2.49 5.98 9.36
C GLU A 84 2.04 7.09 10.29
N PHE A 85 2.77 7.26 11.36
CA PHE A 85 2.47 8.29 12.32
C PHE A 85 3.25 9.52 12.00
N ALA A 86 2.87 10.64 12.57
CA ALA A 86 3.61 11.87 12.42
C ALA A 86 4.72 11.93 13.43
N GLU A 87 4.60 11.11 14.45
CA GLU A 87 5.56 11.08 15.52
C GLU A 87 6.25 9.72 15.60
N ARG A 88 7.55 9.73 15.89
CA ARG A 88 8.36 8.53 15.99
C ARG A 88 8.02 7.83 17.34
N ASN A 89 7.64 8.61 18.32
CA ASN A 89 7.24 8.06 19.62
C ASN A 89 5.94 7.28 19.50
N SER A 90 5.15 7.60 18.50
CA SER A 90 3.89 6.95 18.26
C SER A 90 4.06 5.53 17.76
N VAL A 91 5.07 5.30 16.92
CA VAL A 91 5.37 3.94 16.50
C VAL A 91 5.85 3.14 17.68
N ASP A 92 6.63 3.78 18.55
CA ASP A 92 7.10 3.17 19.78
C ASP A 92 5.89 2.75 20.66
N ALA A 93 4.85 3.56 20.65
CA ALA A 93 3.62 3.27 21.39
C ALA A 93 2.81 2.17 20.68
N ALA A 94 2.90 2.12 19.37
CA ALA A 94 2.15 1.16 18.57
C ALA A 94 2.77 -0.23 18.65
N VAL A 95 4.09 -0.29 18.62
CA VAL A 95 4.83 -1.56 18.73
C VAL A 95 4.57 -2.28 20.05
N ALA A 96 4.15 -1.53 21.06
CA ALA A 96 3.80 -2.11 22.36
C ALA A 96 2.51 -2.93 22.25
N MET A 97 1.85 -2.80 21.13
CA MET A 97 0.60 -3.47 20.87
C MET A 97 0.84 -4.51 19.79
N ASP A 98 2.16 -4.71 19.43
CA ASP A 98 2.60 -5.63 18.35
C ASP A 98 1.92 -6.94 18.36
N GLU A 99 1.77 -7.55 19.47
CA GLU A 99 1.12 -8.77 19.49
C GLU A 99 -0.08 -8.71 20.43
N THR A 100 -1.20 -8.52 19.81
CA THR A 100 -2.46 -8.33 20.49
C THR A 100 -3.57 -9.05 19.76
N VAL A 101 -4.74 -9.07 20.33
CA VAL A 101 -5.84 -9.73 19.74
C VAL A 101 -6.89 -8.70 19.31
N PHE A 102 -7.04 -8.59 18.02
CA PHE A 102 -7.88 -7.63 17.39
C PHE A 102 -8.89 -8.39 16.55
N ARG A 103 -10.16 -8.11 16.76
CA ARG A 103 -11.27 -8.76 16.01
C ARG A 103 -11.20 -10.30 16.23
N GLY A 104 -10.77 -10.68 17.42
CA GLY A 104 -10.69 -12.10 17.78
C GLY A 104 -9.47 -12.83 17.22
N ARG A 105 -8.63 -12.12 16.51
CA ARG A 105 -7.44 -12.71 15.92
C ARG A 105 -6.20 -11.93 16.34
N THR A 106 -5.08 -12.57 16.35
CA THR A 106 -3.86 -11.93 16.78
C THR A 106 -3.30 -11.08 15.62
N ILE A 107 -3.18 -9.79 15.82
CA ILE A 107 -2.57 -8.98 14.80
C ILE A 107 -1.16 -8.65 15.19
N LYS A 108 -0.37 -8.30 14.22
CA LYS A 108 1.05 -8.14 14.42
C LYS A 108 1.46 -6.75 14.01
N VAL A 109 2.17 -6.07 14.86
CA VAL A 109 2.63 -4.74 14.55
C VAL A 109 4.15 -4.74 14.55
N LEU A 110 4.74 -4.25 13.51
CA LEU A 110 6.19 -4.17 13.40
C LEU A 110 6.56 -2.77 13.10
N PRO A 111 7.64 -2.27 13.67
CA PRO A 111 8.10 -0.94 13.38
C PRO A 111 8.79 -0.87 12.03
N LYS A 112 8.50 0.15 11.31
CA LYS A 112 9.20 0.45 10.13
C LYS A 112 10.19 1.49 10.54
N ARG A 113 11.46 1.19 10.36
CA ARG A 113 12.57 2.01 10.81
C ARG A 113 13.79 1.16 10.71
N THR A 114 13.60 -0.08 11.04
CA THR A 114 14.64 -1.04 11.02
C THR A 114 14.70 -1.74 9.68
N ASN A 115 15.61 -1.30 8.89
CA ASN A 115 15.85 -1.88 7.61
C ASN A 115 16.72 -3.10 7.84
N MET A 116 17.43 -3.05 8.95
CA MET A 116 18.24 -4.12 9.47
C MET A 116 18.09 -4.08 10.99
N PRO A 117 18.13 -5.23 11.68
CA PRO A 117 17.92 -5.28 13.13
C PRO A 117 19.03 -4.57 13.91
N GLY A 118 18.66 -3.84 14.95
CA GLY A 118 19.63 -3.14 15.76
C GLY A 118 19.99 -1.80 15.19
N ILE A 119 20.67 -1.81 14.08
CA ILE A 119 21.10 -0.61 13.41
C ILE A 119 20.88 -0.78 11.91
N SER A 120 20.49 0.26 11.25
CA SER A 120 20.23 0.20 9.85
C SER A 120 21.13 1.14 9.06
N SER A 121 22.12 0.58 8.43
CA SER A 121 22.97 1.32 7.55
C SER A 121 22.61 0.88 6.13
N THR A 122 21.96 1.76 5.40
CA THR A 122 21.45 1.47 4.07
C THR A 122 22.61 1.18 3.09
N ASP A 123 22.37 0.26 2.16
CA ASP A 123 23.37 -0.13 1.17
C ASP A 123 23.73 1.01 0.26
N ARG A 124 25.01 1.21 0.14
CA ARG A 124 25.59 2.27 -0.67
C ARG A 124 26.00 1.74 -2.05
N ALA B 1 10.61 -9.94 -32.83
CA ALA B 1 11.80 -9.73 -32.03
C ALA B 1 11.63 -8.49 -31.15
N ILE B 2 11.49 -8.72 -29.88
CA ILE B 2 11.29 -7.67 -28.90
C ILE B 2 12.57 -7.49 -28.08
N ALA B 3 13.13 -6.32 -28.08
CA ALA B 3 14.32 -6.05 -27.31
C ALA B 3 13.90 -5.69 -25.88
N PRO B 4 14.29 -6.53 -24.90
CA PRO B 4 13.92 -6.33 -23.49
C PRO B 4 14.58 -5.09 -22.89
N CYS B 5 13.79 -4.09 -22.64
CA CYS B 5 14.26 -2.86 -22.04
C CYS B 5 13.10 -2.21 -21.32
N MET B 6 13.32 -1.76 -20.13
CA MET B 6 12.27 -1.17 -19.35
C MET B 6 12.27 0.33 -19.50
N GLN B 7 11.46 0.83 -20.39
CA GLN B 7 11.38 2.27 -20.57
C GLN B 7 10.47 2.88 -19.51
N THR B 8 11.03 2.96 -18.34
CA THR B 8 10.41 3.50 -17.17
C THR B 8 11.51 3.67 -16.10
N THR B 9 12.20 4.79 -16.19
CA THR B 9 13.31 5.09 -15.34
C THR B 9 12.91 6.04 -14.22
N HIS B 10 13.80 6.22 -13.24
CA HIS B 10 13.55 7.04 -12.06
C HIS B 10 14.78 6.86 -11.18
N SER B 11 14.79 7.46 -10.00
CA SER B 11 15.84 7.21 -9.02
C SER B 11 15.82 5.72 -8.63
N LYS B 12 16.92 5.24 -8.08
CA LYS B 12 17.08 3.84 -7.74
C LYS B 12 16.06 3.31 -6.74
N MET B 13 15.09 2.57 -7.23
CA MET B 13 14.19 1.84 -6.37
C MET B 13 14.46 0.36 -6.50
N THR B 14 15.52 -0.06 -5.87
CA THR B 14 15.93 -1.43 -5.89
C THR B 14 15.65 -2.06 -4.52
N ALA B 15 14.72 -2.98 -4.49
CA ALA B 15 14.33 -3.68 -3.29
C ALA B 15 13.63 -4.95 -3.70
N GLY B 16 13.58 -5.91 -2.79
CA GLY B 16 12.93 -7.16 -3.08
C GLY B 16 11.45 -7.06 -2.86
N ALA B 17 11.08 -6.46 -1.76
CA ALA B 17 9.71 -6.23 -1.42
C ALA B 17 9.40 -4.77 -1.62
N TYR B 18 8.82 -4.47 -2.78
CA TYR B 18 8.47 -3.11 -3.22
C TYR B 18 7.64 -2.27 -2.22
N THR B 19 6.90 -2.93 -1.34
CA THR B 19 6.12 -2.23 -0.33
C THR B 19 5.51 -3.24 0.66
N GLU B 20 5.56 -4.51 0.28
CA GLU B 20 5.01 -5.62 1.05
C GLU B 20 5.60 -5.68 2.48
N GLY B 21 6.91 -5.69 2.60
CA GLY B 21 7.53 -5.65 3.91
C GLY B 21 8.08 -6.98 4.35
N PRO B 22 7.56 -7.50 5.49
CA PRO B 22 7.99 -8.80 6.06
C PRO B 22 7.94 -10.02 5.07
N PRO B 23 6.86 -10.20 4.22
CA PRO B 23 6.82 -11.30 3.24
C PRO B 23 8.05 -11.30 2.32
N GLN B 24 8.45 -12.48 1.94
CA GLN B 24 9.61 -12.68 1.12
C GLN B 24 9.36 -12.19 -0.32
N PRO B 25 10.41 -11.73 -1.02
CA PRO B 25 10.30 -11.23 -2.38
C PRO B 25 9.95 -12.33 -3.36
N LEU B 26 8.83 -12.17 -4.00
CA LEU B 26 8.39 -13.08 -5.02
C LEU B 26 9.15 -12.83 -6.34
N SER B 27 9.03 -13.73 -7.29
CA SER B 27 9.82 -13.67 -8.51
C SER B 27 9.46 -12.48 -9.41
N ALA B 28 10.48 -11.99 -10.10
CA ALA B 28 10.38 -10.89 -11.05
C ALA B 28 9.25 -11.10 -12.03
N GLU B 29 9.13 -12.31 -12.58
CA GLU B 29 8.08 -12.58 -13.57
C GLU B 29 6.67 -12.45 -13.00
N GLU B 30 6.49 -12.84 -11.76
CA GLU B 30 5.20 -12.64 -11.09
C GLU B 30 4.92 -11.16 -10.97
N LYS B 31 5.96 -10.37 -10.75
CA LYS B 31 5.83 -8.95 -10.60
C LYS B 31 5.43 -8.34 -11.92
N LYS B 32 6.08 -8.79 -13.00
CA LYS B 32 5.81 -8.32 -14.37
C LYS B 32 4.32 -8.49 -14.70
N GLU B 33 3.80 -9.67 -14.40
CA GLU B 33 2.43 -10.05 -14.73
C GLU B 33 1.41 -9.28 -13.89
N ILE B 34 1.64 -9.21 -12.59
CA ILE B 34 0.68 -8.57 -11.68
C ILE B 34 0.62 -7.06 -11.89
N ASP B 35 1.77 -6.48 -12.21
CA ASP B 35 1.91 -5.03 -12.41
C ASP B 35 1.07 -4.53 -13.58
N LYS B 36 1.11 -5.27 -14.69
CA LYS B 36 0.35 -4.90 -15.90
C LYS B 36 -1.15 -5.04 -15.72
N ARG B 37 -1.55 -5.65 -14.63
CA ARG B 37 -2.96 -5.90 -14.35
C ARG B 37 -3.47 -4.98 -13.25
N SER B 38 -2.68 -4.02 -12.86
CA SER B 38 -3.02 -3.13 -11.76
C SER B 38 -3.53 -1.73 -12.20
N VAL B 39 -4.19 -1.04 -11.25
CA VAL B 39 -4.70 0.35 -11.43
C VAL B 39 -4.52 1.18 -10.16
N TYR B 40 -4.65 2.46 -10.33
CA TYR B 40 -4.57 3.48 -9.29
C TYR B 40 -5.88 4.21 -9.24
N VAL B 41 -6.42 4.34 -8.09
CA VAL B 41 -7.66 5.03 -7.85
C VAL B 41 -7.40 6.19 -6.92
N GLY B 42 -7.63 7.38 -7.37
CA GLY B 42 -7.42 8.52 -6.53
C GLY B 42 -8.72 9.11 -6.03
N ASN B 43 -8.62 9.98 -5.03
CA ASN B 43 -9.74 10.68 -4.37
C ASN B 43 -10.69 9.73 -3.58
N VAL B 44 -10.21 8.54 -3.23
CA VAL B 44 -11.04 7.63 -2.43
C VAL B 44 -11.30 8.23 -1.06
N ASP B 45 -12.56 8.19 -0.65
CA ASP B 45 -12.96 8.74 0.62
C ASP B 45 -12.44 7.87 1.70
N TYR B 46 -11.99 8.48 2.79
CA TYR B 46 -11.40 7.76 3.92
C TYR B 46 -12.43 6.71 4.46
N GLY B 47 -13.71 7.01 4.28
CA GLY B 47 -14.74 6.15 4.75
C GLY B 47 -15.14 5.11 3.74
N SER B 48 -14.51 5.08 2.56
CA SER B 48 -14.82 4.05 1.61
C SER B 48 -14.10 2.79 2.04
N THR B 49 -14.77 1.69 2.00
CA THR B 49 -14.15 0.50 2.47
C THR B 49 -13.53 -0.25 1.32
N ALA B 50 -12.76 -1.26 1.65
CA ALA B 50 -12.18 -2.16 0.69
C ALA B 50 -13.33 -2.84 -0.08
N GLN B 51 -14.40 -3.17 0.66
CA GLN B 51 -15.62 -3.78 0.11
C GLN B 51 -16.23 -2.89 -0.99
N ASP B 52 -16.35 -1.58 -0.71
CA ASP B 52 -16.89 -0.61 -1.70
C ASP B 52 -16.05 -0.64 -2.95
N LEU B 53 -14.76 -0.58 -2.75
CA LEU B 53 -13.81 -0.55 -3.83
C LEU B 53 -13.83 -1.82 -4.64
N GLU B 54 -13.79 -2.96 -3.96
CA GLU B 54 -13.79 -4.24 -4.64
C GLU B 54 -15.03 -4.41 -5.49
N ALA B 55 -16.19 -4.18 -4.90
CA ALA B 55 -17.46 -4.36 -5.60
C ALA B 55 -17.51 -3.50 -6.85
N HIS B 56 -17.09 -2.28 -6.69
CA HIS B 56 -17.18 -1.29 -7.76
C HIS B 56 -16.24 -1.68 -8.91
N PHE B 57 -15.07 -2.19 -8.56
CA PHE B 57 -14.12 -2.65 -9.54
C PHE B 57 -14.37 -4.06 -10.06
N SER B 58 -15.11 -4.85 -9.29
CA SER B 58 -15.42 -6.24 -9.67
C SER B 58 -16.25 -6.25 -10.93
N SER B 59 -17.02 -5.19 -11.12
CA SER B 59 -17.77 -5.01 -12.34
C SER B 59 -16.82 -5.01 -13.58
N CYS B 60 -15.58 -4.57 -13.38
CA CYS B 60 -14.58 -4.49 -14.43
C CYS B 60 -13.64 -5.72 -14.49
N GLY B 61 -13.85 -6.72 -13.65
CA GLY B 61 -12.97 -7.89 -13.70
C GLY B 61 -12.70 -8.55 -12.36
N SER B 62 -11.73 -9.47 -12.37
CA SER B 62 -11.35 -10.24 -11.19
C SER B 62 -10.20 -9.57 -10.45
N ILE B 63 -10.38 -9.37 -9.18
CA ILE B 63 -9.42 -8.70 -8.32
C ILE B 63 -8.53 -9.67 -7.52
N ASN B 64 -7.21 -9.42 -7.54
CA ASN B 64 -6.20 -10.18 -6.78
C ASN B 64 -5.78 -9.47 -5.52
N ARG B 65 -5.66 -8.18 -5.59
CA ARG B 65 -5.23 -7.38 -4.45
C ARG B 65 -5.80 -6.01 -4.56
N ILE B 66 -5.85 -5.31 -3.46
CA ILE B 66 -6.23 -3.91 -3.46
C ILE B 66 -5.47 -3.25 -2.34
N THR B 67 -5.08 -2.04 -2.53
CA THR B 67 -4.39 -1.30 -1.53
C THR B 67 -5.19 -0.04 -1.32
N ILE B 68 -5.34 0.41 -0.12
CA ILE B 68 -6.02 1.65 0.12
C ILE B 68 -5.13 2.43 1.03
N LEU B 69 -4.68 3.55 0.60
CA LEU B 69 -3.86 4.38 1.45
C LEU B 69 -4.46 5.74 1.66
N CYS B 70 -4.63 6.11 2.89
CA CYS B 70 -5.25 7.36 3.24
C CYS B 70 -4.25 8.23 3.96
N ASP B 71 -4.13 9.51 3.59
CA ASP B 71 -3.17 10.35 4.27
C ASP B 71 -3.84 11.55 4.90
N LYS B 72 -3.48 11.79 6.12
CA LYS B 72 -3.96 12.91 6.89
C LYS B 72 -2.76 13.79 7.19
N PHE B 73 -1.72 13.54 6.41
CA PHE B 73 -0.41 14.20 6.46
C PHE B 73 -0.52 15.74 6.59
N SER B 74 -1.51 16.31 5.98
CA SER B 74 -1.71 17.73 6.00
C SER B 74 -3.02 18.12 6.74
N GLY B 75 -3.47 17.28 7.66
CA GLY B 75 -4.65 17.62 8.46
C GLY B 75 -5.90 16.89 8.04
N HIS B 76 -6.31 17.11 6.81
CA HIS B 76 -7.54 16.52 6.29
C HIS B 76 -7.28 15.12 5.78
N PRO B 77 -8.19 14.18 5.97
CA PRO B 77 -7.97 12.83 5.53
C PRO B 77 -8.22 12.67 4.03
N LYS B 78 -7.20 12.30 3.29
CA LYS B 78 -7.32 12.02 1.89
C LYS B 78 -7.09 10.55 1.67
N GLY B 79 -6.90 10.17 0.43
CA GLY B 79 -6.66 8.80 0.16
C GLY B 79 -6.64 8.47 -1.31
N TYR B 80 -6.03 7.35 -1.59
CA TYR B 80 -5.93 6.77 -2.90
C TYR B 80 -5.74 5.27 -2.76
N ALA B 81 -6.17 4.53 -3.73
CA ALA B 81 -6.16 3.09 -3.64
C ALA B 81 -5.67 2.47 -4.94
N TYR B 82 -5.13 1.30 -4.86
CA TYR B 82 -4.71 0.56 -6.03
C TYR B 82 -5.44 -0.74 -6.11
N ILE B 83 -6.06 -1.00 -7.22
CA ILE B 83 -6.79 -2.23 -7.40
C ILE B 83 -5.99 -3.10 -8.36
N GLU B 84 -5.56 -4.24 -7.92
CA GLU B 84 -4.80 -5.13 -8.74
C GLU B 84 -5.65 -6.30 -9.18
N PHE B 85 -5.80 -6.44 -10.47
CA PHE B 85 -6.66 -7.45 -11.04
C PHE B 85 -5.89 -8.69 -11.44
N ALA B 86 -6.63 -9.76 -11.61
CA ALA B 86 -6.10 -11.02 -12.09
C ALA B 86 -5.92 -10.99 -13.59
N GLU B 87 -6.76 -10.27 -14.29
CA GLU B 87 -6.64 -10.19 -15.72
C GLU B 87 -6.16 -8.77 -16.13
N ARG B 88 -5.37 -8.71 -17.20
CA ARG B 88 -4.83 -7.45 -17.71
C ARG B 88 -5.97 -6.71 -18.43
N ASN B 89 -6.95 -7.43 -18.92
CA ASN B 89 -8.08 -6.78 -19.56
C ASN B 89 -8.97 -6.12 -18.54
N SER B 90 -8.87 -6.53 -17.29
CA SER B 90 -9.68 -5.96 -16.23
C SER B 90 -9.23 -4.51 -15.95
N VAL B 91 -7.93 -4.26 -16.01
CA VAL B 91 -7.43 -2.88 -15.86
C VAL B 91 -7.86 -2.05 -17.02
N ASP B 92 -7.84 -2.64 -18.21
CA ASP B 92 -8.32 -1.98 -19.42
C ASP B 92 -9.81 -1.58 -19.27
N ALA B 93 -10.57 -2.42 -18.61
CA ALA B 93 -11.97 -2.16 -18.32
C ALA B 93 -12.13 -1.11 -17.20
N ALA B 94 -11.17 -1.10 -16.28
CA ALA B 94 -11.21 -0.19 -15.13
C ALA B 94 -10.82 1.22 -15.55
N VAL B 95 -9.79 1.35 -16.38
CA VAL B 95 -9.35 2.65 -16.91
C VAL B 95 -10.46 3.39 -17.66
N ALA B 96 -11.46 2.66 -18.13
CA ALA B 96 -12.62 3.26 -18.79
C ALA B 96 -13.45 4.09 -17.78
N MET B 97 -13.20 3.85 -16.50
CA MET B 97 -13.83 4.59 -15.40
C MET B 97 -12.91 5.67 -14.86
N ASP B 98 -11.88 6.01 -15.66
CA ASP B 98 -10.90 7.06 -15.34
C ASP B 98 -11.45 8.26 -14.58
N GLU B 99 -12.51 8.88 -15.04
CA GLU B 99 -13.11 9.93 -14.26
C GLU B 99 -14.59 9.64 -13.99
N THR B 100 -14.82 8.59 -13.25
CA THR B 100 -16.15 8.22 -12.85
C THR B 100 -16.42 8.72 -11.41
N VAL B 101 -17.58 8.41 -10.91
CA VAL B 101 -17.96 8.81 -9.59
C VAL B 101 -17.98 7.59 -8.67
N PHE B 102 -17.41 7.74 -7.51
CA PHE B 102 -17.38 6.71 -6.53
C PHE B 102 -17.85 7.28 -5.20
N ARG B 103 -18.98 6.77 -4.72
CA ARG B 103 -19.64 7.19 -3.48
C ARG B 103 -19.83 8.72 -3.39
N GLY B 104 -20.02 9.33 -4.54
CA GLY B 104 -20.28 10.75 -4.61
C GLY B 104 -19.04 11.58 -4.90
N ARG B 105 -17.90 10.94 -4.94
CA ARG B 105 -16.66 11.62 -5.23
C ARG B 105 -16.15 11.20 -6.57
N THR B 106 -15.75 12.15 -7.36
CA THR B 106 -15.21 11.87 -8.65
C THR B 106 -13.79 11.33 -8.46
N ILE B 107 -13.54 10.14 -8.91
CA ILE B 107 -12.25 9.53 -8.74
C ILE B 107 -11.43 9.55 -10.02
N LYS B 108 -10.20 9.16 -9.88
CA LYS B 108 -9.26 9.10 -10.98
C LYS B 108 -8.69 7.69 -11.01
N VAL B 109 -8.77 7.05 -12.15
CA VAL B 109 -8.28 5.69 -12.29
C VAL B 109 -7.15 5.67 -13.31
N LEU B 110 -5.99 5.22 -12.91
CA LEU B 110 -4.83 5.15 -13.80
C LEU B 110 -4.36 3.72 -13.87
N PRO B 111 -3.88 3.27 -15.00
CA PRO B 111 -3.30 1.94 -15.11
C PRO B 111 -1.91 1.93 -14.47
N LYS B 112 -1.64 0.96 -13.62
CA LYS B 112 -0.35 0.91 -12.96
C LYS B 112 0.68 0.20 -13.78
N ARG B 113 1.85 0.80 -13.83
CA ARG B 113 3.00 0.21 -14.40
C ARG B 113 4.17 0.54 -13.49
N THR B 114 4.98 -0.42 -13.25
CA THR B 114 6.07 -0.31 -12.36
C THR B 114 7.19 0.50 -12.99
N ASN B 115 8.26 0.58 -12.30
CA ASN B 115 9.34 1.37 -12.68
C ASN B 115 10.60 0.65 -12.31
N MET B 116 11.54 0.64 -13.20
CA MET B 116 12.76 -0.08 -13.01
C MET B 116 13.84 0.54 -13.85
N PRO B 117 14.76 1.28 -13.24
CA PRO B 117 15.91 1.84 -13.94
C PRO B 117 16.78 0.73 -14.54
N GLY B 118 17.66 1.07 -15.45
CA GLY B 118 18.48 0.08 -16.10
C GLY B 118 19.68 -0.34 -15.27
N ILE B 119 19.38 -0.83 -14.05
CA ILE B 119 20.33 -1.34 -13.03
C ILE B 119 21.53 -0.41 -12.72
N SER B 120 22.34 -0.85 -11.81
CA SER B 120 23.55 -0.17 -11.46
C SER B 120 24.66 -1.19 -11.38
N SER B 121 25.66 -1.01 -12.20
CA SER B 121 26.76 -1.92 -12.27
C SER B 121 27.91 -1.24 -12.99
N THR B 122 29.05 -1.28 -12.40
CA THR B 122 30.22 -0.76 -12.99
C THR B 122 31.39 -1.65 -12.61
N ASP B 123 31.77 -2.50 -13.54
CA ASP B 123 32.86 -3.41 -13.30
C ASP B 123 34.16 -2.68 -13.53
N ARG B 124 35.17 -2.98 -12.77
CA ARG B 124 36.39 -2.25 -12.85
C ARG B 124 37.50 -3.25 -13.09
N ALA A 1 6.36 17.13 41.51
CA ALA A 1 6.97 17.37 40.21
C ALA A 1 6.12 18.30 39.38
N ILE A 2 6.54 19.52 39.27
CA ILE A 2 5.85 20.51 38.48
C ILE A 2 6.24 20.38 37.02
N ALA A 3 5.30 19.97 36.23
CA ALA A 3 5.48 19.82 34.81
C ALA A 3 4.18 20.15 34.12
N PRO A 4 4.19 21.07 33.16
CA PRO A 4 2.98 21.42 32.42
C PRO A 4 2.51 20.26 31.55
N CYS A 5 1.48 19.59 31.99
CA CYS A 5 0.96 18.46 31.29
C CYS A 5 -0.11 18.92 30.31
N MET A 6 0.23 18.92 29.06
CA MET A 6 -0.68 19.34 28.02
C MET A 6 -0.60 18.39 26.86
N GLN A 7 -1.71 18.17 26.19
CA GLN A 7 -1.73 17.34 25.02
C GLN A 7 -1.16 18.10 23.86
N THR A 8 0.06 17.81 23.54
CA THR A 8 0.74 18.46 22.48
C THR A 8 0.34 17.89 21.13
N THR A 9 -0.57 18.57 20.49
CA THR A 9 -1.08 18.21 19.20
C THR A 9 -1.81 19.41 18.58
N HIS A 10 -1.11 20.15 17.77
CA HIS A 10 -1.66 21.34 17.18
C HIS A 10 -2.25 21.01 15.82
N SER A 11 -3.48 21.47 15.61
CA SER A 11 -4.14 21.31 14.33
C SER A 11 -3.32 22.01 13.26
N LYS A 12 -2.70 21.24 12.42
CA LYS A 12 -1.85 21.78 11.39
C LYS A 12 -2.31 21.19 10.08
N MET A 13 -2.85 22.03 9.23
CA MET A 13 -3.42 21.60 7.98
C MET A 13 -2.83 22.36 6.82
N THR A 14 -2.64 21.67 5.74
CA THR A 14 -2.07 22.19 4.55
C THR A 14 -2.71 21.45 3.37
N ALA A 15 -2.82 22.06 2.22
CA ALA A 15 -3.33 21.35 1.07
C ALA A 15 -2.21 20.53 0.45
N GLY A 16 -2.06 19.32 0.96
CA GLY A 16 -1.05 18.43 0.45
C GLY A 16 -1.51 17.74 -0.80
N ALA A 17 -1.65 18.49 -1.85
CA ALA A 17 -2.12 17.99 -3.11
C ALA A 17 -1.27 18.60 -4.23
N TYR A 18 -1.79 18.53 -5.46
CA TYR A 18 -1.11 19.06 -6.66
C TYR A 18 0.18 18.29 -6.96
N THR A 19 -0.01 17.19 -7.66
CA THR A 19 0.97 16.18 -8.13
C THR A 19 0.20 14.86 -8.18
N GLU A 20 -0.07 14.34 -6.97
CA GLU A 20 -0.77 13.08 -6.71
C GLU A 20 -0.30 11.90 -7.61
N GLY A 21 -0.98 10.79 -7.46
CA GLY A 21 -0.72 9.65 -8.25
C GLY A 21 -0.26 8.61 -7.33
N PRO A 22 0.57 7.72 -7.78
CA PRO A 22 1.21 6.76 -6.91
C PRO A 22 1.92 7.37 -5.61
N PRO A 23 2.52 8.60 -5.65
CA PRO A 23 3.20 9.16 -4.51
C PRO A 23 2.52 10.29 -3.77
N GLN A 24 3.10 10.58 -2.66
CA GLN A 24 2.70 11.63 -1.80
C GLN A 24 3.77 12.70 -1.88
N PRO A 25 3.39 13.91 -2.29
CA PRO A 25 4.33 15.01 -2.47
C PRO A 25 4.81 15.57 -1.14
N LEU A 26 6.10 15.55 -0.98
CA LEU A 26 6.76 15.92 0.23
C LEU A 26 8.22 16.27 0.03
N SER A 27 8.84 16.71 1.08
CA SER A 27 10.23 17.05 1.07
C SER A 27 11.09 15.81 1.43
N ALA A 28 12.37 15.80 1.02
CA ALA A 28 13.32 14.71 1.33
C ALA A 28 13.37 14.39 2.82
N GLU A 29 13.42 15.40 3.64
CA GLU A 29 13.44 15.25 5.09
C GLU A 29 12.15 14.65 5.62
N GLU A 30 11.06 14.91 4.92
CA GLU A 30 9.77 14.34 5.28
C GLU A 30 9.88 12.84 5.10
N LYS A 31 10.67 12.45 4.08
CA LYS A 31 10.79 11.08 3.70
C LYS A 31 11.54 10.30 4.75
N LYS A 32 12.72 10.80 5.18
CA LYS A 32 13.51 10.05 6.18
C LYS A 32 12.72 9.82 7.44
N GLU A 33 11.96 10.80 7.85
CA GLU A 33 11.19 10.63 9.03
C GLU A 33 10.01 9.69 8.82
N ILE A 34 9.32 9.78 7.68
CA ILE A 34 8.15 8.89 7.43
C ILE A 34 8.59 7.45 7.31
N ASP A 35 9.81 7.22 6.75
CA ASP A 35 10.35 5.87 6.60
C ASP A 35 10.51 5.25 7.97
N LYS A 36 11.01 6.05 8.91
CA LYS A 36 11.24 5.59 10.27
C LYS A 36 9.96 5.55 11.11
N ARG A 37 8.99 6.36 10.75
CA ARG A 37 7.72 6.47 11.48
C ARG A 37 6.67 5.49 10.95
N SER A 38 7.09 4.56 10.14
CA SER A 38 6.19 3.61 9.55
C SER A 38 6.16 2.30 10.36
N VAL A 39 5.00 1.67 10.42
CA VAL A 39 4.83 0.41 11.11
C VAL A 39 4.17 -0.60 10.22
N TYR A 40 4.34 -1.83 10.59
CA TYR A 40 3.78 -2.96 9.93
C TYR A 40 2.74 -3.53 10.82
N VAL A 41 1.55 -3.59 10.35
CA VAL A 41 0.49 -4.23 11.02
C VAL A 41 -0.03 -5.31 10.13
N GLY A 42 0.21 -6.53 10.46
CA GLY A 42 -0.21 -7.58 9.59
C GLY A 42 -1.39 -8.35 10.13
N ASN A 43 -1.92 -9.23 9.27
CA ASN A 43 -3.12 -10.07 9.58
C ASN A 43 -4.36 -9.19 9.86
N VAL A 44 -4.40 -8.08 9.15
CA VAL A 44 -5.50 -7.11 9.27
C VAL A 44 -6.65 -7.42 8.26
N ASP A 45 -6.58 -8.60 7.73
CA ASP A 45 -7.47 -9.20 6.70
C ASP A 45 -8.96 -8.81 6.85
N TYR A 46 -9.46 -8.02 5.86
CA TYR A 46 -10.89 -7.63 5.68
C TYR A 46 -11.74 -7.04 6.81
N GLY A 47 -11.66 -7.58 8.00
CA GLY A 47 -12.53 -7.12 9.08
C GLY A 47 -12.12 -5.76 9.63
N SER A 48 -11.10 -5.21 9.08
CA SER A 48 -10.63 -3.95 9.49
C SER A 48 -10.45 -3.04 8.29
N THR A 49 -10.86 -1.80 8.45
CA THR A 49 -10.82 -0.83 7.38
C THR A 49 -10.05 0.37 7.87
N ALA A 50 -9.89 1.39 7.03
CA ALA A 50 -9.11 2.57 7.41
C ALA A 50 -9.71 3.25 8.64
N GLN A 51 -11.02 3.52 8.64
CA GLN A 51 -11.69 4.13 9.81
C GLN A 51 -11.53 3.29 11.09
N ASP A 52 -11.65 1.96 10.97
CA ASP A 52 -11.45 1.06 12.13
C ASP A 52 -10.04 1.16 12.63
N LEU A 53 -9.13 1.15 11.70
CA LEU A 53 -7.73 1.14 12.00
C LEU A 53 -7.24 2.46 12.52
N GLU A 54 -7.62 3.55 11.86
CA GLU A 54 -7.16 4.88 12.21
C GLU A 54 -7.52 5.19 13.64
N ALA A 55 -8.75 4.96 14.03
CA ALA A 55 -9.16 5.16 15.43
C ALA A 55 -8.28 4.34 16.38
N HIS A 56 -8.02 3.11 15.98
CA HIS A 56 -7.25 2.22 16.81
C HIS A 56 -5.79 2.68 16.94
N PHE A 57 -5.17 3.08 15.83
CA PHE A 57 -3.78 3.52 15.87
C PHE A 57 -3.66 4.95 16.38
N SER A 58 -4.74 5.71 16.25
CA SER A 58 -4.75 7.11 16.65
C SER A 58 -4.67 7.19 18.16
N SER A 59 -5.10 6.13 18.82
CA SER A 59 -4.98 6.06 20.25
C SER A 59 -3.47 6.07 20.68
N CYS A 60 -2.57 5.69 19.76
CA CYS A 60 -1.13 5.70 20.01
C CYS A 60 -0.43 6.97 19.47
N GLY A 61 -1.19 7.93 19.00
CA GLY A 61 -0.56 9.14 18.46
C GLY A 61 -1.28 9.71 17.25
N SER A 62 -0.59 10.54 16.49
CA SER A 62 -1.17 11.17 15.33
C SER A 62 -0.75 10.42 14.07
N ILE A 63 -1.69 10.10 13.25
CA ILE A 63 -1.42 9.36 12.02
C ILE A 63 -1.02 10.29 10.84
N ASN A 64 0.05 9.89 10.16
CA ASN A 64 0.60 10.59 8.99
C ASN A 64 0.01 9.93 7.72
N ARG A 65 0.06 8.61 7.68
CA ARG A 65 -0.45 7.82 6.57
C ARG A 65 -0.95 6.51 7.09
N ILE A 66 -1.81 5.89 6.33
CA ILE A 66 -2.29 4.57 6.62
C ILE A 66 -2.61 3.84 5.33
N THR A 67 -2.07 2.67 5.19
CA THR A 67 -2.16 1.89 3.97
C THR A 67 -2.72 0.53 4.34
N ILE A 68 -3.68 0.04 3.59
CA ILE A 68 -4.25 -1.27 3.88
C ILE A 68 -4.26 -2.02 2.56
N LEU A 69 -3.60 -3.15 2.51
CA LEU A 69 -3.60 -3.95 1.30
C LEU A 69 -4.14 -5.31 1.58
N CYS A 70 -5.00 -5.77 0.74
CA CYS A 70 -5.58 -7.08 0.86
C CYS A 70 -5.15 -7.92 -0.34
N ASP A 71 -4.59 -9.09 -0.09
CA ASP A 71 -4.09 -9.91 -1.18
C ASP A 71 -5.02 -11.09 -1.43
N LYS A 72 -5.46 -11.26 -2.68
CA LYS A 72 -6.32 -12.40 -3.04
C LYS A 72 -5.69 -13.27 -4.11
N PHE A 73 -4.48 -12.95 -4.52
CA PHE A 73 -3.82 -13.69 -5.60
C PHE A 73 -3.69 -15.19 -5.34
N SER A 74 -3.63 -15.58 -4.09
CA SER A 74 -3.48 -16.97 -3.76
C SER A 74 -4.87 -17.60 -3.44
N GLY A 75 -5.92 -16.85 -3.72
CA GLY A 75 -7.26 -17.36 -3.50
C GLY A 75 -7.92 -16.74 -2.29
N HIS A 76 -7.27 -16.86 -1.16
CA HIS A 76 -7.84 -16.34 0.07
C HIS A 76 -7.32 -14.97 0.37
N PRO A 77 -8.24 -14.00 0.57
CA PRO A 77 -7.87 -12.62 0.88
C PRO A 77 -7.24 -12.47 2.25
N LYS A 78 -6.02 -11.99 2.27
CA LYS A 78 -5.35 -11.64 3.50
C LYS A 78 -5.16 -10.15 3.51
N GLY A 79 -4.25 -9.66 4.32
CA GLY A 79 -4.03 -8.26 4.36
C GLY A 79 -2.98 -7.79 5.34
N TYR A 80 -2.39 -6.68 5.03
CA TYR A 80 -1.44 -6.03 5.91
C TYR A 80 -1.80 -4.56 5.89
N ALA A 81 -1.49 -3.87 6.92
CA ALA A 81 -1.70 -2.45 6.99
C ALA A 81 -0.44 -1.80 7.49
N TYR A 82 -0.01 -0.78 6.81
CA TYR A 82 1.16 -0.05 7.21
C TYR A 82 0.72 1.34 7.57
N ILE A 83 0.96 1.72 8.76
CA ILE A 83 0.56 3.05 9.22
C ILE A 83 1.81 3.87 9.51
N GLU A 84 1.86 5.04 8.96
CA GLU A 84 2.92 5.96 9.23
C GLU A 84 2.40 6.94 10.24
N PHE A 85 3.07 7.06 11.33
CA PHE A 85 2.67 8.02 12.35
C PHE A 85 3.40 9.33 12.18
N ALA A 86 2.81 10.40 12.68
CA ALA A 86 3.42 11.72 12.60
C ALA A 86 4.68 11.80 13.47
N GLU A 87 4.70 11.07 14.56
CA GLU A 87 5.90 11.02 15.36
C GLU A 87 6.39 9.59 15.47
N ARG A 88 7.68 9.47 15.57
CA ARG A 88 8.35 8.20 15.71
C ARG A 88 8.06 7.60 17.10
N ASN A 89 7.80 8.48 18.06
CA ASN A 89 7.39 8.08 19.42
C ASN A 89 6.06 7.32 19.38
N SER A 90 5.21 7.72 18.46
CA SER A 90 3.90 7.15 18.33
C SER A 90 3.99 5.70 17.89
N VAL A 91 4.96 5.39 17.03
CA VAL A 91 5.12 4.05 16.55
C VAL A 91 5.59 3.17 17.69
N ASP A 92 6.46 3.74 18.55
CA ASP A 92 7.02 3.01 19.66
C ASP A 92 5.93 2.72 20.68
N ALA A 93 4.95 3.59 20.75
CA ALA A 93 3.79 3.39 21.59
C ALA A 93 2.88 2.31 20.98
N ALA A 94 2.89 2.23 19.66
CA ALA A 94 2.04 1.29 18.94
C ALA A 94 2.59 -0.12 19.02
N VAL A 95 3.93 -0.24 19.00
CA VAL A 95 4.62 -1.56 19.11
C VAL A 95 4.17 -2.36 20.33
N ALA A 96 3.64 -1.67 21.33
CA ALA A 96 3.12 -2.32 22.54
C ALA A 96 1.91 -3.21 22.21
N MET A 97 1.39 -3.06 21.01
CA MET A 97 0.27 -3.86 20.54
C MET A 97 0.75 -5.00 19.64
N ASP A 98 2.08 -5.16 19.50
CA ASP A 98 2.67 -6.19 18.60
C ASP A 98 2.08 -7.59 18.76
N GLU A 99 1.97 -8.09 19.98
CA GLU A 99 1.41 -9.40 20.22
C GLU A 99 -0.05 -9.28 20.73
N THR A 100 -0.61 -8.11 20.60
CA THR A 100 -1.95 -7.85 21.04
C THR A 100 -2.96 -8.53 20.09
N VAL A 101 -4.11 -8.86 20.61
CA VAL A 101 -5.07 -9.56 19.83
C VAL A 101 -6.13 -8.56 19.38
N PHE A 102 -6.47 -8.64 18.16
CA PHE A 102 -7.33 -7.69 17.56
C PHE A 102 -8.44 -8.42 16.82
N ARG A 103 -9.68 -8.20 17.24
CA ARG A 103 -10.88 -8.80 16.62
C ARG A 103 -10.83 -10.34 16.55
N GLY A 104 -10.17 -10.94 17.53
CA GLY A 104 -10.12 -12.39 17.66
C GLY A 104 -8.91 -13.01 17.00
N ARG A 105 -8.15 -12.22 16.33
CA ARG A 105 -6.93 -12.66 15.65
C ARG A 105 -5.74 -11.90 16.17
N THR A 106 -4.61 -12.55 16.25
CA THR A 106 -3.43 -11.87 16.69
C THR A 106 -2.83 -11.13 15.52
N ILE A 107 -2.69 -9.87 15.66
CA ILE A 107 -2.08 -9.10 14.63
C ILE A 107 -0.67 -8.81 15.02
N LYS A 108 0.06 -8.28 14.13
CA LYS A 108 1.44 -7.94 14.39
C LYS A 108 1.64 -6.51 14.17
N VAL A 109 2.20 -5.85 15.12
CA VAL A 109 2.58 -4.48 14.99
C VAL A 109 4.08 -4.47 15.14
N LEU A 110 4.76 -4.17 14.11
CA LEU A 110 6.19 -4.27 14.12
C LEU A 110 6.67 -3.06 13.34
N PRO A 111 7.63 -2.26 13.86
CA PRO A 111 8.15 -1.11 13.12
C PRO A 111 8.67 -1.56 11.74
N LYS A 112 8.36 -0.80 10.68
CA LYS A 112 8.80 -1.24 9.37
C LYS A 112 10.28 -0.91 9.11
N ARG A 113 11.07 -1.61 9.90
CA ARG A 113 12.52 -1.57 10.00
C ARG A 113 13.14 -0.19 9.78
N THR A 114 13.64 0.03 8.55
CA THR A 114 14.37 1.23 8.12
C THR A 114 15.76 1.23 8.76
N ASN A 115 15.75 0.99 10.03
CA ASN A 115 16.89 0.85 10.87
C ASN A 115 17.53 -0.50 10.61
N MET A 116 18.60 -0.49 9.90
CA MET A 116 19.31 -1.71 9.58
C MET A 116 20.68 -1.66 10.23
N PRO A 117 21.37 -2.82 10.39
CA PRO A 117 22.72 -2.88 10.96
C PRO A 117 23.74 -2.11 10.09
N GLY A 118 23.34 -1.81 8.87
CA GLY A 118 24.15 -1.04 7.98
C GLY A 118 23.29 0.02 7.33
N ILE A 119 23.86 0.86 6.51
CA ILE A 119 23.08 1.86 5.83
C ILE A 119 22.59 1.35 4.48
N SER A 120 21.32 1.06 4.41
CA SER A 120 20.74 0.53 3.21
C SER A 120 20.26 1.67 2.32
N SER A 121 20.68 1.67 1.08
CA SER A 121 20.26 2.67 0.15
C SER A 121 19.17 2.13 -0.76
N THR A 122 17.94 2.43 -0.44
CA THR A 122 16.80 1.96 -1.19
C THR A 122 16.60 2.85 -2.42
N ASP A 123 16.66 2.25 -3.61
CA ASP A 123 16.53 2.96 -4.91
C ASP A 123 17.66 3.93 -5.15
N ARG A 124 18.68 3.46 -5.81
CA ARG A 124 19.86 4.27 -6.10
C ARG A 124 20.25 4.10 -7.55
N ALA B 1 1.63 -6.66 -36.95
CA ALA B 1 3.05 -6.51 -36.70
C ALA B 1 3.28 -5.61 -35.51
N ILE B 2 4.22 -5.98 -34.68
CA ILE B 2 4.57 -5.18 -33.53
C ILE B 2 5.71 -4.26 -33.94
N ALA B 3 5.41 -3.00 -34.02
CA ALA B 3 6.37 -2.03 -34.45
C ALA B 3 7.18 -1.52 -33.28
N PRO B 4 8.51 -1.42 -33.43
CA PRO B 4 9.36 -0.89 -32.40
C PRO B 4 9.06 0.59 -32.16
N CYS B 5 8.34 0.85 -31.12
CA CYS B 5 7.95 2.18 -30.79
C CYS B 5 9.05 2.85 -30.00
N MET B 6 8.89 4.12 -29.74
CA MET B 6 9.86 4.87 -28.96
C MET B 6 9.71 4.55 -27.48
N GLN B 7 10.49 5.16 -26.64
CA GLN B 7 10.44 4.83 -25.24
C GLN B 7 9.26 5.49 -24.53
N THR B 8 8.14 4.85 -24.59
CA THR B 8 6.97 5.25 -23.90
C THR B 8 6.89 4.44 -22.63
N THR B 9 7.26 5.05 -21.53
CA THR B 9 7.29 4.34 -20.31
C THR B 9 6.86 5.22 -19.15
N HIS B 10 6.56 4.58 -18.06
CA HIS B 10 6.17 5.20 -16.82
C HIS B 10 6.92 4.48 -15.71
N SER B 11 8.02 3.84 -16.09
CA SER B 11 8.80 3.04 -15.18
C SER B 11 9.73 3.88 -14.30
N LYS B 12 10.32 3.19 -13.36
CA LYS B 12 11.27 3.68 -12.40
C LYS B 12 11.50 2.48 -11.51
N MET B 13 12.49 2.48 -10.63
CA MET B 13 12.59 1.37 -9.68
C MET B 13 11.43 1.45 -8.73
N THR B 14 10.40 0.76 -9.08
CA THR B 14 9.17 0.76 -8.37
C THR B 14 8.96 -0.59 -7.74
N ALA B 15 7.97 -0.73 -6.91
CA ALA B 15 7.79 -1.95 -6.21
C ALA B 15 6.40 -2.53 -6.36
N GLY B 16 6.28 -3.50 -7.24
CA GLY B 16 5.05 -4.27 -7.31
C GLY B 16 5.08 -5.21 -6.15
N ALA B 17 6.24 -5.78 -5.95
CA ALA B 17 6.51 -6.53 -4.78
C ALA B 17 7.11 -5.55 -3.77
N TYR B 18 6.23 -4.88 -3.05
CA TYR B 18 6.58 -3.85 -2.10
C TYR B 18 7.28 -4.49 -0.91
N THR B 19 7.87 -3.69 -0.01
CA THR B 19 8.50 -4.19 1.18
C THR B 19 7.45 -4.76 2.11
N GLU B 20 7.07 -5.98 1.81
CA GLU B 20 6.06 -6.69 2.51
C GLU B 20 6.53 -7.09 3.91
N GLY B 21 7.85 -7.19 4.07
CA GLY B 21 8.45 -7.46 5.35
C GLY B 21 8.52 -8.95 5.67
N PRO B 22 7.65 -9.42 6.59
CA PRO B 22 7.60 -10.82 7.05
C PRO B 22 7.80 -11.92 5.94
N PRO B 23 6.97 -11.97 4.86
CA PRO B 23 7.17 -12.94 3.80
C PRO B 23 8.19 -12.44 2.80
N GLN B 24 8.65 -13.32 1.97
CA GLN B 24 9.56 -12.95 0.95
C GLN B 24 8.83 -12.90 -0.36
N PRO B 25 9.23 -11.97 -1.24
CA PRO B 25 8.61 -11.78 -2.55
C PRO B 25 8.39 -13.08 -3.32
N LEU B 26 7.16 -13.26 -3.74
CA LEU B 26 6.71 -14.41 -4.53
C LEU B 26 7.40 -14.56 -5.91
N SER B 27 6.87 -15.43 -6.76
CA SER B 27 7.47 -15.72 -8.06
C SER B 27 7.69 -14.45 -8.89
N ALA B 28 8.79 -14.48 -9.61
CA ALA B 28 9.18 -13.41 -10.50
C ALA B 28 8.15 -13.18 -11.60
N GLU B 29 7.66 -14.23 -12.18
CA GLU B 29 6.69 -14.10 -13.27
C GLU B 29 5.37 -13.53 -12.78
N GLU B 30 5.02 -13.85 -11.54
CA GLU B 30 3.82 -13.32 -10.92
C GLU B 30 3.97 -11.81 -10.84
N LYS B 31 5.22 -11.37 -10.59
CA LYS B 31 5.50 -9.99 -10.38
C LYS B 31 5.33 -9.19 -11.64
N LYS B 32 5.95 -9.63 -12.77
CA LYS B 32 5.85 -8.84 -14.02
C LYS B 32 4.42 -8.63 -14.44
N GLU B 33 3.61 -9.63 -14.24
CA GLU B 33 2.22 -9.56 -14.60
C GLU B 33 1.46 -8.61 -13.66
N ILE B 34 1.67 -8.76 -12.34
CA ILE B 34 0.98 -7.91 -11.34
C ILE B 34 1.40 -6.46 -11.47
N ASP B 35 2.68 -6.24 -11.82
CA ASP B 35 3.22 -4.89 -11.99
C ASP B 35 2.45 -4.17 -13.09
N LYS B 36 2.19 -4.89 -14.16
CA LYS B 36 1.53 -4.33 -15.33
C LYS B 36 0.04 -4.19 -15.15
N ARG B 37 -0.54 -4.99 -14.32
CA ARG B 37 -1.99 -5.00 -14.20
C ARG B 37 -2.46 -4.39 -12.90
N SER B 38 -1.71 -3.43 -12.45
CA SER B 38 -2.06 -2.63 -11.32
C SER B 38 -2.71 -1.35 -11.86
N VAL B 39 -3.53 -0.72 -11.07
CA VAL B 39 -4.14 0.52 -11.47
C VAL B 39 -4.07 1.52 -10.36
N TYR B 40 -4.17 2.75 -10.73
CA TYR B 40 -4.16 3.84 -9.83
C TYR B 40 -5.55 4.37 -9.77
N VAL B 41 -6.11 4.37 -8.62
CA VAL B 41 -7.38 4.96 -8.40
C VAL B 41 -7.18 5.99 -7.33
N GLY B 42 -7.23 7.22 -7.68
CA GLY B 42 -6.98 8.22 -6.70
C GLY B 42 -8.23 8.89 -6.24
N ASN B 43 -8.06 9.68 -5.21
CA ASN B 43 -9.12 10.48 -4.55
C ASN B 43 -10.18 9.58 -3.85
N VAL B 44 -9.76 8.40 -3.40
CA VAL B 44 -10.66 7.52 -2.63
C VAL B 44 -11.16 8.24 -1.37
N ASP B 45 -12.44 8.14 -1.13
CA ASP B 45 -13.05 8.80 -0.01
C ASP B 45 -12.68 8.08 1.27
N TYR B 46 -12.55 8.84 2.35
CA TYR B 46 -12.11 8.33 3.66
C TYR B 46 -13.11 7.29 4.20
N GLY B 47 -14.32 7.29 3.67
CA GLY B 47 -15.32 6.37 4.07
C GLY B 47 -15.47 5.21 3.10
N SER B 48 -14.68 5.21 2.02
CA SER B 48 -14.74 4.12 1.09
C SER B 48 -13.85 3.00 1.59
N THR B 49 -14.35 1.80 1.57
CA THR B 49 -13.59 0.71 2.08
C THR B 49 -13.21 -0.24 0.99
N ALA B 50 -12.47 -1.27 1.36
CA ALA B 50 -12.05 -2.26 0.43
C ALA B 50 -13.25 -2.98 -0.19
N GLN B 51 -14.25 -3.33 0.64
CA GLN B 51 -15.49 -3.98 0.14
C GLN B 51 -16.20 -3.11 -0.90
N ASP B 52 -16.29 -1.80 -0.63
CA ASP B 52 -16.94 -0.85 -1.57
C ASP B 52 -16.21 -0.87 -2.88
N LEU B 53 -14.92 -0.77 -2.78
CA LEU B 53 -14.05 -0.72 -3.90
C LEU B 53 -14.01 -2.02 -4.67
N GLU B 54 -13.85 -3.13 -3.97
CA GLU B 54 -13.71 -4.43 -4.59
C GLU B 54 -14.92 -4.74 -5.44
N ALA B 55 -16.10 -4.55 -4.92
CA ALA B 55 -17.33 -4.76 -5.69
C ALA B 55 -17.31 -3.91 -6.96
N HIS B 56 -16.89 -2.67 -6.81
CA HIS B 56 -16.89 -1.73 -7.91
C HIS B 56 -15.86 -2.12 -8.98
N PHE B 57 -14.66 -2.53 -8.57
CA PHE B 57 -13.63 -2.89 -9.53
C PHE B 57 -13.85 -4.30 -10.07
N SER B 58 -14.55 -5.11 -9.30
CA SER B 58 -14.78 -6.50 -9.66
C SER B 58 -15.76 -6.57 -10.82
N SER B 59 -16.58 -5.53 -10.97
CA SER B 59 -17.48 -5.46 -12.07
C SER B 59 -16.67 -5.38 -13.41
N CYS B 60 -15.46 -4.84 -13.33
CA CYS B 60 -14.58 -4.70 -14.49
C CYS B 60 -13.56 -5.85 -14.60
N GLY B 61 -13.67 -6.86 -13.75
CA GLY B 61 -12.71 -7.95 -13.85
C GLY B 61 -12.41 -8.67 -12.55
N SER B 62 -11.33 -9.42 -12.58
CA SER B 62 -10.93 -10.27 -11.49
C SER B 62 -9.86 -9.55 -10.66
N ILE B 63 -10.09 -9.39 -9.37
CA ILE B 63 -9.14 -8.70 -8.51
C ILE B 63 -8.07 -9.63 -7.90
N ASN B 64 -6.83 -9.20 -8.01
CA ASN B 64 -5.67 -9.90 -7.46
C ASN B 64 -5.24 -9.27 -6.14
N ARG B 65 -5.21 -7.96 -6.11
CA ARG B 65 -4.85 -7.21 -4.92
C ARG B 65 -5.61 -5.91 -4.91
N ILE B 66 -5.75 -5.35 -3.75
CA ILE B 66 -6.33 -4.04 -3.57
C ILE B 66 -5.70 -3.37 -2.37
N THR B 67 -5.24 -2.18 -2.60
CA THR B 67 -4.54 -1.41 -1.61
C THR B 67 -5.22 -0.06 -1.47
N ILE B 68 -5.46 0.38 -0.26
CA ILE B 68 -6.10 1.66 -0.04
C ILE B 68 -5.24 2.40 0.96
N LEU B 69 -4.77 3.55 0.60
CA LEU B 69 -3.99 4.33 1.55
C LEU B 69 -4.63 5.67 1.75
N CYS B 70 -4.70 6.09 2.97
CA CYS B 70 -5.25 7.38 3.32
C CYS B 70 -4.14 8.21 3.94
N ASP B 71 -3.92 9.41 3.43
CA ASP B 71 -2.86 10.23 3.92
C ASP B 71 -3.45 11.38 4.72
N LYS B 72 -2.99 11.57 5.93
CA LYS B 72 -3.54 12.62 6.78
C LYS B 72 -2.41 13.54 7.25
N PHE B 73 -1.22 13.37 6.65
CA PHE B 73 -0.03 14.14 7.03
C PHE B 73 -0.19 15.65 6.83
N SER B 74 -1.09 16.05 5.97
CA SER B 74 -1.32 17.45 5.70
C SER B 74 -2.53 17.94 6.51
N GLY B 75 -2.94 17.16 7.48
CA GLY B 75 -4.08 17.52 8.29
C GLY B 75 -5.36 17.01 7.68
N HIS B 76 -5.49 17.18 6.37
CA HIS B 76 -6.66 16.73 5.65
C HIS B 76 -6.43 15.33 5.13
N PRO B 77 -7.33 14.42 5.46
CA PRO B 77 -7.23 13.04 5.04
C PRO B 77 -7.62 12.82 3.58
N LYS B 78 -6.69 12.33 2.80
CA LYS B 78 -6.97 12.01 1.41
C LYS B 78 -6.75 10.53 1.22
N GLY B 79 -6.57 10.11 -0.01
CA GLY B 79 -6.34 8.74 -0.23
C GLY B 79 -6.17 8.37 -1.69
N TYR B 80 -5.54 7.24 -1.90
CA TYR B 80 -5.39 6.64 -3.21
C TYR B 80 -5.67 5.14 -3.01
N ALA B 81 -6.11 4.48 -4.03
CA ALA B 81 -6.30 3.06 -3.99
C ALA B 81 -5.68 2.42 -5.22
N TYR B 82 -4.90 1.41 -5.04
CA TYR B 82 -4.28 0.73 -6.15
C TYR B 82 -4.83 -0.65 -6.20
N ILE B 83 -5.42 -1.01 -7.30
CA ILE B 83 -5.99 -2.32 -7.39
C ILE B 83 -5.21 -3.10 -8.43
N GLU B 84 -4.78 -4.26 -8.08
CA GLU B 84 -4.14 -5.13 -9.03
C GLU B 84 -5.16 -6.12 -9.48
N PHE B 85 -5.41 -6.15 -10.73
CA PHE B 85 -6.33 -7.10 -11.26
C PHE B 85 -5.57 -8.34 -11.62
N ALA B 86 -6.23 -9.47 -11.59
CA ALA B 86 -5.59 -10.70 -11.95
C ALA B 86 -5.28 -10.72 -13.43
N GLU B 87 -6.02 -9.93 -14.19
CA GLU B 87 -5.86 -9.86 -15.63
C GLU B 87 -5.52 -8.43 -16.07
N ARG B 88 -4.71 -8.30 -17.13
CA ARG B 88 -4.36 -6.96 -17.67
C ARG B 88 -5.57 -6.38 -18.37
N ASN B 89 -6.34 -7.26 -18.98
CA ASN B 89 -7.56 -6.88 -19.71
C ASN B 89 -8.54 -6.19 -18.77
N SER B 90 -8.56 -6.63 -17.53
CA SER B 90 -9.46 -6.10 -16.55
C SER B 90 -9.12 -4.65 -16.26
N VAL B 91 -7.82 -4.34 -16.26
CA VAL B 91 -7.39 -3.00 -15.95
C VAL B 91 -7.81 -2.08 -17.08
N ASP B 92 -7.72 -2.59 -18.32
CA ASP B 92 -8.05 -1.81 -19.49
C ASP B 92 -9.56 -1.54 -19.50
N ALA B 93 -10.31 -2.46 -18.95
CA ALA B 93 -11.74 -2.30 -18.80
C ALA B 93 -12.04 -1.28 -17.70
N ALA B 94 -11.16 -1.23 -16.71
CA ALA B 94 -11.33 -0.34 -15.56
C ALA B 94 -10.99 1.10 -15.92
N VAL B 95 -10.00 1.28 -16.81
CA VAL B 95 -9.59 2.64 -17.29
C VAL B 95 -10.75 3.43 -17.87
N ALA B 96 -11.81 2.72 -18.27
CA ALA B 96 -13.02 3.37 -18.79
C ALA B 96 -13.73 4.18 -17.68
N MET B 97 -13.34 3.93 -16.43
CA MET B 97 -13.87 4.64 -15.29
C MET B 97 -12.96 5.80 -14.90
N ASP B 98 -12.02 6.11 -15.79
CA ASP B 98 -11.09 7.26 -15.66
C ASP B 98 -11.74 8.47 -15.00
N GLU B 99 -12.81 8.99 -15.56
CA GLU B 99 -13.54 9.99 -14.84
C GLU B 99 -14.89 9.43 -14.45
N THR B 100 -14.96 9.00 -13.23
CA THR B 100 -16.14 8.38 -12.69
C THR B 100 -16.36 8.87 -11.25
N VAL B 101 -17.59 8.91 -10.81
CA VAL B 101 -17.91 9.42 -9.51
C VAL B 101 -18.16 8.27 -8.54
N PHE B 102 -17.42 8.24 -7.48
CA PHE B 102 -17.53 7.22 -6.48
C PHE B 102 -17.88 7.85 -5.15
N ARG B 103 -18.98 7.40 -4.55
CA ARG B 103 -19.53 7.89 -3.27
C ARG B 103 -19.62 9.45 -3.23
N GLY B 104 -19.84 10.04 -4.39
CA GLY B 104 -20.07 11.47 -4.46
C GLY B 104 -18.84 12.27 -4.89
N ARG B 105 -17.70 11.64 -5.04
CA ARG B 105 -16.50 12.34 -5.48
C ARG B 105 -15.93 11.73 -6.75
N THR B 106 -15.29 12.52 -7.54
CA THR B 106 -14.76 12.09 -8.81
C THR B 106 -13.40 11.39 -8.60
N ILE B 107 -13.30 10.16 -9.01
CA ILE B 107 -12.06 9.43 -8.86
C ILE B 107 -11.32 9.40 -10.17
N LYS B 108 -10.10 8.94 -10.10
CA LYS B 108 -9.22 8.91 -11.23
C LYS B 108 -8.67 7.50 -11.36
N VAL B 109 -8.89 6.86 -12.49
CA VAL B 109 -8.44 5.50 -12.73
C VAL B 109 -7.42 5.55 -13.85
N LEU B 110 -6.21 5.23 -13.55
CA LEU B 110 -5.12 5.37 -14.48
C LEU B 110 -4.26 4.12 -14.31
N PRO B 111 -3.87 3.41 -15.39
CA PRO B 111 -3.02 2.24 -15.28
C PRO B 111 -1.74 2.51 -14.52
N LYS B 112 -1.46 1.63 -13.63
CA LYS B 112 -0.30 1.67 -12.86
C LYS B 112 0.55 0.55 -13.33
N ARG B 113 1.57 0.83 -14.09
CA ARG B 113 2.34 -0.24 -14.58
C ARG B 113 3.71 -0.16 -14.01
N THR B 114 3.86 -0.92 -13.01
CA THR B 114 5.02 -0.94 -12.20
C THR B 114 6.09 -1.78 -12.91
N ASN B 115 7.33 -1.62 -12.53
CA ASN B 115 8.39 -2.39 -13.14
C ASN B 115 9.59 -2.39 -12.25
N MET B 116 9.85 -3.52 -11.64
CA MET B 116 11.02 -3.68 -10.82
C MET B 116 12.05 -4.49 -11.57
N PRO B 117 13.10 -3.86 -12.09
CA PRO B 117 14.17 -4.58 -12.73
C PRO B 117 15.13 -5.11 -11.68
N GLY B 118 15.06 -6.40 -11.41
CA GLY B 118 15.90 -6.96 -10.41
C GLY B 118 16.22 -8.40 -10.66
N ILE B 119 16.85 -8.69 -11.76
CA ILE B 119 17.29 -10.04 -12.06
C ILE B 119 18.68 -10.24 -11.49
N SER B 120 18.99 -11.46 -11.11
CA SER B 120 20.28 -11.75 -10.56
C SER B 120 21.31 -11.82 -11.67
N SER B 121 22.14 -10.82 -11.72
CA SER B 121 23.20 -10.77 -12.65
C SER B 121 24.50 -11.04 -11.92
N THR B 122 25.47 -11.61 -12.60
CA THR B 122 26.73 -11.89 -11.99
C THR B 122 27.45 -10.59 -11.63
N ASP B 123 28.08 -10.57 -10.50
CA ASP B 123 28.78 -9.40 -10.04
C ASP B 123 30.17 -9.38 -10.63
N ARG B 124 30.44 -8.38 -11.43
CA ARG B 124 31.72 -8.25 -12.05
C ARG B 124 32.18 -6.82 -11.93
N ALA A 1 5.01 20.57 -9.67
CA ALA A 1 5.61 19.69 -8.65
C ALA A 1 5.13 20.08 -7.26
N ILE A 2 5.59 21.22 -6.77
CA ILE A 2 5.21 21.66 -5.46
C ILE A 2 4.01 22.59 -5.50
N ALA A 3 2.90 22.10 -5.01
CA ALA A 3 1.68 22.84 -4.96
C ALA A 3 0.98 22.53 -3.66
N PRO A 4 0.44 23.55 -2.97
CA PRO A 4 -0.29 23.34 -1.73
C PRO A 4 -1.53 22.48 -1.96
N CYS A 5 -1.49 21.28 -1.47
CA CYS A 5 -2.59 20.37 -1.61
C CYS A 5 -3.09 19.98 -0.22
N MET A 6 -2.60 20.67 0.77
CA MET A 6 -2.99 20.41 2.12
C MET A 6 -4.07 21.37 2.55
N GLN A 7 -4.83 20.94 3.48
CA GLN A 7 -5.85 21.72 4.12
C GLN A 7 -5.67 21.47 5.59
N THR A 8 -5.12 22.46 6.29
CA THR A 8 -4.67 22.39 7.70
C THR A 8 -3.40 21.54 7.83
N THR A 9 -2.29 22.19 8.16
CA THR A 9 -1.01 21.53 8.28
C THR A 9 -1.03 20.40 9.31
N HIS A 10 -0.49 19.26 8.95
CA HIS A 10 -0.42 18.13 9.87
C HIS A 10 0.77 18.33 10.81
N SER A 11 0.52 18.22 12.10
CA SER A 11 1.55 18.48 13.09
C SER A 11 2.57 17.32 13.15
N LYS A 12 3.69 17.59 13.84
CA LYS A 12 4.86 16.70 13.96
C LYS A 12 5.58 16.54 12.61
N MET A 13 4.95 15.84 11.71
CA MET A 13 5.50 15.65 10.41
C MET A 13 4.46 16.10 9.41
N THR A 14 4.83 17.06 8.61
CA THR A 14 3.90 17.69 7.70
C THR A 14 3.63 16.86 6.45
N ALA A 15 4.60 16.08 6.05
CA ALA A 15 4.48 15.31 4.85
C ALA A 15 4.77 13.85 5.10
N GLY A 16 4.94 13.13 4.04
CA GLY A 16 5.20 11.73 4.08
C GLY A 16 4.98 11.19 2.71
N ALA A 17 4.44 9.98 2.64
CA ALA A 17 4.06 9.34 1.36
C ALA A 17 5.23 8.89 0.53
N TYR A 18 5.00 7.85 -0.24
CA TYR A 18 5.98 7.36 -1.15
C TYR A 18 5.68 8.03 -2.48
N THR A 19 6.22 7.51 -3.53
CA THR A 19 5.85 7.98 -4.80
C THR A 19 5.08 6.86 -5.50
N GLU A 20 3.85 6.70 -5.07
CA GLU A 20 3.01 5.71 -5.66
C GLU A 20 2.04 6.32 -6.65
N GLY A 21 2.36 6.17 -7.91
CA GLY A 21 1.51 6.67 -8.98
C GLY A 21 1.58 8.19 -9.14
N PRO A 22 0.41 8.86 -9.25
CA PRO A 22 0.30 10.34 -9.44
C PRO A 22 1.06 11.26 -8.41
N PRO A 23 1.06 10.96 -7.04
CA PRO A 23 1.80 11.76 -6.04
C PRO A 23 3.23 12.14 -6.48
N GLN A 24 3.70 13.26 -5.98
CA GLN A 24 4.98 13.80 -6.40
C GLN A 24 6.14 13.06 -5.79
N PRO A 25 7.17 12.77 -6.61
CA PRO A 25 8.33 12.02 -6.18
C PRO A 25 9.14 12.70 -5.09
N LEU A 26 9.47 11.94 -4.09
CA LEU A 26 10.28 12.43 -3.00
C LEU A 26 11.60 11.68 -2.92
N SER A 27 12.46 12.14 -2.07
CA SER A 27 13.79 11.60 -1.94
C SER A 27 13.79 10.24 -1.23
N ALA A 28 14.73 9.40 -1.65
CA ALA A 28 15.03 8.12 -1.00
C ALA A 28 15.16 8.27 0.52
N GLU A 29 15.67 9.41 0.95
CA GLU A 29 15.82 9.75 2.37
C GLU A 29 14.43 9.74 3.03
N GLU A 30 13.46 10.40 2.39
CA GLU A 30 12.10 10.40 2.89
C GLU A 30 11.51 9.02 2.88
N LYS A 31 11.77 8.27 1.81
CA LYS A 31 11.21 6.91 1.68
C LYS A 31 11.71 6.05 2.80
N LYS A 32 12.98 6.21 3.09
CA LYS A 32 13.63 5.49 4.08
C LYS A 32 13.20 5.89 5.49
N GLU A 33 12.96 7.19 5.72
CA GLU A 33 12.52 7.67 7.03
C GLU A 33 11.08 7.26 7.33
N ILE A 34 10.20 7.40 6.36
CA ILE A 34 8.78 7.08 6.56
C ILE A 34 8.56 5.60 6.78
N ASP A 35 9.35 4.79 6.10
CA ASP A 35 9.26 3.34 6.21
C ASP A 35 9.72 2.88 7.61
N LYS A 36 10.55 3.70 8.25
CA LYS A 36 11.01 3.43 9.62
C LYS A 36 9.93 3.77 10.64
N ARG A 37 9.13 4.78 10.31
CA ARG A 37 8.17 5.36 11.24
C ARG A 37 6.82 4.73 11.06
N SER A 38 6.78 3.69 10.32
CA SER A 38 5.60 2.99 10.09
C SER A 38 5.62 1.60 10.73
N VAL A 39 4.49 0.97 10.76
CA VAL A 39 4.35 -0.31 11.42
C VAL A 39 3.58 -1.28 10.57
N TYR A 40 3.77 -2.53 10.85
CA TYR A 40 3.06 -3.63 10.22
C TYR A 40 1.95 -4.07 11.12
N VAL A 41 0.75 -4.03 10.63
CA VAL A 41 -0.39 -4.53 11.35
C VAL A 41 -0.94 -5.71 10.57
N GLY A 42 -0.86 -6.89 11.13
CA GLY A 42 -1.30 -8.07 10.41
C GLY A 42 -2.56 -8.68 10.98
N ASN A 43 -3.11 -9.65 10.21
CA ASN A 43 -4.35 -10.42 10.51
C ASN A 43 -5.62 -9.55 10.45
N VAL A 44 -5.55 -8.46 9.76
CA VAL A 44 -6.72 -7.63 9.62
C VAL A 44 -7.52 -8.00 8.36
N ASP A 45 -8.62 -8.70 8.55
CA ASP A 45 -9.48 -9.14 7.45
C ASP A 45 -10.44 -8.05 7.14
N TYR A 46 -11.12 -8.14 5.99
CA TYR A 46 -12.16 -7.20 5.64
C TYR A 46 -13.15 -7.07 6.79
N GLY A 47 -13.47 -5.86 7.14
CA GLY A 47 -14.34 -5.63 8.24
C GLY A 47 -13.84 -4.50 9.07
N SER A 48 -12.53 -4.44 9.23
CA SER A 48 -11.95 -3.35 9.95
C SER A 48 -11.77 -2.19 8.99
N THR A 49 -12.18 -1.04 9.40
CA THR A 49 -12.08 0.11 8.57
C THR A 49 -10.82 0.84 8.88
N ALA A 50 -10.43 1.71 7.99
CA ALA A 50 -9.25 2.46 8.17
C ALA A 50 -9.42 3.42 9.35
N GLN A 51 -10.61 4.05 9.46
CA GLN A 51 -10.86 4.96 10.59
C GLN A 51 -10.76 4.25 11.93
N ASP A 52 -11.23 2.99 12.02
CA ASP A 52 -11.14 2.27 13.30
C ASP A 52 -9.71 1.84 13.58
N LEU A 53 -8.96 1.64 12.50
CA LEU A 53 -7.53 1.38 12.59
C LEU A 53 -6.83 2.59 13.19
N GLU A 54 -7.16 3.79 12.71
CA GLU A 54 -6.61 5.00 13.29
C GLU A 54 -6.93 5.13 14.75
N ALA A 55 -8.16 4.93 15.13
CA ALA A 55 -8.56 5.13 16.54
C ALA A 55 -7.69 4.30 17.48
N HIS A 56 -7.51 3.05 17.13
CA HIS A 56 -6.72 2.14 17.93
C HIS A 56 -5.25 2.59 17.97
N PHE A 57 -4.72 3.00 16.83
CA PHE A 57 -3.33 3.42 16.75
C PHE A 57 -3.04 4.87 17.17
N SER A 58 -4.03 5.74 17.07
CA SER A 58 -3.84 7.15 17.37
C SER A 58 -3.65 7.36 18.85
N SER A 59 -4.21 6.46 19.64
CA SER A 59 -3.95 6.49 21.06
C SER A 59 -2.44 6.33 21.35
N CYS A 60 -1.72 5.68 20.44
CA CYS A 60 -0.30 5.47 20.60
C CYS A 60 0.55 6.37 19.68
N GLY A 61 -0.06 7.33 19.02
CA GLY A 61 0.73 8.18 18.15
C GLY A 61 -0.04 8.98 17.14
N SER A 62 0.67 9.80 16.41
CA SER A 62 0.10 10.66 15.42
C SER A 62 0.29 10.06 14.03
N ILE A 63 -0.80 9.74 13.40
CA ILE A 63 -0.81 9.09 12.10
C ILE A 63 -0.67 10.08 10.93
N ASN A 64 0.28 9.79 10.06
CA ASN A 64 0.49 10.57 8.84
C ASN A 64 -0.38 10.05 7.73
N ARG A 65 -0.39 8.74 7.63
CA ARG A 65 -1.04 8.01 6.54
C ARG A 65 -1.27 6.60 7.03
N ILE A 66 -2.08 5.88 6.33
CA ILE A 66 -2.30 4.48 6.60
C ILE A 66 -2.55 3.78 5.31
N THR A 67 -2.03 2.63 5.21
CA THR A 67 -2.15 1.84 4.04
C THR A 67 -2.73 0.51 4.43
N ILE A 68 -3.80 0.12 3.81
CA ILE A 68 -4.42 -1.13 4.16
C ILE A 68 -4.40 -1.96 2.91
N LEU A 69 -3.70 -3.03 2.92
CA LEU A 69 -3.60 -3.85 1.75
C LEU A 69 -4.10 -5.25 2.00
N CYS A 70 -4.98 -5.70 1.15
CA CYS A 70 -5.55 -7.00 1.26
C CYS A 70 -5.17 -7.83 0.05
N ASP A 71 -4.74 -9.07 0.26
CA ASP A 71 -4.40 -9.93 -0.86
C ASP A 71 -5.28 -11.14 -0.88
N LYS A 72 -5.61 -11.59 -2.06
CA LYS A 72 -6.36 -12.82 -2.23
C LYS A 72 -5.51 -13.90 -2.87
N PHE A 73 -4.22 -13.64 -2.94
CA PHE A 73 -3.26 -14.61 -3.43
C PHE A 73 -3.16 -15.80 -2.51
N SER A 74 -3.56 -15.60 -1.28
CA SER A 74 -3.53 -16.64 -0.30
C SER A 74 -4.83 -17.48 -0.38
N GLY A 75 -5.67 -17.16 -1.37
CA GLY A 75 -6.95 -17.84 -1.54
C GLY A 75 -8.00 -17.18 -0.70
N HIS A 76 -7.62 -16.89 0.49
CA HIS A 76 -8.45 -16.21 1.44
C HIS A 76 -8.05 -14.77 1.36
N PRO A 77 -8.96 -13.83 1.57
CA PRO A 77 -8.58 -12.45 1.57
C PRO A 77 -7.89 -12.14 2.86
N LYS A 78 -6.63 -11.79 2.79
CA LYS A 78 -5.90 -11.45 3.98
C LYS A 78 -5.70 -10.00 3.99
N GLY A 79 -5.49 -9.46 5.12
CA GLY A 79 -5.22 -8.09 5.17
C GLY A 79 -4.10 -7.77 6.10
N TYR A 80 -3.36 -6.79 5.73
CA TYR A 80 -2.33 -6.26 6.52
C TYR A 80 -2.24 -4.80 6.26
N ALA A 81 -1.96 -4.05 7.26
CA ALA A 81 -2.01 -2.63 7.15
C ALA A 81 -0.76 -2.03 7.67
N TYR A 82 -0.34 -0.98 7.05
CA TYR A 82 0.80 -0.28 7.47
C TYR A 82 0.42 1.09 7.90
N ILE A 83 0.61 1.36 9.16
CA ILE A 83 0.22 2.62 9.74
C ILE A 83 1.48 3.48 9.84
N GLU A 84 1.50 4.62 9.20
CA GLU A 84 2.67 5.50 9.24
C GLU A 84 2.49 6.56 10.30
N PHE A 85 3.37 6.58 11.26
CA PHE A 85 3.35 7.56 12.29
C PHE A 85 4.35 8.66 12.00
N ALA A 86 4.07 9.83 12.51
CA ALA A 86 4.97 10.95 12.36
C ALA A 86 6.30 10.71 13.06
N GLU A 87 6.23 10.06 14.20
CA GLU A 87 7.38 9.81 15.03
C GLU A 87 7.70 8.33 15.18
N ARG A 88 9.00 8.04 15.27
CA ARG A 88 9.50 6.70 15.60
C ARG A 88 9.04 6.31 16.98
N ASN A 89 8.94 7.31 17.84
CA ASN A 89 8.50 7.12 19.21
C ASN A 89 7.08 6.61 19.24
N SER A 90 6.27 7.01 18.26
CA SER A 90 4.92 6.58 18.19
C SER A 90 4.85 5.09 17.87
N VAL A 91 5.78 4.60 17.02
CA VAL A 91 5.76 3.20 16.67
C VAL A 91 6.04 2.36 17.90
N ASP A 92 6.98 2.83 18.74
CA ASP A 92 7.31 2.13 19.99
C ASP A 92 6.13 2.01 20.90
N ALA A 93 5.30 3.03 20.91
CA ALA A 93 4.12 3.02 21.75
C ALA A 93 3.07 2.08 21.15
N ALA A 94 2.99 2.05 19.83
CA ALA A 94 2.00 1.24 19.13
C ALA A 94 2.36 -0.24 19.19
N VAL A 95 3.63 -0.55 18.94
CA VAL A 95 4.15 -1.93 18.99
C VAL A 95 3.89 -2.62 20.34
N ALA A 96 3.66 -1.83 21.38
CA ALA A 96 3.33 -2.36 22.70
C ALA A 96 1.96 -3.06 22.67
N MET A 97 1.18 -2.73 21.64
CA MET A 97 -0.14 -3.31 21.46
C MET A 97 -0.07 -4.48 20.50
N ASP A 98 1.17 -4.92 20.15
CA ASP A 98 1.39 -6.03 19.20
C ASP A 98 0.47 -7.19 19.43
N GLU A 99 0.22 -7.55 20.67
CA GLU A 99 -0.80 -8.48 20.93
C GLU A 99 -2.04 -7.76 21.45
N THR A 100 -2.98 -7.59 20.56
CA THR A 100 -4.27 -7.02 20.90
C THR A 100 -5.35 -7.74 20.16
N VAL A 101 -6.51 -7.82 20.76
CA VAL A 101 -7.61 -8.49 20.17
C VAL A 101 -8.70 -7.49 19.85
N PHE A 102 -8.65 -7.02 18.65
CA PHE A 102 -9.48 -5.97 18.20
C PHE A 102 -10.43 -6.54 17.17
N ARG A 103 -11.72 -6.30 17.36
CA ARG A 103 -12.80 -6.86 16.52
C ARG A 103 -12.78 -8.41 16.61
N GLY A 104 -12.40 -8.89 17.78
CA GLY A 104 -12.38 -10.32 18.08
C GLY A 104 -11.20 -11.08 17.49
N ARG A 105 -10.36 -10.40 16.76
CA ARG A 105 -9.21 -11.02 16.14
C ARG A 105 -7.94 -10.50 16.78
N THR A 106 -7.00 -11.35 16.98
CA THR A 106 -5.74 -10.93 17.51
C THR A 106 -4.88 -10.42 16.38
N ILE A 107 -4.51 -9.19 16.45
CA ILE A 107 -3.71 -8.59 15.43
C ILE A 107 -2.28 -8.53 15.88
N LYS A 108 -1.42 -8.16 14.98
CA LYS A 108 -0.01 -8.07 15.26
C LYS A 108 0.50 -6.77 14.74
N VAL A 109 1.26 -6.08 15.56
CA VAL A 109 1.87 -4.87 15.13
C VAL A 109 3.36 -4.89 15.43
N LEU A 110 4.16 -4.71 14.41
CA LEU A 110 5.58 -4.71 14.60
C LEU A 110 6.21 -3.65 13.70
N PRO A 111 7.31 -3.00 14.14
CA PRO A 111 7.87 -1.87 13.43
C PRO A 111 8.50 -2.21 12.08
N LYS A 112 8.12 -1.46 11.09
CA LYS A 112 8.55 -1.63 9.71
C LYS A 112 9.98 -1.14 9.48
N ARG A 113 10.64 -1.74 8.48
CA ARG A 113 11.95 -1.30 8.04
C ARG A 113 12.36 -1.95 6.71
N THR A 114 13.34 -1.31 6.06
CA THR A 114 14.05 -1.83 4.90
C THR A 114 13.18 -1.93 3.60
N ASN A 115 12.08 -1.24 3.54
CA ASN A 115 11.34 -1.21 2.29
C ASN A 115 11.69 0.05 1.55
N MET A 116 12.17 -0.10 0.36
CA MET A 116 12.49 1.03 -0.44
C MET A 116 11.72 0.95 -1.73
N PRO A 117 10.56 1.62 -1.79
CA PRO A 117 9.74 1.66 -2.99
C PRO A 117 10.49 2.26 -4.17
N GLY A 118 10.76 1.41 -5.12
CA GLY A 118 11.50 1.79 -6.29
C GLY A 118 11.35 0.76 -7.37
N ILE A 119 10.97 -0.47 -6.96
CA ILE A 119 10.69 -1.57 -7.89
C ILE A 119 12.00 -2.17 -8.51
N SER A 120 13.13 -1.48 -8.31
CA SER A 120 14.38 -1.83 -8.96
C SER A 120 14.16 -1.80 -10.47
N SER A 121 13.97 -0.60 -10.97
CA SER A 121 13.59 -0.42 -12.33
C SER A 121 14.76 -0.19 -13.26
N THR A 122 15.10 -1.22 -14.01
CA THR A 122 16.04 -1.08 -15.10
C THR A 122 15.17 -0.82 -16.35
N ASP A 123 13.92 -1.13 -16.16
CA ASP A 123 12.84 -1.00 -17.13
C ASP A 123 12.63 0.43 -17.59
N ARG A 124 12.62 0.61 -18.89
CA ARG A 124 12.33 1.91 -19.49
C ARG A 124 11.08 1.82 -20.33
N ALA B 1 39.16 -5.68 -10.03
CA ALA B 1 39.30 -5.36 -11.43
C ALA B 1 38.12 -4.54 -11.90
N ILE B 2 38.37 -3.56 -12.73
CA ILE B 2 37.33 -2.69 -13.21
C ILE B 2 36.77 -3.19 -14.55
N ALA B 3 35.50 -3.47 -14.57
CA ALA B 3 34.81 -3.91 -15.75
C ALA B 3 33.32 -3.67 -15.58
N PRO B 4 32.62 -3.26 -16.63
CA PRO B 4 31.17 -3.03 -16.58
C PRO B 4 30.37 -4.33 -16.74
N CYS B 5 31.04 -5.45 -16.64
CA CYS B 5 30.41 -6.72 -16.82
C CYS B 5 30.00 -7.35 -15.50
N MET B 6 28.73 -7.23 -15.19
CA MET B 6 28.14 -7.89 -14.07
C MET B 6 26.87 -8.51 -14.59
N GLN B 7 26.92 -9.79 -14.85
CA GLN B 7 25.80 -10.45 -15.46
C GLN B 7 25.54 -11.79 -14.81
N THR B 8 24.57 -11.82 -13.95
CA THR B 8 24.14 -13.04 -13.34
C THR B 8 22.63 -13.18 -13.59
N THR B 9 22.30 -13.67 -14.76
CA THR B 9 20.93 -13.73 -15.19
C THR B 9 20.20 -14.99 -14.78
N HIS B 10 19.56 -14.89 -13.63
CA HIS B 10 18.68 -15.90 -13.05
C HIS B 10 18.26 -15.40 -11.71
N SER B 11 17.10 -15.81 -11.27
CA SER B 11 16.60 -15.38 -9.99
C SER B 11 17.35 -16.04 -8.85
N LYS B 12 17.47 -15.33 -7.76
CA LYS B 12 18.16 -15.83 -6.59
C LYS B 12 17.15 -16.16 -5.50
N MET B 13 17.61 -16.81 -4.46
CA MET B 13 16.73 -17.25 -3.39
C MET B 13 16.39 -16.11 -2.43
N THR B 14 15.47 -15.30 -2.86
CA THR B 14 14.95 -14.21 -2.08
C THR B 14 13.58 -13.84 -2.62
N ALA B 15 12.56 -14.29 -1.94
CA ALA B 15 11.17 -13.99 -2.27
C ALA B 15 10.32 -14.34 -1.10
N GLY B 16 9.28 -13.61 -0.94
CA GLY B 16 8.38 -13.87 0.13
C GLY B 16 6.98 -13.62 -0.28
N ALA B 17 6.15 -13.42 0.68
CA ALA B 17 4.74 -13.23 0.45
C ALA B 17 4.39 -11.79 0.10
N TYR B 18 4.83 -11.39 -1.09
CA TYR B 18 4.51 -10.12 -1.71
C TYR B 18 5.22 -8.91 -1.09
N THR B 19 4.70 -7.73 -1.34
CA THR B 19 5.47 -6.54 -1.07
C THR B 19 5.23 -5.94 0.35
N GLU B 20 6.09 -4.97 0.64
CA GLU B 20 6.21 -4.15 1.84
C GLU B 20 6.20 -4.88 3.20
N GLY B 21 7.04 -4.38 4.08
CA GLY B 21 7.13 -4.81 5.46
C GLY B 21 7.87 -6.11 5.64
N PRO B 22 7.42 -6.92 6.63
CA PRO B 22 8.00 -8.24 6.94
C PRO B 22 8.16 -9.20 5.72
N PRO B 23 7.13 -9.33 4.79
CA PRO B 23 7.25 -10.19 3.61
C PRO B 23 8.57 -10.00 2.88
N GLN B 24 9.19 -11.10 2.55
CA GLN B 24 10.46 -11.06 1.85
C GLN B 24 10.30 -10.48 0.47
N PRO B 25 11.27 -9.66 0.06
CA PRO B 25 11.22 -8.96 -1.21
C PRO B 25 11.22 -9.90 -2.41
N LEU B 26 10.17 -9.81 -3.18
CA LEU B 26 10.01 -10.58 -4.40
C LEU B 26 10.81 -9.94 -5.55
N SER B 27 10.84 -10.56 -6.70
CA SER B 27 11.68 -10.10 -7.81
C SER B 27 11.22 -8.76 -8.38
N ALA B 28 12.20 -7.96 -8.78
CA ALA B 28 12.00 -6.70 -9.48
C ALA B 28 11.08 -6.86 -10.68
N GLU B 29 11.17 -7.99 -11.34
CA GLU B 29 10.32 -8.28 -12.47
C GLU B 29 8.88 -8.40 -12.05
N GLU B 30 8.62 -9.12 -10.97
CA GLU B 30 7.28 -9.23 -10.45
C GLU B 30 6.77 -7.88 -9.98
N LYS B 31 7.67 -7.08 -9.36
CA LYS B 31 7.30 -5.76 -8.84
C LYS B 31 6.84 -4.89 -9.99
N LYS B 32 7.58 -4.97 -11.07
CA LYS B 32 7.34 -4.23 -12.22
C LYS B 32 6.08 -4.69 -12.98
N GLU B 33 5.85 -6.00 -13.04
CA GLU B 33 4.66 -6.55 -13.72
C GLU B 33 3.37 -6.25 -12.96
N ILE B 34 3.41 -6.40 -11.65
CA ILE B 34 2.22 -6.19 -10.83
C ILE B 34 1.82 -4.74 -10.80
N ASP B 35 2.82 -3.87 -10.81
CA ASP B 35 2.61 -2.42 -10.73
C ASP B 35 1.97 -1.93 -12.05
N LYS B 36 2.24 -2.67 -13.14
CA LYS B 36 1.65 -2.38 -14.46
C LYS B 36 0.18 -2.73 -14.49
N ARG B 37 -0.19 -3.75 -13.77
CA ARG B 37 -1.55 -4.22 -13.81
C ARG B 37 -2.31 -3.71 -12.59
N SER B 38 -1.75 -2.67 -12.01
CA SER B 38 -2.37 -1.95 -10.94
C SER B 38 -3.09 -0.72 -11.53
N VAL B 39 -4.04 -0.21 -10.80
CA VAL B 39 -4.74 0.98 -11.20
C VAL B 39 -4.80 1.92 -10.06
N TYR B 40 -4.98 3.16 -10.37
CA TYR B 40 -5.06 4.23 -9.43
C TYR B 40 -6.49 4.62 -9.30
N VAL B 41 -7.02 4.50 -8.14
CA VAL B 41 -8.34 4.92 -7.86
C VAL B 41 -8.26 6.11 -6.93
N GLY B 42 -8.59 7.27 -7.41
CA GLY B 42 -8.47 8.46 -6.62
C GLY B 42 -9.80 9.08 -6.30
N ASN B 43 -9.76 10.12 -5.46
CA ASN B 43 -10.93 10.88 -4.94
C ASN B 43 -11.90 9.97 -4.14
N VAL B 44 -11.45 8.77 -3.89
CA VAL B 44 -12.14 7.84 -3.05
C VAL B 44 -11.73 8.16 -1.62
N ASP B 45 -12.50 9.01 -0.98
CA ASP B 45 -12.02 9.62 0.24
C ASP B 45 -12.19 8.79 1.46
N TYR B 46 -11.22 7.94 1.65
CA TYR B 46 -10.97 7.26 2.91
C TYR B 46 -12.03 6.19 3.28
N GLY B 47 -13.25 6.65 3.60
CA GLY B 47 -14.31 5.80 4.17
C GLY B 47 -14.86 4.71 3.26
N SER B 48 -14.43 4.67 2.04
CA SER B 48 -14.90 3.65 1.14
C SER B 48 -14.29 2.28 1.52
N THR B 49 -15.14 1.30 1.63
CA THR B 49 -14.70 -0.01 2.05
C THR B 49 -14.05 -0.78 0.91
N ALA B 50 -13.13 -1.68 1.25
CA ALA B 50 -12.34 -2.43 0.29
C ALA B 50 -13.21 -3.45 -0.47
N GLN B 51 -14.10 -4.11 0.26
CA GLN B 51 -15.08 -5.05 -0.31
C GLN B 51 -15.96 -4.36 -1.36
N ASP B 52 -16.37 -3.16 -1.06
CA ASP B 52 -17.18 -2.35 -1.98
C ASP B 52 -16.36 -1.92 -3.20
N LEU B 53 -15.08 -1.67 -2.96
CA LEU B 53 -14.13 -1.40 -4.03
C LEU B 53 -13.99 -2.57 -4.98
N GLU B 54 -13.85 -3.79 -4.43
CA GLU B 54 -13.78 -4.97 -5.26
C GLU B 54 -14.97 -5.16 -6.12
N ALA B 55 -16.16 -5.03 -5.58
CA ALA B 55 -17.38 -5.27 -6.36
C ALA B 55 -17.41 -4.42 -7.64
N HIS B 56 -17.11 -3.14 -7.47
CA HIS B 56 -17.12 -2.21 -8.57
C HIS B 56 -16.04 -2.56 -9.60
N PHE B 57 -14.86 -2.93 -9.13
CA PHE B 57 -13.76 -3.28 -10.01
C PHE B 57 -13.76 -4.71 -10.55
N SER B 58 -14.37 -5.62 -9.83
CA SER B 58 -14.37 -7.03 -10.22
C SER B 58 -15.20 -7.23 -11.45
N SER B 59 -16.16 -6.34 -11.67
CA SER B 59 -16.91 -6.37 -12.90
C SER B 59 -15.96 -6.23 -14.13
N CYS B 60 -14.82 -5.56 -13.93
CA CYS B 60 -13.86 -5.34 -15.00
C CYS B 60 -12.67 -6.33 -14.98
N GLY B 61 -12.71 -7.33 -14.13
CA GLY B 61 -11.59 -8.25 -14.10
C GLY B 61 -11.39 -8.97 -12.80
N SER B 62 -10.25 -9.61 -12.70
CA SER B 62 -9.90 -10.42 -11.56
C SER B 62 -8.94 -9.64 -10.65
N ILE B 63 -9.34 -9.44 -9.43
CA ILE B 63 -8.53 -8.73 -8.44
C ILE B 63 -7.58 -9.67 -7.70
N ASN B 64 -6.31 -9.31 -7.72
CA ASN B 64 -5.27 -10.07 -7.00
C ASN B 64 -5.18 -9.59 -5.57
N ARG B 65 -5.15 -8.29 -5.44
CA ARG B 65 -4.92 -7.60 -4.18
C ARG B 65 -5.48 -6.22 -4.34
N ILE B 66 -5.64 -5.52 -3.26
CA ILE B 66 -6.07 -4.14 -3.29
C ILE B 66 -5.40 -3.42 -2.16
N THR B 67 -5.02 -2.24 -2.41
CA THR B 67 -4.35 -1.44 -1.47
C THR B 67 -5.13 -0.15 -1.33
N ILE B 68 -5.50 0.20 -0.14
CA ILE B 68 -6.25 1.40 0.06
C ILE B 68 -5.42 2.24 0.97
N LEU B 69 -4.99 3.36 0.52
CA LEU B 69 -4.17 4.20 1.34
C LEU B 69 -4.77 5.56 1.53
N CYS B 70 -4.83 5.96 2.75
CA CYS B 70 -5.40 7.22 3.10
C CYS B 70 -4.33 8.08 3.74
N ASP B 71 -4.20 9.31 3.31
CA ASP B 71 -3.21 10.17 3.90
C ASP B 71 -3.89 11.29 4.62
N LYS B 72 -3.40 11.61 5.79
CA LYS B 72 -3.95 12.71 6.50
C LYS B 72 -2.86 13.75 6.73
N PHE B 73 -1.73 13.61 6.04
CA PHE B 73 -0.68 14.61 6.15
C PHE B 73 -1.15 15.88 5.46
N SER B 74 -2.12 15.70 4.56
CA SER B 74 -2.76 16.80 3.87
C SER B 74 -3.76 17.51 4.81
N GLY B 75 -3.81 17.09 6.07
CA GLY B 75 -4.71 17.67 7.07
C GLY B 75 -6.05 17.04 6.98
N HIS B 76 -6.57 17.07 5.81
CA HIS B 76 -7.81 16.42 5.50
C HIS B 76 -7.47 15.07 4.95
N PRO B 77 -7.97 14.01 5.56
CA PRO B 77 -7.63 12.66 5.15
C PRO B 77 -8.20 12.32 3.78
N LYS B 78 -7.32 12.00 2.87
CA LYS B 78 -7.69 11.68 1.53
C LYS B 78 -7.54 10.21 1.35
N GLY B 79 -8.14 9.70 0.33
CA GLY B 79 -7.96 8.33 0.04
C GLY B 79 -7.69 8.08 -1.40
N TYR B 80 -6.87 7.12 -1.65
CA TYR B 80 -6.59 6.63 -2.95
C TYR B 80 -6.27 5.17 -2.85
N ALA B 81 -6.70 4.42 -3.81
CA ALA B 81 -6.58 3.00 -3.73
C ALA B 81 -5.98 2.45 -4.98
N TYR B 82 -5.20 1.44 -4.84
CA TYR B 82 -4.61 0.78 -5.94
C TYR B 82 -5.13 -0.62 -6.01
N ILE B 83 -5.83 -0.88 -7.07
CA ILE B 83 -6.44 -2.17 -7.27
C ILE B 83 -5.55 -2.97 -8.22
N GLU B 84 -5.03 -4.09 -7.78
CA GLU B 84 -4.16 -4.89 -8.63
C GLU B 84 -4.96 -5.99 -9.31
N PHE B 85 -4.97 -5.96 -10.60
CA PHE B 85 -5.68 -6.96 -11.36
C PHE B 85 -4.74 -8.04 -11.83
N ALA B 86 -5.27 -9.20 -12.03
CA ALA B 86 -4.53 -10.35 -12.54
C ALA B 86 -3.95 -10.07 -13.93
N GLU B 87 -4.65 -9.25 -14.69
CA GLU B 87 -4.24 -8.98 -16.06
C GLU B 87 -4.22 -7.49 -16.36
N ARG B 88 -3.45 -7.15 -17.37
CA ARG B 88 -3.39 -5.82 -17.94
C ARG B 88 -4.70 -5.50 -18.63
N ASN B 89 -5.31 -6.52 -19.21
CA ASN B 89 -6.58 -6.34 -19.89
C ASN B 89 -7.68 -5.94 -18.93
N SER B 90 -7.56 -6.36 -17.68
CA SER B 90 -8.54 -6.01 -16.69
C SER B 90 -8.47 -4.51 -16.38
N VAL B 91 -7.25 -3.96 -16.36
CA VAL B 91 -7.08 -2.55 -16.05
C VAL B 91 -7.71 -1.73 -17.16
N ASP B 92 -7.56 -2.21 -18.39
CA ASP B 92 -8.06 -1.53 -19.58
C ASP B 92 -9.59 -1.45 -19.52
N ALA B 93 -10.19 -2.50 -18.97
CA ALA B 93 -11.63 -2.55 -18.79
C ALA B 93 -12.07 -1.64 -17.63
N ALA B 94 -11.25 -1.61 -16.57
CA ALA B 94 -11.56 -0.85 -15.36
C ALA B 94 -11.43 0.65 -15.58
N VAL B 95 -10.35 1.05 -16.25
CA VAL B 95 -10.09 2.46 -16.58
C VAL B 95 -11.23 3.12 -17.36
N ALA B 96 -12.06 2.30 -18.00
CA ALA B 96 -13.22 2.79 -18.74
C ALA B 96 -14.29 3.35 -17.78
N MET B 97 -14.11 3.07 -16.50
CA MET B 97 -15.04 3.55 -15.47
C MET B 97 -14.48 4.78 -14.77
N ASP B 98 -13.39 5.32 -15.29
CA ASP B 98 -12.71 6.49 -14.69
C ASP B 98 -13.64 7.64 -14.27
N GLU B 99 -14.71 7.92 -14.98
CA GLU B 99 -15.61 9.00 -14.59
C GLU B 99 -16.89 8.46 -13.83
N THR B 100 -16.78 7.33 -13.13
CA THR B 100 -17.94 6.79 -12.41
C THR B 100 -18.03 7.35 -10.98
N VAL B 101 -19.21 7.27 -10.39
CA VAL B 101 -19.41 7.78 -9.05
C VAL B 101 -19.29 6.63 -8.04
N PHE B 102 -18.66 6.89 -6.93
CA PHE B 102 -18.42 5.86 -5.96
C PHE B 102 -18.65 6.45 -4.55
N ARG B 103 -19.55 5.82 -3.81
CA ARG B 103 -19.93 6.22 -2.43
C ARG B 103 -20.38 7.70 -2.37
N GLY B 104 -20.97 8.15 -3.45
CA GLY B 104 -21.53 9.49 -3.51
C GLY B 104 -20.63 10.52 -4.17
N ARG B 105 -19.41 10.16 -4.47
CA ARG B 105 -18.49 11.11 -5.08
C ARG B 105 -17.79 10.49 -6.27
N THR B 106 -17.38 11.28 -7.20
CA THR B 106 -16.81 10.79 -8.41
C THR B 106 -15.36 10.35 -8.20
N ILE B 107 -15.06 9.14 -8.57
CA ILE B 107 -13.71 8.65 -8.42
C ILE B 107 -12.99 8.65 -9.74
N LYS B 108 -11.73 8.37 -9.70
CA LYS B 108 -10.90 8.38 -10.88
C LYS B 108 -10.14 7.08 -10.93
N VAL B 109 -10.12 6.42 -12.08
CA VAL B 109 -9.34 5.24 -12.25
C VAL B 109 -8.44 5.36 -13.48
N LEU B 110 -7.19 5.14 -13.27
CA LEU B 110 -6.14 5.43 -14.21
C LEU B 110 -5.11 4.27 -14.06
N PRO B 111 -4.56 3.72 -15.15
CA PRO B 111 -3.64 2.59 -15.06
C PRO B 111 -2.25 3.01 -14.56
N LYS B 112 -1.70 2.22 -13.67
CA LYS B 112 -0.45 2.50 -13.06
C LYS B 112 0.69 1.85 -13.83
N ARG B 113 1.88 2.52 -13.86
CA ARG B 113 3.12 1.98 -14.50
C ARG B 113 2.84 1.61 -15.97
N THR B 114 1.96 2.33 -16.57
CA THR B 114 1.58 2.02 -17.87
C THR B 114 2.56 2.50 -18.91
N ASN B 115 3.55 1.68 -19.12
CA ASN B 115 4.46 1.81 -20.19
C ASN B 115 4.10 0.69 -21.11
N MET B 116 3.26 0.99 -22.03
CA MET B 116 2.64 0.00 -22.86
C MET B 116 2.96 0.23 -24.30
N PRO B 117 3.24 -0.85 -25.06
CA PRO B 117 3.35 -0.73 -26.49
C PRO B 117 1.97 -0.41 -27.05
N GLY B 118 1.76 0.85 -27.34
CA GLY B 118 0.49 1.34 -27.77
C GLY B 118 0.14 0.95 -29.18
N ILE B 119 -1.01 1.44 -29.63
CA ILE B 119 -1.55 1.17 -30.94
C ILE B 119 -2.02 -0.27 -31.06
N SER B 120 -3.31 -0.44 -31.10
CA SER B 120 -3.93 -1.72 -31.25
C SER B 120 -3.53 -2.34 -32.58
N SER B 121 -3.17 -3.60 -32.56
CA SER B 121 -2.77 -4.28 -33.75
C SER B 121 -3.98 -4.57 -34.65
N THR B 122 -4.21 -3.70 -35.61
CA THR B 122 -5.31 -3.84 -36.52
C THR B 122 -4.84 -3.71 -37.96
N ASP B 123 -4.72 -4.84 -38.61
CA ASP B 123 -4.31 -4.86 -39.99
C ASP B 123 -5.47 -5.31 -40.85
N ARG B 124 -5.83 -4.50 -41.81
CA ARG B 124 -6.95 -4.79 -42.67
C ARG B 124 -6.59 -4.53 -44.11
N ALA A 1 3.88 -22.72 35.44
CA ALA A 1 2.45 -22.74 35.69
C ALA A 1 1.72 -23.18 34.45
N ILE A 2 0.96 -24.25 34.55
CA ILE A 2 0.19 -24.73 33.45
C ILE A 2 -1.13 -23.99 33.44
N ALA A 3 -1.36 -23.25 32.38
CA ALA A 3 -2.54 -22.42 32.28
C ALA A 3 -3.31 -22.78 31.03
N PRO A 4 -4.64 -22.91 31.12
CA PRO A 4 -5.47 -23.21 29.97
C PRO A 4 -5.49 -22.03 28.99
N CYS A 5 -4.76 -22.19 27.93
CA CYS A 5 -4.62 -21.17 26.93
C CYS A 5 -4.25 -21.82 25.61
N MET A 6 -4.69 -21.24 24.53
CA MET A 6 -4.41 -21.77 23.22
C MET A 6 -4.12 -20.65 22.27
N GLN A 7 -2.87 -20.48 21.96
CA GLN A 7 -2.45 -19.45 21.07
C GLN A 7 -1.38 -19.96 20.13
N THR A 8 -1.77 -20.25 18.93
CA THR A 8 -0.87 -20.71 17.91
C THR A 8 -1.33 -20.16 16.57
N THR A 9 -0.92 -18.94 16.29
CA THR A 9 -1.28 -18.25 15.08
C THR A 9 -0.15 -17.39 14.53
N HIS A 10 0.76 -18.01 13.83
CA HIS A 10 1.83 -17.30 13.15
C HIS A 10 2.00 -17.94 11.80
N SER A 11 1.26 -17.46 10.83
CA SER A 11 1.29 -18.05 9.52
C SER A 11 1.26 -17.01 8.41
N LYS A 12 1.27 -15.75 8.78
CA LYS A 12 1.27 -14.69 7.81
C LYS A 12 2.63 -14.04 7.75
N MET A 13 3.41 -14.51 6.83
CA MET A 13 4.76 -14.03 6.68
C MET A 13 4.95 -13.61 5.22
N THR A 14 4.69 -14.53 4.31
CA THR A 14 4.78 -14.24 2.88
C THR A 14 3.60 -13.34 2.48
N ALA A 15 3.87 -12.27 1.76
CA ALA A 15 2.84 -11.32 1.53
C ALA A 15 2.67 -10.85 0.09
N GLY A 16 3.46 -9.89 -0.35
CA GLY A 16 3.30 -9.37 -1.69
C GLY A 16 4.28 -8.28 -2.03
N ALA A 17 3.92 -7.43 -2.98
CA ALA A 17 4.80 -6.39 -3.47
C ALA A 17 4.40 -4.99 -2.98
N TYR A 18 5.04 -3.99 -3.56
CA TYR A 18 4.82 -2.60 -3.25
C TYR A 18 4.53 -1.86 -4.57
N THR A 19 3.38 -1.19 -4.63
CA THR A 19 2.90 -0.60 -5.87
C THR A 19 2.19 0.76 -5.61
N GLU A 20 2.40 1.74 -6.50
CA GLU A 20 1.75 3.05 -6.44
C GLU A 20 1.79 3.59 -7.88
N GLY A 21 1.40 4.83 -8.07
CA GLY A 21 1.43 5.44 -9.38
C GLY A 21 2.19 6.74 -9.33
N PRO A 22 1.49 7.90 -9.26
CA PRO A 22 2.13 9.20 -9.13
C PRO A 22 3.14 9.37 -7.94
N PRO A 23 2.91 8.80 -6.69
CA PRO A 23 3.82 9.02 -5.58
C PRO A 23 5.10 8.20 -5.68
N GLN A 24 6.18 8.82 -5.35
CA GLN A 24 7.49 8.22 -5.31
C GLN A 24 8.14 8.69 -4.05
N PRO A 25 9.24 8.05 -3.60
CA PRO A 25 9.99 8.49 -2.44
C PRO A 25 10.32 9.99 -2.49
N LEU A 26 9.70 10.68 -1.59
CA LEU A 26 9.82 12.13 -1.36
C LEU A 26 11.26 12.59 -0.94
N SER A 27 11.38 13.78 -0.34
CA SER A 27 12.69 14.32 0.04
C SER A 27 13.40 13.40 1.06
N ALA A 28 14.73 13.32 0.97
CA ALA A 28 15.51 12.35 1.77
C ALA A 28 15.26 12.43 3.26
N GLU A 29 15.33 13.62 3.84
CA GLU A 29 15.12 13.77 5.28
C GLU A 29 13.68 13.59 5.69
N GLU A 30 12.75 13.95 4.81
CA GLU A 30 11.35 13.66 5.04
C GLU A 30 11.13 12.15 5.16
N LYS A 31 11.87 11.38 4.33
CA LYS A 31 11.78 9.92 4.35
C LYS A 31 12.21 9.43 5.70
N LYS A 32 13.38 9.92 6.13
CA LYS A 32 14.01 9.58 7.41
C LYS A 32 13.03 9.81 8.55
N GLU A 33 12.41 10.96 8.51
CA GLU A 33 11.56 11.44 9.56
C GLU A 33 10.25 10.63 9.63
N ILE A 34 9.63 10.41 8.49
CA ILE A 34 8.36 9.67 8.45
C ILE A 34 8.54 8.17 8.74
N ASP A 35 9.65 7.61 8.24
CA ASP A 35 9.93 6.16 8.38
C ASP A 35 10.15 5.78 9.83
N LYS A 36 10.72 6.72 10.61
CA LYS A 36 10.96 6.53 12.06
C LYS A 36 9.68 6.19 12.80
N ARG A 37 8.56 6.62 12.25
CA ARG A 37 7.32 6.51 12.90
C ARG A 37 6.38 5.59 12.14
N SER A 38 6.91 4.80 11.24
CA SER A 38 6.11 3.94 10.44
C SER A 38 6.06 2.54 11.06
N VAL A 39 4.92 1.91 10.95
CA VAL A 39 4.69 0.63 11.57
C VAL A 39 4.18 -0.35 10.52
N TYR A 40 4.51 -1.60 10.69
CA TYR A 40 3.91 -2.68 9.94
C TYR A 40 2.78 -3.27 10.75
N VAL A 41 1.60 -3.32 10.19
CA VAL A 41 0.45 -3.95 10.81
C VAL A 41 0.02 -5.09 9.89
N GLY A 42 0.16 -6.29 10.31
CA GLY A 42 -0.18 -7.39 9.47
C GLY A 42 -1.42 -8.12 9.89
N ASN A 43 -1.94 -8.90 8.96
CA ASN A 43 -3.13 -9.74 9.11
C ASN A 43 -4.39 -8.92 9.54
N VAL A 44 -4.45 -7.66 9.10
CA VAL A 44 -5.64 -6.84 9.30
C VAL A 44 -6.85 -7.54 8.73
N ASP A 45 -7.90 -7.57 9.53
CA ASP A 45 -9.09 -8.30 9.19
C ASP A 45 -9.76 -7.61 8.05
N TYR A 46 -10.31 -8.37 7.13
CA TYR A 46 -10.96 -7.77 6.01
C TYR A 46 -12.29 -7.22 6.48
N GLY A 47 -12.27 -5.99 6.82
CA GLY A 47 -13.38 -5.33 7.37
C GLY A 47 -12.91 -4.25 8.29
N SER A 48 -11.66 -4.38 8.75
CA SER A 48 -11.12 -3.38 9.58
C SER A 48 -10.40 -2.36 8.75
N THR A 49 -11.18 -1.50 8.14
CA THR A 49 -10.73 -0.43 7.33
C THR A 49 -9.95 0.61 8.12
N ALA A 50 -9.55 1.63 7.41
CA ALA A 50 -8.69 2.66 7.92
C ALA A 50 -9.19 3.23 9.25
N GLN A 51 -10.48 3.58 9.32
CA GLN A 51 -11.07 4.12 10.55
C GLN A 51 -10.99 3.14 11.73
N ASP A 52 -11.19 1.87 11.43
CA ASP A 52 -11.17 0.78 12.43
C ASP A 52 -9.75 0.70 12.99
N LEU A 53 -8.81 0.88 12.09
CA LEU A 53 -7.41 0.88 12.39
C LEU A 53 -7.01 2.15 13.14
N GLU A 54 -7.51 3.32 12.68
CA GLU A 54 -7.18 4.58 13.34
C GLU A 54 -7.57 4.54 14.77
N ALA A 55 -8.78 4.13 15.06
CA ALA A 55 -9.26 4.12 16.45
C ALA A 55 -8.37 3.27 17.34
N HIS A 56 -8.07 2.08 16.88
CA HIS A 56 -7.29 1.15 17.65
C HIS A 56 -5.85 1.66 17.84
N PHE A 57 -5.29 2.28 16.81
CA PHE A 57 -3.95 2.85 16.88
C PHE A 57 -3.90 4.21 17.52
N SER A 58 -5.02 4.89 17.52
CA SER A 58 -5.12 6.24 18.05
C SER A 58 -4.97 6.17 19.55
N SER A 59 -5.30 5.02 20.11
CA SER A 59 -5.08 4.81 21.50
C SER A 59 -3.56 4.89 21.82
N CYS A 60 -2.72 4.55 20.85
CA CYS A 60 -1.28 4.61 20.99
C CYS A 60 -0.67 5.94 20.46
N GLY A 61 -1.49 6.85 19.94
CA GLY A 61 -0.93 8.09 19.42
C GLY A 61 -1.72 8.73 18.29
N SER A 62 -1.04 9.58 17.52
CA SER A 62 -1.69 10.34 16.46
C SER A 62 -1.17 9.89 15.08
N ILE A 63 -2.09 9.58 14.20
CA ILE A 63 -1.78 9.07 12.87
C ILE A 63 -1.61 10.19 11.81
N ASN A 64 -0.56 10.06 11.02
CA ASN A 64 -0.23 10.99 9.90
C ASN A 64 -0.63 10.39 8.54
N ARG A 65 -0.32 9.14 8.34
CA ARG A 65 -0.62 8.41 7.11
C ARG A 65 -0.95 7.00 7.47
N ILE A 66 -1.73 6.38 6.66
CA ILE A 66 -2.09 5.02 6.82
C ILE A 66 -2.33 4.39 5.47
N THR A 67 -1.77 3.24 5.29
CA THR A 67 -1.82 2.53 4.05
C THR A 67 -2.37 1.17 4.36
N ILE A 68 -3.36 0.73 3.63
CA ILE A 68 -3.92 -0.57 3.90
C ILE A 68 -3.95 -1.29 2.58
N LEU A 69 -3.28 -2.37 2.49
CA LEU A 69 -3.34 -3.13 1.29
C LEU A 69 -3.85 -4.52 1.52
N CYS A 70 -4.79 -4.90 0.71
CA CYS A 70 -5.47 -6.13 0.80
C CYS A 70 -5.12 -6.97 -0.43
N ASP A 71 -4.53 -8.09 -0.21
CA ASP A 71 -4.06 -8.97 -1.28
C ASP A 71 -4.82 -10.29 -1.25
N LYS A 72 -5.52 -10.58 -2.28
CA LYS A 72 -6.38 -11.74 -2.36
C LYS A 72 -5.86 -12.73 -3.44
N PHE A 73 -4.59 -12.58 -3.88
CA PHE A 73 -4.11 -13.46 -4.97
C PHE A 73 -4.08 -14.95 -4.57
N SER A 74 -4.02 -15.21 -3.28
CA SER A 74 -3.96 -16.57 -2.79
C SER A 74 -5.39 -17.10 -2.46
N GLY A 75 -6.41 -16.39 -2.90
CA GLY A 75 -7.77 -16.84 -2.68
C GLY A 75 -8.36 -16.20 -1.47
N HIS A 76 -7.67 -16.30 -0.36
CA HIS A 76 -8.08 -15.65 0.85
C HIS A 76 -7.48 -14.29 0.88
N PRO A 77 -8.28 -13.27 1.07
CA PRO A 77 -7.79 -11.92 1.04
C PRO A 77 -6.99 -11.57 2.27
N LYS A 78 -5.75 -11.24 2.02
CA LYS A 78 -4.84 -10.85 3.03
C LYS A 78 -4.91 -9.39 3.22
N GLY A 79 -4.23 -8.94 4.20
CA GLY A 79 -4.26 -7.58 4.50
C GLY A 79 -3.14 -7.21 5.37
N TYR A 80 -2.55 -6.12 5.06
CA TYR A 80 -1.54 -5.53 5.86
C TYR A 80 -1.55 -4.04 5.69
N ALA A 81 -1.29 -3.36 6.75
CA ALA A 81 -1.39 -1.95 6.78
C ALA A 81 -0.16 -1.37 7.39
N TYR A 82 0.20 -0.24 6.94
CA TYR A 82 1.33 0.45 7.47
C TYR A 82 0.85 1.80 7.96
N ILE A 83 1.02 2.05 9.24
CA ILE A 83 0.53 3.28 9.84
C ILE A 83 1.73 4.14 10.18
N GLU A 84 1.65 5.40 9.89
CA GLU A 84 2.71 6.33 10.24
C GLU A 84 2.17 7.32 11.27
N PHE A 85 2.84 7.42 12.40
CA PHE A 85 2.43 8.33 13.46
C PHE A 85 3.19 9.65 13.42
N ALA A 86 2.67 10.64 14.12
CA ALA A 86 3.34 11.94 14.26
C ALA A 86 4.52 11.83 15.22
N GLU A 87 4.32 11.12 16.30
CA GLU A 87 5.36 10.92 17.27
C GLU A 87 6.00 9.57 17.16
N ARG A 88 7.29 9.52 17.40
CA ARG A 88 8.05 8.30 17.35
C ARG A 88 7.69 7.48 18.59
N ASN A 89 7.28 8.17 19.63
CA ASN A 89 6.88 7.49 20.85
C ASN A 89 5.54 6.77 20.67
N SER A 90 4.75 7.19 19.68
CA SER A 90 3.48 6.57 19.42
C SER A 90 3.67 5.16 18.82
N VAL A 91 4.64 5.02 17.92
CA VAL A 91 4.93 3.72 17.33
C VAL A 91 5.46 2.79 18.38
N ASP A 92 6.31 3.32 19.24
CA ASP A 92 6.91 2.56 20.31
C ASP A 92 5.83 2.03 21.26
N ALA A 93 4.75 2.80 21.41
CA ALA A 93 3.61 2.39 22.23
C ALA A 93 2.78 1.30 21.53
N ALA A 94 2.69 1.39 20.20
CA ALA A 94 1.87 0.46 19.42
C ALA A 94 2.54 -0.90 19.27
N VAL A 95 3.86 -0.89 19.10
CA VAL A 95 4.64 -2.15 18.97
C VAL A 95 4.49 -3.12 20.15
N ALA A 96 4.07 -2.62 21.30
CA ALA A 96 3.87 -3.46 22.49
C ALA A 96 2.63 -4.35 22.31
N MET A 97 1.87 -4.04 21.30
CA MET A 97 0.63 -4.70 21.00
C MET A 97 0.87 -5.69 19.86
N ASP A 98 2.17 -5.84 19.46
CA ASP A 98 2.62 -6.72 18.33
C ASP A 98 1.87 -8.01 18.21
N GLU A 99 1.61 -8.68 19.32
CA GLU A 99 0.81 -9.83 19.27
C GLU A 99 -0.45 -9.63 20.08
N THR A 100 -1.51 -9.42 19.37
CA THR A 100 -2.81 -9.26 19.93
C THR A 100 -3.82 -9.85 18.96
N VAL A 101 -5.03 -10.06 19.41
CA VAL A 101 -6.03 -10.65 18.57
C VAL A 101 -7.13 -9.61 18.28
N PHE A 102 -7.16 -9.20 17.06
CA PHE A 102 -8.01 -8.14 16.62
C PHE A 102 -9.16 -8.72 15.79
N ARG A 103 -10.40 -8.43 16.20
CA ARG A 103 -11.65 -8.95 15.60
C ARG A 103 -11.63 -10.46 15.28
N GLY A 104 -10.89 -11.19 16.08
CA GLY A 104 -10.89 -12.63 16.01
C GLY A 104 -9.64 -13.19 15.35
N ARG A 105 -8.78 -12.34 14.87
CA ARG A 105 -7.52 -12.80 14.29
C ARG A 105 -6.31 -12.06 14.83
N THR A 106 -5.26 -12.81 15.06
CA THR A 106 -4.02 -12.29 15.62
C THR A 106 -3.28 -11.42 14.59
N ILE A 107 -3.02 -10.18 14.95
CA ILE A 107 -2.27 -9.29 14.07
C ILE A 107 -0.83 -9.16 14.54
N LYS A 108 -0.02 -8.53 13.72
CA LYS A 108 1.37 -8.23 14.00
C LYS A 108 1.64 -6.78 13.80
N VAL A 109 2.11 -6.12 14.82
CA VAL A 109 2.43 -4.71 14.70
C VAL A 109 3.86 -4.47 15.21
N LEU A 110 4.71 -4.05 14.35
CA LEU A 110 6.09 -3.85 14.71
C LEU A 110 6.63 -2.67 13.93
N PRO A 111 7.73 -2.04 14.36
CA PRO A 111 8.19 -0.84 13.74
C PRO A 111 8.96 -1.12 12.48
N LYS A 112 8.75 -0.33 11.48
CA LYS A 112 9.53 -0.51 10.32
C LYS A 112 10.90 0.11 10.62
N ARG A 113 11.96 -0.57 10.25
CA ARG A 113 13.30 -0.05 10.52
C ARG A 113 13.73 1.02 9.55
N THR A 114 13.87 0.67 8.28
CA THR A 114 14.31 1.62 7.28
C THR A 114 13.72 1.31 5.90
N ASN A 115 12.64 2.00 5.52
CA ASN A 115 12.09 1.88 4.15
C ASN A 115 11.25 3.07 3.76
N MET A 116 11.82 3.86 2.89
CA MET A 116 11.21 5.07 2.39
C MET A 116 9.96 4.77 1.52
N PRO A 117 8.81 5.36 1.85
CA PRO A 117 7.60 5.20 1.08
C PRO A 117 7.42 6.32 0.05
N GLY A 118 6.40 6.20 -0.76
CA GLY A 118 6.09 7.23 -1.73
C GLY A 118 4.93 8.09 -1.28
N ILE A 119 4.95 9.35 -1.68
CA ILE A 119 3.89 10.27 -1.30
C ILE A 119 3.73 11.29 -2.44
N SER A 120 2.70 12.12 -2.38
CA SER A 120 2.52 13.17 -3.33
C SER A 120 3.57 14.26 -3.10
N SER A 121 4.61 14.23 -3.90
CA SER A 121 5.70 15.16 -3.79
C SER A 121 5.32 16.49 -4.44
N THR A 122 4.88 17.42 -3.64
CA THR A 122 4.50 18.70 -4.12
C THR A 122 5.02 19.78 -3.18
N ASP A 123 5.54 20.85 -3.75
CA ASP A 123 6.07 21.98 -2.99
C ASP A 123 6.41 23.11 -3.94
N ARG A 124 7.46 22.91 -4.70
CA ARG A 124 7.92 23.90 -5.66
C ARG A 124 8.25 23.21 -6.97
N ALA B 1 8.98 5.58 -19.38
CA ALA B 1 8.79 4.47 -18.45
C ALA B 1 9.60 3.28 -18.91
N ILE B 2 9.94 3.28 -20.17
CA ILE B 2 10.70 2.22 -20.75
C ILE B 2 12.18 2.58 -20.87
N ALA B 3 12.98 1.94 -20.09
CA ALA B 3 14.41 2.16 -20.01
C ALA B 3 15.06 0.84 -19.59
N PRO B 4 16.45 0.74 -19.57
CA PRO B 4 17.22 -0.43 -19.09
C PRO B 4 16.47 -1.28 -18.05
N CYS B 5 16.26 -2.54 -18.39
CA CYS B 5 15.50 -3.48 -17.59
C CYS B 5 16.02 -3.68 -16.14
N MET B 6 15.37 -2.98 -15.23
CA MET B 6 15.63 -3.05 -13.81
C MET B 6 14.52 -2.30 -13.11
N GLN B 7 14.27 -2.61 -11.87
CA GLN B 7 13.19 -1.96 -11.15
C GLN B 7 13.72 -0.73 -10.43
N THR B 8 12.89 0.28 -10.27
CA THR B 8 13.27 1.46 -9.58
C THR B 8 13.29 1.24 -8.05
N THR B 9 14.40 0.76 -7.59
CA THR B 9 14.63 0.50 -6.20
C THR B 9 16.08 0.83 -5.89
N HIS B 10 16.33 1.50 -4.80
CA HIS B 10 17.68 1.82 -4.43
C HIS B 10 18.25 0.73 -3.59
N SER B 11 18.60 -0.33 -4.25
CA SER B 11 19.14 -1.48 -3.61
C SER B 11 20.16 -2.15 -4.53
N LYS B 12 21.39 -1.78 -4.34
CA LYS B 12 22.48 -2.31 -5.12
C LYS B 12 23.31 -3.26 -4.26
N MET B 13 23.52 -2.86 -3.02
CA MET B 13 24.22 -3.68 -2.07
C MET B 13 23.61 -3.50 -0.70
N THR B 14 22.54 -4.23 -0.48
CA THR B 14 21.83 -4.23 0.76
C THR B 14 21.00 -5.51 0.88
N ALA B 15 21.55 -6.50 1.54
CA ALA B 15 20.90 -7.78 1.69
C ALA B 15 20.11 -7.79 2.98
N GLY B 16 18.90 -8.27 2.91
CA GLY B 16 18.04 -8.33 4.07
C GLY B 16 17.30 -7.03 4.33
N ALA B 17 18.04 -5.94 4.32
CA ALA B 17 17.48 -4.64 4.58
C ALA B 17 16.77 -4.06 3.36
N TYR B 18 15.46 -4.19 3.38
CA TYR B 18 14.57 -3.64 2.36
C TYR B 18 13.40 -3.01 3.10
N THR B 19 12.76 -3.82 3.90
CA THR B 19 11.76 -3.40 4.87
C THR B 19 10.27 -3.32 4.42
N GLU B 20 9.79 -4.48 4.13
CA GLU B 20 8.39 -4.84 3.98
C GLU B 20 8.14 -5.67 5.22
N GLY B 21 9.23 -6.33 5.62
CA GLY B 21 9.34 -7.03 6.87
C GLY B 21 9.18 -8.52 6.73
N PRO B 22 7.98 -9.02 7.07
CA PRO B 22 7.63 -10.45 6.97
C PRO B 22 8.11 -11.20 5.64
N PRO B 23 7.75 -10.71 4.41
CA PRO B 23 8.20 -11.32 3.17
C PRO B 23 9.50 -10.70 2.66
N GLN B 24 10.13 -11.33 1.71
CA GLN B 24 11.33 -10.80 1.10
C GLN B 24 11.16 -10.70 -0.43
N PRO B 25 11.94 -9.77 -1.09
CA PRO B 25 11.89 -9.47 -2.53
C PRO B 25 11.40 -10.58 -3.44
N LEU B 26 10.27 -10.32 -4.06
CA LEU B 26 9.69 -11.20 -5.05
C LEU B 26 10.38 -11.08 -6.42
N SER B 27 10.02 -11.97 -7.33
CA SER B 27 10.64 -12.08 -8.64
C SER B 27 10.32 -10.90 -9.57
N ALA B 28 11.30 -10.58 -10.44
CA ALA B 28 11.15 -9.56 -11.49
C ALA B 28 9.93 -9.85 -12.33
N GLU B 29 9.75 -11.09 -12.75
CA GLU B 29 8.61 -11.46 -13.57
C GLU B 29 7.30 -11.42 -12.81
N GLU B 30 7.35 -11.65 -11.50
CA GLU B 30 6.16 -11.45 -10.68
C GLU B 30 5.71 -10.01 -10.73
N LYS B 31 6.69 -9.08 -10.76
CA LYS B 31 6.41 -7.65 -10.84
C LYS B 31 5.71 -7.41 -12.16
N LYS B 32 6.32 -7.93 -13.22
CA LYS B 32 5.83 -7.81 -14.60
C LYS B 32 4.37 -8.24 -14.70
N GLU B 33 4.06 -9.39 -14.11
CA GLU B 33 2.70 -9.93 -14.13
C GLU B 33 1.69 -9.09 -13.36
N ILE B 34 2.02 -8.74 -12.13
CA ILE B 34 1.08 -8.03 -11.28
C ILE B 34 0.84 -6.61 -11.74
N ASP B 35 1.89 -5.98 -12.25
CA ASP B 35 1.85 -4.61 -12.74
C ASP B 35 0.92 -4.47 -13.93
N LYS B 36 0.88 -5.50 -14.79
CA LYS B 36 -0.03 -5.53 -15.97
C LYS B 36 -1.47 -5.37 -15.54
N ARG B 37 -1.75 -5.73 -14.33
CA ARG B 37 -3.07 -5.78 -13.81
C ARG B 37 -3.30 -4.73 -12.74
N SER B 38 -2.40 -3.76 -12.63
CA SER B 38 -2.54 -2.73 -11.61
C SER B 38 -3.26 -1.51 -12.16
N VAL B 39 -4.07 -0.90 -11.32
CA VAL B 39 -4.87 0.25 -11.68
C VAL B 39 -4.66 1.33 -10.63
N TYR B 40 -4.82 2.58 -11.04
CA TYR B 40 -4.80 3.71 -10.14
C TYR B 40 -6.22 4.16 -9.98
N VAL B 41 -6.67 4.21 -8.78
CA VAL B 41 -7.98 4.72 -8.43
C VAL B 41 -7.77 5.94 -7.55
N GLY B 42 -8.09 7.09 -8.02
CA GLY B 42 -7.84 8.28 -7.24
C GLY B 42 -9.09 8.98 -6.78
N ASN B 43 -8.90 9.95 -5.87
CA ASN B 43 -9.95 10.82 -5.26
C ASN B 43 -11.00 10.03 -4.44
N VAL B 44 -10.65 8.81 -4.07
CA VAL B 44 -11.51 7.97 -3.22
C VAL B 44 -11.71 8.64 -1.86
N ASP B 45 -12.96 8.71 -1.44
CA ASP B 45 -13.34 9.39 -0.20
C ASP B 45 -12.94 8.52 0.98
N TYR B 46 -12.76 9.12 2.13
CA TYR B 46 -12.31 8.40 3.32
C TYR B 46 -13.43 7.44 3.80
N GLY B 47 -14.64 7.70 3.35
CA GLY B 47 -15.76 6.87 3.68
C GLY B 47 -15.84 5.65 2.80
N SER B 48 -15.07 5.65 1.71
CA SER B 48 -15.05 4.53 0.85
C SER B 48 -14.00 3.53 1.36
N THR B 49 -14.38 2.30 1.43
CA THR B 49 -13.54 1.29 2.02
C THR B 49 -13.02 0.31 0.99
N ALA B 50 -12.21 -0.67 1.44
CA ALA B 50 -11.70 -1.68 0.55
C ALA B 50 -12.85 -2.50 -0.01
N GLN B 51 -13.76 -2.96 0.86
CA GLN B 51 -14.95 -3.71 0.42
C GLN B 51 -15.82 -2.88 -0.55
N ASP B 52 -15.96 -1.58 -0.27
CA ASP B 52 -16.64 -0.64 -1.19
C ASP B 52 -16.01 -0.69 -2.55
N LEU B 53 -14.71 -0.65 -2.54
CA LEU B 53 -13.91 -0.69 -3.72
C LEU B 53 -13.98 -2.03 -4.41
N GLU B 54 -13.89 -3.14 -3.65
CA GLU B 54 -13.96 -4.46 -4.25
C GLU B 54 -15.23 -4.65 -5.00
N ALA B 55 -16.35 -4.34 -4.36
CA ALA B 55 -17.65 -4.52 -4.98
C ALA B 55 -17.75 -3.77 -6.31
N HIS B 56 -17.35 -2.52 -6.28
CA HIS B 56 -17.47 -1.66 -7.43
C HIS B 56 -16.53 -2.13 -8.55
N PHE B 57 -15.34 -2.60 -8.19
CA PHE B 57 -14.39 -3.11 -9.17
C PHE B 57 -14.64 -4.55 -9.57
N SER B 58 -15.32 -5.27 -8.72
CA SER B 58 -15.61 -6.68 -8.91
C SER B 58 -16.56 -6.84 -10.06
N SER B 59 -17.36 -5.81 -10.29
CA SER B 59 -18.24 -5.77 -11.42
C SER B 59 -17.42 -5.85 -12.74
N CYS B 60 -16.16 -5.41 -12.69
CA CYS B 60 -15.28 -5.44 -13.84
C CYS B 60 -14.27 -6.60 -13.82
N GLY B 61 -14.35 -7.47 -12.81
CA GLY B 61 -13.39 -8.58 -12.76
C GLY B 61 -13.05 -9.06 -11.36
N SER B 62 -12.00 -9.87 -11.26
CA SER B 62 -11.60 -10.46 -10.00
C SER B 62 -10.31 -9.77 -9.47
N ILE B 63 -10.37 -9.32 -8.21
CA ILE B 63 -9.27 -8.59 -7.57
C ILE B 63 -8.23 -9.52 -6.88
N ASN B 64 -6.95 -9.22 -7.14
CA ASN B 64 -5.84 -9.91 -6.49
C ASN B 64 -5.22 -9.08 -5.42
N ARG B 65 -5.14 -7.79 -5.61
CA ARG B 65 -4.58 -6.92 -4.56
C ARG B 65 -5.25 -5.58 -4.65
N ILE B 66 -5.31 -4.92 -3.56
CA ILE B 66 -5.87 -3.59 -3.47
C ILE B 66 -5.18 -2.83 -2.38
N THR B 67 -4.77 -1.65 -2.66
CA THR B 67 -4.03 -0.83 -1.76
C THR B 67 -4.78 0.46 -1.63
N ILE B 68 -5.06 0.89 -0.43
CA ILE B 68 -5.77 2.13 -0.27
C ILE B 68 -4.93 2.96 0.65
N LEU B 69 -4.53 4.11 0.22
CA LEU B 69 -3.81 4.98 1.10
C LEU B 69 -4.50 6.29 1.28
N CYS B 70 -4.61 6.67 2.51
CA CYS B 70 -5.26 7.86 2.90
C CYS B 70 -4.21 8.77 3.50
N ASP B 71 -4.00 9.92 2.92
CA ASP B 71 -2.96 10.78 3.44
C ASP B 71 -3.57 11.99 4.06
N LYS B 72 -3.38 12.10 5.37
CA LYS B 72 -3.94 13.18 6.17
C LYS B 72 -2.77 14.03 6.66
N PHE B 73 -1.62 13.63 6.19
CA PHE B 73 -0.32 14.20 6.49
C PHE B 73 -0.22 15.71 6.18
N SER B 74 -1.06 16.20 5.32
CA SER B 74 -1.07 17.60 5.01
C SER B 74 -2.33 18.28 5.57
N GLY B 75 -3.03 17.59 6.46
CA GLY B 75 -4.19 18.17 7.07
C GLY B 75 -5.45 17.46 6.69
N HIS B 76 -5.78 17.54 5.44
CA HIS B 76 -6.99 16.91 4.95
C HIS B 76 -6.67 15.56 4.37
N PRO B 77 -7.38 14.53 4.78
CA PRO B 77 -7.11 13.21 4.30
C PRO B 77 -7.61 12.97 2.87
N LYS B 78 -6.66 12.68 2.02
CA LYS B 78 -6.87 12.33 0.63
C LYS B 78 -6.95 10.85 0.49
N GLY B 79 -7.12 10.39 -0.71
CA GLY B 79 -7.26 9.01 -0.89
C GLY B 79 -7.03 8.57 -2.30
N TYR B 80 -6.30 7.53 -2.43
CA TYR B 80 -6.09 6.87 -3.67
C TYR B 80 -5.82 5.41 -3.43
N ALA B 81 -6.29 4.60 -4.33
CA ALA B 81 -6.21 3.20 -4.19
C ALA B 81 -5.66 2.58 -5.45
N TYR B 82 -4.98 1.51 -5.29
CA TYR B 82 -4.42 0.79 -6.39
C TYR B 82 -4.92 -0.62 -6.36
N ILE B 83 -5.66 -1.00 -7.36
CA ILE B 83 -6.27 -2.31 -7.39
C ILE B 83 -5.51 -3.15 -8.42
N GLU B 84 -5.18 -4.34 -8.07
CA GLU B 84 -4.56 -5.28 -8.97
C GLU B 84 -5.55 -6.41 -9.23
N PHE B 85 -5.83 -6.67 -10.48
CA PHE B 85 -6.78 -7.72 -10.85
C PHE B 85 -6.08 -9.01 -11.20
N ALA B 86 -6.85 -10.06 -11.29
CA ALA B 86 -6.34 -11.34 -11.73
C ALA B 86 -6.29 -11.40 -13.26
N GLU B 87 -7.27 -10.81 -13.90
CA GLU B 87 -7.30 -10.78 -15.34
C GLU B 87 -6.77 -9.43 -15.83
N ARG B 88 -6.02 -9.42 -16.94
CA ARG B 88 -5.52 -8.17 -17.50
C ARG B 88 -6.71 -7.49 -18.21
N ASN B 89 -7.66 -8.30 -18.63
CA ASN B 89 -8.86 -7.79 -19.27
C ASN B 89 -9.76 -7.10 -18.26
N SER B 90 -9.61 -7.41 -16.98
CA SER B 90 -10.41 -6.80 -15.94
C SER B 90 -10.00 -5.34 -15.70
N VAL B 91 -8.69 -5.05 -15.79
CA VAL B 91 -8.26 -3.67 -15.66
C VAL B 91 -8.76 -2.87 -16.85
N ASP B 92 -8.66 -3.48 -18.03
CA ASP B 92 -9.12 -2.86 -19.28
C ASP B 92 -10.62 -2.52 -19.19
N ALA B 93 -11.37 -3.37 -18.49
CA ALA B 93 -12.80 -3.12 -18.26
C ALA B 93 -13.03 -1.99 -17.25
N ALA B 94 -12.15 -1.88 -16.26
CA ALA B 94 -12.31 -0.90 -15.19
C ALA B 94 -11.94 0.51 -15.68
N VAL B 95 -10.87 0.60 -16.47
CA VAL B 95 -10.38 1.89 -17.04
C VAL B 95 -11.46 2.64 -17.84
N ALA B 96 -12.47 1.94 -18.31
CA ALA B 96 -13.59 2.56 -19.04
C ALA B 96 -14.46 3.41 -18.09
N MET B 97 -14.20 3.25 -16.81
CA MET B 97 -14.84 4.04 -15.79
C MET B 97 -14.01 5.21 -15.43
N ASP B 98 -12.83 5.39 -16.05
CA ASP B 98 -11.79 6.39 -15.61
C ASP B 98 -12.33 7.68 -15.06
N GLU B 99 -13.28 8.28 -15.71
CA GLU B 99 -13.97 9.39 -15.11
C GLU B 99 -15.21 8.82 -14.42
N THR B 100 -15.04 8.37 -13.20
CA THR B 100 -16.15 7.72 -12.51
C THR B 100 -16.84 8.73 -11.63
N VAL B 101 -18.12 8.71 -11.63
CA VAL B 101 -18.87 9.53 -10.74
C VAL B 101 -19.30 8.66 -9.55
N PHE B 102 -18.62 8.85 -8.48
CA PHE B 102 -18.79 8.03 -7.31
C PHE B 102 -18.88 8.92 -6.09
N ARG B 103 -19.97 8.76 -5.34
CA ARG B 103 -20.20 9.47 -4.07
C ARG B 103 -20.17 11.01 -4.27
N GLY B 104 -20.63 11.42 -5.44
CA GLY B 104 -20.70 12.84 -5.77
C GLY B 104 -19.35 13.40 -6.19
N ARG B 105 -18.37 12.55 -6.24
CA ARG B 105 -17.05 12.92 -6.67
C ARG B 105 -16.77 12.29 -7.99
N THR B 106 -15.79 12.79 -8.64
CA THR B 106 -15.33 12.18 -9.82
C THR B 106 -13.99 11.55 -9.50
N ILE B 107 -13.91 10.27 -9.65
CA ILE B 107 -12.67 9.60 -9.36
C ILE B 107 -11.97 9.26 -10.64
N LYS B 108 -10.76 8.80 -10.54
CA LYS B 108 -9.96 8.47 -11.70
C LYS B 108 -9.48 7.07 -11.61
N VAL B 109 -9.76 6.30 -12.61
CA VAL B 109 -9.29 4.94 -12.67
C VAL B 109 -8.57 4.69 -13.99
N LEU B 110 -7.31 4.42 -13.94
CA LEU B 110 -6.55 4.25 -15.16
C LEU B 110 -5.47 3.21 -14.93
N PRO B 111 -4.94 2.57 -15.98
CA PRO B 111 -4.04 1.45 -15.82
C PRO B 111 -2.62 1.85 -15.41
N LYS B 112 -2.02 1.01 -14.64
CA LYS B 112 -0.68 1.15 -14.22
C LYS B 112 0.13 0.10 -14.94
N ARG B 113 1.31 0.46 -15.41
CA ARG B 113 2.09 -0.45 -16.21
C ARG B 113 3.54 0.07 -16.37
N THR B 114 4.50 -0.82 -16.16
CA THR B 114 5.90 -0.54 -16.36
C THR B 114 6.67 -1.89 -16.60
N ASN B 115 7.89 -1.81 -17.17
CA ASN B 115 8.76 -2.99 -17.49
C ASN B 115 8.20 -3.89 -18.62
N MET B 116 8.86 -3.91 -19.77
CA MET B 116 8.43 -4.78 -20.89
C MET B 116 9.61 -5.16 -21.78
N PRO B 117 10.00 -6.45 -21.82
CA PRO B 117 11.05 -6.93 -22.71
C PRO B 117 10.51 -7.43 -24.10
N GLY B 118 9.35 -8.09 -24.09
CA GLY B 118 8.77 -8.59 -25.33
C GLY B 118 9.15 -10.03 -25.61
N ILE B 119 9.46 -10.78 -24.55
CA ILE B 119 9.84 -12.19 -24.66
C ILE B 119 9.24 -13.01 -23.54
N SER B 120 9.52 -14.31 -23.53
CA SER B 120 9.02 -15.28 -22.55
C SER B 120 7.49 -15.39 -22.53
N SER B 121 7.00 -16.29 -23.35
CA SER B 121 5.59 -16.53 -23.46
C SER B 121 5.32 -18.03 -23.60
N THR B 122 4.14 -18.46 -23.23
CA THR B 122 3.75 -19.86 -23.31
C THR B 122 3.71 -20.32 -24.76
N ASP B 123 4.56 -21.27 -25.12
CA ASP B 123 4.62 -21.77 -26.48
C ASP B 123 3.34 -22.50 -26.83
N ARG B 124 2.98 -23.47 -26.03
CA ARG B 124 1.74 -24.18 -26.23
C ARG B 124 0.96 -24.17 -24.94
N ALA A 1 17.64 12.43 34.63
CA ALA A 1 17.60 11.70 33.36
C ALA A 1 16.40 10.80 33.31
N ILE A 2 15.36 11.25 32.67
CA ILE A 2 14.14 10.49 32.60
C ILE A 2 13.90 9.93 31.22
N ALA A 3 13.49 8.71 31.20
CA ALA A 3 13.13 8.01 30.00
C ALA A 3 12.10 7.00 30.42
N PRO A 4 11.20 6.57 29.51
CA PRO A 4 10.21 5.57 29.85
C PRO A 4 10.90 4.30 30.35
N CYS A 5 10.48 3.83 31.49
CA CYS A 5 11.06 2.68 32.10
C CYS A 5 10.67 1.43 31.34
N MET A 6 11.67 0.77 30.76
CA MET A 6 11.49 -0.42 29.94
C MET A 6 10.71 -0.10 28.68
N GLN A 7 11.40 0.46 27.72
CA GLN A 7 10.83 0.79 26.45
C GLN A 7 10.78 -0.42 25.58
N THR A 8 9.63 -0.74 25.12
CA THR A 8 9.47 -1.82 24.23
C THR A 8 9.81 -1.35 22.83
N THR A 9 11.01 -1.58 22.43
CA THR A 9 11.45 -1.20 21.14
C THR A 9 11.55 -2.43 20.26
N HIS A 10 12.54 -3.28 20.57
CA HIS A 10 12.78 -4.56 19.89
C HIS A 10 12.97 -4.33 18.37
N SER A 11 13.36 -3.13 18.03
CA SER A 11 13.47 -2.74 16.66
C SER A 11 14.83 -3.12 16.11
N LYS A 12 14.97 -4.37 15.79
CA LYS A 12 16.14 -4.88 15.15
C LYS A 12 15.69 -5.61 13.91
N MET A 13 15.51 -4.84 12.89
CA MET A 13 14.98 -5.31 11.65
C MET A 13 15.38 -4.33 10.58
N THR A 14 15.42 -4.76 9.37
CA THR A 14 15.68 -3.87 8.30
C THR A 14 14.70 -4.09 7.17
N ALA A 15 13.62 -3.38 7.25
CA ALA A 15 12.62 -3.44 6.25
C ALA A 15 12.53 -2.10 5.58
N GLY A 16 12.86 -2.09 4.32
CA GLY A 16 12.92 -0.87 3.58
C GLY A 16 11.57 -0.38 3.10
N ALA A 17 11.45 -0.22 1.81
CA ALA A 17 10.31 0.41 1.23
C ALA A 17 9.86 -0.27 -0.05
N TYR A 18 8.89 0.35 -0.69
CA TYR A 18 8.31 -0.07 -1.93
C TYR A 18 8.25 1.21 -2.80
N THR A 19 7.51 1.23 -3.90
CA THR A 19 7.41 2.45 -4.67
C THR A 19 5.97 2.70 -5.15
N GLU A 20 5.57 3.94 -5.07
CA GLU A 20 4.24 4.42 -5.50
C GLU A 20 4.06 4.54 -7.01
N GLY A 21 2.89 5.02 -7.37
CA GLY A 21 2.53 5.30 -8.73
C GLY A 21 2.75 6.76 -9.06
N PRO A 22 1.67 7.52 -9.32
CA PRO A 22 1.73 8.96 -9.62
C PRO A 22 2.42 9.89 -8.55
N PRO A 23 2.17 9.72 -7.18
CA PRO A 23 2.78 10.61 -6.19
C PRO A 23 4.30 10.49 -6.11
N GLN A 24 4.91 11.61 -5.89
CA GLN A 24 6.34 11.73 -5.77
C GLN A 24 6.71 11.84 -4.30
N PRO A 25 8.01 11.78 -3.95
CA PRO A 25 8.47 11.98 -2.57
C PRO A 25 8.05 13.35 -1.96
N LEU A 26 8.81 13.78 -0.98
CA LEU A 26 8.46 14.96 -0.22
C LEU A 26 9.76 15.73 -0.12
N SER A 27 9.82 16.72 0.73
CA SER A 27 11.06 17.39 0.96
C SER A 27 11.96 16.46 1.80
N ALA A 28 13.25 16.66 1.69
CA ALA A 28 14.26 15.80 2.32
C ALA A 28 14.02 15.57 3.84
N GLU A 29 13.75 16.63 4.57
CA GLU A 29 13.48 16.53 6.01
C GLU A 29 12.22 15.75 6.30
N GLU A 30 11.21 15.96 5.47
CA GLU A 30 9.95 15.25 5.57
C GLU A 30 10.15 13.77 5.42
N LYS A 31 11.09 13.39 4.57
CA LYS A 31 11.35 11.99 4.31
C LYS A 31 11.91 11.34 5.55
N LYS A 32 12.93 11.97 6.10
CA LYS A 32 13.65 11.48 7.26
C LYS A 32 12.82 11.36 8.50
N GLU A 33 11.92 12.28 8.73
CA GLU A 33 11.06 12.23 9.90
C GLU A 33 10.04 11.09 9.80
N ILE A 34 9.44 10.94 8.64
CA ILE A 34 8.41 9.90 8.42
C ILE A 34 9.03 8.50 8.40
N ASP A 35 10.26 8.41 7.88
CA ASP A 35 11.03 7.15 7.72
C ASP A 35 11.20 6.46 9.07
N LYS A 36 11.33 7.28 10.08
CA LYS A 36 11.57 6.82 11.44
C LYS A 36 10.28 6.32 12.08
N ARG A 37 9.14 6.67 11.49
CA ARG A 37 7.87 6.53 12.18
C ARG A 37 6.83 5.68 11.45
N SER A 38 7.26 4.89 10.49
CA SER A 38 6.33 4.01 9.80
C SER A 38 6.35 2.61 10.43
N VAL A 39 5.24 1.93 10.34
CA VAL A 39 5.12 0.58 10.88
C VAL A 39 4.30 -0.27 9.94
N TYR A 40 4.42 -1.54 10.15
CA TYR A 40 3.69 -2.55 9.43
C TYR A 40 2.68 -3.18 10.36
N VAL A 41 1.49 -3.37 9.89
CA VAL A 41 0.42 -4.06 10.59
C VAL A 41 -0.03 -5.22 9.71
N GLY A 42 0.12 -6.41 10.16
CA GLY A 42 -0.26 -7.52 9.34
C GLY A 42 -1.47 -8.26 9.83
N ASN A 43 -2.01 -9.09 8.96
CA ASN A 43 -3.20 -9.95 9.18
C ASN A 43 -4.47 -9.14 9.61
N VAL A 44 -4.55 -7.88 9.20
CA VAL A 44 -5.76 -7.09 9.42
C VAL A 44 -6.93 -7.74 8.69
N ASP A 45 -8.07 -7.79 9.35
CA ASP A 45 -9.20 -8.49 8.81
C ASP A 45 -9.79 -7.70 7.67
N TYR A 46 -10.38 -8.41 6.74
CA TYR A 46 -11.00 -7.81 5.58
C TYR A 46 -12.23 -6.95 6.01
N GLY A 47 -12.66 -7.13 7.23
CA GLY A 47 -13.75 -6.35 7.77
C GLY A 47 -13.28 -5.15 8.57
N SER A 48 -11.97 -5.04 8.80
CA SER A 48 -11.45 -3.93 9.53
C SER A 48 -11.33 -2.71 8.61
N THR A 49 -11.77 -1.57 9.07
CA THR A 49 -11.73 -0.37 8.27
C THR A 49 -10.50 0.48 8.60
N ALA A 50 -10.27 1.51 7.78
CA ALA A 50 -9.20 2.46 8.02
C ALA A 50 -9.44 3.18 9.35
N GLN A 51 -10.67 3.62 9.56
CA GLN A 51 -11.10 4.27 10.82
C GLN A 51 -10.84 3.34 12.00
N ASP A 52 -11.20 2.05 11.87
CA ASP A 52 -10.94 1.04 12.92
C ASP A 52 -9.47 0.98 13.28
N LEU A 53 -8.65 1.01 12.26
CA LEU A 53 -7.22 0.92 12.43
C LEU A 53 -6.65 2.18 13.03
N GLU A 54 -7.06 3.31 12.48
CA GLU A 54 -6.60 4.61 12.92
C GLU A 54 -6.93 4.83 14.39
N ALA A 55 -8.15 4.56 14.78
CA ALA A 55 -8.54 4.69 16.20
C ALA A 55 -7.70 3.76 17.08
N HIS A 56 -7.50 2.54 16.60
CA HIS A 56 -6.81 1.51 17.38
C HIS A 56 -5.36 1.92 17.63
N PHE A 57 -4.73 2.46 16.62
CA PHE A 57 -3.38 2.92 16.71
C PHE A 57 -3.26 4.29 17.33
N SER A 58 -4.35 5.02 17.30
CA SER A 58 -4.41 6.38 17.82
C SER A 58 -4.22 6.34 19.33
N SER A 59 -4.57 5.22 19.95
CA SER A 59 -4.31 5.06 21.37
C SER A 59 -2.79 5.15 21.65
N CYS A 60 -1.99 4.68 20.70
CA CYS A 60 -0.55 4.64 20.84
C CYS A 60 0.16 5.87 20.26
N GLY A 61 -0.60 6.85 19.80
CA GLY A 61 0.05 8.00 19.22
C GLY A 61 -0.79 8.76 18.24
N SER A 62 -0.16 9.67 17.56
CA SER A 62 -0.83 10.50 16.59
C SER A 62 -0.51 10.00 15.18
N ILE A 63 -1.51 9.76 14.40
CA ILE A 63 -1.36 9.18 13.06
C ILE A 63 -1.31 10.23 11.94
N ASN A 64 -0.30 10.10 11.08
CA ASN A 64 -0.13 10.96 9.90
C ASN A 64 -0.80 10.35 8.69
N ARG A 65 -0.59 9.06 8.52
CA ARG A 65 -1.03 8.34 7.35
C ARG A 65 -1.29 6.91 7.70
N ILE A 66 -2.07 6.24 6.88
CA ILE A 66 -2.29 4.81 7.02
C ILE A 66 -2.52 4.25 5.65
N THR A 67 -2.04 3.10 5.45
CA THR A 67 -2.17 2.39 4.22
C THR A 67 -2.75 1.05 4.54
N ILE A 68 -3.75 0.63 3.84
CA ILE A 68 -4.36 -0.64 4.10
C ILE A 68 -4.38 -1.37 2.80
N LEU A 69 -3.82 -2.51 2.74
CA LEU A 69 -3.90 -3.29 1.54
C LEU A 69 -4.53 -4.64 1.77
N CYS A 70 -5.55 -4.92 1.00
CA CYS A 70 -6.30 -6.15 1.14
C CYS A 70 -6.17 -6.94 -0.13
N ASP A 71 -5.80 -8.18 -0.03
CA ASP A 71 -5.60 -8.97 -1.21
C ASP A 71 -6.48 -10.15 -1.22
N LYS A 72 -6.84 -10.62 -2.36
CA LYS A 72 -7.61 -11.81 -2.46
C LYS A 72 -6.89 -12.79 -3.40
N PHE A 73 -5.59 -12.55 -3.69
CA PHE A 73 -4.87 -13.43 -4.62
C PHE A 73 -4.69 -14.84 -4.05
N SER A 74 -4.80 -14.94 -2.74
CA SER A 74 -4.74 -16.22 -2.07
C SER A 74 -6.13 -16.89 -2.02
N GLY A 75 -7.11 -16.31 -2.72
CA GLY A 75 -8.45 -16.86 -2.74
C GLY A 75 -9.28 -16.28 -1.64
N HIS A 76 -8.70 -16.24 -0.48
CA HIS A 76 -9.33 -15.65 0.67
C HIS A 76 -8.83 -14.25 0.77
N PRO A 77 -9.71 -13.28 0.89
CA PRO A 77 -9.30 -11.89 0.97
C PRO A 77 -8.64 -11.57 2.33
N LYS A 78 -7.41 -11.16 2.27
CA LYS A 78 -6.62 -10.89 3.44
C LYS A 78 -6.37 -9.40 3.54
N GLY A 79 -5.43 -9.03 4.38
CA GLY A 79 -5.12 -7.67 4.55
C GLY A 79 -3.90 -7.44 5.38
N TYR A 80 -3.22 -6.37 5.05
CA TYR A 80 -2.11 -5.86 5.80
C TYR A 80 -2.05 -4.36 5.65
N ALA A 81 -1.69 -3.67 6.68
CA ALA A 81 -1.75 -2.23 6.69
C ALA A 81 -0.46 -1.64 7.22
N TYR A 82 -0.18 -0.43 6.85
CA TYR A 82 0.98 0.29 7.33
C TYR A 82 0.54 1.59 7.96
N ILE A 83 0.92 1.81 9.20
CA ILE A 83 0.50 3.02 9.91
C ILE A 83 1.71 3.95 10.08
N GLU A 84 1.59 5.18 9.63
CA GLU A 84 2.66 6.16 9.78
C GLU A 84 2.29 7.11 10.94
N PHE A 85 3.11 7.15 11.97
CA PHE A 85 2.83 8.00 13.13
C PHE A 85 3.59 9.32 13.08
N ALA A 86 3.06 10.30 13.79
CA ALA A 86 3.67 11.61 13.94
C ALA A 86 4.97 11.56 14.72
N GLU A 87 5.00 10.80 15.80
CA GLU A 87 6.20 10.66 16.60
C GLU A 87 6.76 9.28 16.52
N ARG A 88 8.05 9.18 16.77
CA ARG A 88 8.75 7.91 16.74
C ARG A 88 8.30 7.09 17.94
N ASN A 89 8.02 7.77 19.04
CA ASN A 89 7.63 7.11 20.29
C ASN A 89 6.30 6.42 20.15
N SER A 90 5.51 6.84 19.19
CA SER A 90 4.26 6.21 18.93
C SER A 90 4.50 4.79 18.39
N VAL A 91 5.56 4.62 17.57
CA VAL A 91 5.84 3.31 17.01
C VAL A 91 6.30 2.39 18.12
N ASP A 92 7.12 2.93 19.04
CA ASP A 92 7.59 2.18 20.23
C ASP A 92 6.39 1.69 21.05
N ALA A 93 5.35 2.50 21.09
CA ALA A 93 4.14 2.15 21.80
C ALA A 93 3.33 1.09 21.05
N ALA A 94 3.34 1.19 19.72
CA ALA A 94 2.60 0.28 18.87
C ALA A 94 3.29 -1.08 18.76
N VAL A 95 4.61 -1.08 18.61
CA VAL A 95 5.41 -2.33 18.51
C VAL A 95 5.21 -3.25 19.72
N ALA A 96 4.79 -2.68 20.84
CA ALA A 96 4.50 -3.43 22.08
C ALA A 96 3.26 -4.31 21.90
N MET A 97 2.59 -4.10 20.80
CA MET A 97 1.37 -4.82 20.45
C MET A 97 1.65 -5.83 19.35
N ASP A 98 2.93 -5.99 18.96
CA ASP A 98 3.30 -6.91 17.83
C ASP A 98 2.61 -8.27 17.86
N GLU A 99 2.40 -8.85 19.03
CA GLU A 99 1.59 -10.04 19.08
C GLU A 99 0.32 -9.76 19.89
N THR A 100 -0.70 -9.37 19.16
CA THR A 100 -2.02 -9.07 19.71
C THR A 100 -3.11 -9.62 18.82
N VAL A 101 -4.33 -9.54 19.28
CA VAL A 101 -5.43 -10.06 18.53
C VAL A 101 -6.43 -8.93 18.22
N PHE A 102 -6.75 -8.81 16.95
CA PHE A 102 -7.65 -7.81 16.45
C PHE A 102 -8.69 -8.50 15.59
N ARG A 103 -9.95 -8.30 15.94
CA ARG A 103 -11.13 -8.94 15.33
C ARG A 103 -10.94 -10.48 15.24
N GLY A 104 -10.24 -11.02 16.20
CA GLY A 104 -10.05 -12.45 16.27
C GLY A 104 -8.86 -12.94 15.46
N ARG A 105 -8.15 -12.03 14.81
CA ARG A 105 -6.96 -12.39 14.09
C ARG A 105 -5.75 -11.89 14.85
N THR A 106 -4.70 -12.67 14.89
CA THR A 106 -3.49 -12.22 15.51
C THR A 106 -2.76 -11.33 14.51
N ILE A 107 -2.55 -10.10 14.88
CA ILE A 107 -1.90 -9.20 13.99
C ILE A 107 -0.46 -9.02 14.38
N LYS A 108 0.28 -8.39 13.52
CA LYS A 108 1.69 -8.17 13.74
C LYS A 108 2.05 -6.74 13.41
N VAL A 109 2.81 -6.11 14.25
CA VAL A 109 3.29 -4.78 13.98
C VAL A 109 4.80 -4.70 14.13
N LEU A 110 5.48 -4.22 13.11
CA LEU A 110 6.91 -4.05 13.21
C LEU A 110 7.33 -2.80 12.40
N PRO A 111 8.37 -2.04 12.87
CA PRO A 111 8.78 -0.76 12.23
C PRO A 111 9.29 -0.92 10.81
N LYS A 112 8.92 0.01 9.95
CA LYS A 112 9.29 0.00 8.56
C LYS A 112 9.51 1.39 8.02
N ARG A 113 9.98 1.47 6.78
CA ARG A 113 10.14 2.76 6.10
C ARG A 113 8.94 2.96 5.18
N THR A 114 8.45 1.84 4.67
CA THR A 114 7.22 1.74 3.92
C THR A 114 7.36 2.26 2.50
N ASN A 115 7.51 3.57 2.33
CA ASN A 115 7.53 4.17 0.99
C ASN A 115 7.62 5.67 1.06
N MET A 116 7.06 6.25 2.13
CA MET A 116 6.92 7.72 2.30
C MET A 116 5.77 8.20 1.36
N PRO A 117 4.53 7.62 1.54
CA PRO A 117 3.36 7.73 0.63
C PRO A 117 3.33 8.90 -0.39
N GLY A 118 2.94 10.09 0.05
CA GLY A 118 2.85 11.20 -0.89
C GLY A 118 2.21 12.43 -0.30
N ILE A 119 2.06 13.43 -1.12
CA ILE A 119 1.55 14.74 -0.75
C ILE A 119 1.39 15.51 -2.07
N SER A 120 0.90 16.70 -2.05
CA SER A 120 0.98 17.53 -3.20
C SER A 120 2.43 18.03 -3.24
N SER A 121 3.27 17.29 -3.95
CA SER A 121 4.69 17.50 -3.99
C SER A 121 5.10 18.92 -4.36
N THR A 122 6.00 19.46 -3.55
CA THR A 122 6.56 20.76 -3.70
C THR A 122 7.79 20.78 -2.79
N ASP A 123 8.76 21.62 -3.09
CA ASP A 123 9.98 21.65 -2.28
C ASP A 123 10.58 23.03 -2.24
N ARG A 124 11.16 23.45 -3.34
CA ARG A 124 11.83 24.74 -3.40
C ARG A 124 11.07 25.65 -4.36
N ALA B 1 14.11 -24.58 -28.33
CA ALA B 1 14.94 -23.44 -28.67
C ALA B 1 14.56 -22.24 -27.82
N ILE B 2 13.57 -22.44 -26.98
CA ILE B 2 13.09 -21.41 -26.09
C ILE B 2 13.96 -21.38 -24.84
N ALA B 3 14.57 -20.23 -24.58
CA ALA B 3 15.41 -20.06 -23.41
C ALA B 3 15.59 -18.59 -23.11
N PRO B 4 15.35 -18.17 -21.85
CA PRO B 4 15.50 -16.78 -21.44
C PRO B 4 16.98 -16.41 -21.31
N CYS B 5 17.46 -15.67 -22.27
CA CYS B 5 18.84 -15.24 -22.27
C CYS B 5 18.99 -14.04 -21.33
N MET B 6 20.14 -13.94 -20.71
CA MET B 6 20.43 -12.86 -19.78
C MET B 6 21.92 -12.57 -19.82
N GLN B 7 22.28 -11.29 -19.86
CA GLN B 7 23.68 -10.88 -19.86
C GLN B 7 24.32 -11.29 -18.55
N THR B 8 23.78 -10.77 -17.48
CA THR B 8 24.22 -11.10 -16.18
C THR B 8 23.06 -11.01 -15.20
N THR B 9 22.78 -12.09 -14.53
CA THR B 9 21.75 -12.10 -13.54
C THR B 9 22.08 -13.11 -12.44
N HIS B 10 22.80 -12.65 -11.46
CA HIS B 10 23.10 -13.42 -10.28
C HIS B 10 23.28 -12.47 -9.11
N SER B 11 22.21 -12.24 -8.44
CA SER B 11 22.18 -11.32 -7.35
C SER B 11 21.43 -11.98 -6.22
N LYS B 12 21.75 -11.58 -5.00
CA LYS B 12 21.11 -12.10 -3.84
C LYS B 12 19.67 -11.55 -3.80
N MET B 13 18.81 -12.15 -3.01
CA MET B 13 17.41 -11.78 -2.98
C MET B 13 17.19 -10.38 -2.38
N THR B 14 17.30 -9.39 -3.22
CA THR B 14 17.11 -8.00 -2.86
C THR B 14 16.52 -7.24 -4.08
N ALA B 15 17.37 -6.96 -5.08
CA ALA B 15 17.01 -6.28 -6.36
C ALA B 15 16.58 -4.79 -6.21
N GLY B 16 16.00 -4.46 -5.08
CA GLY B 16 15.58 -3.11 -4.81
C GLY B 16 14.34 -3.10 -3.98
N ALA B 17 13.20 -3.03 -4.63
CA ALA B 17 11.93 -3.06 -3.95
C ALA B 17 11.54 -4.51 -3.70
N TYR B 18 11.74 -4.96 -2.49
CA TYR B 18 11.39 -6.32 -2.12
C TYR B 18 10.74 -6.34 -0.75
N THR B 19 10.68 -5.19 -0.11
CA THR B 19 10.18 -5.10 1.21
C THR B 19 8.64 -5.19 1.31
N GLU B 20 8.16 -6.39 1.28
CA GLU B 20 6.79 -6.74 1.42
C GLU B 20 6.83 -7.89 2.42
N GLY B 21 6.07 -7.79 3.49
CA GLY B 21 6.22 -8.73 4.59
C GLY B 21 5.43 -10.04 4.47
N PRO B 22 4.12 -9.99 4.79
CA PRO B 22 3.21 -11.16 4.80
C PRO B 22 3.41 -12.15 3.62
N PRO B 23 3.39 -11.69 2.34
CA PRO B 23 3.77 -12.53 1.27
C PRO B 23 5.27 -12.30 0.98
N GLN B 24 6.06 -13.36 1.05
CA GLN B 24 7.48 -13.21 0.80
C GLN B 24 7.72 -12.89 -0.65
N PRO B 25 8.65 -11.89 -0.92
CA PRO B 25 8.95 -11.34 -2.25
C PRO B 25 8.73 -12.32 -3.37
N LEU B 26 7.63 -12.11 -4.04
CA LEU B 26 7.16 -12.94 -5.12
C LEU B 26 8.20 -13.22 -6.23
N SER B 27 8.01 -14.34 -6.86
CA SER B 27 8.85 -14.88 -7.90
C SER B 27 8.97 -13.94 -9.15
N ALA B 28 9.97 -14.20 -9.98
CA ALA B 28 10.23 -13.41 -11.21
C ALA B 28 9.00 -13.35 -12.12
N GLU B 29 8.36 -14.47 -12.36
CA GLU B 29 7.18 -14.50 -13.23
C GLU B 29 6.00 -13.90 -12.56
N GLU B 30 5.96 -14.04 -11.26
CA GLU B 30 4.96 -13.41 -10.46
C GLU B 30 5.04 -11.90 -10.61
N LYS B 31 6.26 -11.40 -10.78
CA LYS B 31 6.46 -9.96 -10.91
C LYS B 31 5.90 -9.51 -12.23
N LYS B 32 6.29 -10.18 -13.35
CA LYS B 32 5.79 -9.81 -14.67
C LYS B 32 4.28 -9.78 -14.75
N GLU B 33 3.65 -10.81 -14.24
CA GLU B 33 2.21 -10.94 -14.36
C GLU B 33 1.47 -9.86 -13.62
N ILE B 34 1.90 -9.58 -12.42
CA ILE B 34 1.23 -8.57 -11.59
C ILE B 34 1.46 -7.17 -12.14
N ASP B 35 2.65 -7.00 -12.72
CA ASP B 35 3.13 -5.74 -13.28
C ASP B 35 2.19 -5.20 -14.34
N LYS B 36 1.66 -6.11 -15.10
CA LYS B 36 0.79 -5.82 -16.22
C LYS B 36 -0.62 -5.43 -15.79
N ARG B 37 -1.02 -5.88 -14.63
CA ARG B 37 -2.40 -5.78 -14.24
C ARG B 37 -2.65 -4.92 -12.97
N SER B 38 -1.75 -4.00 -12.70
CA SER B 38 -1.92 -3.06 -11.59
C SER B 38 -2.52 -1.71 -12.07
N VAL B 39 -3.30 -1.06 -11.20
CA VAL B 39 -3.92 0.24 -11.53
C VAL B 39 -3.89 1.19 -10.33
N TYR B 40 -4.14 2.44 -10.62
CA TYR B 40 -4.20 3.52 -9.68
C TYR B 40 -5.62 4.05 -9.62
N VAL B 41 -6.13 4.21 -8.43
CA VAL B 41 -7.44 4.81 -8.18
C VAL B 41 -7.23 6.05 -7.32
N GLY B 42 -7.60 7.20 -7.81
CA GLY B 42 -7.41 8.39 -7.02
C GLY B 42 -8.69 9.06 -6.61
N ASN B 43 -8.57 10.08 -5.76
CA ASN B 43 -9.67 10.92 -5.22
C ASN B 43 -10.71 10.16 -4.33
N VAL B 44 -10.43 8.91 -4.00
CA VAL B 44 -11.30 8.14 -3.08
C VAL B 44 -11.34 8.82 -1.72
N ASP B 45 -12.54 9.08 -1.27
CA ASP B 45 -12.74 9.82 -0.05
C ASP B 45 -12.60 8.92 1.16
N TYR B 46 -12.29 9.53 2.29
CA TYR B 46 -12.11 8.83 3.52
C TYR B 46 -13.51 8.46 4.01
N GLY B 47 -13.97 7.36 3.53
CA GLY B 47 -15.29 6.91 3.78
C GLY B 47 -15.55 5.65 3.04
N SER B 48 -14.85 5.47 1.92
CA SER B 48 -14.95 4.23 1.22
C SER B 48 -13.96 3.27 1.89
N THR B 49 -14.27 2.02 1.91
CA THR B 49 -13.44 1.05 2.53
C THR B 49 -12.82 0.13 1.51
N ALA B 50 -11.99 -0.79 1.95
CA ALA B 50 -11.35 -1.72 1.06
C ALA B 50 -12.39 -2.58 0.38
N GLN B 51 -13.32 -3.12 1.16
CA GLN B 51 -14.41 -3.93 0.63
C GLN B 51 -15.22 -3.13 -0.41
N ASP B 52 -15.50 -1.89 -0.08
CA ASP B 52 -16.29 -1.00 -0.92
C ASP B 52 -15.61 -0.82 -2.30
N LEU B 53 -14.29 -0.70 -2.25
CA LEU B 53 -13.47 -0.59 -3.44
C LEU B 53 -13.37 -1.90 -4.19
N GLU B 54 -13.09 -2.97 -3.48
CA GLU B 54 -12.92 -4.29 -4.05
C GLU B 54 -14.18 -4.72 -4.79
N ALA B 55 -15.32 -4.60 -4.16
CA ALA B 55 -16.59 -4.91 -4.82
C ALA B 55 -16.77 -4.07 -6.09
N HIS B 56 -16.44 -2.79 -5.99
CA HIS B 56 -16.64 -1.84 -7.08
C HIS B 56 -15.77 -2.23 -8.28
N PHE B 57 -14.55 -2.62 -8.01
CA PHE B 57 -13.63 -3.04 -9.03
C PHE B 57 -13.82 -4.46 -9.47
N SER B 58 -14.45 -5.24 -8.61
CA SER B 58 -14.69 -6.64 -8.89
C SER B 58 -15.67 -6.74 -10.05
N SER B 59 -16.46 -5.68 -10.23
CA SER B 59 -17.32 -5.57 -11.38
C SER B 59 -16.49 -5.63 -12.69
N CYS B 60 -15.27 -5.13 -12.62
CA CYS B 60 -14.38 -5.08 -13.77
C CYS B 60 -13.43 -6.30 -13.85
N GLY B 61 -13.62 -7.30 -12.99
CA GLY B 61 -12.73 -8.44 -13.07
C GLY B 61 -12.41 -9.13 -11.76
N SER B 62 -11.22 -9.68 -11.69
CA SER B 62 -10.78 -10.43 -10.53
C SER B 62 -9.69 -9.67 -9.80
N ILE B 63 -9.87 -9.41 -8.52
CA ILE B 63 -8.90 -8.68 -7.75
C ILE B 63 -7.91 -9.58 -6.99
N ASN B 64 -6.63 -9.26 -7.15
CA ASN B 64 -5.55 -9.94 -6.41
C ASN B 64 -5.19 -9.18 -5.19
N ARG B 65 -5.09 -7.87 -5.31
CA ARG B 65 -4.65 -7.01 -4.21
C ARG B 65 -5.26 -5.65 -4.37
N ILE B 66 -5.34 -4.92 -3.30
CA ILE B 66 -5.78 -3.53 -3.34
C ILE B 66 -5.05 -2.83 -2.24
N THR B 67 -4.67 -1.64 -2.48
CA THR B 67 -3.94 -0.82 -1.53
C THR B 67 -4.70 0.45 -1.38
N ILE B 68 -4.95 0.88 -0.19
CA ILE B 68 -5.68 2.09 0.01
C ILE B 68 -4.85 2.94 0.94
N LEU B 69 -4.47 4.09 0.51
CA LEU B 69 -3.74 4.96 1.36
C LEU B 69 -4.45 6.27 1.56
N CYS B 70 -4.61 6.62 2.81
CA CYS B 70 -5.33 7.79 3.19
C CYS B 70 -4.38 8.74 3.91
N ASP B 71 -4.36 10.01 3.51
CA ASP B 71 -3.46 10.95 4.15
C ASP B 71 -4.24 11.96 4.95
N LYS B 72 -3.89 12.14 6.23
CA LYS B 72 -4.60 13.10 7.07
C LYS B 72 -3.60 14.11 7.66
N PHE B 73 -2.36 14.01 7.26
CA PHE B 73 -1.29 14.84 7.83
C PHE B 73 -1.46 16.36 7.56
N SER B 74 -2.42 16.73 6.75
CA SER B 74 -2.71 18.12 6.51
C SER B 74 -4.00 18.56 7.22
N GLY B 75 -4.57 17.68 8.01
CA GLY B 75 -5.80 17.98 8.70
C GLY B 75 -6.96 17.17 8.17
N HIS B 76 -7.26 17.35 6.91
CA HIS B 76 -8.35 16.61 6.30
C HIS B 76 -7.80 15.39 5.58
N PRO B 77 -8.38 14.23 5.85
CA PRO B 77 -7.92 12.98 5.27
C PRO B 77 -8.40 12.76 3.82
N LYS B 78 -7.45 12.50 2.93
CA LYS B 78 -7.75 12.21 1.53
C LYS B 78 -7.52 10.74 1.32
N GLY B 79 -7.49 10.32 0.06
CA GLY B 79 -7.29 8.95 -0.21
C GLY B 79 -7.01 8.66 -1.67
N TYR B 80 -6.22 7.65 -1.87
CA TYR B 80 -5.94 7.10 -3.15
C TYR B 80 -5.62 5.62 -2.98
N ALA B 81 -6.00 4.83 -3.93
CA ALA B 81 -5.90 3.40 -3.82
C ALA B 81 -5.32 2.80 -5.08
N TYR B 82 -4.73 1.65 -4.96
CA TYR B 82 -4.20 0.93 -6.09
C TYR B 82 -4.79 -0.45 -6.13
N ILE B 83 -5.40 -0.81 -7.22
CA ILE B 83 -6.07 -2.10 -7.33
C ILE B 83 -5.24 -3.00 -8.25
N GLU B 84 -4.86 -4.16 -7.78
CA GLU B 84 -4.14 -5.12 -8.60
C GLU B 84 -5.12 -6.21 -9.01
N PHE B 85 -5.33 -6.36 -10.28
CA PHE B 85 -6.24 -7.38 -10.77
C PHE B 85 -5.49 -8.63 -11.12
N ALA B 86 -6.20 -9.73 -11.24
CA ALA B 86 -5.60 -10.99 -11.67
C ALA B 86 -5.51 -11.07 -13.17
N GLU B 87 -6.32 -10.30 -13.84
CA GLU B 87 -6.34 -10.31 -15.27
C GLU B 87 -5.96 -8.94 -15.82
N ARG B 88 -5.26 -8.90 -16.94
CA ARG B 88 -4.84 -7.64 -17.55
C ARG B 88 -6.09 -6.98 -18.12
N ASN B 89 -6.99 -7.85 -18.62
CA ASN B 89 -8.26 -7.42 -19.26
C ASN B 89 -9.06 -6.61 -18.27
N SER B 90 -8.93 -6.95 -17.00
CA SER B 90 -9.63 -6.30 -15.93
C SER B 90 -9.24 -4.84 -15.83
N VAL B 91 -7.95 -4.54 -16.08
CA VAL B 91 -7.52 -3.16 -15.99
C VAL B 91 -8.12 -2.39 -17.13
N ASP B 92 -8.19 -3.02 -18.32
CA ASP B 92 -8.84 -2.40 -19.49
C ASP B 92 -10.29 -2.06 -19.20
N ALA B 93 -10.94 -2.93 -18.45
CA ALA B 93 -12.32 -2.72 -18.05
C ALA B 93 -12.42 -1.62 -16.97
N ALA B 94 -11.42 -1.54 -16.12
CA ALA B 94 -11.42 -0.55 -15.05
C ALA B 94 -11.06 0.84 -15.58
N VAL B 95 -10.03 0.91 -16.44
CA VAL B 95 -9.57 2.18 -17.04
C VAL B 95 -10.68 2.91 -17.80
N ALA B 96 -11.70 2.17 -18.22
CA ALA B 96 -12.86 2.75 -18.90
C ALA B 96 -13.68 3.61 -17.93
N MET B 97 -13.34 3.53 -16.67
CA MET B 97 -14.00 4.30 -15.64
C MET B 97 -13.13 5.47 -15.19
N ASP B 98 -12.03 5.74 -15.92
CA ASP B 98 -11.07 6.79 -15.53
C ASP B 98 -11.71 8.12 -15.09
N GLU B 99 -12.73 8.63 -15.80
CA GLU B 99 -13.53 9.75 -15.26
C GLU B 99 -14.96 9.31 -14.91
N THR B 100 -15.09 8.53 -13.87
CA THR B 100 -16.40 8.15 -13.35
C THR B 100 -16.64 8.69 -11.96
N VAL B 101 -17.86 8.60 -11.50
CA VAL B 101 -18.20 9.13 -10.22
C VAL B 101 -18.28 7.98 -9.21
N PHE B 102 -17.71 8.22 -8.07
CA PHE B 102 -17.65 7.28 -7.00
C PHE B 102 -18.08 8.01 -5.72
N ARG B 103 -19.25 7.64 -5.22
CA ARG B 103 -19.87 8.19 -4.00
C ARG B 103 -19.88 9.76 -4.00
N GLY B 104 -20.00 10.34 -5.17
CA GLY B 104 -20.13 11.78 -5.28
C GLY B 104 -18.89 12.48 -5.80
N ARG B 105 -17.80 11.76 -5.91
CA ARG B 105 -16.56 12.34 -6.42
C ARG B 105 -16.18 11.65 -7.69
N THR B 106 -15.49 12.33 -8.55
CA THR B 106 -14.98 11.70 -9.73
C THR B 106 -13.64 11.08 -9.38
N ILE B 107 -13.51 9.80 -9.55
CA ILE B 107 -12.25 9.15 -9.22
C ILE B 107 -11.49 8.86 -10.47
N LYS B 108 -10.23 8.53 -10.34
CA LYS B 108 -9.36 8.36 -11.50
C LYS B 108 -8.73 7.01 -11.47
N VAL B 109 -8.75 6.32 -12.60
CA VAL B 109 -8.10 5.04 -12.72
C VAL B 109 -7.16 5.01 -13.91
N LEU B 110 -5.96 4.60 -13.65
CA LEU B 110 -4.86 4.70 -14.59
C LEU B 110 -3.96 3.47 -14.33
N PRO B 111 -3.51 2.72 -15.36
CA PRO B 111 -2.64 1.53 -15.18
C PRO B 111 -1.29 1.88 -14.53
N LYS B 112 -0.82 1.00 -13.68
CA LYS B 112 0.43 1.20 -13.00
C LYS B 112 1.35 0.07 -13.32
N ARG B 113 2.63 0.34 -13.43
CA ARG B 113 3.59 -0.70 -13.66
C ARG B 113 4.36 -0.91 -12.33
N THR B 114 5.04 -2.01 -12.17
CA THR B 114 5.74 -2.35 -10.92
C THR B 114 7.19 -2.87 -11.16
N ASN B 115 7.34 -3.71 -12.15
CA ASN B 115 8.59 -4.41 -12.44
C ASN B 115 9.46 -3.57 -13.38
N MET B 116 10.72 -3.48 -13.05
CA MET B 116 11.70 -2.81 -13.88
C MET B 116 12.99 -3.61 -13.73
N PRO B 117 14.03 -3.38 -14.58
CA PRO B 117 15.32 -4.11 -14.48
C PRO B 117 15.86 -4.14 -13.03
N GLY B 118 15.73 -3.02 -12.34
CA GLY B 118 16.12 -2.96 -10.97
C GLY B 118 17.61 -2.83 -10.81
N ILE B 119 18.14 -3.46 -9.75
CA ILE B 119 19.58 -3.49 -9.44
C ILE B 119 20.07 -2.08 -9.00
N SER B 120 19.10 -1.16 -8.91
CA SER B 120 19.34 0.24 -8.58
C SER B 120 20.20 0.92 -9.66
N SER B 121 19.53 1.60 -10.56
CA SER B 121 20.16 2.24 -11.68
C SER B 121 21.02 3.46 -11.31
N THR B 122 22.24 3.18 -10.97
CA THR B 122 23.23 4.20 -10.68
C THR B 122 24.45 3.91 -11.58
N ASP B 123 24.20 3.09 -12.57
CA ASP B 123 25.20 2.66 -13.53
C ASP B 123 24.81 3.10 -14.92
N ARG B 124 25.71 3.77 -15.58
CA ARG B 124 25.49 4.22 -16.93
C ARG B 124 26.75 3.92 -17.72
N ALA A 1 7.93 -21.21 18.74
CA ALA A 1 8.60 -20.33 17.79
C ALA A 1 9.24 -21.17 16.73
N ILE A 2 9.20 -20.71 15.51
CA ILE A 2 9.82 -21.41 14.43
C ILE A 2 11.24 -20.98 14.27
N ALA A 3 12.14 -21.91 14.04
CA ALA A 3 13.51 -21.59 13.80
C ALA A 3 13.58 -20.82 12.48
N PRO A 4 13.96 -19.54 12.54
CA PRO A 4 13.95 -18.67 11.37
C PRO A 4 14.91 -19.10 10.29
N CYS A 5 14.37 -19.57 9.20
CA CYS A 5 15.15 -19.87 8.05
C CYS A 5 15.39 -18.56 7.34
N MET A 6 14.28 -17.88 7.01
CA MET A 6 14.29 -16.53 6.41
C MET A 6 15.21 -16.45 5.20
N GLN A 7 15.62 -15.22 4.86
CA GLN A 7 16.58 -14.93 3.77
C GLN A 7 15.95 -15.04 2.39
N THR A 8 14.83 -15.73 2.31
CA THR A 8 14.07 -15.83 1.10
C THR A 8 13.29 -14.53 0.90
N THR A 9 13.90 -13.62 0.20
CA THR A 9 13.34 -12.33 0.05
C THR A 9 12.98 -12.04 -1.40
N HIS A 10 13.20 -13.04 -2.26
CA HIS A 10 12.89 -13.01 -3.71
C HIS A 10 13.75 -11.99 -4.46
N SER A 11 13.52 -10.72 -4.20
CA SER A 11 14.22 -9.64 -4.87
C SER A 11 14.00 -8.31 -4.13
N LYS A 12 15.06 -7.74 -3.58
CA LYS A 12 14.99 -6.43 -2.98
C LYS A 12 16.33 -5.73 -3.07
N MET A 13 16.31 -4.42 -2.98
CA MET A 13 17.52 -3.59 -3.01
C MET A 13 17.18 -2.24 -2.39
N THR A 14 17.47 -2.11 -1.11
CA THR A 14 17.14 -0.93 -0.32
C THR A 14 15.63 -0.68 -0.27
N ALA A 15 14.99 -1.31 0.69
CA ALA A 15 13.57 -1.20 0.83
C ALA A 15 13.17 0.10 1.53
N GLY A 16 11.98 0.55 1.23
CA GLY A 16 11.47 1.76 1.80
C GLY A 16 10.11 2.06 1.23
N ALA A 17 10.06 3.03 0.34
CA ALA A 17 8.83 3.43 -0.31
C ALA A 17 9.14 4.08 -1.64
N TYR A 18 8.26 3.89 -2.60
CA TYR A 18 8.42 4.46 -3.93
C TYR A 18 7.27 5.39 -4.19
N THR A 19 7.02 5.68 -5.44
CA THR A 19 5.96 6.53 -5.85
C THR A 19 4.66 5.73 -5.84
N GLU A 20 3.56 6.40 -5.64
CA GLU A 20 2.28 5.78 -5.65
C GLU A 20 1.55 6.11 -6.96
N GLY A 21 1.68 7.34 -7.41
CA GLY A 21 1.00 7.77 -8.62
C GLY A 21 0.90 9.29 -8.67
N PRO A 22 -0.29 9.84 -8.92
CA PRO A 22 -0.55 11.31 -8.96
C PRO A 22 -0.02 12.13 -7.72
N PRO A 23 -0.12 11.62 -6.43
CA PRO A 23 0.44 12.31 -5.23
C PRO A 23 1.91 12.76 -5.40
N GLN A 24 2.36 13.59 -4.48
CA GLN A 24 3.69 14.16 -4.55
C GLN A 24 4.78 13.11 -4.27
N PRO A 25 5.87 13.16 -5.04
CA PRO A 25 7.02 12.30 -4.82
C PRO A 25 7.89 12.84 -3.67
N LEU A 26 7.82 12.18 -2.53
CA LEU A 26 8.59 12.60 -1.40
C LEU A 26 10.08 12.30 -1.55
N SER A 27 10.88 13.08 -0.88
CA SER A 27 12.32 13.02 -1.01
C SER A 27 12.90 11.76 -0.36
N ALA A 28 14.12 11.43 -0.78
CA ALA A 28 14.88 10.28 -0.27
C ALA A 28 14.90 10.21 1.24
N GLU A 29 15.12 11.33 1.92
CA GLU A 29 15.14 11.30 3.38
C GLU A 29 13.79 10.98 3.98
N GLU A 30 12.73 11.43 3.35
CA GLU A 30 11.39 11.06 3.76
C GLU A 30 11.22 9.58 3.67
N LYS A 31 11.86 8.98 2.68
CA LYS A 31 11.77 7.56 2.46
C LYS A 31 12.39 6.81 3.62
N LYS A 32 13.55 7.31 4.13
CA LYS A 32 14.18 6.71 5.30
C LYS A 32 13.30 6.85 6.53
N GLU A 33 12.75 8.04 6.72
CA GLU A 33 12.00 8.29 7.93
C GLU A 33 10.66 7.60 7.95
N ILE A 34 9.95 7.58 6.84
CA ILE A 34 8.65 6.92 6.78
C ILE A 34 8.80 5.43 7.05
N ASP A 35 9.93 4.88 6.60
CA ASP A 35 10.28 3.48 6.85
C ASP A 35 10.58 3.29 8.37
N LYS A 36 11.23 4.29 8.96
CA LYS A 36 11.57 4.29 10.41
C LYS A 36 10.36 4.36 11.33
N ARG A 37 9.41 5.19 11.01
CA ARG A 37 8.32 5.51 11.93
C ARG A 37 7.01 4.76 11.57
N SER A 38 7.14 3.69 10.79
CA SER A 38 5.98 2.88 10.41
C SER A 38 5.95 1.47 11.05
N VAL A 39 4.80 0.81 10.95
CA VAL A 39 4.55 -0.50 11.55
C VAL A 39 3.73 -1.40 10.63
N TYR A 40 3.73 -2.66 10.94
CA TYR A 40 2.97 -3.69 10.25
C TYR A 40 1.86 -4.15 11.15
N VAL A 41 0.67 -4.13 10.66
CA VAL A 41 -0.48 -4.61 11.34
C VAL A 41 -1.03 -5.80 10.56
N GLY A 42 -0.94 -6.97 11.12
CA GLY A 42 -1.36 -8.14 10.40
C GLY A 42 -2.44 -8.93 11.07
N ASN A 43 -2.79 -10.05 10.41
CA ASN A 43 -3.84 -11.02 10.79
C ASN A 43 -5.26 -10.47 10.55
N VAL A 44 -5.35 -9.20 10.22
CA VAL A 44 -6.63 -8.57 9.98
C VAL A 44 -7.17 -8.98 8.60
N ASP A 45 -8.13 -9.89 8.57
CA ASP A 45 -8.50 -10.49 7.31
C ASP A 45 -9.43 -9.66 6.48
N TYR A 46 -8.83 -8.74 5.74
CA TYR A 46 -9.48 -8.04 4.61
C TYR A 46 -10.65 -7.06 4.99
N GLY A 47 -11.24 -7.22 6.16
CA GLY A 47 -12.46 -6.49 6.46
C GLY A 47 -12.33 -5.30 7.41
N SER A 48 -11.12 -4.92 7.81
CA SER A 48 -11.02 -3.75 8.65
C SER A 48 -10.91 -2.50 7.78
N THR A 49 -11.44 -1.42 8.27
CA THR A 49 -11.47 -0.18 7.52
C THR A 49 -10.32 0.74 7.91
N ALA A 50 -9.98 1.69 7.04
CA ALA A 50 -8.86 2.59 7.27
C ALA A 50 -9.14 3.49 8.47
N GLN A 51 -10.32 4.09 8.49
CA GLN A 51 -10.72 4.97 9.59
C GLN A 51 -10.69 4.28 10.94
N ASP A 52 -11.11 3.03 10.98
CA ASP A 52 -11.14 2.25 12.24
C ASP A 52 -9.72 1.92 12.67
N LEU A 53 -8.87 1.63 11.70
CA LEU A 53 -7.47 1.31 11.96
C LEU A 53 -6.72 2.52 12.44
N GLU A 54 -6.91 3.62 11.75
CA GLU A 54 -6.25 4.87 12.06
C GLU A 54 -6.63 5.36 13.45
N ALA A 55 -7.92 5.36 13.75
CA ALA A 55 -8.39 5.79 15.06
C ALA A 55 -7.73 4.98 16.17
N HIS A 56 -7.68 3.67 15.96
CA HIS A 56 -7.17 2.74 16.95
C HIS A 56 -5.67 3.01 17.20
N PHE A 57 -4.96 3.32 16.15
CA PHE A 57 -3.55 3.62 16.23
C PHE A 57 -3.27 5.06 16.63
N SER A 58 -4.24 5.91 16.43
CA SER A 58 -4.09 7.32 16.68
C SER A 58 -4.03 7.57 18.18
N SER A 59 -4.57 6.65 18.95
CA SER A 59 -4.43 6.72 20.38
C SER A 59 -2.93 6.68 20.78
N CYS A 60 -2.10 6.04 19.95
CA CYS A 60 -0.67 5.89 20.20
C CYS A 60 0.18 7.04 19.57
N GLY A 61 -0.47 8.05 19.05
CA GLY A 61 0.27 9.13 18.42
C GLY A 61 -0.39 9.66 17.18
N SER A 62 0.32 10.48 16.45
CA SER A 62 -0.22 11.09 15.27
C SER A 62 0.20 10.29 14.04
N ILE A 63 -0.77 9.93 13.29
CA ILE A 63 -0.61 9.17 12.08
C ILE A 63 -0.29 10.06 10.87
N ASN A 64 0.69 9.63 10.12
CA ASN A 64 1.17 10.32 8.94
C ASN A 64 0.38 9.81 7.73
N ARG A 65 0.38 8.51 7.57
CA ARG A 65 -0.24 7.82 6.45
C ARG A 65 -0.59 6.44 6.91
N ILE A 66 -1.42 5.76 6.20
CA ILE A 66 -1.67 4.37 6.48
C ILE A 66 -1.88 3.69 5.18
N THR A 67 -1.40 2.51 5.08
CA THR A 67 -1.47 1.76 3.89
C THR A 67 -2.14 0.44 4.19
N ILE A 68 -3.19 0.11 3.50
CA ILE A 68 -3.89 -1.12 3.76
C ILE A 68 -3.90 -1.87 2.46
N LEU A 69 -3.27 -2.99 2.43
CA LEU A 69 -3.25 -3.78 1.22
C LEU A 69 -3.83 -5.15 1.42
N CYS A 70 -4.75 -5.51 0.58
CA CYS A 70 -5.38 -6.79 0.66
C CYS A 70 -5.08 -7.58 -0.61
N ASP A 71 -4.65 -8.81 -0.47
CA ASP A 71 -4.38 -9.61 -1.64
C ASP A 71 -5.26 -10.81 -1.67
N LYS A 72 -5.63 -11.23 -2.84
CA LYS A 72 -6.42 -12.40 -2.97
C LYS A 72 -5.65 -13.42 -3.82
N PHE A 73 -4.36 -13.15 -4.07
CA PHE A 73 -3.55 -14.06 -4.87
C PHE A 73 -3.35 -15.38 -4.16
N SER A 74 -3.53 -15.33 -2.86
CA SER A 74 -3.42 -16.49 -2.03
C SER A 74 -4.72 -17.35 -2.12
N GLY A 75 -5.68 -16.88 -2.91
CA GLY A 75 -6.94 -17.59 -3.06
C GLY A 75 -7.96 -17.01 -2.15
N HIS A 76 -7.59 -16.93 -0.92
CA HIS A 76 -8.40 -16.31 0.09
C HIS A 76 -7.93 -14.90 0.22
N PRO A 77 -8.84 -13.93 0.25
CA PRO A 77 -8.45 -12.55 0.35
C PRO A 77 -7.90 -12.24 1.75
N LYS A 78 -6.67 -11.84 1.76
CA LYS A 78 -5.92 -11.57 2.97
C LYS A 78 -5.87 -10.09 3.22
N GLY A 79 -5.63 -9.72 4.44
CA GLY A 79 -5.53 -8.35 4.78
C GLY A 79 -4.36 -8.06 5.69
N TYR A 80 -3.70 -6.99 5.41
CA TYR A 80 -2.62 -6.47 6.21
C TYR A 80 -2.49 -4.99 6.00
N ALA A 81 -2.16 -4.30 7.05
CA ALA A 81 -2.14 -2.88 7.03
C ALA A 81 -0.85 -2.38 7.62
N TYR A 82 -0.40 -1.26 7.18
CA TYR A 82 0.79 -0.66 7.69
C TYR A 82 0.46 0.74 8.09
N ILE A 83 0.85 1.11 9.26
CA ILE A 83 0.56 2.42 9.76
C ILE A 83 1.84 3.25 9.80
N GLU A 84 1.88 4.32 9.04
CA GLU A 84 3.00 5.23 9.04
C GLU A 84 2.71 6.36 10.04
N PHE A 85 3.54 6.49 11.04
CA PHE A 85 3.31 7.52 12.04
C PHE A 85 4.10 8.78 11.76
N ALA A 86 3.67 9.85 12.40
CA ALA A 86 4.38 11.10 12.34
C ALA A 86 5.63 11.08 13.19
N GLU A 87 5.75 10.12 14.09
CA GLU A 87 6.96 10.05 14.88
C GLU A 87 7.30 8.63 15.27
N ARG A 88 8.55 8.46 15.64
CA ARG A 88 9.04 7.24 16.18
C ARG A 88 8.37 6.93 17.50
N ASN A 89 8.08 7.95 18.28
CA ASN A 89 7.43 7.74 19.57
C ASN A 89 6.08 7.08 19.40
N SER A 90 5.39 7.40 18.30
CA SER A 90 4.11 6.84 18.06
C SER A 90 4.20 5.35 17.73
N VAL A 91 5.21 4.96 16.95
CA VAL A 91 5.41 3.55 16.65
C VAL A 91 5.79 2.75 17.89
N ASP A 92 6.74 3.26 18.69
CA ASP A 92 7.11 2.59 19.95
C ASP A 92 5.91 2.46 20.89
N ALA A 93 5.01 3.41 20.82
CA ALA A 93 3.82 3.37 21.63
C ALA A 93 2.81 2.34 21.09
N ALA A 94 2.74 2.23 19.77
CA ALA A 94 1.80 1.34 19.09
C ALA A 94 2.21 -0.12 19.18
N VAL A 95 3.50 -0.38 18.97
CA VAL A 95 4.09 -1.74 19.04
C VAL A 95 3.73 -2.49 20.34
N ALA A 96 3.38 -1.72 21.39
CA ALA A 96 2.99 -2.30 22.68
C ALA A 96 1.67 -3.10 22.57
N MET A 97 0.99 -2.94 21.45
CA MET A 97 -0.25 -3.66 21.21
C MET A 97 0.00 -4.88 20.32
N ASP A 98 1.28 -5.19 20.03
CA ASP A 98 1.65 -6.34 19.16
C ASP A 98 0.85 -7.60 19.39
N GLU A 99 0.60 -7.95 20.63
CA GLU A 99 -0.31 -9.03 20.90
C GLU A 99 -1.57 -8.45 21.56
N THR A 100 -2.60 -8.29 20.78
CA THR A 100 -3.85 -7.73 21.26
C THR A 100 -5.00 -8.28 20.46
N VAL A 101 -6.20 -8.09 20.94
CA VAL A 101 -7.36 -8.57 20.28
C VAL A 101 -8.12 -7.40 19.66
N PHE A 102 -8.24 -7.43 18.38
CA PHE A 102 -8.87 -6.41 17.61
C PHE A 102 -9.80 -7.04 16.61
N ARG A 103 -11.07 -6.68 16.69
CA ARG A 103 -12.10 -7.16 15.80
C ARG A 103 -12.20 -8.69 15.69
N GLY A 104 -12.36 -9.31 16.85
CA GLY A 104 -12.52 -10.77 16.97
C GLY A 104 -11.27 -11.60 16.69
N ARG A 105 -10.17 -10.95 16.44
CA ARG A 105 -8.92 -11.65 16.19
C ARG A 105 -7.77 -11.02 16.95
N THR A 106 -6.75 -11.78 17.18
CA THR A 106 -5.57 -11.28 17.80
C THR A 106 -4.68 -10.75 16.68
N ILE A 107 -4.35 -9.49 16.71
CA ILE A 107 -3.55 -8.94 15.61
C ILE A 107 -2.12 -8.80 16.01
N LYS A 108 -1.28 -8.49 15.06
CA LYS A 108 0.13 -8.40 15.28
C LYS A 108 0.64 -7.08 14.75
N VAL A 109 1.31 -6.32 15.60
CA VAL A 109 1.86 -5.06 15.17
C VAL A 109 3.32 -4.93 15.55
N LEU A 110 4.16 -4.72 14.59
CA LEU A 110 5.59 -4.62 14.83
C LEU A 110 6.15 -3.64 13.81
N PRO A 111 7.32 -3.05 14.05
CA PRO A 111 7.87 -2.02 13.14
C PRO A 111 8.10 -2.51 11.72
N LYS A 112 7.69 -1.73 10.76
CA LYS A 112 7.98 -2.02 9.40
C LYS A 112 9.38 -1.54 9.18
N ARG A 113 10.30 -2.45 9.18
CA ARG A 113 11.67 -2.06 9.22
C ARG A 113 12.48 -2.77 8.21
N THR A 114 13.13 -2.00 7.41
CA THR A 114 14.05 -2.50 6.48
C THR A 114 15.33 -2.68 7.26
N ASN A 115 15.65 -3.90 7.53
CA ASN A 115 16.75 -4.21 8.39
C ASN A 115 18.08 -4.04 7.70
N MET A 116 18.73 -2.97 8.04
CA MET A 116 20.03 -2.61 7.55
C MET A 116 20.79 -2.03 8.73
N PRO A 117 22.13 -2.06 8.71
CA PRO A 117 22.96 -1.52 9.81
C PRO A 117 22.57 -0.08 10.18
N GLY A 118 22.42 0.74 9.16
CA GLY A 118 22.02 2.09 9.37
C GLY A 118 22.16 2.87 8.10
N ILE A 119 21.84 4.12 8.14
CA ILE A 119 21.94 4.94 6.95
C ILE A 119 23.39 5.40 6.78
N SER A 120 24.16 4.53 6.20
CA SER A 120 25.57 4.73 5.97
C SER A 120 26.06 3.54 5.16
N SER A 121 25.52 2.35 5.48
CA SER A 121 25.79 1.17 4.69
C SER A 121 25.04 1.34 3.38
N THR A 122 25.79 1.57 2.31
CA THR A 122 25.23 1.97 1.05
C THR A 122 24.66 3.38 1.24
N ASP A 123 25.56 4.35 1.27
CA ASP A 123 25.18 5.70 1.56
C ASP A 123 24.74 6.40 0.30
N ARG A 124 23.46 6.62 0.22
CA ARG A 124 22.86 7.34 -0.89
C ARG A 124 21.86 8.32 -0.33
N ALA B 1 -6.31 4.15 -28.03
CA ALA B 1 -5.79 5.19 -27.19
C ALA B 1 -4.28 5.18 -27.23
N ILE B 2 -3.69 6.29 -27.63
CA ILE B 2 -2.27 6.39 -27.71
C ILE B 2 -1.71 7.52 -26.88
N ALA B 3 -0.64 7.24 -26.21
CA ALA B 3 0.08 8.17 -25.39
C ALA B 3 1.46 7.62 -25.22
N PRO B 4 2.48 8.47 -25.02
CA PRO B 4 3.87 8.01 -24.85
C PRO B 4 3.99 6.94 -23.77
N CYS B 5 4.41 5.77 -24.15
CA CYS B 5 4.56 4.67 -23.22
C CYS B 5 5.84 4.82 -22.44
N MET B 6 6.80 5.50 -23.02
CA MET B 6 8.04 5.78 -22.35
C MET B 6 7.88 6.97 -21.42
N GLN B 7 8.63 6.99 -20.36
CA GLN B 7 8.61 8.06 -19.42
C GLN B 7 9.98 8.12 -18.78
N THR B 8 10.52 9.29 -18.66
CA THR B 8 11.82 9.44 -18.08
C THR B 8 11.72 10.15 -16.73
N THR B 9 11.64 9.37 -15.69
CA THR B 9 11.57 9.84 -14.33
C THR B 9 12.47 8.97 -13.49
N HIS B 10 13.08 9.54 -12.45
CA HIS B 10 14.02 8.75 -11.63
C HIS B 10 13.34 7.80 -10.66
N SER B 11 12.72 6.78 -11.23
CA SER B 11 12.02 5.67 -10.60
C SER B 11 11.52 4.75 -11.71
N LYS B 12 12.06 3.57 -11.80
CA LYS B 12 11.66 2.63 -12.84
C LYS B 12 10.86 1.49 -12.20
N MET B 13 10.42 1.72 -10.99
CA MET B 13 9.68 0.77 -10.22
C MET B 13 8.77 1.46 -9.23
N THR B 14 7.50 1.18 -9.34
CA THR B 14 6.49 1.73 -8.48
C THR B 14 6.44 0.91 -7.18
N ALA B 15 6.79 -0.35 -7.32
CA ALA B 15 6.84 -1.27 -6.23
C ALA B 15 7.96 -2.24 -6.48
N GLY B 16 8.94 -2.22 -5.62
CA GLY B 16 10.05 -3.10 -5.77
C GLY B 16 10.56 -3.56 -4.45
N ALA B 17 11.34 -2.74 -3.81
CA ALA B 17 11.85 -3.06 -2.53
C ALA B 17 11.07 -2.32 -1.45
N TYR B 18 10.23 -3.05 -0.79
CA TYR B 18 9.44 -2.54 0.31
C TYR B 18 9.28 -3.67 1.30
N THR B 19 9.60 -3.42 2.54
CA THR B 19 9.61 -4.46 3.53
C THR B 19 8.21 -4.75 4.06
N GLU B 20 7.55 -5.73 3.47
CA GLU B 20 6.26 -6.17 3.93
C GLU B 20 6.44 -6.88 5.30
N GLY B 21 7.58 -7.55 5.45
CA GLY B 21 7.91 -8.19 6.70
C GLY B 21 7.66 -9.68 6.66
N PRO B 22 6.49 -10.14 7.12
CA PRO B 22 6.07 -11.53 6.98
C PRO B 22 6.28 -12.03 5.50
N PRO B 23 5.69 -11.38 4.43
CA PRO B 23 6.03 -11.68 3.07
C PRO B 23 7.21 -10.79 2.64
N GLN B 24 8.17 -11.33 1.98
CA GLN B 24 9.23 -10.52 1.48
C GLN B 24 9.02 -10.25 0.03
N PRO B 25 9.29 -8.98 -0.39
CA PRO B 25 9.07 -8.47 -1.73
C PRO B 25 9.18 -9.51 -2.83
N LEU B 26 8.12 -9.62 -3.60
CA LEU B 26 8.05 -10.55 -4.72
C LEU B 26 9.19 -10.36 -5.74
N SER B 27 9.32 -11.28 -6.66
CA SER B 27 10.44 -11.26 -7.55
C SER B 27 10.31 -10.17 -8.63
N ALA B 28 11.43 -9.90 -9.29
CA ALA B 28 11.56 -8.83 -10.27
C ALA B 28 10.50 -8.87 -11.37
N GLU B 29 10.25 -10.03 -11.92
CA GLU B 29 9.28 -10.18 -12.99
C GLU B 29 7.86 -9.87 -12.52
N GLU B 30 7.56 -10.31 -11.30
CA GLU B 30 6.29 -9.99 -10.67
C GLU B 30 6.14 -8.51 -10.53
N LYS B 31 7.26 -7.82 -10.27
CA LYS B 31 7.26 -6.39 -10.07
C LYS B 31 6.85 -5.69 -11.35
N LYS B 32 7.35 -6.19 -12.51
CA LYS B 32 6.95 -5.64 -13.78
C LYS B 32 5.47 -5.86 -14.03
N GLU B 33 4.99 -7.08 -13.79
CA GLU B 33 3.62 -7.41 -14.10
C GLU B 33 2.60 -6.78 -13.19
N ILE B 34 2.90 -6.68 -11.91
CA ILE B 34 1.96 -6.06 -10.98
C ILE B 34 1.80 -4.58 -11.26
N ASP B 35 2.88 -3.98 -11.70
CA ASP B 35 2.93 -2.58 -12.10
C ASP B 35 2.12 -2.43 -13.38
N LYS B 36 2.34 -3.36 -14.29
CA LYS B 36 1.74 -3.41 -15.61
C LYS B 36 0.19 -3.56 -15.54
N ARG B 37 -0.28 -4.33 -14.56
CA ARG B 37 -1.69 -4.68 -14.41
C ARG B 37 -2.41 -3.85 -13.32
N SER B 38 -1.81 -2.78 -12.85
CA SER B 38 -2.42 -2.02 -11.79
C SER B 38 -3.09 -0.72 -12.28
N VAL B 39 -3.93 -0.16 -11.42
CA VAL B 39 -4.66 1.08 -11.67
C VAL B 39 -4.67 1.97 -10.43
N TYR B 40 -4.98 3.21 -10.67
CA TYR B 40 -5.11 4.24 -9.65
C TYR B 40 -6.54 4.61 -9.54
N VAL B 41 -7.06 4.55 -8.36
CA VAL B 41 -8.38 4.96 -8.06
C VAL B 41 -8.27 6.17 -7.16
N GLY B 42 -8.63 7.32 -7.65
CA GLY B 42 -8.50 8.50 -6.86
C GLY B 42 -9.81 9.12 -6.48
N ASN B 43 -9.71 10.10 -5.61
CA ASN B 43 -10.83 10.87 -5.02
C ASN B 43 -11.70 9.97 -4.12
N VAL B 44 -11.24 8.76 -3.86
CA VAL B 44 -11.91 7.86 -2.93
C VAL B 44 -11.86 8.48 -1.55
N ASP B 45 -13.03 8.76 -1.02
CA ASP B 45 -13.13 9.46 0.23
C ASP B 45 -12.63 8.63 1.37
N TYR B 46 -12.03 9.31 2.33
CA TYR B 46 -11.53 8.73 3.54
C TYR B 46 -12.70 8.10 4.29
N GLY B 47 -12.95 6.85 4.00
CA GLY B 47 -14.08 6.16 4.56
C GLY B 47 -14.50 4.97 3.73
N SER B 48 -14.06 4.89 2.46
CA SER B 48 -14.39 3.74 1.65
C SER B 48 -13.58 2.53 2.14
N THR B 49 -14.14 1.35 2.03
CA THR B 49 -13.47 0.16 2.52
C THR B 49 -12.77 -0.59 1.40
N ALA B 50 -11.84 -1.48 1.76
CA ALA B 50 -11.11 -2.30 0.81
C ALA B 50 -12.06 -3.25 0.11
N GLN B 51 -12.92 -3.88 0.90
CA GLN B 51 -13.94 -4.81 0.40
C GLN B 51 -14.83 -4.11 -0.63
N ASP B 52 -15.35 -2.94 -0.28
CA ASP B 52 -16.25 -2.21 -1.18
C ASP B 52 -15.56 -1.87 -2.49
N LEU B 53 -14.31 -1.47 -2.38
CA LEU B 53 -13.49 -1.16 -3.54
C LEU B 53 -13.22 -2.38 -4.39
N GLU B 54 -12.83 -3.46 -3.74
CA GLU B 54 -12.51 -4.70 -4.42
C GLU B 54 -13.73 -5.26 -5.13
N ALA B 55 -14.85 -5.34 -4.44
CA ALA B 55 -16.10 -5.82 -5.04
C ALA B 55 -16.46 -5.01 -6.29
N HIS B 56 -16.28 -3.71 -6.18
CA HIS B 56 -16.65 -2.81 -7.27
C HIS B 56 -15.74 -3.03 -8.48
N PHE B 57 -14.49 -3.29 -8.22
CA PHE B 57 -13.52 -3.56 -9.26
C PHE B 57 -13.55 -4.99 -9.74
N SER B 58 -14.05 -5.86 -8.91
CA SER B 58 -14.12 -7.28 -9.20
C SER B 58 -15.17 -7.53 -10.26
N SER B 59 -16.14 -6.64 -10.37
CA SER B 59 -17.10 -6.71 -11.44
C SER B 59 -16.37 -6.54 -12.80
N CYS B 60 -15.23 -5.86 -12.77
CA CYS B 60 -14.44 -5.64 -13.97
C CYS B 60 -13.12 -6.44 -13.92
N GLY B 61 -13.03 -7.41 -13.01
CA GLY B 61 -11.78 -8.13 -12.92
C GLY B 61 -11.69 -9.10 -11.78
N SER B 62 -10.64 -9.86 -11.76
CA SER B 62 -10.39 -10.81 -10.71
C SER B 62 -9.99 -10.12 -9.40
N ILE B 63 -8.80 -9.55 -9.42
CA ILE B 63 -8.16 -8.79 -8.35
C ILE B 63 -7.12 -9.60 -7.62
N ASN B 64 -5.91 -9.16 -7.80
CA ASN B 64 -4.73 -9.79 -7.28
C ASN B 64 -4.42 -9.21 -5.91
N ARG B 65 -4.40 -7.89 -5.85
CA ARG B 65 -4.10 -7.16 -4.62
C ARG B 65 -4.76 -5.81 -4.74
N ILE B 66 -4.91 -5.12 -3.65
CA ILE B 66 -5.37 -3.76 -3.69
C ILE B 66 -4.66 -3.04 -2.60
N THR B 67 -4.30 -1.84 -2.85
CA THR B 67 -3.57 -1.05 -1.92
C THR B 67 -4.33 0.24 -1.70
N ILE B 68 -4.64 0.55 -0.47
CA ILE B 68 -5.37 1.75 -0.20
C ILE B 68 -4.53 2.55 0.76
N LEU B 69 -4.09 3.69 0.34
CA LEU B 69 -3.28 4.52 1.19
C LEU B 69 -3.90 5.87 1.43
N CYS B 70 -4.00 6.25 2.66
CA CYS B 70 -4.59 7.50 3.04
C CYS B 70 -3.52 8.33 3.72
N ASP B 71 -3.40 9.60 3.37
CA ASP B 71 -2.40 10.43 4.02
C ASP B 71 -3.06 11.56 4.75
N LYS B 72 -2.64 11.79 5.98
CA LYS B 72 -3.21 12.86 6.79
C LYS B 72 -2.10 13.80 7.26
N PHE B 73 -0.88 13.60 6.76
CA PHE B 73 0.27 14.42 7.18
C PHE B 73 0.10 15.91 6.87
N SER B 74 -0.70 16.22 5.87
CA SER B 74 -0.92 17.60 5.52
C SER B 74 -2.09 18.19 6.33
N GLY B 75 -2.61 17.43 7.28
CA GLY B 75 -3.70 17.91 8.10
C GLY B 75 -4.98 17.23 7.74
N HIS B 76 -5.37 17.35 6.51
CA HIS B 76 -6.59 16.74 6.03
C HIS B 76 -6.27 15.40 5.41
N PRO B 77 -6.94 14.34 5.85
CA PRO B 77 -6.70 12.99 5.36
C PRO B 77 -7.29 12.74 3.99
N LYS B 78 -6.45 12.36 3.08
CA LYS B 78 -6.83 12.07 1.73
C LYS B 78 -6.83 10.61 1.47
N GLY B 79 -7.55 10.22 0.46
CA GLY B 79 -7.65 8.84 0.14
C GLY B 79 -7.43 8.56 -1.34
N TYR B 80 -6.67 7.53 -1.59
CA TYR B 80 -6.42 7.01 -2.91
C TYR B 80 -6.10 5.54 -2.84
N ALA B 81 -6.55 4.81 -3.82
CA ALA B 81 -6.44 3.38 -3.80
C ALA B 81 -5.91 2.90 -5.12
N TYR B 82 -5.22 1.83 -5.08
CA TYR B 82 -4.68 1.23 -6.25
C TYR B 82 -5.10 -0.20 -6.31
N ILE B 83 -5.63 -0.60 -7.42
CA ILE B 83 -6.12 -1.93 -7.56
C ILE B 83 -5.18 -2.73 -8.48
N GLU B 84 -4.56 -3.75 -7.93
CA GLU B 84 -3.70 -4.62 -8.70
C GLU B 84 -4.51 -5.80 -9.22
N PHE B 85 -4.60 -5.94 -10.51
CA PHE B 85 -5.31 -7.05 -11.08
C PHE B 85 -4.33 -8.15 -11.47
N ALA B 86 -4.80 -9.36 -11.56
CA ALA B 86 -3.96 -10.47 -11.98
C ALA B 86 -3.87 -10.52 -13.50
N GLU B 87 -4.80 -9.85 -14.15
CA GLU B 87 -4.88 -9.84 -15.59
C GLU B 87 -4.87 -8.41 -16.13
N ARG B 88 -4.18 -8.19 -17.26
CA ARG B 88 -4.20 -6.90 -17.96
C ARG B 88 -5.61 -6.62 -18.47
N ASN B 89 -6.29 -7.66 -18.84
CA ASN B 89 -7.66 -7.54 -19.32
C ASN B 89 -8.60 -6.97 -18.27
N SER B 90 -8.34 -7.24 -17.00
CA SER B 90 -9.12 -6.70 -15.93
C SER B 90 -8.93 -5.18 -15.82
N VAL B 91 -7.68 -4.73 -15.97
CA VAL B 91 -7.39 -3.30 -15.91
C VAL B 91 -8.00 -2.54 -17.07
N ASP B 92 -7.89 -3.06 -18.29
CA ASP B 92 -8.55 -2.43 -19.45
C ASP B 92 -10.07 -2.36 -19.27
N ALA B 93 -10.62 -3.34 -18.60
CA ALA B 93 -12.05 -3.36 -18.32
C ALA B 93 -12.38 -2.33 -17.22
N ALA B 94 -11.51 -2.18 -16.26
CA ALA B 94 -11.74 -1.29 -15.11
C ALA B 94 -11.59 0.17 -15.50
N VAL B 95 -10.54 0.48 -16.26
CA VAL B 95 -10.25 1.85 -16.73
C VAL B 95 -11.45 2.53 -17.41
N ALA B 96 -12.38 1.73 -17.92
CA ALA B 96 -13.58 2.24 -18.59
C ALA B 96 -14.47 3.03 -17.60
N MET B 97 -14.24 2.83 -16.31
CA MET B 97 -15.02 3.52 -15.27
C MET B 97 -14.30 4.76 -14.80
N ASP B 98 -13.20 5.12 -15.46
CA ASP B 98 -12.35 6.27 -15.07
C ASP B 98 -13.11 7.48 -14.60
N GLU B 99 -14.13 7.92 -15.30
CA GLU B 99 -14.91 9.02 -14.82
C GLU B 99 -16.32 8.54 -14.48
N THR B 100 -16.48 8.18 -13.22
CA THR B 100 -17.75 7.67 -12.70
C THR B 100 -17.99 8.18 -11.29
N VAL B 101 -19.15 7.90 -10.76
CA VAL B 101 -19.48 8.31 -9.43
C VAL B 101 -19.45 7.10 -8.49
N PHE B 102 -18.75 7.26 -7.43
CA PHE B 102 -18.58 6.26 -6.43
C PHE B 102 -18.75 6.92 -5.07
N ARG B 103 -19.71 6.43 -4.30
CA ARG B 103 -20.00 6.91 -2.95
C ARG B 103 -20.37 8.42 -2.95
N GLY B 104 -21.02 8.82 -4.03
CA GLY B 104 -21.52 10.18 -4.15
C GLY B 104 -20.56 11.15 -4.80
N ARG B 105 -19.35 10.72 -5.10
CA ARG B 105 -18.37 11.61 -5.70
C ARG B 105 -17.74 10.99 -6.94
N THR B 106 -17.23 11.81 -7.81
CA THR B 106 -16.64 11.37 -9.04
C THR B 106 -15.22 10.88 -8.79
N ILE B 107 -14.97 9.64 -9.10
CA ILE B 107 -13.64 9.08 -8.91
C ILE B 107 -12.92 9.01 -10.24
N LYS B 108 -11.66 8.68 -10.18
CA LYS B 108 -10.84 8.61 -11.35
C LYS B 108 -10.04 7.33 -11.31
N VAL B 109 -10.09 6.54 -12.37
CA VAL B 109 -9.33 5.33 -12.44
C VAL B 109 -8.52 5.24 -13.74
N LEU B 110 -7.24 5.09 -13.62
CA LEU B 110 -6.36 5.01 -14.76
C LEU B 110 -5.22 4.09 -14.39
N PRO B 111 -4.48 3.51 -15.34
CA PRO B 111 -3.40 2.54 -15.05
C PRO B 111 -2.27 3.15 -14.20
N LYS B 112 -1.89 2.45 -13.14
CA LYS B 112 -0.80 2.91 -12.28
C LYS B 112 0.51 2.60 -12.94
N ARG B 113 0.99 3.59 -13.69
CA ARG B 113 2.17 3.47 -14.55
C ARG B 113 2.01 2.37 -15.59
N THR B 114 2.09 2.71 -16.82
CA THR B 114 1.96 1.71 -17.80
C THR B 114 3.34 1.25 -18.27
N ASN B 115 3.93 0.36 -17.51
CA ASN B 115 5.20 -0.21 -17.87
C ASN B 115 4.93 -1.48 -18.63
N MET B 116 4.87 -1.33 -19.92
CA MET B 116 4.51 -2.39 -20.80
C MET B 116 4.93 -2.00 -22.18
N PRO B 117 5.52 -2.92 -22.95
CA PRO B 117 5.85 -2.64 -24.33
C PRO B 117 4.57 -2.43 -25.14
N GLY B 118 4.34 -1.20 -25.55
CA GLY B 118 3.16 -0.88 -26.34
C GLY B 118 3.18 -1.62 -27.63
N ILE B 119 4.31 -1.60 -28.26
CA ILE B 119 4.52 -2.36 -29.45
C ILE B 119 4.79 -3.81 -29.05
N SER B 120 4.04 -4.70 -29.63
CA SER B 120 4.25 -6.09 -29.37
C SER B 120 5.58 -6.51 -29.99
N SER B 121 6.49 -6.94 -29.14
CA SER B 121 7.82 -7.35 -29.54
C SER B 121 7.76 -8.54 -30.47
N THR B 122 7.85 -8.25 -31.72
CA THR B 122 7.78 -9.18 -32.79
C THR B 122 8.84 -8.80 -33.81
N ASP B 123 8.76 -9.34 -35.01
CA ASP B 123 9.71 -9.00 -36.05
C ASP B 123 9.36 -7.64 -36.65
N ARG B 124 8.11 -7.28 -36.58
CA ARG B 124 7.65 -6.02 -37.10
C ARG B 124 6.73 -5.41 -36.07
N ALA A 1 -4.55 28.07 39.04
CA ALA A 1 -3.76 28.68 37.97
C ALA A 1 -4.34 28.35 36.62
N ILE A 2 -3.89 29.04 35.60
CA ILE A 2 -4.35 28.81 34.24
C ILE A 2 -3.20 28.34 33.37
N ALA A 3 -3.49 27.35 32.54
CA ALA A 3 -2.52 26.86 31.59
C ALA A 3 -2.49 27.81 30.39
N PRO A 4 -1.30 28.03 29.79
CA PRO A 4 -1.15 28.92 28.63
C PRO A 4 -1.98 28.44 27.44
N CYS A 5 -2.51 29.37 26.69
CA CYS A 5 -3.30 29.04 25.53
C CYS A 5 -2.39 28.55 24.41
N MET A 6 -2.47 27.27 24.14
CA MET A 6 -1.66 26.66 23.09
C MET A 6 -2.38 26.79 21.79
N GLN A 7 -1.64 26.80 20.71
CA GLN A 7 -2.22 27.00 19.41
C GLN A 7 -1.90 25.84 18.49
N THR A 8 -2.90 25.42 17.76
CA THR A 8 -2.77 24.39 16.77
C THR A 8 -3.80 24.63 15.67
N THR A 9 -3.35 25.16 14.56
CA THR A 9 -4.23 25.47 13.48
C THR A 9 -4.40 24.28 12.55
N HIS A 10 -5.63 23.99 12.21
CA HIS A 10 -5.93 22.93 11.29
C HIS A 10 -5.95 23.50 9.90
N SER A 11 -5.92 22.66 8.91
CA SER A 11 -5.93 23.10 7.56
C SER A 11 -7.38 23.37 7.14
N LYS A 12 -7.56 24.25 6.19
CA LYS A 12 -8.87 24.58 5.70
C LYS A 12 -9.24 23.62 4.58
N MET A 13 -10.48 23.62 4.17
CA MET A 13 -10.89 22.73 3.10
C MET A 13 -10.34 23.18 1.75
N THR A 14 -9.22 22.62 1.39
CA THR A 14 -8.54 22.92 0.17
C THR A 14 -9.13 22.15 -1.01
N ALA A 15 -9.36 22.85 -2.09
CA ALA A 15 -9.93 22.26 -3.28
C ALA A 15 -8.84 21.91 -4.28
N GLY A 16 -9.22 21.20 -5.32
CA GLY A 16 -8.28 20.82 -6.35
C GLY A 16 -7.63 19.49 -6.05
N ALA A 17 -8.40 18.55 -5.54
CA ALA A 17 -7.88 17.24 -5.22
C ALA A 17 -8.42 16.21 -6.20
N TYR A 18 -7.59 15.77 -7.12
CA TYR A 18 -8.01 14.80 -8.12
C TYR A 18 -6.96 13.73 -8.33
N THR A 19 -5.73 14.13 -8.58
CA THR A 19 -4.67 13.19 -8.85
C THR A 19 -3.38 13.55 -8.09
N GLU A 20 -2.66 12.51 -7.68
CA GLU A 20 -1.38 12.60 -6.99
C GLU A 20 -0.42 11.56 -7.58
N GLY A 21 -1.02 10.57 -8.23
CA GLY A 21 -0.29 9.49 -8.82
C GLY A 21 0.22 8.53 -7.77
N PRO A 22 1.10 7.65 -8.15
CA PRO A 22 1.65 6.65 -7.23
C PRO A 22 2.36 7.16 -5.93
N PRO A 23 3.16 8.26 -5.97
CA PRO A 23 3.97 8.61 -4.87
C PRO A 23 3.37 9.51 -3.87
N GLN A 24 4.04 9.59 -2.79
CA GLN A 24 3.71 10.45 -1.77
C GLN A 24 4.55 11.70 -2.05
N PRO A 25 3.92 12.84 -2.31
CA PRO A 25 4.65 14.05 -2.63
C PRO A 25 5.09 14.82 -1.39
N LEU A 26 6.32 14.57 -1.01
CA LEU A 26 6.91 15.18 0.16
C LEU A 26 8.35 15.51 -0.12
N SER A 27 8.94 16.24 0.77
CA SER A 27 10.35 16.48 0.75
C SER A 27 11.06 15.20 1.22
N ALA A 28 12.25 14.95 0.72
CA ALA A 28 13.04 13.79 1.11
C ALA A 28 13.16 13.67 2.64
N GLU A 29 13.46 14.78 3.31
CA GLU A 29 13.58 14.80 4.77
C GLU A 29 12.26 14.42 5.45
N GLU A 30 11.16 14.86 4.86
CA GLU A 30 9.81 14.52 5.32
C GLU A 30 9.57 13.02 5.23
N LYS A 31 10.05 12.41 4.16
CA LYS A 31 9.82 11.02 3.93
C LYS A 31 10.69 10.19 4.87
N LYS A 32 11.91 10.65 5.10
CA LYS A 32 12.81 10.02 6.02
C LYS A 32 12.26 9.98 7.44
N GLU A 33 11.62 11.07 7.89
CA GLU A 33 11.05 11.15 9.24
C GLU A 33 9.87 10.22 9.42
N ILE A 34 9.05 10.14 8.43
CA ILE A 34 7.82 9.40 8.49
C ILE A 34 8.04 7.90 8.53
N ASP A 35 9.07 7.43 7.83
CA ASP A 35 9.38 6.00 7.78
C ASP A 35 9.84 5.50 9.15
N LYS A 36 10.50 6.37 9.89
CA LYS A 36 11.03 6.06 11.22
C LYS A 36 9.92 5.89 12.22
N ARG A 37 8.80 6.49 11.93
CA ARG A 37 7.68 6.52 12.85
C ARG A 37 6.55 5.63 12.31
N SER A 38 6.90 4.77 11.38
CA SER A 38 5.95 3.91 10.75
C SER A 38 6.11 2.45 11.20
N VAL A 39 5.04 1.68 11.01
CA VAL A 39 4.96 0.28 11.37
C VAL A 39 4.22 -0.52 10.33
N TYR A 40 4.41 -1.80 10.44
CA TYR A 40 3.78 -2.81 9.64
C TYR A 40 2.74 -3.48 10.49
N VAL A 41 1.56 -3.56 10.00
CA VAL A 41 0.47 -4.22 10.66
C VAL A 41 0.02 -5.36 9.77
N GLY A 42 0.16 -6.56 10.23
CA GLY A 42 -0.19 -7.69 9.41
C GLY A 42 -1.45 -8.40 9.85
N ASN A 43 -1.92 -9.27 8.96
CA ASN A 43 -3.09 -10.13 9.12
C ASN A 43 -4.42 -9.38 9.35
N VAL A 44 -4.78 -8.59 8.36
CA VAL A 44 -6.08 -7.92 8.36
C VAL A 44 -6.94 -8.45 7.21
N ASP A 45 -8.15 -8.80 7.53
CA ASP A 45 -9.13 -9.29 6.58
C ASP A 45 -10.23 -8.28 6.50
N TYR A 46 -11.06 -8.35 5.45
CA TYR A 46 -12.18 -7.44 5.33
C TYR A 46 -13.08 -7.48 6.53
N GLY A 47 -13.26 -6.34 7.10
CA GLY A 47 -14.00 -6.18 8.29
C GLY A 47 -13.44 -5.00 9.00
N SER A 48 -12.13 -4.94 9.01
CA SER A 48 -11.45 -3.82 9.54
C SER A 48 -11.18 -2.83 8.42
N THR A 49 -11.42 -1.58 8.67
CA THR A 49 -11.24 -0.56 7.69
C THR A 49 -10.07 0.31 8.07
N ALA A 50 -9.76 1.30 7.24
CA ALA A 50 -8.72 2.24 7.52
C ALA A 50 -9.07 3.02 8.80
N GLN A 51 -10.34 3.35 8.95
CA GLN A 51 -10.88 3.98 10.14
C GLN A 51 -10.63 3.11 11.40
N ASP A 52 -10.91 1.80 11.30
CA ASP A 52 -10.66 0.84 12.42
C ASP A 52 -9.22 0.87 12.81
N LEU A 53 -8.38 0.93 11.81
CA LEU A 53 -6.96 0.95 12.00
C LEU A 53 -6.50 2.25 12.61
N GLU A 54 -6.96 3.37 12.07
CA GLU A 54 -6.56 4.66 12.56
C GLU A 54 -6.94 4.85 14.00
N ALA A 55 -8.19 4.58 14.34
CA ALA A 55 -8.68 4.77 15.71
C ALA A 55 -7.88 3.91 16.68
N HIS A 56 -7.62 2.69 16.28
CA HIS A 56 -6.94 1.75 17.16
C HIS A 56 -5.50 2.19 17.42
N PHE A 57 -4.87 2.69 16.39
CA PHE A 57 -3.51 3.17 16.48
C PHE A 57 -3.43 4.60 17.02
N SER A 58 -4.52 5.31 16.90
CA SER A 58 -4.61 6.71 17.31
C SER A 58 -4.56 6.78 18.82
N SER A 59 -4.95 5.71 19.48
CA SER A 59 -4.82 5.63 20.90
C SER A 59 -3.33 5.75 21.32
N CYS A 60 -2.44 5.30 20.43
CA CYS A 60 -1.01 5.33 20.67
C CYS A 60 -0.33 6.63 20.17
N GLY A 61 -1.11 7.55 19.62
CA GLY A 61 -0.51 8.77 19.07
C GLY A 61 -1.24 9.34 17.87
N SER A 62 -0.57 10.20 17.13
CA SER A 62 -1.18 10.85 15.98
C SER A 62 -0.68 10.22 14.68
N ILE A 63 -1.59 9.92 13.79
CA ILE A 63 -1.26 9.29 12.54
C ILE A 63 -1.16 10.31 11.36
N ASN A 64 -0.12 10.14 10.57
CA ASN A 64 0.13 10.99 9.38
C ASN A 64 -0.39 10.36 8.11
N ARG A 65 -0.18 9.08 7.98
CA ARG A 65 -0.60 8.32 6.82
C ARG A 65 -0.81 6.90 7.20
N ILE A 66 -1.54 6.19 6.36
CA ILE A 66 -1.72 4.77 6.51
C ILE A 66 -1.86 4.18 5.13
N THR A 67 -1.32 3.04 4.96
CA THR A 67 -1.37 2.33 3.72
C THR A 67 -1.94 0.96 4.02
N ILE A 68 -2.95 0.57 3.34
CA ILE A 68 -3.56 -0.70 3.61
C ILE A 68 -3.57 -1.46 2.32
N LEU A 69 -3.00 -2.60 2.29
CA LEU A 69 -3.05 -3.40 1.09
C LEU A 69 -3.69 -4.75 1.36
N CYS A 70 -4.69 -5.09 0.58
CA CYS A 70 -5.42 -6.32 0.76
C CYS A 70 -5.25 -7.19 -0.49
N ASP A 71 -4.97 -8.47 -0.32
CA ASP A 71 -4.75 -9.33 -1.48
C ASP A 71 -5.62 -10.56 -1.50
N LYS A 72 -5.89 -11.05 -2.69
CA LYS A 72 -6.52 -12.34 -2.87
C LYS A 72 -5.63 -13.23 -3.72
N PHE A 73 -4.34 -12.90 -3.82
CA PHE A 73 -3.46 -13.75 -4.63
C PHE A 73 -3.30 -15.11 -3.96
N SER A 74 -3.55 -15.14 -2.66
CA SER A 74 -3.56 -16.36 -1.89
C SER A 74 -4.93 -17.06 -2.00
N GLY A 75 -5.84 -16.49 -2.78
CA GLY A 75 -7.18 -17.03 -2.95
C GLY A 75 -8.15 -16.37 -2.00
N HIS A 76 -7.70 -16.24 -0.79
CA HIS A 76 -8.47 -15.64 0.28
C HIS A 76 -8.05 -14.19 0.40
N PRO A 77 -8.99 -13.32 0.72
CA PRO A 77 -8.70 -11.90 0.97
C PRO A 77 -7.85 -11.75 2.23
N LYS A 78 -6.67 -11.23 2.09
CA LYS A 78 -5.87 -10.96 3.25
C LYS A 78 -5.52 -9.52 3.22
N GLY A 79 -4.53 -9.15 3.97
CA GLY A 79 -4.14 -7.80 4.01
C GLY A 79 -3.12 -7.50 5.04
N TYR A 80 -2.46 -6.41 4.81
CA TYR A 80 -1.48 -5.85 5.67
C TYR A 80 -1.44 -4.37 5.49
N ALA A 81 -1.15 -3.66 6.52
CA ALA A 81 -1.25 -2.23 6.52
C ALA A 81 -0.04 -1.62 7.18
N TYR A 82 0.29 -0.47 6.75
CA TYR A 82 1.37 0.30 7.31
C TYR A 82 0.85 1.59 7.86
N ILE A 83 1.09 1.80 9.13
CA ILE A 83 0.61 2.98 9.80
C ILE A 83 1.81 3.91 10.02
N GLU A 84 1.72 5.15 9.61
CA GLU A 84 2.81 6.08 9.82
C GLU A 84 2.40 7.12 10.86
N PHE A 85 3.13 7.18 11.95
CA PHE A 85 2.80 8.09 13.05
C PHE A 85 3.58 9.36 12.97
N ALA A 86 3.10 10.35 13.69
CA ALA A 86 3.75 11.62 13.79
C ALA A 86 4.90 11.58 14.77
N GLU A 87 4.81 10.73 15.77
CA GLU A 87 5.86 10.68 16.75
C GLU A 87 6.47 9.28 16.86
N ARG A 88 7.76 9.24 17.23
CA ARG A 88 8.49 8.00 17.42
C ARG A 88 7.97 7.29 18.65
N ASN A 89 7.55 8.05 19.63
CA ASN A 89 6.99 7.43 20.82
C ASN A 89 5.68 6.74 20.49
N SER A 90 4.97 7.23 19.48
CA SER A 90 3.73 6.64 19.09
C SER A 90 4.00 5.27 18.42
N VAL A 91 5.07 5.20 17.62
CA VAL A 91 5.39 3.96 16.94
C VAL A 91 5.80 2.91 17.97
N ASP A 92 6.55 3.34 19.02
CA ASP A 92 6.95 2.42 20.09
C ASP A 92 5.76 1.94 20.90
N ALA A 93 4.75 2.77 20.99
CA ALA A 93 3.55 2.41 21.73
C ALA A 93 2.74 1.40 20.90
N ALA A 94 2.82 1.54 19.59
CA ALA A 94 2.10 0.66 18.68
C ALA A 94 2.75 -0.71 18.61
N VAL A 95 4.08 -0.73 18.50
CA VAL A 95 4.84 -2.00 18.46
C VAL A 95 4.59 -2.87 19.68
N ALA A 96 4.15 -2.27 20.77
CA ALA A 96 3.86 -3.02 21.99
C ALA A 96 2.66 -3.97 21.78
N MET A 97 1.88 -3.66 20.75
CA MET A 97 0.72 -4.46 20.37
C MET A 97 1.08 -5.45 19.30
N ASP A 98 2.40 -5.56 18.98
CA ASP A 98 2.92 -6.48 17.94
C ASP A 98 2.24 -7.81 17.93
N GLU A 99 2.06 -8.42 19.06
CA GLU A 99 1.30 -9.60 19.13
C GLU A 99 0.11 -9.35 20.04
N THR A 100 -1.05 -9.42 19.46
CA THR A 100 -2.29 -9.16 20.14
C THR A 100 -3.45 -9.61 19.26
N VAL A 101 -4.66 -9.45 19.72
CA VAL A 101 -5.81 -9.89 19.01
C VAL A 101 -6.69 -8.69 18.61
N PHE A 102 -6.97 -8.60 17.35
CA PHE A 102 -7.79 -7.56 16.80
C PHE A 102 -8.86 -8.20 15.93
N ARG A 103 -10.11 -7.83 16.16
CA ARG A 103 -11.28 -8.38 15.46
C ARG A 103 -11.30 -9.93 15.56
N GLY A 104 -10.82 -10.42 16.67
CA GLY A 104 -10.81 -11.83 16.94
C GLY A 104 -9.61 -12.59 16.36
N ARG A 105 -8.75 -11.89 15.65
CA ARG A 105 -7.59 -12.53 15.04
C ARG A 105 -6.30 -11.88 15.51
N THR A 106 -5.23 -12.63 15.52
CA THR A 106 -3.96 -12.12 15.96
C THR A 106 -3.28 -11.33 14.85
N ILE A 107 -3.01 -10.08 15.10
CA ILE A 107 -2.29 -9.26 14.14
C ILE A 107 -0.84 -9.09 14.57
N LYS A 108 -0.04 -8.50 13.70
CA LYS A 108 1.37 -8.27 13.96
C LYS A 108 1.71 -6.82 13.68
N VAL A 109 2.42 -6.18 14.58
CA VAL A 109 2.81 -4.78 14.40
C VAL A 109 4.34 -4.66 14.59
N LEU A 110 5.08 -4.31 13.55
CA LEU A 110 6.51 -4.18 13.72
C LEU A 110 7.02 -3.00 12.85
N PRO A 111 8.07 -2.26 13.30
CA PRO A 111 8.55 -1.02 12.61
C PRO A 111 8.84 -1.22 11.13
N LYS A 112 8.44 -0.24 10.30
CA LYS A 112 8.57 -0.34 8.85
C LYS A 112 10.04 -0.29 8.42
N ARG A 113 10.58 -1.48 8.19
CA ARG A 113 11.94 -1.73 7.77
C ARG A 113 12.14 -3.22 7.79
N THR A 114 13.41 -3.68 7.76
CA THR A 114 13.75 -5.10 7.79
C THR A 114 13.58 -5.74 6.39
N ASN A 115 14.49 -6.69 6.06
CA ASN A 115 14.54 -7.38 4.75
C ASN A 115 15.19 -6.48 3.71
N MET A 116 15.84 -5.45 4.19
CA MET A 116 16.52 -4.52 3.35
C MET A 116 17.95 -5.01 3.10
N PRO A 117 18.38 -5.09 1.83
CA PRO A 117 19.75 -5.49 1.49
C PRO A 117 20.77 -4.55 2.11
N GLY A 118 21.94 -5.06 2.41
CA GLY A 118 22.95 -4.26 3.02
C GLY A 118 24.32 -4.81 2.76
N ILE A 119 25.22 -4.52 3.67
CA ILE A 119 26.60 -4.96 3.57
C ILE A 119 26.78 -6.47 3.44
N SER A 120 27.26 -6.88 2.30
CA SER A 120 27.53 -8.25 1.98
C SER A 120 28.23 -8.28 0.63
N SER A 121 29.41 -8.83 0.58
CA SER A 121 30.13 -8.90 -0.64
C SER A 121 29.69 -10.10 -1.47
N THR A 122 28.65 -9.91 -2.24
CA THR A 122 28.07 -10.94 -3.04
C THR A 122 28.81 -11.13 -4.37
N ASP A 123 28.81 -12.35 -4.86
CA ASP A 123 29.47 -12.69 -6.11
C ASP A 123 28.44 -13.25 -7.06
N ARG A 124 28.10 -12.50 -8.07
CA ARG A 124 27.08 -12.93 -9.01
C ARG A 124 27.62 -12.79 -10.43
N ALA B 1 26.79 10.62 -15.29
CA ALA B 1 25.47 11.06 -15.72
C ALA B 1 24.62 11.33 -14.49
N ILE B 2 23.44 11.88 -14.70
CA ILE B 2 22.55 12.19 -13.61
C ILE B 2 21.21 11.48 -13.86
N ALA B 3 20.91 10.52 -13.02
CA ALA B 3 19.68 9.76 -13.13
C ALA B 3 18.86 9.93 -11.85
N PRO B 4 17.52 9.73 -11.90
CA PRO B 4 16.67 9.83 -10.71
C PRO B 4 17.04 8.79 -9.67
N CYS B 5 17.45 9.25 -8.49
CA CYS B 5 17.91 8.43 -7.37
C CYS B 5 19.01 7.44 -7.77
N MET B 6 20.22 7.92 -7.79
CA MET B 6 21.35 7.13 -8.19
C MET B 6 21.86 6.30 -7.04
N GLN B 7 21.21 5.19 -6.82
CA GLN B 7 21.60 4.24 -5.82
C GLN B 7 21.02 2.88 -6.17
N THR B 8 19.71 2.74 -6.04
CA THR B 8 19.06 1.48 -6.35
C THR B 8 17.56 1.75 -6.66
N THR B 9 16.98 0.88 -7.49
CA THR B 9 15.55 0.88 -7.79
C THR B 9 15.09 2.01 -8.73
N HIS B 10 14.76 1.64 -9.95
CA HIS B 10 14.22 2.56 -10.92
C HIS B 10 12.95 1.97 -11.51
N SER B 11 11.86 2.69 -11.33
CA SER B 11 10.54 2.36 -11.87
C SER B 11 10.05 0.93 -11.53
N LYS B 12 9.41 0.79 -10.37
CA LYS B 12 8.80 -0.45 -9.89
C LYS B 12 8.13 -0.21 -8.57
N MET B 13 7.30 -1.15 -8.13
CA MET B 13 6.51 -1.00 -6.92
C MET B 13 7.34 -1.00 -5.63
N THR B 14 7.79 0.19 -5.25
CA THR B 14 8.53 0.49 -4.04
C THR B 14 8.43 1.99 -3.82
N ALA B 15 8.49 2.45 -2.59
CA ALA B 15 8.44 3.88 -2.30
C ALA B 15 9.21 4.20 -1.06
N GLY B 16 10.46 4.61 -1.23
CA GLY B 16 11.32 4.90 -0.09
C GLY B 16 11.53 3.65 0.74
N ALA B 17 11.08 3.69 1.97
CA ALA B 17 11.19 2.53 2.84
C ALA B 17 9.94 1.67 2.75
N TYR B 18 8.98 2.09 1.94
CA TYR B 18 7.79 1.31 1.73
C TYR B 18 8.05 0.21 0.72
N THR B 19 7.71 -0.98 1.10
CA THR B 19 7.86 -2.19 0.35
C THR B 19 6.94 -3.20 1.06
N GLU B 20 6.72 -4.40 0.50
CA GLU B 20 5.88 -5.39 1.17
C GLU B 20 6.43 -5.65 2.57
N GLY B 21 7.73 -5.84 2.64
CA GLY B 21 8.41 -5.97 3.91
C GLY B 21 8.40 -7.38 4.46
N PRO B 22 7.88 -7.56 5.69
CA PRO B 22 7.80 -8.86 6.38
C PRO B 22 7.12 -10.03 5.61
N PRO B 23 5.98 -9.83 4.84
CA PRO B 23 5.37 -10.91 4.07
C PRO B 23 6.38 -11.50 3.13
N GLN B 24 6.41 -12.81 3.07
CA GLN B 24 7.35 -13.49 2.21
C GLN B 24 7.14 -13.12 0.75
N PRO B 25 8.25 -12.82 0.05
CA PRO B 25 8.24 -12.42 -1.35
C PRO B 25 7.58 -13.43 -2.28
N LEU B 26 7.57 -13.06 -3.51
CA LEU B 26 7.02 -13.82 -4.57
C LEU B 26 7.82 -13.52 -5.81
N SER B 27 7.75 -14.39 -6.79
CA SER B 27 8.61 -14.30 -7.96
C SER B 27 8.48 -12.96 -8.71
N ALA B 28 9.62 -12.54 -9.26
CA ALA B 28 9.72 -11.34 -10.09
C ALA B 28 8.73 -11.39 -11.25
N GLU B 29 8.58 -12.57 -11.84
CA GLU B 29 7.66 -12.76 -12.95
C GLU B 29 6.23 -12.51 -12.51
N GLU B 30 5.92 -12.89 -11.26
CA GLU B 30 4.59 -12.66 -10.70
C GLU B 30 4.35 -11.19 -10.58
N LYS B 31 5.40 -10.46 -10.24
CA LYS B 31 5.31 -9.05 -9.99
C LYS B 31 5.10 -8.30 -11.26
N LYS B 32 5.89 -8.63 -12.26
CA LYS B 32 5.77 -8.06 -13.55
C LYS B 32 4.37 -8.20 -14.11
N GLU B 33 3.81 -9.37 -13.93
CA GLU B 33 2.49 -9.73 -14.42
C GLU B 33 1.40 -8.90 -13.72
N ILE B 34 1.56 -8.73 -12.42
CA ILE B 34 0.54 -8.04 -11.63
C ILE B 34 0.47 -6.56 -11.90
N ASP B 35 1.62 -5.93 -12.18
CA ASP B 35 1.65 -4.48 -12.44
C ASP B 35 0.86 -4.17 -13.70
N LYS B 36 1.03 -5.00 -14.71
CA LYS B 36 0.38 -4.82 -16.03
C LYS B 36 -1.13 -4.81 -15.92
N ARG B 37 -1.63 -5.49 -14.93
CA ARG B 37 -3.03 -5.67 -14.77
C ARG B 37 -3.57 -4.76 -13.67
N SER B 38 -2.79 -3.78 -13.28
CA SER B 38 -3.20 -2.90 -12.20
C SER B 38 -3.44 -1.44 -12.64
N VAL B 39 -4.03 -0.66 -11.72
CA VAL B 39 -4.46 0.72 -11.94
C VAL B 39 -4.32 1.60 -10.71
N TYR B 40 -4.38 2.87 -10.96
CA TYR B 40 -4.32 3.94 -10.02
C TYR B 40 -5.71 4.48 -9.87
N VAL B 41 -6.19 4.55 -8.68
CA VAL B 41 -7.48 5.10 -8.37
C VAL B 41 -7.27 6.31 -7.48
N GLY B 42 -7.61 7.47 -7.96
CA GLY B 42 -7.41 8.67 -7.18
C GLY B 42 -8.70 9.25 -6.64
N ASN B 43 -8.53 10.16 -5.69
CA ASN B 43 -9.62 10.86 -5.00
C ASN B 43 -10.53 9.93 -4.18
N VAL B 44 -9.95 9.34 -3.15
CA VAL B 44 -10.71 8.51 -2.22
C VAL B 44 -10.25 8.70 -0.77
N ASP B 45 -11.14 9.18 0.09
CA ASP B 45 -10.78 9.38 1.51
C ASP B 45 -10.88 8.03 2.17
N TYR B 46 -10.36 7.89 3.39
CA TYR B 46 -10.40 6.60 4.08
C TYR B 46 -11.80 6.28 4.63
N GLY B 47 -12.76 7.13 4.31
CA GLY B 47 -14.14 6.89 4.65
C GLY B 47 -14.72 5.81 3.77
N SER B 48 -14.13 5.65 2.59
CA SER B 48 -14.48 4.57 1.74
C SER B 48 -13.53 3.43 2.07
N THR B 49 -13.98 2.22 1.98
CA THR B 49 -13.15 1.15 2.43
C THR B 49 -12.54 0.40 1.27
N ALA B 50 -11.67 -0.54 1.59
CA ALA B 50 -11.06 -1.41 0.63
C ALA B 50 -12.16 -2.28 0.01
N GLN B 51 -13.11 -2.69 0.85
CA GLN B 51 -14.28 -3.47 0.42
C GLN B 51 -15.09 -2.71 -0.64
N ASP B 52 -15.28 -1.41 -0.42
CA ASP B 52 -15.97 -0.55 -1.40
C ASP B 52 -15.25 -0.59 -2.72
N LEU B 53 -13.96 -0.45 -2.65
CA LEU B 53 -13.11 -0.45 -3.81
C LEU B 53 -13.11 -1.78 -4.51
N GLU B 54 -12.93 -2.86 -3.75
CA GLU B 54 -12.87 -4.17 -4.31
C GLU B 54 -14.16 -4.56 -4.99
N ALA B 55 -15.27 -4.37 -4.33
CA ALA B 55 -16.57 -4.69 -4.92
C ALA B 55 -16.82 -3.92 -6.22
N HIS B 56 -16.46 -2.66 -6.20
CA HIS B 56 -16.71 -1.77 -7.32
C HIS B 56 -15.87 -2.19 -8.52
N PHE B 57 -14.63 -2.55 -8.25
CA PHE B 57 -13.70 -2.98 -9.29
C PHE B 57 -13.90 -4.44 -9.65
N SER B 58 -14.48 -5.19 -8.74
CA SER B 58 -14.70 -6.62 -8.90
C SER B 58 -15.78 -6.84 -9.92
N SER B 59 -16.62 -5.84 -10.10
CA SER B 59 -17.64 -5.89 -11.09
C SER B 59 -16.98 -5.95 -12.50
N CYS B 60 -15.71 -5.54 -12.58
CA CYS B 60 -14.97 -5.55 -13.84
C CYS B 60 -13.91 -6.68 -13.89
N GLY B 61 -13.95 -7.61 -12.92
CA GLY B 61 -12.95 -8.68 -12.91
C GLY B 61 -12.57 -9.17 -11.51
N SER B 62 -11.51 -9.96 -11.43
CA SER B 62 -11.05 -10.51 -10.18
C SER B 62 -9.75 -9.82 -9.74
N ILE B 63 -9.78 -9.33 -8.53
CA ILE B 63 -8.68 -8.58 -7.97
C ILE B 63 -7.65 -9.46 -7.22
N ASN B 64 -6.35 -9.19 -7.46
CA ASN B 64 -5.26 -9.91 -6.77
C ASN B 64 -4.83 -9.16 -5.55
N ARG B 65 -4.76 -7.86 -5.67
CA ARG B 65 -4.31 -6.99 -4.59
C ARG B 65 -4.89 -5.63 -4.74
N ILE B 66 -4.89 -4.87 -3.67
CA ILE B 66 -5.26 -3.48 -3.68
C ILE B 66 -4.44 -2.79 -2.63
N THR B 67 -4.04 -1.61 -2.91
CA THR B 67 -3.23 -0.80 -2.01
C THR B 67 -3.96 0.51 -1.83
N ILE B 68 -4.25 0.88 -0.63
CA ILE B 68 -4.98 2.10 -0.41
C ILE B 68 -4.16 2.96 0.50
N LEU B 69 -3.78 4.12 0.06
CA LEU B 69 -3.04 5.01 0.91
C LEU B 69 -3.76 6.30 1.12
N CYS B 70 -3.93 6.68 2.35
CA CYS B 70 -4.66 7.88 2.72
C CYS B 70 -3.70 8.84 3.41
N ASP B 71 -3.72 10.12 3.04
CA ASP B 71 -2.76 11.04 3.64
C ASP B 71 -3.40 12.17 4.41
N LYS B 72 -2.84 12.47 5.57
CA LYS B 72 -3.23 13.65 6.32
C LYS B 72 -2.17 14.72 6.20
N PHE B 73 -1.23 14.48 5.27
CA PHE B 73 -0.18 15.45 4.95
C PHE B 73 -0.70 16.62 4.16
N SER B 74 -1.95 16.54 3.86
CA SER B 74 -2.63 17.59 3.19
C SER B 74 -3.61 18.25 4.16
N GLY B 75 -3.46 17.94 5.46
CA GLY B 75 -4.35 18.47 6.50
C GLY B 75 -5.61 17.65 6.60
N HIS B 76 -6.27 17.55 5.49
CA HIS B 76 -7.43 16.73 5.37
C HIS B 76 -7.04 15.41 4.79
N PRO B 77 -7.58 14.31 5.33
CA PRO B 77 -7.23 12.99 4.85
C PRO B 77 -7.77 12.73 3.47
N LYS B 78 -6.88 12.50 2.57
CA LYS B 78 -7.23 12.21 1.21
C LYS B 78 -6.84 10.78 0.96
N GLY B 79 -6.64 10.42 -0.29
CA GLY B 79 -6.26 9.09 -0.56
C GLY B 79 -6.25 8.74 -2.02
N TYR B 80 -5.51 7.72 -2.30
CA TYR B 80 -5.36 7.14 -3.59
C TYR B 80 -5.10 5.67 -3.44
N ALA B 81 -5.61 4.90 -4.35
CA ALA B 81 -5.55 3.47 -4.22
C ALA B 81 -5.12 2.80 -5.50
N TYR B 82 -4.48 1.69 -5.37
CA TYR B 82 -4.04 0.90 -6.48
C TYR B 82 -4.70 -0.45 -6.49
N ILE B 83 -5.41 -0.75 -7.53
CA ILE B 83 -6.12 -2.00 -7.64
C ILE B 83 -5.39 -2.87 -8.65
N GLU B 84 -5.00 -4.07 -8.24
CA GLU B 84 -4.29 -4.99 -9.12
C GLU B 84 -5.21 -6.16 -9.51
N PHE B 85 -5.47 -6.31 -10.81
CA PHE B 85 -6.39 -7.34 -11.31
C PHE B 85 -5.66 -8.59 -11.79
N ALA B 86 -6.43 -9.66 -11.98
CA ALA B 86 -5.92 -10.91 -12.54
C ALA B 86 -5.86 -10.90 -14.06
N GLU B 87 -6.79 -10.22 -14.68
CA GLU B 87 -6.80 -10.12 -16.13
C GLU B 87 -6.56 -8.71 -16.58
N ARG B 88 -5.95 -8.57 -17.73
CA ARG B 88 -5.73 -7.26 -18.33
C ARG B 88 -6.97 -6.71 -18.89
N ASN B 89 -7.78 -7.56 -19.27
CA ASN B 89 -9.11 -7.19 -19.70
C ASN B 89 -9.87 -6.53 -18.57
N SER B 90 -9.59 -6.95 -17.33
CA SER B 90 -10.22 -6.35 -16.18
C SER B 90 -9.67 -4.94 -15.95
N VAL B 91 -8.35 -4.75 -16.19
CA VAL B 91 -7.76 -3.44 -15.99
C VAL B 91 -8.32 -2.46 -17.04
N ASP B 92 -8.51 -2.96 -18.28
CA ASP B 92 -9.08 -2.12 -19.35
C ASP B 92 -10.53 -1.78 -19.07
N ALA B 93 -11.22 -2.65 -18.39
CA ALA B 93 -12.61 -2.41 -18.03
C ALA B 93 -12.67 -1.35 -16.92
N ALA B 94 -11.66 -1.35 -16.07
CA ALA B 94 -11.60 -0.44 -14.94
C ALA B 94 -11.24 0.98 -15.41
N VAL B 95 -10.24 1.07 -16.29
CA VAL B 95 -9.78 2.38 -16.85
C VAL B 95 -10.93 3.14 -17.56
N ALA B 96 -11.94 2.41 -18.00
CA ALA B 96 -13.11 3.01 -18.65
C ALA B 96 -13.91 3.85 -17.64
N MET B 97 -13.65 3.62 -16.36
CA MET B 97 -14.34 4.34 -15.31
C MET B 97 -13.53 5.54 -14.83
N ASP B 98 -12.44 5.85 -15.52
CA ASP B 98 -11.55 6.95 -15.11
C ASP B 98 -12.27 8.26 -14.81
N GLU B 99 -13.32 8.59 -15.56
CA GLU B 99 -14.04 9.83 -15.29
C GLU B 99 -15.41 9.58 -14.58
N THR B 100 -15.59 8.42 -14.00
CA THR B 100 -16.86 8.13 -13.35
C THR B 100 -16.96 8.73 -11.95
N VAL B 101 -18.13 8.64 -11.38
CA VAL B 101 -18.40 9.23 -10.11
C VAL B 101 -18.67 8.15 -9.05
N PHE B 102 -17.89 8.20 -8.00
CA PHE B 102 -17.95 7.26 -6.90
C PHE B 102 -18.30 8.04 -5.64
N ARG B 103 -19.40 7.65 -4.97
CA ARG B 103 -19.90 8.33 -3.76
C ARG B 103 -20.11 9.84 -3.97
N GLY B 104 -20.48 10.21 -5.17
CA GLY B 104 -20.77 11.60 -5.46
C GLY B 104 -19.55 12.42 -5.85
N ARG B 105 -18.40 11.80 -5.96
CA ARG B 105 -17.19 12.52 -6.36
C ARG B 105 -16.56 11.84 -7.55
N THR B 106 -15.87 12.60 -8.35
CA THR B 106 -15.24 12.08 -9.50
C THR B 106 -13.88 11.48 -9.12
N ILE B 107 -13.71 10.22 -9.39
CA ILE B 107 -12.46 9.54 -9.13
C ILE B 107 -11.69 9.40 -10.42
N LYS B 108 -10.47 8.94 -10.33
CA LYS B 108 -9.63 8.78 -11.51
C LYS B 108 -9.07 7.36 -11.52
N VAL B 109 -9.15 6.66 -12.65
CA VAL B 109 -8.63 5.30 -12.76
C VAL B 109 -7.67 5.26 -13.97
N LEU B 110 -6.42 4.92 -13.73
CA LEU B 110 -5.33 5.08 -14.70
C LEU B 110 -4.35 3.89 -14.51
N PRO B 111 -3.89 3.22 -15.61
CA PRO B 111 -2.97 2.02 -15.52
C PRO B 111 -1.62 2.25 -14.79
N LYS B 112 -1.11 1.17 -14.21
CA LYS B 112 0.17 1.11 -13.49
C LYS B 112 1.21 0.30 -14.32
N ARG B 113 2.31 0.95 -14.73
CA ARG B 113 3.47 0.29 -15.45
C ARG B 113 3.05 -0.35 -16.85
N THR B 114 4.06 -0.76 -17.65
CA THR B 114 3.86 -1.41 -18.97
C THR B 114 4.92 -2.54 -19.21
N ASN B 115 4.50 -3.69 -19.79
CA ASN B 115 5.41 -4.86 -20.11
C ASN B 115 4.58 -6.02 -20.73
N MET B 116 5.21 -6.85 -21.57
CA MET B 116 4.55 -8.02 -22.21
C MET B 116 4.50 -9.21 -21.23
N PRO B 117 3.41 -10.03 -21.26
CA PRO B 117 3.18 -11.15 -20.30
C PRO B 117 4.01 -12.42 -20.55
N GLY B 118 4.09 -13.26 -19.50
CA GLY B 118 4.77 -14.54 -19.57
C GLY B 118 4.08 -15.57 -18.70
N ILE B 119 4.63 -16.78 -18.60
CA ILE B 119 4.02 -17.86 -17.81
C ILE B 119 5.11 -18.61 -17.01
N SER B 120 4.79 -19.01 -15.78
CA SER B 120 5.72 -19.76 -14.91
C SER B 120 4.93 -20.57 -13.86
N SER B 121 5.38 -21.79 -13.57
CA SER B 121 4.71 -22.65 -12.59
C SER B 121 5.75 -23.44 -11.78
N THR B 122 5.33 -24.09 -10.71
CA THR B 122 6.22 -24.89 -9.89
C THR B 122 5.49 -26.12 -9.35
N ASP B 123 6.03 -27.28 -9.61
CA ASP B 123 5.46 -28.55 -9.17
C ASP B 123 6.57 -29.39 -8.57
N ARG B 124 6.26 -30.64 -8.30
CA ARG B 124 7.25 -31.58 -7.86
C ARG B 124 7.31 -32.66 -8.93
N ALA A 1 4.00 -15.06 15.30
CA ALA A 1 3.89 -15.52 13.91
C ALA A 1 5.23 -16.11 13.49
N ILE A 2 5.27 -16.74 12.35
CA ILE A 2 6.49 -17.31 11.84
C ILE A 2 6.99 -16.45 10.69
N ALA A 3 8.10 -15.80 10.88
CA ALA A 3 8.68 -14.95 9.89
C ALA A 3 10.19 -14.94 10.07
N PRO A 4 10.96 -14.84 8.97
CA PRO A 4 12.42 -14.78 9.04
C PRO A 4 12.89 -13.53 9.79
N CYS A 5 14.13 -13.55 10.20
CA CYS A 5 14.71 -12.45 10.90
C CYS A 5 15.07 -11.34 9.92
N MET A 6 15.20 -10.13 10.42
CA MET A 6 15.53 -9.01 9.58
C MET A 6 17.02 -8.99 9.30
N GLN A 7 17.37 -8.91 8.04
CA GLN A 7 18.77 -8.90 7.67
C GLN A 7 19.01 -8.15 6.35
N THR A 8 17.97 -7.54 5.84
CA THR A 8 18.10 -6.72 4.68
C THR A 8 17.71 -5.30 5.11
N THR A 9 18.48 -4.30 4.70
CA THR A 9 18.28 -2.95 5.19
C THR A 9 18.49 -1.91 4.10
N HIS A 10 18.18 -0.64 4.43
CA HIS A 10 18.38 0.55 3.56
C HIS A 10 17.46 0.58 2.36
N SER A 11 17.49 -0.47 1.59
CA SER A 11 16.71 -0.56 0.41
C SER A 11 15.35 -1.15 0.71
N LYS A 12 14.33 -0.60 0.10
CA LYS A 12 12.95 -0.99 0.40
C LYS A 12 11.99 -0.58 -0.72
N MET A 13 12.50 0.11 -1.74
CA MET A 13 11.62 0.61 -2.80
C MET A 13 11.08 -0.50 -3.67
N THR A 14 9.85 -0.82 -3.42
CA THR A 14 9.10 -1.79 -4.18
C THR A 14 7.62 -1.47 -4.06
N ALA A 15 7.12 -1.41 -2.83
CA ALA A 15 5.74 -1.12 -2.58
C ALA A 15 5.54 -0.59 -1.16
N GLY A 16 4.38 -0.06 -0.91
CA GLY A 16 4.02 0.47 0.38
C GLY A 16 3.18 1.72 0.23
N ALA A 17 3.78 2.84 0.53
CA ALA A 17 3.14 4.15 0.39
C ALA A 17 4.21 5.19 0.03
N TYR A 18 5.27 4.72 -0.59
CA TYR A 18 6.43 5.55 -0.82
C TYR A 18 7.03 5.44 -2.22
N THR A 19 6.66 4.41 -2.93
CA THR A 19 7.08 4.18 -4.31
C THR A 19 5.80 3.99 -5.13
N GLU A 20 4.76 4.63 -4.66
CA GLU A 20 3.43 4.43 -5.14
C GLU A 20 2.89 5.46 -6.10
N GLY A 21 3.01 5.10 -7.35
CA GLY A 21 2.36 5.77 -8.49
C GLY A 21 2.45 7.29 -8.63
N PRO A 22 1.37 7.88 -9.23
CA PRO A 22 1.26 9.30 -9.61
C PRO A 22 1.66 10.38 -8.57
N PRO A 23 1.22 10.29 -7.26
CA PRO A 23 1.57 11.29 -6.24
C PRO A 23 3.04 11.71 -6.32
N GLN A 24 3.25 13.01 -6.35
CA GLN A 24 4.57 13.59 -6.48
C GLN A 24 5.49 13.17 -5.35
N PRO A 25 6.74 12.88 -5.70
CA PRO A 25 7.72 12.51 -4.72
C PRO A 25 8.12 13.72 -3.89
N LEU A 26 7.60 13.76 -2.68
CA LEU A 26 7.92 14.81 -1.74
C LEU A 26 9.39 14.80 -1.34
N SER A 27 9.80 15.78 -0.55
CA SER A 27 11.20 15.98 -0.23
C SER A 27 11.87 14.72 0.34
N ALA A 28 13.12 14.54 -0.03
CA ALA A 28 13.93 13.39 0.35
C ALA A 28 13.99 13.22 1.86
N GLU A 29 14.23 14.27 2.59
CA GLU A 29 14.30 14.14 4.03
C GLU A 29 12.96 13.82 4.66
N GLU A 30 11.90 14.33 4.06
CA GLU A 30 10.56 13.94 4.47
C GLU A 30 10.36 12.44 4.24
N LYS A 31 10.99 11.92 3.18
CA LYS A 31 10.90 10.50 2.88
C LYS A 31 11.58 9.74 3.98
N LYS A 32 12.80 10.16 4.39
CA LYS A 32 13.50 9.51 5.50
C LYS A 32 12.62 9.44 6.72
N GLU A 33 12.00 10.54 7.06
CA GLU A 33 11.22 10.64 8.28
C GLU A 33 9.95 9.82 8.23
N ILE A 34 9.24 9.87 7.14
CA ILE A 34 7.99 9.13 7.05
C ILE A 34 8.23 7.62 6.98
N ASP A 35 9.31 7.22 6.29
CA ASP A 35 9.68 5.80 6.16
C ASP A 35 10.08 5.20 7.50
N LYS A 36 10.62 6.03 8.37
CA LYS A 36 11.07 5.61 9.71
C LYS A 36 9.90 5.44 10.66
N ARG A 37 8.75 5.90 10.24
CA ARG A 37 7.57 5.92 11.09
C ARG A 37 6.48 5.05 10.49
N SER A 38 6.85 4.17 9.60
CA SER A 38 5.92 3.28 8.97
C SER A 38 5.91 1.95 9.75
N VAL A 39 4.73 1.39 9.93
CA VAL A 39 4.60 0.13 10.61
C VAL A 39 3.83 -0.83 9.75
N TYR A 40 3.98 -2.05 10.05
CA TYR A 40 3.35 -3.14 9.38
C TYR A 40 2.41 -3.79 10.32
N VAL A 41 1.20 -3.85 9.92
CA VAL A 41 0.15 -4.48 10.64
C VAL A 41 -0.27 -5.69 9.84
N GLY A 42 0.05 -6.84 10.31
CA GLY A 42 -0.27 -8.01 9.57
C GLY A 42 -1.52 -8.68 10.07
N ASN A 43 -2.06 -9.54 9.23
CA ASN A 43 -3.27 -10.35 9.50
C ASN A 43 -4.53 -9.48 9.83
N VAL A 44 -4.51 -8.20 9.43
CA VAL A 44 -5.68 -7.31 9.61
C VAL A 44 -6.92 -7.94 8.98
N ASP A 45 -8.00 -7.87 9.70
CA ASP A 45 -9.22 -8.49 9.29
C ASP A 45 -9.81 -7.65 8.18
N TYR A 46 -10.51 -8.29 7.28
CA TYR A 46 -11.05 -7.60 6.13
C TYR A 46 -12.20 -6.66 6.59
N GLY A 47 -12.66 -6.90 7.80
CA GLY A 47 -13.70 -6.09 8.38
C GLY A 47 -13.16 -4.82 8.98
N SER A 48 -11.83 -4.71 9.12
CA SER A 48 -11.24 -3.53 9.64
C SER A 48 -11.29 -2.42 8.60
N THR A 49 -11.90 -1.33 8.97
CA THR A 49 -12.07 -0.19 8.12
C THR A 49 -11.04 0.86 8.49
N ALA A 50 -10.92 1.93 7.70
CA ALA A 50 -9.97 2.97 7.98
C ALA A 50 -10.21 3.60 9.36
N GLN A 51 -11.45 3.98 9.62
CA GLN A 51 -11.83 4.55 10.92
C GLN A 51 -11.53 3.63 12.08
N ASP A 52 -11.81 2.34 11.92
CA ASP A 52 -11.57 1.37 12.98
C ASP A 52 -10.09 1.22 13.25
N LEU A 53 -9.31 1.19 12.19
CA LEU A 53 -7.86 1.04 12.27
C LEU A 53 -7.20 2.28 12.82
N GLU A 54 -7.57 3.41 12.28
CA GLU A 54 -7.01 4.70 12.64
C GLU A 54 -7.25 5.00 14.12
N ALA A 55 -8.47 4.84 14.58
CA ALA A 55 -8.78 5.08 16.00
C ALA A 55 -7.94 4.17 16.91
N HIS A 56 -7.82 2.92 16.49
CA HIS A 56 -7.15 1.88 17.26
C HIS A 56 -5.67 2.22 17.42
N PHE A 57 -5.06 2.66 16.34
CA PHE A 57 -3.66 3.04 16.34
C PHE A 57 -3.40 4.45 16.88
N SER A 58 -4.43 5.28 16.85
CA SER A 58 -4.32 6.66 17.34
C SER A 58 -4.08 6.70 18.82
N SER A 59 -4.50 5.65 19.50
CA SER A 59 -4.20 5.52 20.90
C SER A 59 -2.65 5.53 21.14
N CYS A 60 -1.91 5.11 20.12
CA CYS A 60 -0.46 5.07 20.19
C CYS A 60 0.21 6.38 19.70
N GLY A 61 -0.57 7.33 19.23
CA GLY A 61 0.01 8.55 18.70
C GLY A 61 -0.73 9.14 17.52
N SER A 62 -0.08 10.00 16.78
CA SER A 62 -0.69 10.67 15.67
C SER A 62 -0.37 9.99 14.36
N ILE A 63 -1.40 9.56 13.70
CA ILE A 63 -1.29 8.88 12.44
C ILE A 63 -1.15 9.89 11.29
N ASN A 64 -0.15 9.64 10.49
CA ASN A 64 0.15 10.48 9.34
C ASN A 64 -0.54 9.91 8.09
N ARG A 65 -0.58 8.60 8.02
CA ARG A 65 -1.19 7.88 6.91
C ARG A 65 -1.57 6.49 7.35
N ILE A 66 -2.42 5.84 6.61
CA ILE A 66 -2.73 4.45 6.83
C ILE A 66 -2.92 3.81 5.48
N THR A 67 -2.38 2.65 5.32
CA THR A 67 -2.45 1.92 4.10
C THR A 67 -3.00 0.56 4.40
N ILE A 68 -3.97 0.12 3.67
CA ILE A 68 -4.61 -1.16 3.93
C ILE A 68 -4.55 -1.95 2.67
N LEU A 69 -3.90 -3.06 2.68
CA LEU A 69 -3.87 -3.89 1.52
C LEU A 69 -4.42 -5.27 1.78
N CYS A 70 -5.38 -5.66 0.99
CA CYS A 70 -6.00 -6.94 1.12
C CYS A 70 -5.72 -7.72 -0.14
N ASP A 71 -5.26 -8.94 -0.01
CA ASP A 71 -4.92 -9.69 -1.19
C ASP A 71 -5.79 -10.89 -1.40
N LYS A 72 -6.20 -11.10 -2.61
CA LYS A 72 -6.91 -12.28 -2.99
C LYS A 72 -6.04 -13.15 -3.87
N PHE A 73 -4.74 -12.83 -3.95
CA PHE A 73 -3.82 -13.66 -4.73
C PHE A 73 -3.58 -14.98 -4.00
N SER A 74 -4.06 -15.02 -2.78
CA SER A 74 -4.01 -16.19 -1.96
C SER A 74 -5.34 -16.97 -2.10
N GLY A 75 -6.17 -16.55 -3.06
CA GLY A 75 -7.48 -17.15 -3.27
C GLY A 75 -8.48 -16.62 -2.27
N HIS A 76 -8.10 -16.74 -1.03
CA HIS A 76 -8.85 -16.22 0.09
C HIS A 76 -8.27 -14.88 0.41
N PRO A 77 -9.10 -13.85 0.58
CA PRO A 77 -8.61 -12.51 0.83
C PRO A 77 -7.93 -12.39 2.19
N LYS A 78 -6.66 -12.05 2.18
CA LYS A 78 -5.95 -11.80 3.39
C LYS A 78 -5.88 -10.30 3.58
N GLY A 79 -5.08 -9.88 4.51
CA GLY A 79 -4.98 -8.49 4.76
C GLY A 79 -3.77 -8.14 5.56
N TYR A 80 -3.17 -7.06 5.19
CA TYR A 80 -2.08 -6.47 5.90
C TYR A 80 -2.08 -4.98 5.67
N ALA A 81 -1.75 -4.24 6.65
CA ALA A 81 -1.85 -2.82 6.58
C ALA A 81 -0.58 -2.16 7.02
N TYR A 82 -0.30 -1.01 6.52
CA TYR A 82 0.82 -0.25 6.96
C TYR A 82 0.35 1.08 7.50
N ILE A 83 0.55 1.30 8.76
CA ILE A 83 0.13 2.54 9.38
C ILE A 83 1.35 3.42 9.54
N GLU A 84 1.34 4.59 8.96
CA GLU A 84 2.47 5.46 9.06
C GLU A 84 2.16 6.60 10.02
N PHE A 85 2.97 6.75 11.04
CA PHE A 85 2.74 7.76 12.05
C PHE A 85 3.52 9.02 11.77
N ALA A 86 3.04 10.11 12.32
CA ALA A 86 3.72 11.37 12.21
C ALA A 86 4.90 11.42 13.16
N GLU A 87 4.76 10.83 14.33
CA GLU A 87 5.85 10.74 15.28
C GLU A 87 6.45 9.34 15.27
N ARG A 88 7.74 9.25 15.47
CA ARG A 88 8.43 7.96 15.51
C ARG A 88 8.08 7.30 16.84
N ASN A 89 7.89 8.15 17.83
CA ASN A 89 7.52 7.75 19.20
C ASN A 89 6.21 7.02 19.19
N SER A 90 5.34 7.39 18.26
CA SER A 90 4.06 6.77 18.12
C SER A 90 4.23 5.30 17.73
N VAL A 91 5.23 5.00 16.89
CA VAL A 91 5.43 3.63 16.47
C VAL A 91 5.86 2.80 17.66
N ASP A 92 6.72 3.38 18.52
CA ASP A 92 7.16 2.70 19.76
C ASP A 92 5.99 2.32 20.64
N ALA A 93 4.99 3.17 20.67
CA ALA A 93 3.81 2.88 21.45
C ALA A 93 2.96 1.79 20.77
N ALA A 94 2.99 1.77 19.45
CA ALA A 94 2.21 0.83 18.66
C ALA A 94 2.82 -0.58 18.69
N VAL A 95 4.14 -0.64 18.58
CA VAL A 95 4.90 -1.93 18.62
C VAL A 95 4.61 -2.76 19.87
N ALA A 96 4.13 -2.10 20.93
CA ALA A 96 3.76 -2.80 22.19
C ALA A 96 2.53 -3.71 21.94
N MET A 97 1.88 -3.50 20.82
CA MET A 97 0.71 -4.25 20.39
C MET A 97 1.12 -5.33 19.40
N ASP A 98 2.45 -5.52 19.22
CA ASP A 98 3.03 -6.53 18.30
C ASP A 98 2.26 -7.84 18.23
N GLU A 99 1.98 -8.47 19.34
CA GLU A 99 1.18 -9.64 19.33
C GLU A 99 -0.08 -9.40 20.17
N THR A 100 -1.16 -9.24 19.47
CA THR A 100 -2.42 -8.96 20.10
C THR A 100 -3.53 -9.53 19.24
N VAL A 101 -4.72 -9.48 19.75
CA VAL A 101 -5.84 -10.00 19.06
C VAL A 101 -6.70 -8.84 18.58
N PHE A 102 -7.07 -8.90 17.36
CA PHE A 102 -7.83 -7.87 16.74
C PHE A 102 -8.89 -8.55 15.87
N ARG A 103 -10.15 -8.37 16.25
CA ARG A 103 -11.30 -9.02 15.59
C ARG A 103 -11.15 -10.55 15.56
N GLY A 104 -10.54 -11.07 16.60
CA GLY A 104 -10.37 -12.51 16.73
C GLY A 104 -9.12 -13.02 16.06
N ARG A 105 -8.47 -12.17 15.29
CA ARG A 105 -7.25 -12.55 14.62
C ARG A 105 -6.08 -12.04 15.42
N THR A 106 -5.02 -12.77 15.46
CA THR A 106 -3.84 -12.29 16.10
C THR A 106 -3.08 -11.50 15.05
N ILE A 107 -2.86 -10.24 15.31
CA ILE A 107 -2.18 -9.41 14.36
C ILE A 107 -0.75 -9.20 14.75
N LYS A 108 0.00 -8.62 13.86
CA LYS A 108 1.39 -8.37 14.04
C LYS A 108 1.67 -6.91 13.77
N VAL A 109 2.29 -6.25 14.72
CA VAL A 109 2.66 -4.86 14.56
C VAL A 109 4.18 -4.83 14.54
N LEU A 110 4.73 -4.42 13.43
CA LEU A 110 6.17 -4.51 13.17
C LEU A 110 6.58 -3.20 12.46
N PRO A 111 7.62 -2.45 12.90
CA PRO A 111 8.05 -1.25 12.17
C PRO A 111 8.70 -1.67 10.85
N LYS A 112 8.24 -1.10 9.76
CA LYS A 112 8.64 -1.57 8.44
C LYS A 112 10.04 -1.03 8.07
N ARG A 113 10.55 -0.15 8.89
CA ARG A 113 11.89 0.38 8.71
C ARG A 113 12.88 -0.53 9.47
N THR A 114 12.43 -1.05 10.57
CA THR A 114 13.27 -1.78 11.47
C THR A 114 13.44 -3.25 11.06
N ASN A 115 12.34 -3.91 10.77
CA ASN A 115 12.41 -5.32 10.48
C ASN A 115 11.89 -5.66 9.09
N MET A 116 12.80 -6.04 8.23
CA MET A 116 12.48 -6.53 6.91
C MET A 116 13.18 -7.87 6.73
N PRO A 117 12.40 -8.96 6.72
CA PRO A 117 12.94 -10.31 6.63
C PRO A 117 13.33 -10.71 5.20
N GLY A 118 14.12 -11.77 5.10
CA GLY A 118 14.51 -12.27 3.83
C GLY A 118 15.95 -12.69 3.82
N ILE A 119 16.61 -12.44 2.74
CA ILE A 119 18.01 -12.73 2.57
C ILE A 119 18.76 -11.40 2.62
N SER A 120 19.97 -11.39 3.13
CA SER A 120 20.74 -10.18 3.21
C SER A 120 21.09 -9.68 1.82
N SER A 121 20.31 -8.77 1.32
CA SER A 121 20.57 -8.18 0.06
C SER A 121 20.74 -6.70 0.22
N THR A 122 21.88 -6.34 0.71
CA THR A 122 22.24 -4.98 0.91
C THR A 122 23.74 -4.89 0.76
N ASP A 123 24.19 -4.78 -0.46
CA ASP A 123 25.60 -4.72 -0.76
C ASP A 123 25.81 -4.16 -2.13
N ARG A 124 26.88 -3.47 -2.29
CA ARG A 124 27.22 -2.84 -3.54
C ARG A 124 28.68 -3.09 -3.87
N ALA B 1 30.41 8.27 -25.03
CA ALA B 1 30.39 7.33 -23.92
C ALA B 1 29.14 6.47 -23.99
N ILE B 2 28.25 6.82 -24.89
CA ILE B 2 27.02 6.09 -25.07
C ILE B 2 27.17 4.83 -25.93
N ALA B 3 27.03 3.71 -25.29
CA ALA B 3 27.18 2.42 -25.91
C ALA B 3 26.24 1.45 -25.21
N PRO B 4 25.97 0.25 -25.80
CA PRO B 4 25.15 -0.77 -25.14
C PRO B 4 25.78 -1.19 -23.81
N CYS B 5 25.34 -0.55 -22.77
CA CYS B 5 25.83 -0.74 -21.44
C CYS B 5 24.80 -0.17 -20.50
N MET B 6 24.88 -0.58 -19.24
CA MET B 6 23.97 -0.14 -18.18
C MET B 6 22.58 -0.73 -18.37
N GLN B 7 21.76 -0.62 -17.35
CA GLN B 7 20.44 -1.17 -17.38
C GLN B 7 19.42 -0.04 -17.38
N THR B 8 18.61 0.03 -18.41
CA THR B 8 17.58 1.04 -18.49
C THR B 8 16.36 0.62 -17.66
N THR B 9 16.20 1.25 -16.53
CA THR B 9 15.13 0.92 -15.65
C THR B 9 13.87 1.73 -15.98
N HIS B 10 12.75 1.04 -16.06
CA HIS B 10 11.46 1.68 -16.31
C HIS B 10 10.72 1.88 -15.00
N SER B 11 11.21 1.26 -13.97
CA SER B 11 10.59 1.30 -12.68
C SER B 11 11.60 1.60 -11.60
N LYS B 12 11.15 1.58 -10.36
CA LYS B 12 12.01 1.85 -9.23
C LYS B 12 12.27 0.52 -8.51
N MET B 13 13.45 0.00 -8.69
CA MET B 13 13.82 -1.31 -8.19
C MET B 13 14.84 -1.24 -7.07
N THR B 14 14.65 -2.09 -6.09
CA THR B 14 15.61 -2.27 -5.05
C THR B 14 16.58 -3.37 -5.49
N ALA B 15 17.85 -3.21 -5.19
CA ALA B 15 18.83 -4.18 -5.59
C ALA B 15 18.80 -5.37 -4.65
N GLY B 16 18.43 -6.50 -5.19
CA GLY B 16 18.32 -7.70 -4.41
C GLY B 16 17.09 -8.46 -4.79
N ALA B 17 15.98 -8.14 -4.15
CA ALA B 17 14.72 -8.79 -4.40
C ALA B 17 13.60 -7.81 -4.19
N TYR B 18 12.51 -7.98 -4.90
CA TYR B 18 11.38 -7.09 -4.77
C TYR B 18 10.52 -7.59 -3.62
N THR B 19 10.24 -6.74 -2.68
CA THR B 19 9.45 -7.13 -1.55
C THR B 19 8.59 -5.98 -1.06
N GLU B 20 7.40 -6.31 -0.65
CA GLU B 20 6.47 -5.36 -0.11
C GLU B 20 6.82 -5.06 1.39
N GLY B 21 7.44 -6.05 2.04
CA GLY B 21 7.88 -5.94 3.43
C GLY B 21 8.08 -7.32 4.00
N PRO B 22 7.42 -7.62 5.12
CA PRO B 22 7.40 -8.97 5.68
C PRO B 22 6.96 -10.08 4.67
N PRO B 23 5.94 -9.84 3.74
CA PRO B 23 5.62 -10.81 2.69
C PRO B 23 6.85 -11.14 1.88
N GLN B 24 7.07 -12.42 1.73
CA GLN B 24 8.18 -12.97 1.01
C GLN B 24 8.25 -12.40 -0.41
N PRO B 25 9.46 -12.14 -0.91
CA PRO B 25 9.66 -11.63 -2.25
C PRO B 25 9.16 -12.62 -3.27
N LEU B 26 8.14 -12.24 -3.97
CA LEU B 26 7.58 -13.02 -5.05
C LEU B 26 8.60 -13.19 -6.14
N SER B 27 8.34 -14.10 -7.05
CA SER B 27 9.22 -14.29 -8.16
C SER B 27 9.33 -13.01 -8.95
N ALA B 28 10.49 -12.76 -9.48
CA ALA B 28 10.74 -11.57 -10.28
C ALA B 28 9.71 -11.43 -11.40
N GLU B 29 9.41 -12.51 -12.09
CA GLU B 29 8.42 -12.45 -13.16
C GLU B 29 7.01 -12.28 -12.65
N GLU B 30 6.71 -12.80 -11.46
CA GLU B 30 5.45 -12.49 -10.79
C GLU B 30 5.36 -11.02 -10.54
N LYS B 31 6.50 -10.41 -10.25
CA LYS B 31 6.57 -9.01 -10.00
C LYS B 31 6.21 -8.24 -11.24
N LYS B 32 6.79 -8.63 -12.39
CA LYS B 32 6.46 -7.98 -13.66
C LYS B 32 4.95 -8.00 -13.88
N GLU B 33 4.35 -9.16 -13.67
CA GLU B 33 2.95 -9.35 -13.96
C GLU B 33 2.02 -8.57 -13.04
N ILE B 34 2.29 -8.61 -11.75
CA ILE B 34 1.43 -7.92 -10.79
C ILE B 34 1.54 -6.40 -10.91
N ASP B 35 2.75 -5.92 -11.21
CA ASP B 35 2.98 -4.48 -11.40
C ASP B 35 2.25 -3.98 -12.65
N LYS B 36 2.19 -4.83 -13.68
CA LYS B 36 1.53 -4.48 -14.95
C LYS B 36 0.01 -4.50 -14.85
N ARG B 37 -0.50 -5.03 -13.77
CA ARG B 37 -1.93 -5.21 -13.64
C ARG B 37 -2.48 -4.40 -12.48
N SER B 38 -1.72 -3.45 -12.05
CA SER B 38 -2.13 -2.62 -10.97
C SER B 38 -2.70 -1.28 -11.48
N VAL B 39 -3.54 -0.65 -10.68
CA VAL B 39 -4.14 0.62 -11.04
C VAL B 39 -4.12 1.57 -9.86
N TYR B 40 -4.33 2.80 -10.15
CA TYR B 40 -4.34 3.89 -9.25
C TYR B 40 -5.73 4.46 -9.24
N VAL B 41 -6.29 4.49 -8.11
CA VAL B 41 -7.56 5.06 -7.88
C VAL B 41 -7.36 6.28 -7.02
N GLY B 42 -7.52 7.44 -7.59
CA GLY B 42 -7.29 8.63 -6.85
C GLY B 42 -8.56 9.23 -6.33
N ASN B 43 -8.42 10.14 -5.38
CA ASN B 43 -9.52 10.89 -4.75
C ASN B 43 -10.54 9.95 -4.03
N VAL B 44 -10.13 8.72 -3.72
CA VAL B 44 -11.00 7.79 -2.97
C VAL B 44 -11.30 8.39 -1.61
N ASP B 45 -12.57 8.38 -1.25
CA ASP B 45 -13.00 8.98 -0.01
C ASP B 45 -12.43 8.23 1.16
N TYR B 46 -12.09 8.96 2.19
CA TYR B 46 -11.46 8.45 3.41
C TYR B 46 -12.29 7.30 4.05
N GLY B 47 -13.57 7.27 3.73
CA GLY B 47 -14.42 6.26 4.27
C GLY B 47 -14.75 5.15 3.30
N SER B 48 -14.07 5.08 2.16
CA SER B 48 -14.32 4.00 1.25
C SER B 48 -13.65 2.72 1.82
N THR B 49 -14.44 1.68 2.02
CA THR B 49 -13.94 0.48 2.65
C THR B 49 -13.56 -0.57 1.62
N ALA B 50 -12.85 -1.63 2.06
CA ALA B 50 -12.33 -2.65 1.16
C ALA B 50 -13.44 -3.37 0.38
N GLN B 51 -14.47 -3.86 1.08
CA GLN B 51 -15.61 -4.54 0.41
C GLN B 51 -16.30 -3.66 -0.62
N ASP B 52 -16.42 -2.39 -0.31
CA ASP B 52 -17.10 -1.46 -1.20
C ASP B 52 -16.27 -1.24 -2.46
N LEU B 53 -14.97 -1.10 -2.27
CA LEU B 53 -14.02 -0.89 -3.37
C LEU B 53 -13.85 -2.14 -4.20
N GLU B 54 -13.63 -3.26 -3.54
CA GLU B 54 -13.39 -4.53 -4.20
C GLU B 54 -14.56 -4.93 -5.08
N ALA B 55 -15.77 -4.89 -4.54
CA ALA B 55 -16.97 -5.20 -5.31
C ALA B 55 -17.09 -4.28 -6.54
N HIS B 56 -16.80 -3.01 -6.33
CA HIS B 56 -16.95 -1.99 -7.35
C HIS B 56 -16.00 -2.24 -8.50
N PHE B 57 -14.78 -2.60 -8.18
CA PHE B 57 -13.77 -2.89 -9.17
C PHE B 57 -13.88 -4.31 -9.74
N SER B 58 -14.52 -5.20 -8.99
CA SER B 58 -14.71 -6.60 -9.43
C SER B 58 -15.58 -6.66 -10.66
N SER B 59 -16.43 -5.66 -10.84
CA SER B 59 -17.22 -5.58 -12.06
C SER B 59 -16.29 -5.52 -13.30
N CYS B 60 -15.08 -5.01 -13.11
CA CYS B 60 -14.11 -4.88 -14.18
C CYS B 60 -13.18 -6.11 -14.29
N GLY B 61 -13.35 -7.11 -13.43
CA GLY B 61 -12.47 -8.28 -13.51
C GLY B 61 -12.16 -8.92 -12.18
N SER B 62 -11.04 -9.60 -12.10
CA SER B 62 -10.65 -10.33 -10.91
C SER B 62 -9.53 -9.61 -10.16
N ILE B 63 -9.83 -9.22 -8.94
CA ILE B 63 -8.90 -8.50 -8.11
C ILE B 63 -7.86 -9.43 -7.44
N ASN B 64 -6.61 -9.04 -7.55
CA ASN B 64 -5.46 -9.76 -6.96
C ASN B 64 -5.20 -9.19 -5.58
N ARG B 65 -5.29 -7.87 -5.48
CA ARG B 65 -5.03 -7.12 -4.25
C ARG B 65 -5.72 -5.78 -4.32
N ILE B 66 -5.86 -5.13 -3.20
CA ILE B 66 -6.33 -3.76 -3.14
C ILE B 66 -5.56 -3.07 -2.05
N THR B 67 -5.15 -1.89 -2.30
CA THR B 67 -4.38 -1.10 -1.36
C THR B 67 -5.09 0.22 -1.22
N ILE B 68 -5.29 0.65 -0.01
CA ILE B 68 -6.01 1.87 0.25
C ILE B 68 -5.13 2.71 1.11
N LEU B 69 -4.73 3.84 0.65
CA LEU B 69 -3.94 4.72 1.47
C LEU B 69 -4.59 6.06 1.65
N CYS B 70 -4.74 6.45 2.87
CA CYS B 70 -5.36 7.70 3.22
C CYS B 70 -4.33 8.55 3.91
N ASP B 71 -4.16 9.79 3.47
CA ASP B 71 -3.15 10.63 4.07
C ASP B 71 -3.77 11.74 4.86
N LYS B 72 -3.37 11.86 6.09
CA LYS B 72 -3.87 12.91 6.96
C LYS B 72 -2.69 13.84 7.26
N PHE B 73 -1.67 13.65 6.44
CA PHE B 73 -0.39 14.37 6.42
C PHE B 73 -0.57 15.88 6.56
N SER B 74 -1.52 16.42 5.86
CA SER B 74 -1.75 17.84 5.83
C SER B 74 -2.93 18.25 6.73
N GLY B 75 -3.31 17.39 7.67
CA GLY B 75 -4.41 17.70 8.53
C GLY B 75 -5.71 17.16 8.00
N HIS B 76 -6.00 17.49 6.76
CA HIS B 76 -7.20 16.98 6.12
C HIS B 76 -6.88 15.71 5.40
N PRO B 77 -7.52 14.63 5.76
CA PRO B 77 -7.22 13.33 5.24
C PRO B 77 -7.79 13.08 3.83
N LYS B 78 -6.90 12.78 2.90
CA LYS B 78 -7.28 12.47 1.54
C LYS B 78 -7.26 10.97 1.38
N GLY B 79 -7.32 10.52 0.15
CA GLY B 79 -7.32 9.13 -0.10
C GLY B 79 -7.00 8.80 -1.53
N TYR B 80 -6.24 7.76 -1.68
CA TYR B 80 -5.94 7.18 -2.96
C TYR B 80 -5.67 5.71 -2.76
N ALA B 81 -6.09 4.93 -3.69
CA ALA B 81 -6.02 3.49 -3.56
C ALA B 81 -5.42 2.90 -4.78
N TYR B 82 -4.79 1.78 -4.63
CA TYR B 82 -4.25 1.04 -5.73
C TYR B 82 -4.86 -0.33 -5.76
N ILE B 83 -5.60 -0.60 -6.79
CA ILE B 83 -6.25 -1.88 -6.93
C ILE B 83 -5.39 -2.70 -7.89
N GLU B 84 -4.94 -3.85 -7.47
CA GLU B 84 -4.13 -4.66 -8.33
C GLU B 84 -4.94 -5.87 -8.79
N PHE B 85 -5.05 -6.04 -10.08
CA PHE B 85 -5.85 -7.12 -10.66
C PHE B 85 -5.02 -8.33 -11.02
N ALA B 86 -5.67 -9.48 -11.02
CA ALA B 86 -5.05 -10.73 -11.42
C ALA B 86 -4.79 -10.73 -12.92
N GLU B 87 -5.75 -10.21 -13.67
CA GLU B 87 -5.63 -10.11 -15.11
C GLU B 87 -5.36 -8.69 -15.55
N ARG B 88 -4.63 -8.55 -16.63
CA ARG B 88 -4.30 -7.24 -17.17
C ARG B 88 -5.54 -6.69 -17.82
N ASN B 89 -6.33 -7.59 -18.40
CA ASN B 89 -7.57 -7.22 -19.07
C ASN B 89 -8.56 -6.61 -18.12
N SER B 90 -8.44 -6.95 -16.84
CA SER B 90 -9.28 -6.39 -15.85
C SER B 90 -9.01 -4.89 -15.70
N VAL B 91 -7.74 -4.48 -15.82
CA VAL B 91 -7.41 -3.08 -15.69
C VAL B 91 -7.99 -2.31 -16.85
N ASP B 92 -7.96 -2.92 -18.06
CA ASP B 92 -8.55 -2.32 -19.26
C ASP B 92 -10.03 -2.02 -19.06
N ALA B 93 -10.71 -2.90 -18.37
CA ALA B 93 -12.13 -2.70 -18.07
C ALA B 93 -12.31 -1.63 -16.99
N ALA B 94 -11.35 -1.54 -16.09
CA ALA B 94 -11.41 -0.59 -14.98
C ALA B 94 -11.10 0.83 -15.44
N VAL B 95 -10.11 0.96 -16.31
CA VAL B 95 -9.71 2.27 -16.87
C VAL B 95 -10.86 2.99 -17.57
N ALA B 96 -11.88 2.24 -17.99
CA ALA B 96 -13.07 2.84 -18.58
C ALA B 96 -13.81 3.71 -17.54
N MET B 97 -13.51 3.47 -16.27
CA MET B 97 -14.09 4.24 -15.17
C MET B 97 -13.17 5.38 -14.77
N ASP B 98 -12.17 5.66 -15.63
CA ASP B 98 -11.13 6.70 -15.44
C ASP B 98 -11.63 7.93 -14.71
N GLU B 99 -12.68 8.57 -15.17
CA GLU B 99 -13.27 9.65 -14.38
C GLU B 99 -14.75 9.44 -14.11
N THR B 100 -15.05 8.36 -13.41
CA THR B 100 -16.40 8.09 -12.97
C THR B 100 -16.67 8.65 -11.59
N VAL B 101 -17.89 8.55 -11.14
CA VAL B 101 -18.27 9.05 -9.86
C VAL B 101 -18.37 7.88 -8.88
N PHE B 102 -17.87 8.10 -7.70
CA PHE B 102 -17.86 7.13 -6.66
C PHE B 102 -18.10 7.84 -5.34
N ARG B 103 -19.19 7.47 -4.69
CA ARG B 103 -19.59 8.02 -3.39
C ARG B 103 -19.74 9.54 -3.38
N GLY B 104 -20.16 10.06 -4.52
CA GLY B 104 -20.46 11.48 -4.64
C GLY B 104 -19.31 12.31 -5.16
N ARG B 105 -18.20 11.69 -5.43
CA ARG B 105 -17.04 12.40 -5.95
C ARG B 105 -16.51 11.65 -7.15
N THR B 106 -15.76 12.32 -7.96
CA THR B 106 -15.21 11.70 -9.15
C THR B 106 -13.84 11.13 -8.82
N ILE B 107 -13.61 9.86 -9.10
CA ILE B 107 -12.28 9.33 -8.85
C ILE B 107 -11.51 9.21 -10.14
N LYS B 108 -10.26 8.90 -10.01
CA LYS B 108 -9.38 8.78 -11.14
C LYS B 108 -8.87 7.37 -11.17
N VAL B 109 -9.06 6.69 -12.27
CA VAL B 109 -8.61 5.33 -12.43
C VAL B 109 -7.51 5.34 -13.49
N LEU B 110 -6.30 5.03 -13.10
CA LEU B 110 -5.11 5.19 -13.93
C LEU B 110 -4.23 3.94 -13.68
N PRO B 111 -3.76 3.20 -14.70
CA PRO B 111 -2.87 2.03 -14.46
C PRO B 111 -1.54 2.44 -13.77
N LYS B 112 -1.21 1.74 -12.70
CA LYS B 112 -0.05 2.07 -11.86
C LYS B 112 1.21 1.40 -12.38
N ARG B 113 2.28 2.18 -12.51
CA ARG B 113 3.63 1.71 -12.85
C ARG B 113 3.74 0.69 -14.01
N THR B 114 4.96 0.23 -14.20
CA THR B 114 5.34 -0.82 -15.11
C THR B 114 6.73 -1.30 -14.69
N ASN B 115 6.77 -2.34 -13.90
CA ASN B 115 8.02 -2.88 -13.37
C ASN B 115 8.74 -3.71 -14.40
N MET B 116 9.71 -3.08 -15.02
CA MET B 116 10.47 -3.71 -16.08
C MET B 116 11.85 -3.06 -16.21
N PRO B 117 12.87 -3.64 -15.58
CA PRO B 117 14.24 -3.21 -15.75
C PRO B 117 14.94 -4.07 -16.83
N GLY B 118 14.20 -5.02 -17.37
CA GLY B 118 14.74 -5.90 -18.37
C GLY B 118 15.55 -7.02 -17.74
N ILE B 119 16.72 -6.66 -17.24
CA ILE B 119 17.67 -7.58 -16.64
C ILE B 119 18.09 -8.64 -17.66
N SER B 120 19.13 -8.33 -18.38
CA SER B 120 19.62 -9.22 -19.37
C SER B 120 20.90 -9.88 -18.87
N SER B 121 20.82 -11.14 -18.62
CA SER B 121 21.94 -11.90 -18.22
C SER B 121 22.01 -13.19 -19.04
N THR B 122 22.62 -13.09 -20.20
CA THR B 122 22.76 -14.20 -21.11
C THR B 122 24.20 -14.33 -21.56
N ASP B 123 25.08 -13.52 -20.95
CA ASP B 123 26.53 -13.41 -21.28
C ASP B 123 26.74 -12.74 -22.61
N ARG B 124 26.00 -13.18 -23.58
CA ARG B 124 25.97 -12.60 -24.86
C ARG B 124 24.70 -11.77 -24.94
#